data_6NB3
#
_entry.id   6NB3
#
loop_
_entity.id
_entity.type
_entity.pdbx_description
1 polymer 'Spike glycoprotein'
2 polymer 'LCA60 light chain'
3 polymer 'LCA60 heavy chain'
4 branched 2-acetamido-2-deoxy-beta-D-glucopyranose-(1-4)-2-acetamido-2-deoxy-beta-D-glucopyranose
5 branched beta-D-mannopyranose-(1-4)-2-acetamido-2-deoxy-beta-D-glucopyranose-(1-4)-2-acetamido-2-deoxy-beta-D-glucopyranose
6 branched alpha-D-mannopyranose-(1-2)-alpha-D-mannopyranose-(1-3)-[alpha-D-mannopyranose-(1-6)]beta-D-mannopyranose-(1-4)-2-acetamido-2-deoxy-beta-D-glucopyranose-(1-4)-2-acetamido-2-deoxy-beta-D-glucopyranose
7 branched alpha-D-mannopyranose-(1-3)-[alpha-D-mannopyranose-(1-6)]beta-D-mannopyranose-(1-4)-2-acetamido-2-deoxy-beta-D-glucopyranose-(1-4)-2-acetamido-2-deoxy-beta-D-glucopyranose
8 branched alpha-D-mannopyranose-(1-3)-beta-D-mannopyranose-(1-4)-2-acetamido-2-deoxy-beta-D-glucopyranose-(1-4)-2-acetamido-2-deoxy-beta-D-glucopyranose
9 branched alpha-D-mannopyranose-(1-2)-alpha-D-mannopyranose-(1-3)-beta-D-mannopyranose-(1-4)-2-acetamido-2-deoxy-beta-D-glucopyranose-(1-4)-2-acetamido-2-deoxy-beta-D-glucopyranose
10 non-polymer 2-acetamido-2-deoxy-beta-D-glucopyranose
#
loop_
_entity_poly.entity_id
_entity_poly.type
_entity_poly.pdbx_seq_one_letter_code
_entity_poly.pdbx_strand_id
1 'polypeptide(L)'
;MGILPSPGMPALLSLVSLLSVLLMGCVAETGTVDVGPDSVKSACIEVDIQQTFFDKTWPRPIDVSKADGIIYPQGRTYSN
ITITYQGLFPYQGDHGDMYVYSAGHATGTTPQKLFVANYSQDVKQFANGFVVRIGAAANSTGTVIISPSTSATIRKIYPA
FMLGSSVGNFSDGKMGRFFNHTLVLLPDGCGTLLRAFYCILEPRSGNHCPAGNSYTSFATYHTPATDCSDGNYNRNASLN
SFKEYFNLRNCTFMYTYNITEDEILEWFGITQTAQGVHLFSSRYVDLYGGNMFQFATLPVYDTIKYYSIIPHSIRSIQSD
RKAWAAFYVYKLQPLTFLLDFSVDGYIRRAIDCGFNDLSQLHCSYESFDVESGVYSVSSFEAKPSGSVVEQAEGVECDFS
PLLSGTPPQVYNFKRLVFTNCNYNLTKLLSLFSVNDFTCSQISPAAIASNCYSSLILDYFSYPLSMKSDLSVSSAGPISQ
FNYKQSFSNPTCLILATVPHNLTTITKPLKYSYINKCSRLLSDDRTEVPQLVNANQYSPCVSIVPSTVWEDGDYYRKQLS
PLEGGGWLVASGSTVAMTEQLQMGFGITVQYGTDTNSVCPKLEFANDTKIASQLGNCVEYSLYGVSGRGVFQNCTAVGVR
QQRFVYDAYQNLVGYYSDDGNYYCLRACVSVPVSVIYDKETKTHATLFGSVACEHISSTMSQYSRSTRSMLKRRDSTYGP
LQTPVGCVLGLVNSSLFVEDCKLPLGQSLCALPDTPSTLTPASVGSVPGEMRLASIAFNHPIQVDQLNSSYFKLSIPTNF
SFGVTQEYIQTTIQKVTVDCKQYVCNGFQKCEQLLREYGQFCSKINQALHGANLRQDDSVRNLFASVKSSQSSPIIPGFG
GDFNLTLLEPVSISTGSRSARSAIEDLLFDKVTIADPGYMQGYDDCMQQGPASARDLICAQYVAGYKVLPPLMDVNMEAA
YTSSLLGSIAGVGWTAGLSSFAAIPFAQSIFYRLNGVGITQQVLSENQKLIANKFNQALGAMQTGFTTTNEAFQKVQDAV
NNNAQALSKLASELSNTFGAISASIGDIIQRLDPPEQDAQIDRLINGRLTTLNAFVAQQLVRSESAALSAQLAKDKVNEC
VKAQSKRSGFCGQGTHIVSFVVNAPNGLYFMHVGYYPSNHIEVVSAYGLCDAANPTNCIAPVNGYFIKTNNTRIVDEWSY
TGSSFYAPEPITSLNTKYVAPQVTYQNISTNLPPPLLGNSTGIDFQDELDEFFKNVSTSIPNFGSLTQINTTLLDLTYEM
LSLQQVVKALNESYIDLKELGNYTYYNKGSGRENLYFQGGGGSGYIPEAPRDGQAYVRKDGEWVLLSTFLGHHHHHHHH
;
A,B,C
2 'polypeptide(L)'
;QSALTQPASVSGSPGQSITISCTGTSSDVGTYDLVSWYQQHPGKSPKLMIYADIKRPSGVSHRFSGSKSGNTASLTISGL
QSADEADYYCCLYAGSSTSVIFGGGTKVT
;
L,E
3 'polypeptide(L)'
;EVQLLESGGGLVKPGGSLRLSCEASGLTFSNVWMSWVRQAPGKGLEWVGRIKRKSEGATTDYGAPVKGRFTLSRDDSKNT
VYLQMNSLKIDDTAVYYCSTLTRGGDVWSSSYYFDYWGQGALVTVSS
;
H,D
#
# COMPACT_ATOMS: atom_id res chain seq x y z
N THR A 32 44.65 14.12 -30.04
CA THR A 32 46.06 14.01 -29.67
C THR A 32 46.61 15.30 -29.09
N VAL A 33 47.19 15.20 -27.91
CA VAL A 33 47.80 16.36 -27.28
C VAL A 33 49.31 16.25 -27.24
N ASP A 34 49.97 17.31 -27.69
CA ASP A 34 51.43 17.38 -27.68
C ASP A 34 51.94 17.67 -26.28
N VAL A 35 52.71 16.73 -25.73
CA VAL A 35 53.21 16.83 -24.37
C VAL A 35 54.73 16.91 -24.33
N GLY A 36 55.31 17.39 -25.43
CA GLY A 36 56.75 17.60 -25.50
C GLY A 36 57.49 16.37 -26.01
N PRO A 37 58.82 16.47 -26.16
CA PRO A 37 59.74 15.48 -26.70
C PRO A 37 60.00 14.32 -25.75
N ASP A 38 60.47 13.21 -26.32
CA ASP A 38 60.92 12.05 -25.56
C ASP A 38 62.25 12.30 -24.86
N SER A 39 62.51 11.53 -23.81
CA SER A 39 63.83 11.50 -23.19
C SER A 39 64.87 10.97 -24.17
N VAL A 40 66.09 11.49 -24.07
CA VAL A 40 67.15 11.13 -25.01
C VAL A 40 68.29 10.34 -24.39
N LYS A 41 68.11 9.89 -23.16
CA LYS A 41 69.16 9.13 -22.48
C LYS A 41 69.13 7.65 -22.87
N SER A 42 70.31 7.05 -22.94
CA SER A 42 70.46 5.64 -23.30
C SER A 42 70.26 4.70 -22.13
N ALA A 43 70.06 5.27 -20.95
CA ALA A 43 69.90 4.48 -19.75
C ALA A 43 69.09 5.21 -18.71
N CYS A 44 68.44 4.43 -17.86
CA CYS A 44 67.71 4.95 -16.72
C CYS A 44 68.62 5.03 -15.51
N ILE A 45 68.28 5.90 -14.56
CA ILE A 45 69.06 6.01 -13.35
C ILE A 45 68.83 4.79 -12.46
N GLU A 46 69.91 4.23 -11.95
CA GLU A 46 69.82 3.08 -11.07
C GLU A 46 69.06 3.42 -9.81
N VAL A 47 68.20 2.49 -9.38
CA VAL A 47 67.44 2.64 -8.13
C VAL A 47 67.51 1.35 -7.31
N ASP A 48 67.78 1.48 -6.02
CA ASP A 48 67.78 0.31 -5.14
C ASP A 48 66.49 0.21 -4.36
N ILE A 49 66.19 -1.00 -3.91
CA ILE A 49 65.00 -1.24 -3.10
C ILE A 49 65.34 -2.04 -1.85
N GLN A 50 65.48 -1.35 -0.72
CA GLN A 50 65.70 -2.02 0.55
C GLN A 50 64.52 -1.78 1.46
N GLN A 51 63.54 -2.65 1.38
CA GLN A 51 62.26 -2.44 2.03
C GLN A 51 62.37 -2.26 3.53
N THR A 52 63.33 -2.92 4.15
CA THR A 52 63.46 -2.90 5.60
C THR A 52 63.57 -1.47 6.15
N PHE A 53 64.10 -0.54 5.38
CA PHE A 53 64.30 0.82 5.84
C PHE A 53 63.00 1.60 5.89
N PHE A 54 61.98 1.04 5.25
CA PHE A 54 60.69 1.69 5.15
C PHE A 54 59.65 0.99 6.03
N ASP A 55 60.07 -0.02 6.78
CA ASP A 55 59.13 -0.80 7.58
C ASP A 55 59.04 -0.29 9.02
N LYS A 56 57.94 0.39 9.31
CA LYS A 56 57.71 0.96 10.62
C LYS A 56 56.24 1.30 10.78
N THR A 57 55.82 1.53 12.01
CA THR A 57 54.42 1.82 12.26
C THR A 57 54.22 3.12 12.99
N TRP A 58 53.57 4.06 12.32
CA TRP A 58 53.20 5.35 12.90
C TRP A 58 51.68 5.52 12.81
N PRO A 59 50.92 4.97 13.77
CA PRO A 59 49.47 4.90 13.75
C PRO A 59 48.85 6.28 13.62
N ARG A 60 47.96 6.43 12.64
CA ARG A 60 47.26 7.69 12.43
C ARG A 60 45.85 7.42 11.92
N PRO A 61 44.97 6.86 12.75
CA PRO A 61 43.64 6.38 12.43
C PRO A 61 42.67 7.52 12.17
N ILE A 62 41.58 7.21 11.49
CA ILE A 62 40.52 8.17 11.24
C ILE A 62 39.67 8.41 12.47
N ASP A 63 39.62 9.65 12.91
CA ASP A 63 38.79 10.01 14.05
C ASP A 63 37.65 10.91 13.61
N VAL A 64 36.50 10.31 13.40
CA VAL A 64 35.37 10.99 12.79
C VAL A 64 34.84 12.15 13.63
N SER A 65 35.18 12.16 14.92
CA SER A 65 34.70 13.20 15.82
C SER A 65 35.29 14.55 15.46
N LYS A 66 36.31 14.55 14.61
CA LYS A 66 36.96 15.78 14.16
C LYS A 66 36.71 16.04 12.69
N ALA A 67 35.73 15.33 12.11
CA ALA A 67 35.43 15.43 10.68
C ALA A 67 36.66 15.04 9.86
N ASP A 68 37.32 14.00 10.33
CA ASP A 68 38.55 13.51 9.74
C ASP A 68 38.31 12.81 8.41
N GLY A 69 38.65 13.49 7.32
CA GLY A 69 38.48 12.95 5.98
C GLY A 69 37.04 13.06 5.46
N ILE A 70 36.24 13.93 6.07
CA ILE A 70 34.86 14.08 5.63
C ILE A 70 34.75 15.01 4.43
N ILE A 71 34.11 14.51 3.37
CA ILE A 71 33.88 15.28 2.16
C ILE A 71 32.58 16.06 2.30
N TYR A 72 32.64 17.34 2.01
CA TYR A 72 31.47 18.20 2.17
C TYR A 72 30.44 17.89 1.07
N PRO A 73 29.12 17.89 1.39
CA PRO A 73 28.03 17.76 0.44
C PRO A 73 28.18 18.77 -0.69
N GLN A 74 27.98 18.31 -1.92
CA GLN A 74 28.27 19.11 -3.10
C GLN A 74 27.10 19.94 -3.60
N GLY A 75 25.91 19.37 -3.62
CA GLY A 75 24.77 20.02 -4.25
C GLY A 75 24.12 21.10 -3.39
N ARG A 76 24.55 21.20 -2.14
CA ARG A 76 23.93 22.15 -1.21
C ARG A 76 24.72 22.33 0.07
N THR A 77 24.52 23.46 0.73
CA THR A 77 25.10 23.68 2.06
C THR A 77 24.02 23.88 3.11
N TYR A 78 24.45 24.08 4.35
CA TYR A 78 23.55 24.21 5.49
C TYR A 78 24.16 25.10 6.55
N SER A 79 23.43 25.34 7.63
CA SER A 79 23.95 26.14 8.73
C SER A 79 23.30 25.82 10.07
N ASN A 80 24.14 25.57 11.06
CA ASN A 80 23.72 25.34 12.44
C ASN A 80 22.66 24.25 12.59
N ILE A 81 22.85 23.12 11.91
CA ILE A 81 21.93 22.01 12.04
C ILE A 81 22.64 20.67 12.20
N THR A 82 21.91 19.68 12.71
CA THR A 82 22.42 18.32 12.76
C THR A 82 21.52 17.41 11.95
N ILE A 83 22.07 16.82 10.90
CA ILE A 83 21.31 15.93 10.01
C ILE A 83 22.12 14.71 9.62
N THR A 84 21.44 13.67 9.15
CA THR A 84 22.16 12.54 8.58
C THR A 84 22.39 12.75 7.10
N TYR A 85 23.37 12.04 6.57
CA TYR A 85 23.71 12.14 5.15
C TYR A 85 24.36 10.87 4.65
N GLN A 86 24.02 10.45 3.44
CA GLN A 86 24.67 9.28 2.85
C GLN A 86 25.61 9.69 1.74
N GLY A 87 26.81 9.12 1.74
CA GLY A 87 27.81 9.44 0.73
C GLY A 87 29.05 8.59 0.90
N LEU A 88 30.13 8.98 0.22
CA LEU A 88 31.35 8.21 0.30
C LEU A 88 32.29 8.75 1.36
N PHE A 89 32.44 7.98 2.43
CA PHE A 89 33.22 8.37 3.59
C PHE A 89 34.15 7.22 4.01
N PRO A 90 35.26 7.53 4.71
CA PRO A 90 36.17 6.56 5.32
C PRO A 90 35.53 5.94 6.55
N TYR A 91 35.98 4.72 6.92
CA TYR A 91 35.50 4.07 8.13
C TYR A 91 36.13 4.66 9.40
N GLN A 92 35.30 4.84 10.43
CA GLN A 92 35.82 5.21 11.74
C GLN A 92 36.79 4.16 12.25
N GLY A 93 37.96 4.60 12.72
CA GLY A 93 38.92 3.70 13.33
C GLY A 93 39.91 3.07 12.35
N ASP A 94 39.72 3.26 11.05
CA ASP A 94 40.65 2.66 10.11
C ASP A 94 41.99 3.37 10.16
N HIS A 95 43.05 2.66 9.80
CA HIS A 95 44.40 3.21 9.78
C HIS A 95 44.86 3.51 8.38
N GLY A 96 44.29 2.82 7.41
CA GLY A 96 44.70 2.98 6.03
C GLY A 96 46.13 2.50 5.83
N ASP A 97 46.69 2.81 4.68
CA ASP A 97 48.06 2.41 4.37
C ASP A 97 49.00 3.59 4.44
N MET A 98 50.20 3.37 4.97
CA MET A 98 51.18 4.45 5.07
C MET A 98 52.24 4.36 3.99
N TYR A 99 52.52 5.49 3.35
CA TYR A 99 53.55 5.55 2.32
C TYR A 99 54.50 6.72 2.57
N VAL A 100 55.78 6.53 2.25
CA VAL A 100 56.78 7.60 2.43
C VAL A 100 57.71 7.75 1.23
N TYR A 101 58.36 8.90 1.16
CA TYR A 101 59.43 9.16 0.20
C TYR A 101 60.71 9.48 0.95
N SER A 102 61.86 9.36 0.29
CA SER A 102 63.12 9.58 1.00
C SER A 102 64.27 10.03 0.11
N ALA A 103 65.34 10.48 0.77
CA ALA A 103 66.57 10.83 0.09
C ALA A 103 67.19 9.60 -0.55
N GLY A 104 67.82 9.78 -1.71
CA GLY A 104 68.53 8.69 -2.36
C GLY A 104 69.93 8.62 -1.81
N HIS A 105 70.75 7.76 -2.38
CA HIS A 105 72.11 7.62 -1.89
C HIS A 105 72.98 8.71 -2.44
N ALA A 106 74.07 9.00 -1.75
CA ALA A 106 75.00 10.04 -2.19
C ALA A 106 76.35 9.85 -1.55
N THR A 107 77.38 10.35 -2.22
CA THR A 107 78.73 10.42 -1.68
C THR A 107 79.23 11.84 -1.76
N GLY A 108 79.14 12.54 -0.64
CA GLY A 108 79.43 13.97 -0.62
C GLY A 108 78.43 14.71 -1.51
N THR A 109 78.94 15.54 -2.41
CA THR A 109 78.10 16.34 -3.27
C THR A 109 77.73 15.66 -4.57
N THR A 110 78.12 14.39 -4.71
CA THR A 110 77.77 13.62 -5.91
C THR A 110 76.72 12.56 -5.59
N PRO A 111 75.48 12.72 -6.08
CA PRO A 111 74.37 11.81 -5.90
C PRO A 111 74.68 10.44 -6.46
N GLN A 112 74.13 9.42 -5.81
CA GLN A 112 74.24 8.04 -6.20
C GLN A 112 72.87 7.47 -6.50
N LYS A 113 72.81 6.19 -6.85
CA LYS A 113 71.56 5.53 -7.19
C LYS A 113 70.43 5.89 -6.21
N LEU A 114 69.20 5.85 -6.73
CA LEU A 114 68.03 6.24 -5.96
C LEU A 114 67.66 5.16 -4.96
N PHE A 115 66.73 5.47 -4.07
CA PHE A 115 66.35 4.55 -3.01
C PHE A 115 64.84 4.61 -2.74
N VAL A 116 64.14 3.51 -3.03
CA VAL A 116 62.69 3.47 -2.86
C VAL A 116 62.20 2.23 -2.15
N ALA A 117 60.94 2.26 -1.74
CA ALA A 117 60.25 1.09 -1.20
C ALA A 117 59.65 0.25 -2.33
N ASN A 118 59.21 -0.96 -2.01
CA ASN A 118 58.62 -1.85 -3.01
C ASN A 118 57.21 -1.42 -3.37
N TYR A 119 57.07 -0.22 -3.91
CA TYR A 119 55.75 0.31 -4.21
C TYR A 119 55.26 -0.04 -5.60
N SER A 120 56.18 -0.29 -6.53
CA SER A 120 55.80 -0.50 -7.93
C SER A 120 54.85 -1.69 -8.11
N GLN A 121 55.06 -2.75 -7.33
CA GLN A 121 54.26 -3.95 -7.46
C GLN A 121 53.06 -3.94 -6.54
N ASP A 122 52.89 -2.86 -5.77
CA ASP A 122 51.81 -2.79 -4.81
C ASP A 122 50.52 -2.35 -5.47
N VAL A 123 49.92 -3.24 -6.24
CA VAL A 123 48.73 -2.87 -7.01
C VAL A 123 47.46 -3.25 -6.28
N LYS A 124 46.58 -2.27 -6.11
CA LYS A 124 45.34 -2.45 -5.36
C LYS A 124 44.11 -2.05 -6.15
N GLN A 125 42.95 -2.57 -5.75
CA GLN A 125 41.69 -2.18 -6.37
C GLN A 125 41.29 -0.76 -6.01
N PHE A 126 40.79 -0.03 -7.00
CA PHE A 126 40.31 1.34 -6.84
C PHE A 126 39.01 1.41 -6.07
N ALA A 127 38.11 0.47 -6.34
CA ALA A 127 36.81 0.44 -5.70
C ALA A 127 36.05 1.74 -5.93
N ASN A 128 35.67 2.42 -4.84
CA ASN A 128 34.87 3.62 -4.94
C ASN A 128 35.69 4.88 -4.81
N GLY A 129 37.01 4.73 -4.84
CA GLY A 129 37.89 5.87 -4.69
C GLY A 129 38.48 5.93 -3.29
N PHE A 130 39.28 6.95 -3.05
CA PHE A 130 40.01 7.05 -1.79
C PHE A 130 40.40 8.48 -1.46
N VAL A 131 40.83 8.68 -0.22
CA VAL A 131 41.33 9.98 0.22
C VAL A 131 42.72 9.84 0.84
N VAL A 132 43.48 10.92 0.79
CA VAL A 132 44.85 10.91 1.27
C VAL A 132 45.13 12.03 2.26
N ARG A 133 45.78 11.67 3.36
CA ARG A 133 46.22 12.65 4.35
C ARG A 133 47.64 13.07 4.06
N ILE A 134 47.83 14.34 3.73
CA ILE A 134 49.14 14.83 3.30
C ILE A 134 49.77 15.78 4.31
N GLY A 135 51.03 15.53 4.66
CA GLY A 135 51.74 16.38 5.64
C GLY A 135 51.37 16.00 7.07
N ALA A 136 51.07 14.73 7.26
CA ALA A 136 50.60 14.22 8.53
C ALA A 136 51.53 14.56 9.70
N ALA A 137 52.83 14.63 9.45
CA ALA A 137 53.79 14.87 10.53
C ALA A 137 54.61 16.13 10.30
N ALA A 138 54.09 17.05 9.53
CA ALA A 138 54.86 18.26 9.27
C ALA A 138 55.16 19.00 10.58
N ASN A 139 56.35 19.59 10.66
CA ASN A 139 56.84 20.35 11.80
C ASN A 139 57.34 19.47 12.94
N SER A 140 57.12 18.16 12.85
CA SER A 140 57.60 17.27 13.90
C SER A 140 59.06 16.90 13.64
N THR A 141 59.70 16.32 14.65
CA THR A 141 61.07 15.86 14.48
C THR A 141 61.11 14.36 14.24
N GLY A 142 61.80 13.96 13.19
CA GLY A 142 61.93 12.55 12.83
C GLY A 142 63.32 12.28 12.32
N THR A 143 63.45 11.26 11.48
CA THR A 143 64.75 10.84 10.98
C THR A 143 64.74 10.66 9.48
N VAL A 144 65.94 10.54 8.92
CA VAL A 144 66.14 10.25 7.52
C VAL A 144 66.11 8.74 7.29
N ILE A 145 65.36 8.29 6.29
CA ILE A 145 65.17 6.86 6.06
C ILE A 145 66.48 6.11 5.85
N ILE A 146 67.40 6.70 5.10
CA ILE A 146 68.65 6.01 4.80
C ILE A 146 69.78 6.35 5.76
N SER A 147 69.44 6.90 6.92
CA SER A 147 70.44 7.11 7.95
C SER A 147 69.87 6.76 9.32
N PRO A 148 70.20 5.57 9.85
CA PRO A 148 69.66 4.97 11.05
C PRO A 148 69.59 5.92 12.24
N SER A 149 70.53 6.86 12.35
CA SER A 149 70.50 7.78 13.47
C SER A 149 70.77 9.23 13.07
N THR A 150 70.11 9.70 12.02
CA THR A 150 70.18 11.12 11.68
C THR A 150 68.81 11.76 11.81
N SER A 151 68.69 12.69 12.74
CA SER A 151 67.43 13.38 12.96
C SER A 151 67.27 14.52 11.99
N ALA A 152 66.02 14.93 11.77
CA ALA A 152 65.73 16.08 10.92
C ALA A 152 64.30 16.58 11.15
N THR A 153 64.07 17.85 10.83
CA THR A 153 62.72 18.39 10.82
C THR A 153 61.94 17.79 9.66
N ILE A 154 60.71 17.35 9.95
CA ILE A 154 59.86 16.74 8.94
C ILE A 154 59.15 17.78 8.05
N ARG A 155 59.30 17.60 6.74
CA ARG A 155 58.69 18.48 5.74
C ARG A 155 57.61 17.76 4.91
N LYS A 156 56.59 18.52 4.49
CA LYS A 156 55.52 17.97 3.67
C LYS A 156 55.96 17.68 2.23
N ILE A 157 55.41 16.61 1.65
CA ILE A 157 55.67 16.26 0.26
C ILE A 157 54.41 15.65 -0.37
N TYR A 158 54.17 15.95 -1.63
CA TYR A 158 52.95 15.47 -2.30
C TYR A 158 53.14 14.09 -2.95
N PRO A 159 52.15 13.19 -2.80
CA PRO A 159 52.09 11.86 -3.35
C PRO A 159 51.80 11.85 -4.84
N ALA A 160 52.25 10.81 -5.52
CA ALA A 160 51.95 10.63 -6.93
C ALA A 160 51.30 9.27 -7.16
N PHE A 161 50.35 9.19 -8.08
CA PHE A 161 49.61 7.95 -8.32
C PHE A 161 49.48 7.58 -9.79
N MET A 162 49.30 6.29 -10.04
CA MET A 162 49.03 5.78 -11.39
C MET A 162 47.78 4.90 -11.37
N LEU A 163 46.81 5.22 -12.23
CA LEU A 163 45.52 4.52 -12.22
C LEU A 163 45.11 4.02 -13.60
N GLY A 164 44.41 2.88 -13.66
CA GLY A 164 43.93 2.38 -14.94
C GLY A 164 42.96 1.20 -14.83
N SER A 165 42.55 0.68 -15.98
CA SER A 165 41.56 -0.40 -16.06
C SER A 165 42.19 -1.79 -16.10
N SER A 166 43.48 -1.88 -16.39
CA SER A 166 44.12 -3.18 -16.53
C SER A 166 45.61 -3.09 -16.25
N VAL A 167 46.11 -4.01 -15.42
CA VAL A 167 47.49 -4.05 -15.01
C VAL A 167 48.07 -5.45 -15.12
N GLY A 168 49.28 -5.56 -15.66
CA GLY A 168 49.96 -6.84 -15.78
C GLY A 168 51.44 -6.70 -15.50
N ASN A 169 52.25 -7.58 -16.12
CA ASN A 169 53.68 -7.63 -15.85
C ASN A 169 54.48 -6.92 -16.92
N PHE A 170 55.74 -6.65 -16.59
CA PHE A 170 56.72 -6.13 -17.53
C PHE A 170 57.39 -7.32 -18.23
N SER A 171 58.29 -7.02 -19.15
CA SER A 171 58.92 -8.06 -19.95
C SER A 171 59.71 -9.08 -19.13
N ASP A 172 60.12 -8.71 -17.92
CA ASP A 172 60.89 -9.60 -17.06
C ASP A 172 60.05 -10.30 -16.00
N GLY A 173 58.73 -10.18 -16.10
CA GLY A 173 57.83 -10.85 -15.18
C GLY A 173 57.50 -10.04 -13.91
N LYS A 174 58.05 -8.83 -13.79
CA LYS A 174 57.73 -8.00 -12.62
C LYS A 174 56.38 -7.35 -12.78
N MET A 175 55.67 -7.17 -11.66
CA MET A 175 54.31 -6.62 -11.70
C MET A 175 54.33 -5.08 -11.72
N GLY A 176 53.27 -4.49 -12.29
CA GLY A 176 53.07 -3.05 -12.18
C GLY A 176 52.98 -2.33 -13.52
N ARG A 177 52.78 -3.08 -14.60
CA ARG A 177 52.64 -2.45 -15.90
C ARG A 177 51.18 -2.15 -16.23
N PHE A 178 50.88 -0.89 -16.51
CA PHE A 178 49.53 -0.50 -16.87
C PHE A 178 49.39 -0.54 -18.38
N PHE A 179 48.22 -0.97 -18.86
CA PHE A 179 48.03 -1.12 -20.30
C PHE A 179 47.15 -0.03 -20.90
N ASN A 180 47.34 0.21 -22.20
CA ASN A 180 46.58 1.19 -22.94
C ASN A 180 46.66 2.56 -22.27
N HIS A 181 45.55 3.28 -22.17
CA HIS A 181 45.61 4.60 -21.55
C HIS A 181 45.63 4.51 -20.04
N THR A 182 46.56 5.25 -19.44
CA THR A 182 46.75 5.27 -18.01
C THR A 182 46.67 6.70 -17.48
N LEU A 183 46.02 6.86 -16.33
CA LEU A 183 45.91 8.16 -15.70
C LEU A 183 47.02 8.37 -14.70
N VAL A 184 47.77 9.44 -14.88
CA VAL A 184 48.90 9.72 -14.01
C VAL A 184 48.74 11.05 -13.29
N LEU A 185 48.86 11.00 -11.97
CA LEU A 185 48.80 12.18 -11.14
C LEU A 185 50.18 12.42 -10.55
N LEU A 186 50.83 13.49 -10.98
CA LEU A 186 52.22 13.70 -10.60
C LEU A 186 52.55 15.16 -10.24
N PRO A 187 52.77 15.47 -8.96
CA PRO A 187 53.21 16.75 -8.46
C PRO A 187 54.56 17.09 -9.05
N ASP A 188 54.75 18.35 -9.40
CA ASP A 188 56.01 18.78 -9.97
C ASP A 188 56.51 20.09 -9.33
N GLY A 189 57.68 20.54 -9.76
CA GLY A 189 58.22 21.85 -9.35
C GLY A 189 58.55 21.91 -7.88
N CYS A 190 58.92 20.77 -7.30
CA CYS A 190 59.22 20.67 -5.88
C CYS A 190 57.99 21.04 -5.03
N GLY A 191 56.79 20.82 -5.57
CA GLY A 191 55.57 21.09 -4.82
C GLY A 191 54.99 22.48 -5.10
N THR A 192 55.12 22.93 -6.35
CA THR A 192 54.58 24.24 -6.72
C THR A 192 53.48 24.11 -7.77
N LEU A 193 53.32 22.91 -8.30
CA LEU A 193 52.26 22.63 -9.26
C LEU A 193 51.90 21.16 -9.26
N LEU A 194 50.65 20.87 -9.54
CA LEU A 194 50.21 19.51 -9.78
C LEU A 194 49.89 19.34 -11.25
N ARG A 195 50.29 18.22 -11.83
CA ARG A 195 49.90 17.99 -13.20
C ARG A 195 49.30 16.61 -13.35
N ALA A 196 48.38 16.49 -14.29
CA ALA A 196 47.72 15.23 -14.55
C ALA A 196 47.52 15.03 -16.03
N PHE A 197 47.64 13.80 -16.46
CA PHE A 197 47.47 13.48 -17.86
C PHE A 197 46.99 12.07 -18.09
N TYR A 198 46.48 11.83 -19.30
CA TYR A 198 45.96 10.53 -19.67
C TYR A 198 46.57 10.11 -21.00
N CYS A 199 47.50 9.16 -20.93
CA CYS A 199 48.29 8.78 -22.10
C CYS A 199 48.60 7.29 -22.08
N ILE A 200 49.13 6.80 -23.20
CA ILE A 200 49.63 5.45 -23.25
C ILE A 200 51.09 5.45 -22.86
N LEU A 201 51.46 4.57 -21.93
CA LEU A 201 52.82 4.52 -21.44
C LEU A 201 53.66 3.52 -22.21
N GLU A 202 54.67 4.01 -22.91
CA GLU A 202 55.52 3.17 -23.73
C GLU A 202 56.91 3.03 -23.10
N PRO A 203 57.22 1.88 -22.50
CA PRO A 203 58.43 1.65 -21.73
C PRO A 203 59.65 1.78 -22.60
N ARG A 204 60.69 2.39 -22.06
CA ARG A 204 61.95 2.54 -22.78
C ARG A 204 62.81 1.29 -22.60
N SER A 205 63.68 1.03 -23.56
CA SER A 205 64.50 -0.19 -23.56
C SER A 205 65.96 0.04 -23.17
N GLY A 206 66.27 1.19 -22.60
CA GLY A 206 67.65 1.47 -22.19
C GLY A 206 68.00 0.70 -20.92
N ASN A 207 69.24 0.85 -20.48
CA ASN A 207 69.68 0.11 -19.29
C ASN A 207 68.89 0.51 -18.06
N HIS A 208 68.51 -0.49 -17.26
CA HIS A 208 67.75 -0.27 -16.02
C HIS A 208 66.33 0.26 -16.28
N CYS A 209 65.90 0.24 -17.52
CA CYS A 209 64.57 0.70 -17.87
C CYS A 209 63.59 -0.49 -17.92
N PRO A 210 62.28 -0.24 -17.77
CA PRO A 210 61.19 -1.21 -17.78
C PRO A 210 61.25 -2.23 -18.92
N ALA A 211 61.78 -1.84 -20.08
CA ALA A 211 61.88 -2.82 -21.17
C ALA A 211 63.33 -2.98 -21.61
N GLY A 212 64.24 -2.91 -20.65
CA GLY A 212 65.66 -3.08 -20.93
C GLY A 212 66.30 -4.09 -19.99
N ASN A 213 67.62 -4.09 -19.93
CA ASN A 213 68.36 -5.03 -19.11
C ASN A 213 68.56 -4.51 -17.70
N SER A 214 68.75 -5.44 -16.76
CA SER A 214 69.00 -5.09 -15.36
C SER A 214 67.92 -4.19 -14.77
N TYR A 215 66.67 -4.45 -15.09
CA TYR A 215 65.57 -3.67 -14.57
C TYR A 215 65.20 -4.09 -13.15
N THR A 216 64.98 -3.11 -12.31
CA THR A 216 64.51 -3.33 -10.95
C THR A 216 63.16 -2.67 -10.77
N SER A 217 63.17 -1.38 -10.60
CA SER A 217 61.96 -0.59 -10.50
C SER A 217 62.17 0.77 -11.12
N PHE A 218 61.23 1.67 -10.87
CA PHE A 218 61.35 3.00 -11.42
C PHE A 218 60.84 4.01 -10.43
N ALA A 219 61.24 5.26 -10.60
CA ALA A 219 60.79 6.31 -9.73
C ALA A 219 60.99 7.65 -10.36
N THR A 220 60.18 8.60 -9.96
CA THR A 220 60.48 9.96 -10.34
C THR A 220 61.46 10.50 -9.33
N TYR A 221 62.10 11.60 -9.66
CA TYR A 221 63.05 12.17 -8.74
C TYR A 221 63.32 13.60 -9.08
N HIS A 222 63.96 14.30 -8.17
CA HIS A 222 64.45 15.62 -8.47
C HIS A 222 65.77 15.85 -7.78
N THR A 223 66.53 16.81 -8.26
CA THR A 223 67.80 17.15 -7.67
C THR A 223 67.72 18.57 -7.12
N PRO A 224 67.39 18.74 -5.84
CA PRO A 224 66.97 19.99 -5.24
C PRO A 224 68.06 21.03 -5.37
N ALA A 225 69.30 20.57 -5.49
CA ALA A 225 70.44 21.46 -5.65
C ALA A 225 70.20 22.47 -6.78
N THR A 226 69.56 22.02 -7.86
CA THR A 226 69.32 22.89 -9.00
C THR A 226 67.84 22.99 -9.35
N ASP A 227 67.06 22.00 -8.93
CA ASP A 227 65.65 21.95 -9.30
C ASP A 227 64.75 22.77 -8.39
N CYS A 228 65.18 23.00 -7.16
CA CYS A 228 64.32 23.69 -6.21
C CYS A 228 64.83 25.08 -5.87
N SER A 229 65.60 25.68 -6.77
CA SER A 229 66.12 27.01 -6.53
C SER A 229 64.99 27.98 -6.24
N ASP A 230 65.12 28.75 -5.17
CA ASP A 230 64.07 29.69 -4.74
C ASP A 230 63.53 30.55 -5.88
N GLY A 231 64.44 31.10 -6.67
CA GLY A 231 64.07 32.01 -7.75
C GLY A 231 63.85 31.32 -9.08
N ASN A 232 63.87 29.99 -9.10
CA ASN A 232 63.76 29.24 -10.34
C ASN A 232 63.47 27.77 -10.11
N TYR A 233 62.20 27.41 -10.01
CA TYR A 233 61.83 26.03 -9.80
C TYR A 233 61.68 25.30 -11.12
N ASN A 234 62.19 24.09 -11.18
CA ASN A 234 62.08 23.28 -12.39
C ASN A 234 60.73 22.62 -12.47
N ARG A 235 59.83 23.20 -13.25
CA ARG A 235 58.45 22.76 -13.28
C ARG A 235 58.27 21.48 -14.07
N ASN A 236 59.37 20.97 -14.64
CA ASN A 236 59.34 19.73 -15.39
C ASN A 236 60.25 18.68 -14.76
N ALA A 237 60.74 18.93 -13.55
CA ALA A 237 61.70 18.01 -12.96
C ALA A 237 61.14 16.61 -12.83
N SER A 238 59.91 16.50 -12.34
CA SER A 238 59.31 15.20 -12.12
C SER A 238 58.80 14.61 -13.42
N LEU A 239 58.24 15.46 -14.27
CA LEU A 239 57.73 15.00 -15.55
C LEU A 239 58.85 14.41 -16.39
N ASN A 240 60.00 15.09 -16.41
CA ASN A 240 61.13 14.61 -17.19
C ASN A 240 61.62 13.30 -16.62
N SER A 241 61.70 13.20 -15.30
CA SER A 241 62.14 11.98 -14.67
C SER A 241 61.24 10.82 -15.06
N PHE A 242 59.94 11.09 -15.14
CA PHE A 242 58.98 10.08 -15.56
C PHE A 242 59.27 9.64 -16.99
N LYS A 243 59.49 10.63 -17.88
CA LYS A 243 59.78 10.36 -19.29
C LYS A 243 61.01 9.47 -19.48
N GLU A 244 61.98 9.57 -18.57
CA GLU A 244 63.19 8.76 -18.66
C GLU A 244 62.87 7.27 -18.59
N TYR A 245 61.69 6.91 -18.09
CA TYR A 245 61.30 5.51 -18.00
C TYR A 245 60.24 5.14 -19.05
N PHE A 246 59.28 6.04 -19.27
CA PHE A 246 58.19 5.78 -20.21
C PHE A 246 57.96 6.93 -21.17
N ASN A 247 57.75 6.62 -22.44
CA ASN A 247 57.40 7.65 -23.40
C ASN A 247 55.89 7.85 -23.36
N LEU A 248 55.43 9.05 -23.67
CA LEU A 248 53.99 9.32 -23.70
C LEU A 248 53.45 9.31 -25.11
N ARG A 249 52.41 8.52 -25.33
CA ARG A 249 51.80 8.42 -26.65
C ARG A 249 50.29 8.57 -26.60
N ASN A 250 49.73 9.17 -27.65
CA ASN A 250 48.28 9.28 -27.81
C ASN A 250 47.63 9.93 -26.60
N CYS A 251 48.25 10.97 -26.08
CA CYS A 251 47.71 11.70 -24.95
C CYS A 251 46.39 12.35 -25.29
N THR A 252 45.44 12.21 -24.38
CA THR A 252 44.11 12.80 -24.55
C THR A 252 44.09 14.20 -23.98
N PHE A 253 44.77 14.38 -22.86
CA PHE A 253 44.80 15.66 -22.19
C PHE A 253 45.98 15.77 -21.25
N MET A 254 46.27 17.01 -20.87
CA MET A 254 47.22 17.31 -19.81
C MET A 254 46.84 18.65 -19.16
N TYR A 255 46.69 18.64 -17.84
CA TYR A 255 46.31 19.84 -17.11
C TYR A 255 47.28 20.14 -15.99
N THR A 256 47.36 21.41 -15.60
CA THR A 256 48.15 21.80 -14.44
C THR A 256 47.33 22.63 -13.47
N TYR A 257 47.69 22.52 -12.18
CA TYR A 257 47.07 23.30 -11.13
C TYR A 257 48.18 23.89 -10.27
N ASN A 258 48.05 25.15 -9.88
CA ASN A 258 49.11 25.78 -9.09
C ASN A 258 48.96 25.50 -7.60
N ILE A 259 50.10 25.30 -6.94
CA ILE A 259 50.14 25.10 -5.50
C ILE A 259 51.10 26.08 -4.84
N THR A 260 50.61 26.81 -3.83
CA THR A 260 51.48 27.68 -3.05
C THR A 260 52.07 26.86 -1.92
N GLU A 261 53.38 26.83 -1.81
CA GLU A 261 54.03 25.97 -0.80
C GLU A 261 53.88 26.49 0.64
N ASP A 262 53.64 25.55 1.55
CA ASP A 262 53.62 25.78 2.99
C ASP A 262 53.59 24.43 3.69
N GLU A 263 53.54 24.42 5.02
CA GLU A 263 53.53 23.17 5.78
C GLU A 263 52.17 22.86 6.41
N ILE A 264 51.11 23.39 5.82
CA ILE A 264 49.76 23.15 6.32
C ILE A 264 49.26 21.77 5.91
N LEU A 265 48.69 21.03 6.88
CA LEU A 265 48.16 19.69 6.61
C LEU A 265 46.94 19.81 5.70
N GLU A 266 46.83 18.91 4.72
CA GLU A 266 45.71 18.97 3.77
C GLU A 266 45.21 17.60 3.36
N TRP A 267 43.99 17.57 2.82
CA TRP A 267 43.41 16.34 2.31
C TRP A 267 43.17 16.38 0.80
N PHE A 268 43.44 15.25 0.15
CA PHE A 268 43.21 15.06 -1.28
C PHE A 268 42.38 13.81 -1.54
N GLY A 269 41.46 13.87 -2.50
CA GLY A 269 40.63 12.70 -2.77
C GLY A 269 40.29 12.52 -4.24
N ILE A 270 39.99 11.27 -4.61
CA ILE A 270 39.64 10.94 -5.99
C ILE A 270 38.48 9.94 -6.08
N THR A 271 37.49 10.27 -6.91
CA THR A 271 36.36 9.36 -7.20
C THR A 271 36.04 9.38 -8.70
N GLN A 272 35.18 8.46 -9.15
CA GLN A 272 34.80 8.43 -10.58
C GLN A 272 33.32 8.14 -10.77
N THR A 273 32.68 8.91 -11.65
CA THR A 273 31.27 8.75 -12.00
C THR A 273 31.09 8.79 -13.52
N ALA A 274 29.85 8.84 -13.97
CA ALA A 274 29.58 8.91 -15.41
C ALA A 274 30.24 10.14 -16.04
N GLN A 275 30.37 11.21 -15.24
CA GLN A 275 30.95 12.46 -15.71
C GLN A 275 32.47 12.45 -15.78
N GLY A 276 33.09 11.37 -15.34
CA GLY A 276 34.54 11.29 -15.34
C GLY A 276 35.12 11.26 -13.93
N VAL A 277 36.37 11.63 -13.81
CA VAL A 277 37.10 11.53 -12.56
C VAL A 277 37.08 12.86 -11.81
N HIS A 278 36.67 12.79 -10.56
CA HIS A 278 36.53 13.99 -9.75
C HIS A 278 37.68 14.11 -8.77
N LEU A 279 38.29 15.29 -8.76
CA LEU A 279 39.39 15.54 -7.85
C LEU A 279 38.98 16.49 -6.74
N PHE A 280 39.22 16.07 -5.50
CA PHE A 280 38.85 16.83 -4.32
C PHE A 280 40.08 17.32 -3.59
N SER A 281 39.98 18.50 -2.98
CA SER A 281 41.07 19.02 -2.18
C SER A 281 40.58 20.08 -1.20
N SER A 282 40.85 19.84 0.09
CA SER A 282 40.42 20.76 1.13
C SER A 282 41.16 22.08 1.05
N ARG A 283 42.32 22.04 0.42
CA ARG A 283 43.22 23.17 0.32
C ARG A 283 42.62 24.39 -0.38
N TYR A 284 41.68 24.19 -1.29
CA TYR A 284 41.19 25.32 -2.06
C TYR A 284 40.02 26.02 -1.40
N VAL A 285 39.50 25.45 -0.31
CA VAL A 285 38.36 26.05 0.37
C VAL A 285 38.56 26.12 1.87
N ASP A 286 38.65 24.94 2.50
CA ASP A 286 38.74 24.86 3.94
C ASP A 286 40.19 24.65 4.35
N LEU A 287 41.03 25.63 4.06
CA LEU A 287 42.46 25.47 4.22
C LEU A 287 42.85 25.02 5.61
N TYR A 288 42.18 25.53 6.63
CA TYR A 288 42.55 25.20 7.99
C TYR A 288 41.54 24.31 8.70
N GLY A 289 40.56 23.81 7.94
CA GLY A 289 39.50 23.00 8.55
C GLY A 289 39.50 21.55 8.07
N GLY A 290 39.88 21.33 6.81
CA GLY A 290 39.96 19.98 6.29
C GLY A 290 38.74 19.50 5.48
N ASN A 291 37.63 20.24 5.51
CA ASN A 291 36.48 19.81 4.72
C ASN A 291 36.89 19.71 3.26
N MET A 292 36.62 18.57 2.63
CA MET A 292 37.05 18.38 1.25
C MET A 292 36.00 18.86 0.25
N PHE A 293 36.46 19.53 -0.81
CA PHE A 293 35.59 20.03 -1.87
C PHE A 293 36.16 19.65 -3.24
N GLN A 294 35.29 19.51 -4.23
CA GLN A 294 35.72 19.22 -5.59
C GLN A 294 36.37 20.45 -6.23
N PHE A 295 37.51 20.27 -6.89
CA PHE A 295 38.16 21.40 -7.54
C PHE A 295 38.36 21.18 -9.04
N ALA A 296 38.28 19.94 -9.49
CA ALA A 296 38.49 19.64 -10.91
C ALA A 296 37.84 18.34 -11.32
N THR A 297 37.52 18.23 -12.62
CA THR A 297 37.00 16.99 -13.19
C THR A 297 37.76 16.66 -14.47
N LEU A 298 38.18 15.40 -14.59
CA LEU A 298 38.90 14.96 -15.77
C LEU A 298 38.03 14.07 -16.65
N PRO A 299 38.12 14.19 -17.99
CA PRO A 299 37.37 13.45 -18.98
C PRO A 299 37.91 12.04 -19.17
N VAL A 300 37.86 11.27 -18.11
CA VAL A 300 38.28 9.87 -18.14
C VAL A 300 37.09 8.97 -17.91
N TYR A 301 36.57 8.40 -18.98
CA TYR A 301 35.32 7.66 -18.91
C TYR A 301 35.57 6.17 -18.90
N ASP A 302 36.84 5.81 -18.83
CA ASP A 302 37.27 4.43 -18.76
C ASP A 302 37.32 3.99 -17.31
N THR A 303 36.50 3.02 -16.95
CA THR A 303 36.40 2.61 -15.55
C THR A 303 37.76 2.27 -14.98
N ILE A 304 38.09 2.90 -13.85
CA ILE A 304 39.34 2.61 -13.15
C ILE A 304 39.13 1.44 -12.24
N LYS A 305 39.98 0.43 -12.35
CA LYS A 305 39.84 -0.76 -11.53
C LYS A 305 41.01 -0.94 -10.59
N TYR A 306 42.19 -0.61 -11.08
CA TYR A 306 43.40 -0.81 -10.31
C TYR A 306 44.20 0.46 -10.21
N TYR A 307 44.97 0.59 -9.15
CA TYR A 307 45.88 1.70 -9.04
C TYR A 307 47.10 1.30 -8.22
N SER A 308 48.14 2.08 -8.34
CA SER A 308 49.33 1.91 -7.55
C SER A 308 49.93 3.26 -7.27
N ILE A 309 50.83 3.31 -6.31
CA ILE A 309 51.47 4.57 -5.98
C ILE A 309 52.81 4.69 -6.67
N ILE A 310 53.15 5.88 -7.13
CA ILE A 310 54.41 6.12 -7.79
C ILE A 310 55.53 6.45 -6.78
N PRO A 311 56.65 5.71 -6.81
CA PRO A 311 57.85 5.93 -6.02
C PRO A 311 58.48 7.28 -6.34
N HIS A 312 59.22 7.82 -5.39
CA HIS A 312 59.94 9.08 -5.59
C HIS A 312 61.15 9.15 -4.68
N SER A 313 62.26 9.58 -5.25
CA SER A 313 63.50 9.75 -4.49
C SER A 313 64.11 11.12 -4.71
N ILE A 314 64.84 11.60 -3.71
CA ILE A 314 65.46 12.91 -3.81
C ILE A 314 66.98 12.83 -3.88
N ARG A 315 67.55 13.40 -4.95
CA ARG A 315 69.00 13.34 -5.16
C ARG A 315 69.71 14.48 -4.44
N SER A 316 69.62 14.44 -3.12
CA SER A 316 70.20 15.47 -2.25
C SER A 316 71.68 15.18 -1.96
N ILE A 317 72.35 16.17 -1.37
CA ILE A 317 73.74 16.05 -0.94
C ILE A 317 73.84 15.24 0.34
N GLN A 318 74.83 14.35 0.41
CA GLN A 318 74.98 13.47 1.57
C GLN A 318 74.95 14.22 2.89
N SER A 319 75.57 15.38 2.93
CA SER A 319 75.68 16.18 4.14
C SER A 319 74.44 17.05 4.41
N ASP A 320 73.43 16.98 3.54
CA ASP A 320 72.22 17.79 3.70
C ASP A 320 70.98 17.01 3.29
N ARG A 321 70.35 16.35 4.27
CA ARG A 321 69.19 15.51 4.03
C ARG A 321 68.04 15.88 4.95
N LYS A 322 66.82 15.63 4.51
CA LYS A 322 65.64 15.99 5.28
C LYS A 322 64.77 14.78 5.56
N ALA A 323 63.98 14.88 6.63
CA ALA A 323 62.95 13.90 6.90
C ALA A 323 61.69 14.35 6.20
N TRP A 324 60.91 13.41 5.70
CA TRP A 324 59.69 13.78 5.00
C TRP A 324 58.46 13.18 5.66
N ALA A 325 57.39 13.95 5.70
CA ALA A 325 56.17 13.50 6.33
C ALA A 325 55.60 12.32 5.62
N ALA A 326 55.06 11.39 6.38
CA ALA A 326 54.36 10.27 5.79
C ALA A 326 52.97 10.71 5.39
N PHE A 327 52.43 10.07 4.38
CA PHE A 327 51.05 10.29 4.02
C PHE A 327 50.29 9.00 4.10
N TYR A 328 48.99 9.11 4.30
CA TYR A 328 48.18 7.92 4.53
C TYR A 328 47.02 7.84 3.56
N VAL A 329 46.73 6.62 3.10
CA VAL A 329 45.66 6.42 2.14
C VAL A 329 44.51 5.61 2.74
N TYR A 330 43.30 6.17 2.65
CA TYR A 330 42.11 5.52 3.22
C TYR A 330 41.05 5.33 2.13
N LYS A 331 40.36 4.18 2.14
CA LYS A 331 39.32 3.91 1.13
C LYS A 331 37.96 4.47 1.54
N LEU A 332 37.14 4.79 0.54
CA LEU A 332 35.79 5.29 0.80
C LEU A 332 34.71 4.23 0.63
N GLN A 333 33.64 4.37 1.41
CA GLN A 333 32.50 3.47 1.38
C GLN A 333 31.17 4.27 1.43
N PRO A 334 30.07 3.73 0.87
CA PRO A 334 28.74 4.33 0.84
C PRO A 334 28.03 4.23 2.19
N LEU A 335 28.56 4.98 3.14
CA LEU A 335 28.12 4.93 4.54
C LEU A 335 27.21 6.07 4.90
N THR A 336 26.51 5.92 6.03
CA THR A 336 25.68 6.99 6.57
C THR A 336 26.34 7.63 7.78
N PHE A 337 26.43 8.96 7.75
CA PHE A 337 27.00 9.73 8.83
C PHE A 337 26.06 10.78 9.37
N LEU A 338 26.19 11.09 10.66
CA LEU A 338 25.50 12.22 11.25
C LEU A 338 26.43 13.42 11.16
N LEU A 339 26.03 14.46 10.46
CA LEU A 339 26.92 15.59 10.23
C LEU A 339 26.51 16.83 11.00
N ASP A 340 27.45 17.39 11.76
CA ASP A 340 27.22 18.63 12.50
C ASP A 340 27.68 19.85 11.69
N PHE A 341 26.73 20.59 11.15
CA PHE A 341 27.04 21.78 10.37
C PHE A 341 27.00 22.97 11.29
N SER A 342 28.15 23.58 11.50
CA SER A 342 28.24 24.68 12.46
C SER A 342 27.62 25.93 11.89
N VAL A 343 27.67 26.99 12.66
CA VAL A 343 27.06 28.24 12.25
C VAL A 343 27.72 28.83 11.00
N ASP A 344 28.94 28.42 10.70
CA ASP A 344 29.65 28.94 9.53
C ASP A 344 29.53 28.02 8.31
N GLY A 345 28.71 26.99 8.42
CA GLY A 345 28.44 26.07 7.32
C GLY A 345 29.45 24.94 7.17
N TYR A 346 30.48 24.91 8.01
CA TYR A 346 31.49 23.86 7.91
C TYR A 346 31.19 22.69 8.84
N ILE A 347 31.64 21.50 8.46
CA ILE A 347 31.45 20.31 9.29
C ILE A 347 32.61 20.17 10.25
N ARG A 348 32.30 20.10 11.54
CA ARG A 348 33.36 20.05 12.54
C ARG A 348 33.44 18.71 13.25
N ARG A 349 32.39 17.93 13.14
CA ARG A 349 32.33 16.62 13.75
C ARG A 349 31.22 15.80 13.14
N ALA A 350 31.34 14.48 13.26
CA ALA A 350 30.31 13.60 12.75
C ALA A 350 30.26 12.28 13.52
N ILE A 351 29.17 11.55 13.33
CA ILE A 351 29.02 10.22 13.91
C ILE A 351 28.95 9.16 12.81
N ASP A 352 29.80 8.14 12.90
CA ASP A 352 29.76 7.03 11.98
C ASP A 352 28.70 6.04 12.45
N CYS A 353 27.56 6.03 11.77
CA CYS A 353 26.36 5.37 12.26
C CYS A 353 26.46 3.86 12.23
N GLY A 354 27.52 3.32 11.64
CA GLY A 354 27.64 1.86 11.56
C GLY A 354 28.83 1.32 12.35
N PHE A 355 29.47 2.19 13.13
CA PHE A 355 30.67 1.77 13.84
C PHE A 355 30.36 0.85 15.03
N ASN A 356 29.51 1.32 15.94
CA ASN A 356 29.15 0.54 17.13
C ASN A 356 27.75 0.90 17.61
N ASP A 357 27.35 0.37 18.76
CA ASP A 357 26.00 0.53 19.26
C ASP A 357 25.75 1.95 19.75
N LEU A 358 26.62 2.46 20.58
CA LEU A 358 26.43 3.81 21.09
C LEU A 358 26.37 4.80 19.94
N SER A 359 27.21 4.61 18.94
CA SER A 359 27.23 5.52 17.81
C SER A 359 25.89 5.52 17.11
N GLN A 360 25.33 4.32 16.89
CA GLN A 360 24.02 4.22 16.27
C GLN A 360 22.97 4.96 17.06
N LEU A 361 23.05 4.90 18.39
CA LEU A 361 22.08 5.57 19.24
C LEU A 361 22.01 7.06 18.92
N HIS A 362 23.17 7.70 18.77
CA HIS A 362 23.20 9.11 18.45
C HIS A 362 22.59 9.36 17.08
N CYS A 363 22.87 8.49 16.14
CA CYS A 363 22.30 8.62 14.81
C CYS A 363 20.80 8.44 14.83
N SER A 364 20.31 7.49 15.63
CA SER A 364 18.89 7.20 15.71
C SER A 364 18.09 8.44 16.09
N TYR A 365 18.61 9.21 17.05
CA TYR A 365 17.98 10.44 17.48
C TYR A 365 18.49 11.65 16.72
N GLU A 366 19.30 11.42 15.70
CA GLU A 366 19.95 12.46 14.91
C GLU A 366 20.41 13.61 15.80
N SER A 367 21.18 13.26 16.82
CA SER A 367 21.66 14.24 17.78
C SER A 367 22.90 13.80 18.49
N PHE A 368 23.74 14.76 18.83
CA PHE A 368 24.94 14.50 19.62
C PHE A 368 24.61 14.59 21.11
N ASP A 369 23.35 14.91 21.41
CA ASP A 369 22.89 15.06 22.78
C ASP A 369 21.73 14.11 23.07
N VAL A 370 22.03 13.00 23.74
CA VAL A 370 21.04 11.97 24.03
C VAL A 370 20.93 11.74 25.53
N GLU A 371 19.70 11.57 26.02
CA GLU A 371 19.44 11.33 27.44
C GLU A 371 19.82 9.92 27.88
N SER A 372 20.05 9.76 29.17
CA SER A 372 20.46 8.47 29.74
C SER A 372 19.35 7.44 29.71
N GLY A 373 19.74 6.17 29.72
CA GLY A 373 18.78 5.06 29.78
C GLY A 373 19.30 3.85 29.03
N VAL A 374 18.44 2.85 28.86
CA VAL A 374 18.82 1.65 28.14
C VAL A 374 18.02 1.57 26.84
N TYR A 375 18.73 1.54 25.73
CA TYR A 375 18.09 1.61 24.41
C TYR A 375 18.37 0.39 23.58
N SER A 376 17.44 0.05 22.69
CA SER A 376 17.66 -1.03 21.74
C SER A 376 18.50 -0.55 20.56
N VAL A 377 19.36 -1.43 20.04
CA VAL A 377 20.16 -1.11 18.86
C VAL A 377 20.06 -2.24 17.84
N SER A 378 20.61 -2.03 16.64
CA SER A 378 20.59 -3.06 15.61
C SER A 378 21.28 -4.32 16.09
N SER A 379 20.75 -5.46 15.68
CA SER A 379 21.29 -6.76 16.05
C SER A 379 22.57 -7.06 15.27
N PHE A 380 23.32 -8.04 15.76
CA PHE A 380 24.48 -8.55 15.04
C PHE A 380 24.06 -9.60 14.04
N GLU A 381 24.35 -9.35 12.78
CA GLU A 381 23.98 -10.25 11.70
C GLU A 381 24.98 -11.39 11.59
N ALA A 382 24.53 -12.51 11.07
CA ALA A 382 25.42 -13.62 10.79
C ALA A 382 26.21 -13.36 9.52
N LYS A 383 27.42 -13.88 9.46
CA LYS A 383 28.23 -13.84 8.25
C LYS A 383 28.37 -15.27 7.71
N PRO A 384 27.61 -15.63 6.67
CA PRO A 384 27.53 -16.96 6.10
C PRO A 384 28.87 -17.49 5.60
N SER A 385 29.05 -18.79 5.76
CA SER A 385 30.18 -19.53 5.24
C SER A 385 29.86 -19.99 3.83
N GLY A 386 30.77 -20.75 3.23
CA GLY A 386 30.60 -21.21 1.86
C GLY A 386 29.21 -21.79 1.65
N SER A 387 28.65 -21.57 0.46
CA SER A 387 27.30 -21.97 0.16
C SER A 387 27.16 -23.46 -0.09
N VAL A 388 25.92 -23.92 -0.05
CA VAL A 388 25.58 -25.31 -0.33
C VAL A 388 24.63 -25.39 -1.52
N VAL A 389 25.02 -26.18 -2.52
CA VAL A 389 24.20 -26.28 -3.72
C VAL A 389 23.92 -27.73 -4.10
N GLU A 390 22.67 -28.03 -4.34
CA GLU A 390 22.33 -29.39 -4.73
C GLU A 390 21.38 -29.41 -5.91
N GLN A 391 21.85 -30.01 -7.01
CA GLN A 391 21.07 -30.15 -8.23
C GLN A 391 21.26 -31.54 -8.78
N ALA A 392 20.26 -32.05 -9.48
CA ALA A 392 20.38 -33.36 -10.09
C ALA A 392 21.16 -33.29 -11.38
N GLU A 393 21.85 -34.36 -11.70
CA GLU A 393 22.46 -34.52 -13.00
C GLU A 393 21.43 -35.17 -13.91
N GLY A 394 21.53 -34.90 -15.20
CA GLY A 394 20.58 -35.47 -16.14
C GLY A 394 21.03 -35.26 -17.57
N VAL A 395 20.06 -35.02 -18.44
CA VAL A 395 20.34 -34.85 -19.84
C VAL A 395 19.90 -33.48 -20.31
N GLU A 396 20.35 -33.11 -21.49
CA GLU A 396 20.00 -31.82 -22.07
C GLU A 396 18.68 -31.89 -22.81
N CYS A 397 18.06 -30.73 -23.00
CA CYS A 397 16.77 -30.64 -23.67
C CYS A 397 16.89 -31.03 -25.13
N ASP A 398 16.01 -31.92 -25.56
CA ASP A 398 16.01 -32.42 -26.93
C ASP A 398 15.17 -31.56 -27.86
N PHE A 399 15.82 -30.81 -28.73
CA PHE A 399 15.13 -29.93 -29.66
C PHE A 399 15.12 -30.51 -31.05
N SER A 400 15.44 -31.79 -31.16
CA SER A 400 15.51 -32.45 -32.45
C SER A 400 14.17 -32.39 -33.20
N PRO A 401 13.01 -32.68 -32.56
CA PRO A 401 11.70 -32.64 -33.18
C PRO A 401 11.51 -31.32 -33.94
N LEU A 402 11.83 -30.22 -33.26
CA LEU A 402 11.69 -28.89 -33.83
C LEU A 402 12.42 -28.77 -35.17
N LEU A 403 13.64 -29.27 -35.21
CA LEU A 403 14.54 -29.09 -36.34
C LEU A 403 14.38 -30.15 -37.44
N SER A 404 13.44 -31.07 -37.29
CA SER A 404 13.36 -32.20 -38.21
C SER A 404 12.01 -32.39 -38.90
N GLY A 405 11.42 -31.30 -39.38
CA GLY A 405 10.16 -31.40 -40.12
C GLY A 405 9.70 -30.05 -40.67
N THR A 406 8.45 -30.01 -41.13
CA THR A 406 7.89 -28.79 -41.69
C THR A 406 7.29 -27.93 -40.57
N PRO A 407 7.63 -26.63 -40.49
CA PRO A 407 7.09 -25.68 -39.55
C PRO A 407 5.56 -25.68 -39.57
N PRO A 408 4.92 -25.75 -38.41
CA PRO A 408 3.49 -25.64 -38.17
C PRO A 408 2.98 -24.25 -38.51
N GLN A 409 1.68 -24.13 -38.72
CA GLN A 409 1.08 -22.82 -38.90
C GLN A 409 0.75 -22.19 -37.55
N VAL A 410 0.56 -20.88 -37.55
CA VAL A 410 0.37 -20.14 -36.31
C VAL A 410 -0.81 -20.65 -35.49
N TYR A 411 -1.91 -20.94 -36.17
CA TYR A 411 -3.13 -21.38 -35.51
C TYR A 411 -3.15 -22.86 -35.25
N ASN A 412 -2.05 -23.53 -35.57
CA ASN A 412 -1.93 -24.95 -35.38
C ASN A 412 -0.50 -25.27 -35.01
N PHE A 413 -0.02 -24.62 -33.95
CA PHE A 413 1.37 -24.73 -33.54
C PHE A 413 1.65 -26.02 -32.79
N LYS A 414 2.92 -26.24 -32.48
CA LYS A 414 3.30 -27.41 -31.70
C LYS A 414 3.95 -27.04 -30.39
N ARG A 415 3.67 -27.81 -29.36
CA ARG A 415 4.16 -27.53 -28.02
C ARG A 415 5.09 -28.59 -27.46
N LEU A 416 6.28 -28.15 -27.05
CA LEU A 416 7.25 -29.02 -26.40
C LEU A 416 7.41 -28.63 -24.93
N VAL A 417 7.15 -29.58 -24.04
CA VAL A 417 7.24 -29.29 -22.61
C VAL A 417 8.48 -29.97 -22.02
N PHE A 418 9.32 -29.16 -21.38
CA PHE A 418 10.55 -29.67 -20.82
C PHE A 418 10.52 -29.73 -19.29
N THR A 419 10.88 -30.90 -18.78
CA THR A 419 10.95 -31.17 -17.35
C THR A 419 12.19 -32.03 -17.11
N ASN A 420 12.82 -31.89 -15.95
CA ASN A 420 14.00 -32.68 -15.63
C ASN A 420 15.05 -32.52 -16.73
N CYS A 421 15.60 -31.32 -16.83
CA CYS A 421 16.48 -30.97 -17.94
C CYS A 421 17.54 -29.96 -17.58
N ASN A 422 18.74 -30.17 -18.12
CA ASN A 422 19.81 -29.20 -18.06
C ASN A 422 19.80 -28.41 -19.36
N TYR A 423 19.17 -27.25 -19.34
CA TYR A 423 18.88 -26.55 -20.59
C TYR A 423 20.04 -25.67 -21.02
N ASN A 424 20.08 -25.40 -22.31
CA ASN A 424 21.06 -24.48 -22.89
C ASN A 424 20.40 -23.60 -23.93
N LEU A 425 20.06 -22.38 -23.55
CA LEU A 425 19.30 -21.51 -24.45
C LEU A 425 20.14 -21.13 -25.65
N THR A 426 21.43 -20.88 -25.42
CA THR A 426 22.32 -20.47 -26.49
C THR A 426 22.40 -21.52 -27.58
N LYS A 427 22.56 -22.78 -27.20
CA LYS A 427 22.69 -23.82 -28.19
C LYS A 427 21.58 -23.77 -29.23
N LEU A 428 20.34 -23.60 -28.78
CA LEU A 428 19.22 -23.57 -29.70
C LEU A 428 19.20 -22.30 -30.53
N LEU A 429 19.36 -21.16 -29.88
CA LEU A 429 19.28 -19.88 -30.58
C LEU A 429 20.44 -19.68 -31.53
N SER A 430 21.56 -20.31 -31.22
CA SER A 430 22.75 -20.27 -32.05
C SER A 430 22.51 -20.81 -33.46
N LEU A 431 21.49 -21.65 -33.59
CA LEU A 431 21.20 -22.28 -34.87
C LEU A 431 20.41 -21.37 -35.80
N PHE A 432 20.01 -20.21 -35.31
CA PHE A 432 19.20 -19.31 -36.12
C PHE A 432 19.77 -17.91 -36.14
N SER A 433 19.58 -17.23 -37.25
CA SER A 433 19.94 -15.82 -37.35
C SER A 433 18.82 -14.98 -36.74
N VAL A 434 18.78 -14.94 -35.42
CA VAL A 434 17.68 -14.32 -34.72
C VAL A 434 17.50 -12.88 -35.14
N ASN A 435 16.24 -12.48 -35.31
CA ASN A 435 15.91 -11.12 -35.71
C ASN A 435 15.58 -10.29 -34.50
N ASP A 436 14.88 -10.91 -33.56
CA ASP A 436 14.47 -10.24 -32.33
C ASP A 436 14.23 -11.26 -31.22
N PHE A 437 14.28 -10.78 -30.00
CA PHE A 437 14.06 -11.60 -28.82
C PHE A 437 13.83 -10.74 -27.60
N THR A 438 12.62 -10.80 -27.08
CA THR A 438 12.25 -9.98 -25.93
C THR A 438 11.57 -10.82 -24.87
N CYS A 439 11.47 -10.28 -23.66
CA CYS A 439 10.81 -10.99 -22.58
C CYS A 439 9.95 -10.06 -21.74
N SER A 440 9.10 -10.66 -20.90
CA SER A 440 8.24 -9.91 -20.01
C SER A 440 8.12 -10.58 -18.65
N GLN A 441 8.30 -9.78 -17.60
CA GLN A 441 8.23 -10.23 -16.21
C GLN A 441 9.33 -11.23 -15.87
N ILE A 442 10.46 -11.09 -16.57
CA ILE A 442 11.67 -11.86 -16.30
C ILE A 442 12.84 -11.17 -16.96
N SER A 443 13.97 -11.09 -16.27
CA SER A 443 15.16 -10.48 -16.86
C SER A 443 15.76 -11.38 -17.95
N PRO A 444 16.50 -10.79 -18.92
CA PRO A 444 17.30 -11.46 -19.93
C PRO A 444 18.35 -12.36 -19.30
N ALA A 445 18.71 -12.08 -18.06
CA ALA A 445 19.63 -12.91 -17.34
C ALA A 445 18.92 -14.16 -16.84
N ALA A 446 17.83 -13.95 -16.11
CA ALA A 446 17.09 -15.02 -15.46
C ALA A 446 16.58 -16.05 -16.44
N ILE A 447 16.17 -15.60 -17.62
CA ILE A 447 15.62 -16.48 -18.64
C ILE A 447 16.57 -17.60 -19.03
N ALA A 448 17.86 -17.43 -18.76
CA ALA A 448 18.80 -18.48 -19.09
C ALA A 448 19.77 -18.79 -17.96
N SER A 449 19.39 -18.44 -16.72
CA SER A 449 20.28 -18.70 -15.59
C SER A 449 19.58 -19.29 -14.36
N ASN A 450 18.27 -19.11 -14.23
CA ASN A 450 17.58 -19.63 -13.05
C ASN A 450 17.02 -21.02 -13.30
N CYS A 451 16.42 -21.58 -12.25
CA CYS A 451 15.76 -22.88 -12.37
C CYS A 451 14.25 -22.73 -12.39
N TYR A 452 13.59 -23.55 -13.20
CA TYR A 452 12.15 -23.47 -13.38
C TYR A 452 11.48 -24.80 -13.03
N SER A 453 10.19 -24.76 -12.70
CA SER A 453 9.45 -26.00 -12.45
C SER A 453 9.06 -26.64 -13.75
N SER A 454 8.90 -25.81 -14.77
CA SER A 454 8.55 -26.30 -16.10
C SER A 454 8.82 -25.25 -17.16
N LEU A 455 9.29 -25.70 -18.32
CA LEU A 455 9.56 -24.80 -19.43
C LEU A 455 8.78 -25.22 -20.68
N ILE A 456 7.98 -24.29 -21.22
CA ILE A 456 7.17 -24.59 -22.41
C ILE A 456 7.65 -23.85 -23.65
N LEU A 457 7.91 -24.61 -24.71
CA LEU A 457 8.33 -24.03 -25.98
C LEU A 457 7.28 -24.25 -27.08
N ASP A 458 6.71 -23.15 -27.58
CA ASP A 458 5.69 -23.20 -28.63
C ASP A 458 6.26 -22.68 -29.96
N TYR A 459 6.35 -23.55 -30.96
CA TYR A 459 6.98 -23.11 -32.20
C TYR A 459 6.04 -23.20 -33.40
N PHE A 460 6.26 -22.27 -34.34
CA PHE A 460 5.46 -22.20 -35.57
C PHE A 460 6.08 -21.27 -36.62
N SER A 461 5.68 -21.45 -37.87
CA SER A 461 6.03 -20.54 -38.96
C SER A 461 5.40 -19.18 -38.76
N TYR A 462 6.12 -18.12 -39.07
CA TYR A 462 5.55 -16.78 -38.92
C TYR A 462 6.21 -15.75 -39.84
N PRO A 463 5.43 -14.96 -40.62
CA PRO A 463 5.89 -13.87 -41.44
C PRO A 463 6.54 -12.81 -40.56
N LEU A 464 7.79 -12.53 -40.78
CA LEU A 464 8.51 -11.56 -39.98
C LEU A 464 7.76 -10.22 -39.93
N SER A 465 7.23 -9.82 -41.08
CA SER A 465 6.55 -8.53 -41.25
C SER A 465 5.31 -8.39 -40.37
N MET A 466 4.79 -9.51 -39.86
CA MET A 466 3.60 -9.50 -39.03
C MET A 466 3.92 -9.40 -37.54
N LYS A 467 5.19 -9.19 -37.20
CA LYS A 467 5.61 -9.18 -35.78
C LYS A 467 4.86 -8.15 -34.97
N SER A 468 4.36 -7.10 -35.61
CA SER A 468 3.67 -6.03 -34.93
C SER A 468 2.40 -6.50 -34.22
N ASP A 469 1.86 -7.64 -34.64
CA ASP A 469 0.63 -8.11 -34.02
C ASP A 469 0.85 -9.21 -32.98
N LEU A 470 2.11 -9.42 -32.59
CA LEU A 470 2.38 -10.40 -31.53
C LEU A 470 2.46 -9.74 -30.17
N SER A 471 2.28 -8.42 -30.14
CA SER A 471 2.30 -7.66 -28.89
C SER A 471 1.11 -8.01 -28.01
N VAL A 472 1.31 -7.94 -26.71
CA VAL A 472 0.22 -8.14 -25.76
C VAL A 472 -0.90 -7.14 -26.04
N SER A 473 -0.51 -5.91 -26.41
CA SER A 473 -1.46 -4.87 -26.73
C SER A 473 -1.57 -4.67 -28.24
N SER A 474 -1.56 -5.77 -28.97
CA SER A 474 -1.68 -5.76 -30.43
C SER A 474 -3.08 -5.42 -30.91
N ALA A 475 -3.19 -5.11 -32.20
CA ALA A 475 -4.47 -4.80 -32.81
C ALA A 475 -5.44 -5.97 -32.73
N GLY A 476 -4.92 -7.18 -32.99
CA GLY A 476 -5.76 -8.37 -32.83
C GLY A 476 -6.00 -9.30 -34.05
N PRO A 477 -5.85 -8.86 -35.33
CA PRO A 477 -6.12 -9.66 -36.52
C PRO A 477 -5.54 -11.07 -36.44
N ILE A 478 -4.36 -11.21 -35.84
CA ILE A 478 -3.77 -12.52 -35.68
C ILE A 478 -3.85 -12.95 -34.22
N SER A 479 -3.51 -12.04 -33.33
CA SER A 479 -3.43 -12.33 -31.91
C SER A 479 -4.73 -12.88 -31.31
N GLN A 480 -5.87 -12.30 -31.66
CA GLN A 480 -7.10 -12.68 -30.98
C GLN A 480 -7.72 -13.97 -31.53
N PHE A 481 -7.22 -14.47 -32.66
CA PHE A 481 -7.81 -15.67 -33.25
C PHE A 481 -6.83 -16.83 -33.38
N ASN A 482 -5.61 -16.55 -33.79
CA ASN A 482 -4.68 -17.61 -34.14
C ASN A 482 -3.81 -18.01 -32.96
N TYR A 483 -3.21 -17.03 -32.30
CA TYR A 483 -2.28 -17.34 -31.22
C TYR A 483 -2.07 -16.17 -30.27
N LYS A 484 -2.25 -16.43 -28.99
CA LYS A 484 -2.08 -15.43 -27.95
C LYS A 484 -1.17 -15.97 -26.85
N GLN A 485 -0.45 -15.08 -26.16
CA GLN A 485 0.43 -15.50 -25.07
C GLN A 485 -0.06 -15.01 -23.72
N SER A 486 0.38 -15.71 -22.66
CA SER A 486 0.03 -15.36 -21.29
C SER A 486 0.59 -14.01 -20.89
N PHE A 487 -0.14 -13.33 -20.03
CA PHE A 487 0.30 -12.05 -19.47
C PHE A 487 0.51 -12.19 -17.96
N SER A 488 0.33 -13.41 -17.46
CA SER A 488 0.43 -13.68 -16.03
C SER A 488 1.71 -14.41 -15.68
N ASN A 489 2.11 -15.37 -16.50
CA ASN A 489 3.37 -16.06 -16.29
C ASN A 489 4.46 -15.28 -17.01
N PRO A 490 5.72 -15.37 -16.57
CA PRO A 490 6.88 -14.88 -17.29
C PRO A 490 6.96 -15.53 -18.65
N THR A 491 7.15 -14.71 -19.67
CA THR A 491 7.22 -15.22 -21.04
C THR A 491 8.25 -14.51 -21.88
N CYS A 492 8.61 -15.14 -23.00
CA CYS A 492 9.45 -14.51 -24.01
C CYS A 492 8.98 -14.83 -25.42
N LEU A 493 9.45 -14.03 -26.37
CA LEU A 493 9.14 -14.23 -27.78
C LEU A 493 10.37 -14.09 -28.65
N ILE A 494 10.65 -15.13 -29.43
CA ILE A 494 11.79 -15.12 -30.34
C ILE A 494 11.37 -15.20 -31.79
N LEU A 495 11.87 -14.28 -32.58
CA LEU A 495 11.63 -14.25 -34.00
C LEU A 495 12.95 -14.41 -34.72
N ALA A 496 13.02 -15.37 -35.63
CA ALA A 496 14.28 -15.64 -36.28
C ALA A 496 14.10 -16.12 -37.69
N THR A 497 15.12 -15.94 -38.51
CA THR A 497 15.11 -16.51 -39.83
C THR A 497 15.91 -17.81 -39.82
N VAL A 498 15.71 -18.62 -40.84
CA VAL A 498 16.43 -19.88 -40.93
C VAL A 498 17.52 -19.84 -42.01
N PRO A 499 18.78 -20.11 -41.63
CA PRO A 499 19.97 -20.09 -42.46
C PRO A 499 19.95 -21.25 -43.45
N HIS A 500 20.64 -21.08 -44.56
CA HIS A 500 20.70 -22.10 -45.61
C HIS A 500 21.32 -23.41 -45.15
N ASN A 501 22.13 -23.36 -44.09
CA ASN A 501 22.78 -24.55 -43.59
C ASN A 501 21.80 -25.51 -42.91
N LEU A 502 20.69 -24.98 -42.39
CA LEU A 502 19.76 -25.83 -41.66
C LEU A 502 18.80 -26.49 -42.63
N THR A 503 19.27 -27.56 -43.28
CA THR A 503 18.53 -28.21 -44.35
C THR A 503 17.62 -29.32 -43.85
N THR A 504 17.58 -29.50 -42.53
CA THR A 504 16.78 -30.55 -41.92
C THR A 504 15.35 -30.08 -41.67
N ILE A 505 15.14 -28.77 -41.78
CA ILE A 505 13.83 -28.17 -41.58
C ILE A 505 13.29 -27.77 -42.95
N THR A 506 12.06 -28.17 -43.25
CA THR A 506 11.54 -27.97 -44.60
C THR A 506 10.75 -26.68 -44.74
N LYS A 507 10.57 -26.25 -45.99
CA LYS A 507 9.93 -24.97 -46.28
C LYS A 507 8.44 -25.16 -46.64
N PRO A 508 7.51 -24.46 -45.95
CA PRO A 508 6.08 -24.41 -46.22
C PRO A 508 5.81 -23.79 -47.58
N LEU A 509 4.67 -24.13 -48.17
CA LEU A 509 4.26 -23.56 -49.46
C LEU A 509 4.03 -22.05 -49.36
N LYS A 510 3.41 -21.63 -48.26
CA LYS A 510 3.03 -20.24 -48.04
C LYS A 510 2.60 -20.06 -46.60
N TYR A 511 2.40 -18.82 -46.19
CA TYR A 511 1.88 -18.58 -44.85
C TYR A 511 0.37 -18.51 -44.88
N SER A 512 -0.28 -19.05 -43.85
CA SER A 512 -1.73 -18.93 -43.72
C SER A 512 -2.13 -18.48 -42.32
N TYR A 513 -3.26 -17.79 -42.23
CA TYR A 513 -3.82 -17.47 -40.92
C TYR A 513 -5.33 -17.22 -41.00
N ILE A 514 -5.97 -17.24 -39.83
CA ILE A 514 -7.40 -17.00 -39.70
C ILE A 514 -7.68 -15.51 -39.60
N ASN A 515 -8.60 -15.01 -40.43
CA ASN A 515 -8.94 -13.60 -40.42
C ASN A 515 -9.98 -13.35 -39.36
N LYS A 516 -10.93 -14.27 -39.29
CA LYS A 516 -11.99 -14.20 -38.32
C LYS A 516 -12.51 -15.57 -37.97
N CYS A 517 -13.01 -15.71 -36.77
CA CYS A 517 -13.68 -16.92 -36.32
C CYS A 517 -14.81 -16.56 -35.39
N SER A 518 -16.00 -17.09 -35.68
CA SER A 518 -17.18 -16.74 -34.91
C SER A 518 -18.21 -17.84 -34.92
N ARG A 519 -19.17 -17.73 -34.01
CA ARG A 519 -20.26 -18.67 -33.92
C ARG A 519 -21.59 -18.04 -34.33
N LEU A 520 -22.41 -18.82 -34.98
CA LEU A 520 -23.78 -18.43 -35.27
C LEU A 520 -24.69 -19.17 -34.32
N LEU A 521 -25.67 -18.47 -33.77
CA LEU A 521 -26.57 -19.07 -32.80
C LEU A 521 -27.67 -19.85 -33.47
N SER A 522 -28.46 -20.56 -32.67
CA SER A 522 -29.52 -21.43 -33.18
C SER A 522 -30.57 -20.71 -34.01
N ASP A 523 -30.64 -19.38 -33.90
CA ASP A 523 -31.61 -18.61 -34.66
C ASP A 523 -31.10 -18.31 -36.08
N ASP A 524 -29.85 -18.68 -36.34
CA ASP A 524 -29.20 -18.40 -37.62
C ASP A 524 -29.31 -16.93 -38.01
N ARG A 525 -29.24 -16.04 -37.02
CA ARG A 525 -29.27 -14.60 -37.26
C ARG A 525 -28.25 -13.89 -36.40
N THR A 526 -28.02 -14.41 -35.20
CA THR A 526 -27.12 -13.78 -34.25
C THR A 526 -25.74 -14.38 -34.34
N GLU A 527 -24.72 -13.52 -34.42
CA GLU A 527 -23.34 -13.99 -34.50
C GLU A 527 -22.53 -13.48 -33.32
N VAL A 528 -21.65 -14.33 -32.81
CA VAL A 528 -20.79 -13.99 -31.71
C VAL A 528 -19.33 -14.41 -31.98
N PRO A 529 -18.37 -13.47 -31.92
CA PRO A 529 -16.94 -13.70 -32.09
C PRO A 529 -16.42 -14.75 -31.11
N GLN A 530 -15.45 -15.54 -31.56
CA GLN A 530 -14.86 -16.57 -30.71
C GLN A 530 -13.34 -16.41 -30.68
N LEU A 531 -12.83 -15.99 -29.54
CA LEU A 531 -11.41 -15.65 -29.43
C LEU A 531 -10.60 -16.77 -28.79
N VAL A 532 -9.28 -16.73 -28.99
CA VAL A 532 -8.38 -17.74 -28.44
C VAL A 532 -7.66 -17.21 -27.20
N ASN A 533 -7.53 -18.06 -26.17
CA ASN A 533 -6.84 -17.65 -24.95
C ASN A 533 -5.35 -18.01 -24.98
N ALA A 534 -4.65 -17.65 -23.90
CA ALA A 534 -3.19 -17.74 -23.82
C ALA A 534 -2.61 -19.13 -24.05
N ASN A 535 -3.30 -20.16 -23.60
CA ASN A 535 -2.77 -21.51 -23.76
C ASN A 535 -3.72 -22.39 -24.53
N GLN A 536 -4.50 -21.77 -25.39
CA GLN A 536 -5.49 -22.50 -26.15
C GLN A 536 -5.17 -22.50 -27.64
N TYR A 537 -5.93 -23.28 -28.38
CA TYR A 537 -5.88 -23.28 -29.83
C TYR A 537 -7.10 -22.57 -30.35
N SER A 538 -7.02 -22.05 -31.56
CA SER A 538 -8.15 -21.35 -32.14
C SER A 538 -9.41 -22.21 -31.95
N PRO A 539 -10.53 -21.60 -31.54
CA PRO A 539 -11.80 -22.24 -31.22
C PRO A 539 -12.35 -23.00 -32.42
N CYS A 540 -11.88 -22.65 -33.60
CA CYS A 540 -12.31 -23.32 -34.82
C CYS A 540 -11.11 -23.87 -35.59
N VAL A 541 -10.12 -24.35 -34.85
CA VAL A 541 -8.94 -24.97 -35.44
C VAL A 541 -9.30 -26.28 -36.14
N SER A 542 -10.35 -26.93 -35.66
CA SER A 542 -10.82 -28.18 -36.24
C SER A 542 -11.56 -27.97 -37.55
N ILE A 543 -11.85 -26.71 -37.88
CA ILE A 543 -12.56 -26.37 -39.10
C ILE A 543 -11.61 -25.91 -40.19
N VAL A 544 -10.67 -25.07 -39.82
CA VAL A 544 -9.76 -24.53 -40.81
C VAL A 544 -8.70 -25.58 -41.19
N PRO A 545 -8.50 -25.86 -42.49
CA PRO A 545 -7.57 -26.84 -43.03
C PRO A 545 -6.14 -26.37 -42.83
N SER A 546 -5.19 -27.30 -42.97
CA SER A 546 -3.77 -27.01 -42.80
C SER A 546 -3.24 -25.83 -43.63
N THR A 547 -4.01 -25.38 -44.61
CA THR A 547 -3.60 -24.25 -45.43
C THR A 547 -4.80 -23.56 -46.03
N VAL A 548 -4.68 -22.26 -46.25
CA VAL A 548 -5.75 -21.52 -46.92
C VAL A 548 -5.40 -21.36 -48.38
N TRP A 549 -6.18 -21.95 -49.25
CA TRP A 549 -5.83 -21.93 -50.65
C TRP A 549 -5.92 -20.53 -51.23
N GLU A 550 -7.02 -19.85 -50.94
CA GLU A 550 -7.21 -18.49 -51.44
C GLU A 550 -7.85 -17.60 -50.40
N ASP A 551 -7.51 -16.32 -50.44
CA ASP A 551 -8.11 -15.38 -49.53
C ASP A 551 -9.61 -15.40 -49.64
N GLY A 552 -10.29 -15.39 -48.51
CA GLY A 552 -11.74 -15.36 -48.51
C GLY A 552 -12.35 -16.75 -48.37
N ASP A 553 -11.54 -17.80 -48.48
CA ASP A 553 -12.07 -19.14 -48.31
C ASP A 553 -12.84 -19.22 -47.00
N TYR A 554 -14.08 -19.69 -47.08
CA TYR A 554 -14.92 -19.86 -45.90
C TYR A 554 -15.05 -21.31 -45.53
N TYR A 555 -15.14 -21.57 -44.26
CA TYR A 555 -15.33 -22.91 -43.77
C TYR A 555 -16.47 -22.91 -42.75
N ARG A 556 -17.36 -23.90 -42.84
CA ARG A 556 -18.49 -23.96 -41.92
C ARG A 556 -18.88 -25.38 -41.54
N LYS A 557 -19.25 -25.57 -40.28
CA LYS A 557 -19.87 -26.84 -39.87
C LYS A 557 -20.91 -26.57 -38.79
N GLN A 558 -21.97 -27.36 -38.77
CA GLN A 558 -23.00 -27.19 -37.76
C GLN A 558 -22.53 -27.73 -36.43
N LEU A 559 -23.10 -27.21 -35.35
CA LEU A 559 -22.78 -27.67 -34.03
C LEU A 559 -23.81 -28.65 -33.49
N SER A 560 -23.34 -29.58 -32.66
CA SER A 560 -24.21 -30.52 -31.99
C SER A 560 -24.94 -29.81 -30.84
N PRO A 561 -26.06 -30.38 -30.34
CA PRO A 561 -26.83 -29.92 -29.20
C PRO A 561 -25.96 -29.63 -27.98
N LEU A 562 -24.88 -30.40 -27.80
CA LEU A 562 -23.99 -30.20 -26.66
C LEU A 562 -23.50 -28.76 -26.55
N GLU A 563 -23.24 -28.13 -27.69
CA GLU A 563 -22.67 -26.79 -27.70
C GLU A 563 -23.78 -25.73 -27.69
N GLY A 564 -25.03 -26.17 -27.68
CA GLY A 564 -26.16 -25.26 -27.77
C GLY A 564 -26.69 -25.18 -29.20
N GLY A 565 -25.99 -25.82 -30.12
CA GLY A 565 -26.38 -25.85 -31.52
C GLY A 565 -25.95 -24.58 -32.26
N GLY A 566 -26.46 -24.42 -33.48
CA GLY A 566 -26.02 -23.32 -34.33
C GLY A 566 -24.89 -23.78 -35.22
N TRP A 567 -24.06 -22.84 -35.66
CA TRP A 567 -22.98 -23.12 -36.60
C TRP A 567 -21.68 -22.47 -36.15
N LEU A 568 -20.56 -23.12 -36.44
CA LEU A 568 -19.27 -22.50 -36.18
C LEU A 568 -18.61 -22.19 -37.52
N VAL A 569 -18.29 -20.92 -37.74
CA VAL A 569 -17.83 -20.47 -39.03
C VAL A 569 -16.51 -19.69 -38.97
N ALA A 570 -15.69 -19.81 -40.00
CA ALA A 570 -14.41 -19.10 -40.03
C ALA A 570 -13.92 -18.85 -41.45
N SER A 571 -12.97 -17.91 -41.58
CA SER A 571 -12.36 -17.62 -42.88
C SER A 571 -10.94 -17.10 -42.71
N GLY A 572 -10.08 -17.40 -43.68
CA GLY A 572 -8.67 -16.99 -43.58
C GLY A 572 -8.09 -16.28 -44.81
N SER A 573 -6.77 -16.13 -44.80
CA SER A 573 -6.00 -15.47 -45.86
C SER A 573 -4.56 -15.97 -45.90
N THR A 574 -3.82 -15.57 -46.95
CA THR A 574 -2.44 -16.01 -47.11
C THR A 574 -1.45 -14.87 -47.27
N VAL A 575 -0.17 -15.18 -47.03
CA VAL A 575 0.94 -14.27 -47.27
C VAL A 575 2.06 -15.00 -48.03
N ALA A 576 2.62 -14.32 -49.03
CA ALA A 576 3.68 -14.92 -49.85
C ALA A 576 4.88 -15.32 -49.01
N MET A 577 5.49 -16.44 -49.36
CA MET A 577 6.68 -16.93 -48.68
C MET A 577 7.89 -16.10 -49.06
N THR A 578 8.75 -15.86 -48.08
CA THR A 578 9.97 -15.11 -48.29
C THR A 578 11.08 -15.99 -48.82
N GLU A 579 12.19 -15.38 -49.22
CA GLU A 579 13.30 -16.14 -49.80
C GLU A 579 13.79 -17.23 -48.85
N GLN A 580 13.83 -16.90 -47.57
CA GLN A 580 14.22 -17.85 -46.55
C GLN A 580 13.09 -18.07 -45.57
N LEU A 581 13.04 -19.25 -45.00
CA LEU A 581 12.03 -19.57 -44.00
C LEU A 581 12.13 -18.66 -42.79
N GLN A 582 10.99 -18.12 -42.36
CA GLN A 582 10.93 -17.28 -41.16
C GLN A 582 10.08 -18.00 -40.12
N MET A 583 10.53 -17.97 -38.88
CA MET A 583 9.90 -18.77 -37.83
C MET A 583 9.85 -18.05 -36.48
N GLY A 584 8.85 -18.36 -35.66
CA GLY A 584 8.73 -17.77 -34.33
C GLY A 584 8.67 -18.81 -33.22
N PHE A 585 9.12 -18.42 -32.03
CA PHE A 585 9.13 -19.32 -30.89
C PHE A 585 8.64 -18.62 -29.62
N GLY A 586 7.63 -19.18 -28.98
CA GLY A 586 7.14 -18.64 -27.72
C GLY A 586 7.71 -19.42 -26.54
N ILE A 587 8.06 -18.72 -25.47
CA ILE A 587 8.56 -19.38 -24.27
C ILE A 587 7.77 -18.98 -23.04
N THR A 588 7.31 -19.97 -22.28
CA THR A 588 6.63 -19.70 -21.01
C THR A 588 7.36 -20.37 -19.86
N VAL A 589 7.59 -19.61 -18.79
CA VAL A 589 8.33 -20.12 -17.64
C VAL A 589 7.45 -20.23 -16.40
N GLN A 590 7.38 -21.44 -15.84
CA GLN A 590 6.56 -21.70 -14.67
C GLN A 590 7.43 -21.98 -13.44
N TYR A 591 7.02 -21.41 -12.29
CA TYR A 591 7.75 -21.59 -11.04
C TYR A 591 6.87 -22.12 -9.91
N GLY A 592 7.45 -22.90 -9.00
CA GLY A 592 6.85 -23.20 -7.70
C GLY A 592 5.77 -24.28 -7.68
N THR A 593 5.46 -24.88 -8.82
CA THR A 593 4.39 -25.88 -8.86
C THR A 593 4.95 -27.29 -8.65
N ASP A 594 6.26 -27.38 -8.63
CA ASP A 594 6.98 -28.63 -8.47
C ASP A 594 8.43 -28.33 -8.18
N THR A 595 9.23 -29.35 -8.00
CA THR A 595 10.66 -29.15 -7.85
C THR A 595 11.22 -28.44 -9.08
N ASN A 596 11.97 -27.36 -8.86
CA ASN A 596 12.50 -26.63 -10.01
C ASN A 596 13.70 -27.35 -10.58
N SER A 597 13.42 -28.43 -11.31
CA SER A 597 14.47 -29.29 -11.87
C SER A 597 14.81 -28.96 -13.31
N VAL A 598 14.34 -27.82 -13.80
CA VAL A 598 14.74 -27.35 -15.12
C VAL A 598 15.77 -26.24 -14.93
N CYS A 599 17.04 -26.58 -15.12
CA CYS A 599 18.15 -25.72 -14.72
C CYS A 599 19.20 -25.63 -15.81
N PRO A 600 20.15 -24.69 -15.69
CA PRO A 600 21.38 -24.62 -16.44
C PRO A 600 22.27 -25.80 -16.10
N LYS A 601 23.47 -25.83 -16.66
CA LYS A 601 24.42 -26.91 -16.40
C LYS A 601 25.73 -26.37 -15.87
N LEU A 602 25.92 -26.51 -14.57
CA LEU A 602 27.13 -26.06 -13.88
C LEU A 602 27.82 -27.25 -13.25
N GLU A 603 29.14 -27.13 -13.06
CA GLU A 603 29.89 -28.17 -12.38
C GLU A 603 29.89 -27.90 -10.88
N PHE A 604 30.47 -28.81 -10.10
CA PHE A 604 30.40 -28.70 -8.66
C PHE A 604 31.71 -29.08 -7.98
N ALA A 605 31.72 -28.97 -6.66
CA ALA A 605 32.90 -29.27 -5.87
C ALA A 605 32.49 -29.96 -4.59
N ASN A 606 33.46 -30.38 -3.78
CA ASN A 606 33.18 -31.13 -2.56
C ASN A 606 32.92 -30.19 -1.38
N ASP A 607 33.09 -28.90 -1.59
CA ASP A 607 32.93 -27.94 -0.53
C ASP A 607 31.58 -27.24 -0.57
N THR A 608 30.68 -27.74 -1.42
CA THR A 608 29.35 -27.18 -1.58
C THR A 608 28.28 -28.20 -1.23
N LYS A 609 28.64 -29.16 -0.40
CA LYS A 609 27.75 -30.22 0.04
C LYS A 609 27.07 -29.84 1.35
N ILE A 610 25.93 -30.46 1.64
CA ILE A 610 25.32 -30.27 2.96
C ILE A 610 26.22 -30.88 4.02
N ALA A 611 26.68 -32.10 3.75
CA ALA A 611 27.57 -32.78 4.67
C ALA A 611 28.81 -31.95 4.90
N SER A 612 29.28 -31.94 6.14
CA SER A 612 30.48 -31.20 6.56
C SER A 612 30.27 -29.68 6.64
N GLN A 613 29.05 -29.21 6.35
CA GLN A 613 28.72 -27.80 6.54
C GLN A 613 27.74 -27.65 7.70
N LEU A 614 27.37 -28.78 8.28
CA LEU A 614 26.35 -28.79 9.31
C LEU A 614 26.75 -27.98 10.51
N GLY A 615 25.80 -27.24 11.05
CA GLY A 615 26.01 -26.42 12.23
C GLY A 615 26.45 -25.00 11.88
N ASN A 616 26.82 -24.76 10.63
CA ASN A 616 27.27 -23.44 10.23
C ASN A 616 26.22 -22.69 9.44
N CYS A 617 26.24 -21.36 9.57
CA CYS A 617 25.38 -20.52 8.77
C CYS A 617 25.89 -20.44 7.34
N VAL A 618 25.06 -20.88 6.40
CA VAL A 618 25.44 -20.89 5.00
C VAL A 618 24.33 -20.36 4.11
N GLU A 619 24.70 -19.97 2.90
CA GLU A 619 23.71 -19.71 1.86
C GLU A 619 23.48 -21.00 1.10
N TYR A 620 22.32 -21.15 0.50
CA TYR A 620 22.08 -22.38 -0.24
C TYR A 620 21.19 -22.21 -1.45
N SER A 621 21.25 -23.21 -2.32
CA SER A 621 20.35 -23.33 -3.46
C SER A 621 20.05 -24.80 -3.72
N LEU A 622 18.83 -25.22 -3.41
CA LEU A 622 18.44 -26.61 -3.53
C LEU A 622 17.38 -26.78 -4.60
N TYR A 623 17.74 -27.35 -5.73
CA TYR A 623 16.80 -27.49 -6.83
C TYR A 623 16.01 -26.22 -7.09
N GLY A 624 16.71 -25.10 -7.15
CA GLY A 624 16.09 -23.82 -7.47
C GLY A 624 15.57 -23.07 -6.25
N VAL A 625 15.54 -23.72 -5.10
CA VAL A 625 15.06 -23.09 -3.89
C VAL A 625 16.20 -22.46 -3.12
N SER A 626 16.27 -21.14 -3.13
CA SER A 626 17.36 -20.45 -2.49
C SER A 626 17.00 -20.01 -1.09
N GLY A 627 18.02 -19.72 -0.29
CA GLY A 627 17.79 -19.17 1.04
C GLY A 627 19.06 -19.17 1.86
N ARG A 628 18.91 -18.87 3.14
CA ARG A 628 20.01 -18.82 4.09
C ARG A 628 19.59 -19.48 5.39
N GLY A 629 20.50 -20.24 5.99
CA GLY A 629 20.21 -20.87 7.27
C GLY A 629 21.25 -21.87 7.70
N VAL A 630 20.94 -22.61 8.74
CA VAL A 630 21.82 -23.59 9.32
C VAL A 630 21.24 -24.99 9.17
N PHE A 631 22.00 -25.89 8.57
CA PHE A 631 21.55 -27.25 8.39
C PHE A 631 21.92 -28.10 9.59
N GLN A 632 21.02 -29.00 9.97
CA GLN A 632 21.26 -29.88 11.11
C GLN A 632 20.68 -31.27 10.88
N ASN A 633 21.45 -32.29 11.24
CA ASN A 633 20.98 -33.66 11.11
C ASN A 633 19.79 -33.93 12.03
N CYS A 634 18.73 -34.53 11.50
CA CYS A 634 17.56 -34.83 12.31
C CYS A 634 16.71 -35.95 11.69
N THR A 635 15.65 -36.36 12.39
CA THR A 635 14.80 -37.46 11.93
C THR A 635 13.77 -37.00 10.90
N ALA A 636 13.46 -37.89 9.95
CA ALA A 636 12.46 -37.61 8.92
C ALA A 636 11.12 -37.27 9.55
N VAL A 637 10.42 -36.29 8.95
CA VAL A 637 9.17 -35.84 9.52
C VAL A 637 7.98 -35.83 8.55
N GLY A 638 8.25 -35.88 7.24
CA GLY A 638 7.17 -35.76 6.25
C GLY A 638 7.10 -36.96 5.33
N VAL A 639 6.76 -36.71 4.07
CA VAL A 639 6.64 -37.78 3.08
C VAL A 639 7.81 -37.69 2.10
N ARG A 640 8.71 -38.66 2.19
CA ARG A 640 9.99 -38.65 1.47
C ARG A 640 9.83 -38.37 -0.03
N GLN A 641 8.74 -38.84 -0.62
CA GLN A 641 8.52 -38.69 -2.06
C GLN A 641 8.51 -37.23 -2.49
N GLN A 642 8.08 -36.36 -1.60
CA GLN A 642 7.97 -34.93 -1.90
C GLN A 642 8.94 -34.20 -0.96
N ARG A 643 10.12 -33.95 -1.49
CA ARG A 643 11.33 -33.68 -0.71
C ARG A 643 11.47 -32.32 0.05
N PHE A 644 10.60 -31.34 -0.22
CA PHE A 644 10.71 -30.06 0.51
C PHE A 644 9.66 -29.93 1.63
N VAL A 645 10.12 -29.72 2.87
CA VAL A 645 9.23 -29.61 4.03
C VAL A 645 9.11 -28.18 4.53
N TYR A 646 7.87 -27.69 4.58
CA TYR A 646 7.60 -26.33 4.99
C TYR A 646 6.80 -26.26 6.29
N ASP A 647 6.90 -25.12 6.97
CA ASP A 647 6.13 -24.86 8.18
C ASP A 647 4.77 -24.25 7.87
N ALA A 648 4.00 -23.97 8.91
CA ALA A 648 2.70 -23.31 8.78
C ALA A 648 2.84 -21.93 8.15
N TYR A 649 3.98 -21.28 8.41
CA TYR A 649 4.26 -19.95 7.91
C TYR A 649 4.84 -20.00 6.49
N GLN A 650 4.92 -21.21 5.94
CA GLN A 650 5.45 -21.44 4.60
C GLN A 650 6.95 -21.21 4.51
N ASN A 651 7.63 -21.26 5.64
CA ASN A 651 9.07 -21.21 5.68
C ASN A 651 9.63 -22.61 5.46
N LEU A 652 10.79 -22.71 4.83
CA LEU A 652 11.41 -24.02 4.63
C LEU A 652 12.05 -24.47 5.93
N VAL A 653 11.68 -25.66 6.39
CA VAL A 653 12.19 -26.15 7.68
C VAL A 653 12.85 -27.52 7.59
N GLY A 654 12.75 -28.18 6.44
CA GLY A 654 13.37 -29.48 6.29
C GLY A 654 13.57 -29.83 4.84
N TYR A 655 14.54 -30.70 4.59
CA TYR A 655 14.88 -31.10 3.24
C TYR A 655 15.39 -32.53 3.17
N TYR A 656 14.85 -33.29 2.21
CA TYR A 656 15.34 -34.64 1.96
C TYR A 656 16.44 -34.59 0.90
N SER A 657 17.65 -34.99 1.29
CA SER A 657 18.82 -34.88 0.44
C SER A 657 18.99 -36.07 -0.49
N ASP A 658 19.79 -35.88 -1.54
CA ASP A 658 20.10 -36.94 -2.50
C ASP A 658 20.83 -38.12 -1.87
N ASP A 659 21.47 -37.90 -0.73
CA ASP A 659 22.21 -38.98 -0.08
C ASP A 659 21.30 -39.83 0.80
N GLY A 660 20.01 -39.52 0.80
CA GLY A 660 19.03 -40.30 1.56
C GLY A 660 18.83 -39.75 2.97
N ASN A 661 19.65 -38.77 3.36
CA ASN A 661 19.55 -38.20 4.68
C ASN A 661 18.52 -37.08 4.73
N TYR A 662 17.96 -36.85 5.90
CA TYR A 662 17.05 -35.75 6.10
C TYR A 662 17.65 -34.72 7.02
N TYR A 663 17.58 -33.47 6.62
CA TYR A 663 18.13 -32.42 7.44
C TYR A 663 17.09 -31.38 7.80
N CYS A 664 17.25 -30.82 8.97
CA CYS A 664 16.42 -29.72 9.42
C CYS A 664 17.10 -28.43 9.08
N LEU A 665 16.32 -27.39 8.85
CA LEU A 665 16.88 -26.11 8.50
C LEU A 665 16.27 -24.99 9.32
N ARG A 666 17.13 -24.15 9.89
CA ARG A 666 16.65 -22.99 10.62
C ARG A 666 17.35 -21.75 10.15
N ALA A 667 16.67 -20.61 10.25
CA ALA A 667 17.28 -19.35 9.87
C ALA A 667 18.48 -19.07 10.74
N CYS A 668 19.49 -18.43 10.17
CA CYS A 668 20.65 -18.07 10.95
C CYS A 668 20.21 -17.14 12.05
N VAL A 669 20.55 -17.49 13.28
CA VAL A 669 20.07 -16.76 14.45
C VAL A 669 20.86 -15.48 14.69
N SER A 670 20.15 -14.36 14.79
CA SER A 670 20.78 -13.08 15.03
C SER A 670 20.97 -12.84 16.51
N VAL A 671 21.82 -11.89 16.89
CA VAL A 671 21.96 -11.54 18.30
C VAL A 671 21.46 -10.13 18.59
N PRO A 672 20.36 -9.99 19.36
CA PRO A 672 19.74 -8.74 19.74
C PRO A 672 20.61 -8.08 20.78
N VAL A 673 20.72 -6.76 20.70
CA VAL A 673 21.55 -6.01 21.63
C VAL A 673 20.88 -4.72 22.09
N SER A 674 21.20 -4.31 23.32
CA SER A 674 20.77 -3.03 23.85
C SER A 674 21.97 -2.31 24.44
N VAL A 675 21.91 -0.98 24.47
CA VAL A 675 23.02 -0.21 24.98
C VAL A 675 22.66 0.49 26.27
N ILE A 676 23.55 0.36 27.24
CA ILE A 676 23.41 1.01 28.52
C ILE A 676 24.15 2.32 28.44
N TYR A 677 23.43 3.43 28.46
CA TYR A 677 24.07 4.70 28.23
C TYR A 677 23.87 5.71 29.35
N ASP A 678 24.99 6.27 29.80
CA ASP A 678 24.99 7.24 30.88
C ASP A 678 25.51 8.59 30.41
N LYS A 679 24.61 9.56 30.31
CA LYS A 679 24.93 10.88 29.79
C LYS A 679 25.90 11.63 30.68
N GLU A 680 25.62 11.66 31.98
CA GLU A 680 26.36 12.51 32.90
C GLU A 680 27.85 12.20 32.96
N THR A 681 28.22 10.92 32.89
CA THR A 681 29.63 10.57 32.93
C THR A 681 30.17 10.19 31.55
N LYS A 682 29.35 10.38 30.51
CA LYS A 682 29.73 10.09 29.14
C LYS A 682 30.30 8.69 28.97
N THR A 683 29.58 7.68 29.45
CA THR A 683 30.05 6.30 29.33
C THR A 683 28.94 5.35 28.92
N HIS A 684 29.29 4.08 28.72
CA HIS A 684 28.29 3.10 28.30
C HIS A 684 28.76 1.67 28.49
N ALA A 685 27.82 0.74 28.32
CA ALA A 685 28.11 -0.69 28.32
C ALA A 685 27.16 -1.41 27.36
N THR A 686 27.57 -2.56 26.85
CA THR A 686 26.77 -3.28 25.88
C THR A 686 26.12 -4.53 26.48
N LEU A 687 24.80 -4.61 26.39
CA LEU A 687 24.08 -5.75 26.93
C LEU A 687 23.58 -6.65 25.80
N PHE A 688 24.12 -7.87 25.75
CA PHE A 688 23.87 -8.75 24.61
C PHE A 688 22.63 -9.59 24.75
N GLY A 689 21.49 -8.93 24.78
CA GLY A 689 20.21 -9.59 24.66
C GLY A 689 20.00 -10.70 25.69
N SER A 690 19.88 -11.91 25.20
CA SER A 690 19.62 -13.08 26.02
C SER A 690 20.67 -14.17 25.81
N VAL A 691 21.85 -13.76 25.35
CA VAL A 691 22.94 -14.67 25.04
C VAL A 691 23.59 -15.20 26.33
N ALA A 692 23.88 -16.52 26.35
CA ALA A 692 24.45 -17.19 27.54
C ALA A 692 25.93 -16.88 27.75
N CYS A 693 26.40 -15.84 27.09
CA CYS A 693 27.75 -15.31 27.21
C CYS A 693 28.79 -16.28 26.66
N GLU A 694 28.30 -17.30 25.95
CA GLU A 694 29.15 -18.26 25.26
C GLU A 694 29.64 -17.71 23.93
N HIS A 695 28.79 -16.95 23.25
CA HIS A 695 29.09 -16.47 21.91
C HIS A 695 29.66 -15.07 21.94
N ILE A 696 29.88 -14.54 23.12
CA ILE A 696 30.37 -13.17 23.23
C ILE A 696 31.86 -13.15 23.48
N SER A 697 32.62 -12.78 22.47
CA SER A 697 34.06 -12.66 22.59
C SER A 697 34.38 -11.32 23.16
N SER A 698 35.65 -11.11 23.46
CA SER A 698 36.09 -9.79 23.85
C SER A 698 36.12 -8.94 22.60
N THR A 699 36.28 -7.63 22.79
CA THR A 699 36.36 -6.71 21.65
C THR A 699 35.17 -6.89 20.70
N MET A 700 33.98 -7.01 21.26
CA MET A 700 32.76 -7.12 20.47
C MET A 700 31.93 -5.85 20.64
N SER A 701 32.63 -4.77 21.02
CA SER A 701 32.01 -3.47 21.21
C SER A 701 31.74 -2.80 19.88
N GLN A 702 32.20 -3.43 18.79
CA GLN A 702 32.00 -2.92 17.44
C GLN A 702 31.26 -3.94 16.61
N TYR A 703 30.56 -3.47 15.57
CA TYR A 703 29.77 -4.38 14.74
C TYR A 703 30.61 -5.21 13.78
N SER A 704 31.90 -4.88 13.68
CA SER A 704 32.83 -5.62 12.83
C SER A 704 32.31 -5.74 11.40
N ARG A 705 31.68 -4.68 10.91
CA ARG A 705 31.17 -4.64 9.56
C ARG A 705 32.23 -5.03 8.55
N TYR A 718 38.52 -5.53 31.02
CA TYR A 718 37.41 -6.36 31.46
C TYR A 718 36.72 -7.03 30.28
N GLY A 719 36.54 -8.35 30.38
CA GLY A 719 35.82 -9.07 29.35
C GLY A 719 34.34 -9.13 29.70
N PRO A 720 33.56 -9.89 28.94
CA PRO A 720 32.14 -10.12 29.12
C PRO A 720 31.89 -10.87 30.43
N LEU A 721 30.74 -10.63 31.07
CA LEU A 721 30.38 -11.40 32.25
C LEU A 721 28.91 -11.83 32.20
N GLN A 722 28.62 -12.99 32.80
CA GLN A 722 27.27 -13.55 32.81
C GLN A 722 26.35 -12.83 33.79
N THR A 723 25.18 -12.42 33.31
CA THR A 723 24.17 -11.82 34.18
C THR A 723 22.77 -12.43 33.94
N PRO A 724 21.85 -12.31 34.91
CA PRO A 724 20.44 -12.69 34.87
C PRO A 724 19.67 -12.08 33.71
N VAL A 725 20.21 -11.01 33.13
CA VAL A 725 19.53 -10.37 32.02
C VAL A 725 20.41 -10.35 30.77
N GLY A 726 21.14 -11.45 30.53
CA GLY A 726 21.94 -11.59 29.31
C GLY A 726 23.38 -11.16 29.54
N CYS A 727 24.30 -11.74 28.77
CA CYS A 727 25.73 -11.40 28.89
C CYS A 727 25.97 -9.92 28.68
N VAL A 728 26.76 -9.32 29.56
CA VAL A 728 27.03 -7.89 29.45
C VAL A 728 28.52 -7.60 29.39
N LEU A 729 28.89 -6.67 28.52
CA LEU A 729 30.27 -6.23 28.37
C LEU A 729 30.41 -4.75 28.68
N GLY A 730 31.27 -4.42 29.64
CA GLY A 730 31.49 -3.02 30.00
C GLY A 730 31.07 -2.70 31.44
N LEU A 731 30.56 -3.70 32.15
CA LEU A 731 30.21 -3.50 33.54
C LEU A 731 31.18 -4.23 34.44
N VAL A 732 31.34 -3.73 35.66
CA VAL A 732 32.21 -4.37 36.64
C VAL A 732 31.41 -4.78 37.87
N ASN A 733 31.45 -6.06 38.21
CA ASN A 733 30.74 -6.54 39.39
C ASN A 733 31.26 -5.87 40.64
N SER A 734 30.37 -5.20 41.37
CA SER A 734 30.78 -4.45 42.55
C SER A 734 30.20 -5.03 43.85
N SER A 735 29.32 -6.02 43.73
CA SER A 735 28.66 -6.61 44.90
C SER A 735 28.02 -5.55 45.82
N LEU A 736 27.38 -4.55 45.22
CA LEU A 736 26.72 -3.49 45.99
C LEU A 736 25.23 -3.59 45.94
N PHE A 737 24.58 -3.01 46.94
CA PHE A 737 23.14 -2.82 46.93
C PHE A 737 22.82 -1.35 46.93
N VAL A 738 21.86 -0.96 46.12
CA VAL A 738 21.49 0.44 46.00
C VAL A 738 19.99 0.64 46.23
N GLU A 739 19.63 1.76 46.81
CA GLU A 739 18.22 2.04 47.09
C GLU A 739 17.40 2.08 45.81
N ASP A 740 17.98 2.68 44.78
CA ASP A 740 17.35 2.79 43.47
C ASP A 740 18.39 3.17 42.43
N CYS A 741 17.95 3.35 41.20
CA CYS A 741 18.85 3.79 40.16
C CYS A 741 18.14 4.61 39.10
N LYS A 742 18.90 5.38 38.34
CA LYS A 742 18.33 6.19 37.28
C LYS A 742 18.02 5.35 36.05
N LEU A 743 18.71 4.23 35.90
CA LEU A 743 18.42 3.34 34.80
C LEU A 743 18.65 1.88 35.23
N PRO A 744 17.62 1.03 35.12
CA PRO A 744 17.62 -0.37 35.44
C PRO A 744 18.18 -1.18 34.31
N LEU A 745 18.76 -2.31 34.63
CA LEU A 745 19.10 -3.30 33.62
C LEU A 745 17.91 -4.21 33.36
N GLY A 746 17.20 -4.53 34.44
CA GLY A 746 16.07 -5.45 34.40
C GLY A 746 16.02 -6.24 35.69
N GLN A 747 14.91 -6.94 35.94
CA GLN A 747 14.78 -7.70 37.17
C GLN A 747 15.10 -6.80 38.36
N SER A 748 16.12 -7.16 39.13
CA SER A 748 16.51 -6.38 40.29
C SER A 748 17.92 -5.84 40.14
N LEU A 749 18.35 -5.62 38.90
CA LEU A 749 19.69 -5.12 38.61
C LEU A 749 19.70 -3.71 38.03
N CYS A 750 20.75 -2.95 38.38
CA CYS A 750 21.02 -1.63 37.83
C CYS A 750 22.50 -1.46 37.50
N ALA A 751 22.83 -0.43 36.72
CA ALA A 751 24.22 -0.09 36.48
C ALA A 751 24.54 1.27 37.10
N LEU A 752 25.64 1.34 37.83
CA LEU A 752 26.02 2.56 38.53
C LEU A 752 27.41 3.04 38.10
N PRO A 753 27.54 4.26 37.57
CA PRO A 753 28.76 4.85 37.05
C PRO A 753 29.71 5.26 38.15
N ASP A 754 30.98 5.41 37.82
CA ASP A 754 31.96 5.99 38.72
C ASP A 754 31.88 7.51 38.66
N THR A 755 31.58 8.12 39.79
CA THR A 755 31.41 9.56 39.84
C THR A 755 32.45 10.17 40.78
N PRO A 756 32.75 11.46 40.64
CA PRO A 756 33.58 12.24 41.54
C PRO A 756 33.17 12.04 42.98
N PRO A 768 36.35 8.92 34.46
CA PRO A 768 35.45 7.92 35.03
C PRO A 768 35.77 6.53 34.54
N GLY A 769 35.69 5.55 35.44
CA GLY A 769 35.94 4.16 35.11
C GLY A 769 34.70 3.50 34.53
N GLU A 770 34.75 2.19 34.39
CA GLU A 770 33.65 1.44 33.83
C GLU A 770 32.50 1.33 34.82
N MET A 771 31.27 1.28 34.32
CA MET A 771 30.10 1.24 35.18
C MET A 771 30.08 -0.02 36.02
N ARG A 772 29.60 0.11 37.24
CA ARG A 772 29.48 -0.99 38.17
C ARG A 772 28.14 -1.70 38.07
N LEU A 773 28.17 -3.01 38.28
CA LEU A 773 26.94 -3.79 38.34
C LEU A 773 26.47 -3.92 39.78
N ALA A 774 25.21 -3.56 40.05
CA ALA A 774 24.67 -3.55 41.41
C ALA A 774 23.22 -4.02 41.45
N SER A 775 22.81 -4.49 42.62
CA SER A 775 21.43 -4.95 42.83
C SER A 775 20.63 -3.93 43.63
N ILE A 776 19.32 -3.90 43.43
CA ILE A 776 18.48 -2.96 44.17
C ILE A 776 18.08 -3.54 45.53
N ALA A 777 18.16 -2.70 46.54
CA ALA A 777 17.89 -3.08 47.92
C ALA A 777 16.39 -3.15 48.21
N PHE A 778 16.03 -3.94 49.22
CA PHE A 778 14.67 -3.98 49.72
C PHE A 778 14.65 -3.51 51.17
N ASN A 779 13.93 -2.44 51.43
CA ASN A 779 13.88 -1.90 52.77
C ASN A 779 12.76 -2.53 53.58
N HIS A 780 13.14 -3.26 54.61
CA HIS A 780 12.17 -3.95 55.43
C HIS A 780 11.47 -2.96 56.36
N PRO A 781 10.20 -3.19 56.69
CA PRO A 781 9.39 -2.44 57.62
C PRO A 781 9.84 -2.70 59.04
N ILE A 782 9.47 -1.82 59.94
CA ILE A 782 9.75 -2.06 61.35
C ILE A 782 8.94 -3.24 61.82
N GLN A 783 9.62 -4.29 62.29
CA GLN A 783 8.93 -5.50 62.71
C GLN A 783 8.58 -5.46 64.18
N VAL A 784 7.28 -5.60 64.48
CA VAL A 784 6.82 -5.57 65.87
C VAL A 784 6.18 -6.90 66.26
N ASP A 785 6.77 -7.55 67.24
CA ASP A 785 6.31 -8.85 67.70
C ASP A 785 5.06 -8.76 68.58
N GLN A 786 4.33 -9.88 68.66
CA GLN A 786 3.15 -9.95 69.52
C GLN A 786 3.52 -10.49 70.89
N LEU A 787 2.75 -10.11 71.91
CA LEU A 787 2.98 -10.61 73.26
C LEU A 787 2.15 -11.83 73.55
N ASN A 788 2.74 -12.74 74.30
CA ASN A 788 2.05 -13.95 74.75
C ASN A 788 1.25 -13.68 76.01
N SER A 789 0.28 -12.78 75.90
CA SER A 789 -0.49 -12.34 77.06
C SER A 789 -1.77 -11.63 76.66
N SER A 790 -2.31 -10.86 77.61
CA SER A 790 -3.52 -10.07 77.40
C SER A 790 -3.17 -8.62 77.05
N TYR A 791 -1.92 -8.39 76.70
CA TYR A 791 -1.43 -7.07 76.31
C TYR A 791 -0.96 -7.09 74.88
N PHE A 792 -0.58 -5.93 74.36
CA PHE A 792 0.05 -5.88 73.05
C PHE A 792 1.07 -4.76 72.99
N LYS A 793 1.96 -4.85 72.01
CA LYS A 793 2.97 -3.82 71.81
C LYS A 793 2.52 -2.76 70.83
N LEU A 794 2.66 -1.52 71.25
CA LEU A 794 2.30 -0.38 70.44
C LEU A 794 3.53 0.36 69.95
N SER A 795 3.62 0.56 68.64
CA SER A 795 4.69 1.36 68.06
C SER A 795 4.18 2.77 67.80
N ILE A 796 4.75 3.74 68.49
CA ILE A 796 4.26 5.11 68.42
C ILE A 796 5.45 6.10 68.30
N PRO A 797 5.39 7.08 67.37
CA PRO A 797 6.41 8.10 67.13
C PRO A 797 6.56 9.05 68.30
N THR A 798 7.76 9.61 68.46
CA THR A 798 8.00 10.59 69.51
C THR A 798 8.64 11.81 68.91
N ASN A 799 8.24 12.10 67.69
CA ASN A 799 8.74 13.22 66.90
C ASN A 799 7.87 13.40 65.67
N PHE A 800 8.01 14.49 64.97
CA PHE A 800 7.28 14.65 63.71
C PHE A 800 7.87 15.69 62.81
N SER A 801 7.47 15.64 61.55
CA SER A 801 7.84 16.65 60.58
C SER A 801 6.77 16.84 59.53
N PHE A 802 6.89 17.90 58.76
CA PHE A 802 5.98 18.14 57.64
C PHE A 802 6.73 18.09 56.34
N GLY A 803 6.03 17.78 55.28
CA GLY A 803 6.61 17.79 53.94
C GLY A 803 5.53 17.93 52.90
N VAL A 804 5.92 18.16 51.66
CA VAL A 804 4.94 18.37 50.61
C VAL A 804 5.05 17.37 49.48
N THR A 805 3.96 16.67 49.21
CA THR A 805 3.90 15.77 48.07
C THR A 805 3.44 16.57 46.88
N GLN A 806 4.16 16.47 45.78
CA GLN A 806 3.83 17.24 44.60
C GLN A 806 3.33 16.35 43.48
N GLU A 807 2.35 16.84 42.74
CA GLU A 807 1.87 16.11 41.58
C GLU A 807 1.24 17.04 40.56
N TYR A 808 1.22 16.59 39.32
CA TYR A 808 0.64 17.34 38.22
C TYR A 808 -0.39 16.54 37.46
N ILE A 809 -1.55 17.16 37.22
CA ILE A 809 -2.58 16.54 36.42
C ILE A 809 -2.83 17.34 35.17
N GLN A 810 -2.64 16.69 34.02
CA GLN A 810 -2.91 17.34 32.75
C GLN A 810 -4.39 17.30 32.49
N THR A 811 -4.98 18.44 32.16
CA THR A 811 -6.42 18.46 31.94
C THR A 811 -6.77 18.80 30.50
N THR A 812 -5.84 19.41 29.78
CA THR A 812 -6.09 19.79 28.39
C THR A 812 -4.95 19.44 27.46
N ILE A 813 -5.25 19.47 26.17
CA ILE A 813 -4.23 19.39 25.13
C ILE A 813 -4.38 20.60 24.23
N GLN A 814 -3.40 20.84 23.37
CA GLN A 814 -3.49 22.01 22.51
C GLN A 814 -4.46 21.75 21.37
N LYS A 815 -5.33 22.72 21.12
CA LYS A 815 -6.31 22.60 20.06
C LYS A 815 -5.72 23.03 18.72
N VAL A 816 -5.75 22.12 17.76
CA VAL A 816 -5.19 22.38 16.43
C VAL A 816 -6.10 21.91 15.32
N THR A 817 -6.17 22.71 14.25
CA THR A 817 -6.92 22.34 13.05
C THR A 817 -5.99 22.34 11.86
N VAL A 818 -6.43 21.77 10.75
CA VAL A 818 -5.60 21.74 9.56
C VAL A 818 -6.36 22.23 8.34
N ASP A 819 -5.61 22.64 7.31
CA ASP A 819 -6.21 23.00 6.03
C ASP A 819 -5.91 21.88 5.05
N CYS A 820 -6.87 20.98 4.88
CA CYS A 820 -6.67 19.74 4.14
C CYS A 820 -6.20 20.00 2.71
N LYS A 821 -6.88 20.86 1.99
CA LYS A 821 -6.57 21.05 0.59
C LYS A 821 -5.15 21.58 0.40
N GLN A 822 -4.74 22.49 1.27
CA GLN A 822 -3.41 23.04 1.14
C GLN A 822 -2.38 21.99 1.45
N TYR A 823 -2.59 21.21 2.50
CA TYR A 823 -1.64 20.19 2.89
C TYR A 823 -1.37 19.21 1.76
N VAL A 824 -2.43 18.75 1.11
CA VAL A 824 -2.31 17.72 0.09
C VAL A 824 -1.91 18.28 -1.28
N CYS A 825 -2.58 19.33 -1.75
CA CYS A 825 -2.39 19.80 -3.12
C CYS A 825 -1.63 21.11 -3.22
N ASN A 826 -1.64 21.91 -2.17
CA ASN A 826 -0.93 23.18 -2.18
C ASN A 826 -1.27 24.05 -3.39
N GLY A 827 -2.55 24.11 -3.75
CA GLY A 827 -3.00 25.00 -4.82
C GLY A 827 -2.85 24.44 -6.25
N PHE A 828 -2.33 23.22 -6.39
CA PHE A 828 -2.17 22.66 -7.73
C PHE A 828 -3.46 22.01 -8.23
N GLN A 829 -3.92 22.49 -9.38
CA GLN A 829 -5.19 22.04 -9.94
C GLN A 829 -5.21 20.56 -10.27
N LYS A 830 -4.10 20.02 -10.79
CA LYS A 830 -4.05 18.61 -11.14
C LYS A 830 -4.24 17.73 -9.92
N CYS A 831 -3.63 18.11 -8.82
CA CYS A 831 -3.79 17.37 -7.60
C CYS A 831 -5.22 17.37 -7.16
N GLU A 832 -5.84 18.55 -7.16
CA GLU A 832 -7.22 18.65 -6.70
C GLU A 832 -8.13 17.80 -7.56
N GLN A 833 -7.87 17.79 -8.87
CA GLN A 833 -8.68 16.99 -9.78
C GLN A 833 -8.74 15.54 -9.33
N LEU A 834 -7.61 15.03 -8.85
CA LEU A 834 -7.56 13.66 -8.37
C LEU A 834 -8.04 13.56 -6.92
N LEU A 835 -7.67 14.52 -6.09
CA LEU A 835 -8.03 14.45 -4.68
C LEU A 835 -9.53 14.35 -4.49
N ARG A 836 -10.28 15.06 -5.32
CA ARG A 836 -11.73 15.10 -5.20
C ARG A 836 -12.40 13.74 -5.32
N GLU A 837 -11.77 12.79 -6.01
CA GLU A 837 -12.42 11.51 -6.22
C GLU A 837 -12.33 10.59 -5.01
N TYR A 838 -11.50 10.93 -4.03
CA TYR A 838 -11.36 10.06 -2.86
C TYR A 838 -12.45 10.34 -1.84
N GLY A 839 -13.68 10.10 -2.23
CA GLY A 839 -14.83 10.30 -1.35
C GLY A 839 -14.92 11.74 -0.84
N GLN A 840 -14.96 11.87 0.48
CA GLN A 840 -15.08 13.16 1.15
C GLN A 840 -13.98 13.30 2.19
N PHE A 841 -12.76 13.03 1.78
CA PHE A 841 -11.62 12.96 2.67
C PHE A 841 -11.46 14.21 3.54
N CYS A 842 -11.39 15.37 2.90
CA CYS A 842 -11.14 16.60 3.63
C CYS A 842 -12.26 16.95 4.59
N SER A 843 -13.50 16.70 4.16
CA SER A 843 -14.65 17.01 4.98
C SER A 843 -14.60 16.23 6.29
N LYS A 844 -14.32 14.94 6.20
CA LYS A 844 -14.29 14.09 7.39
C LYS A 844 -13.21 14.53 8.38
N ILE A 845 -12.04 14.92 7.89
CA ILE A 845 -10.99 15.39 8.77
C ILE A 845 -11.40 16.63 9.52
N ASN A 846 -11.96 17.59 8.80
CA ASN A 846 -12.34 18.84 9.44
C ASN A 846 -13.35 18.59 10.54
N GLN A 847 -14.30 17.69 10.29
CA GLN A 847 -15.33 17.39 11.25
C GLN A 847 -14.77 16.68 12.48
N ALA A 848 -13.88 15.71 12.26
CA ALA A 848 -13.30 14.96 13.35
C ALA A 848 -12.54 15.87 14.31
N LEU A 849 -11.75 16.79 13.76
CA LEU A 849 -10.98 17.69 14.60
C LEU A 849 -11.88 18.69 15.30
N HIS A 850 -12.91 19.17 14.60
CA HIS A 850 -13.84 20.12 15.21
C HIS A 850 -14.46 19.51 16.45
N GLY A 851 -14.91 18.26 16.32
CA GLY A 851 -15.50 17.55 17.44
C GLY A 851 -14.56 17.51 18.64
N ALA A 852 -13.31 17.11 18.40
CA ALA A 852 -12.33 17.00 19.47
C ALA A 852 -12.11 18.34 20.16
N ASN A 853 -12.09 19.42 19.39
CA ASN A 853 -11.87 20.74 19.95
C ASN A 853 -13.02 21.14 20.88
N LEU A 854 -14.24 20.81 20.49
CA LEU A 854 -15.40 21.13 21.31
C LEU A 854 -15.34 20.38 22.64
N ARG A 855 -14.88 19.14 22.58
CA ARG A 855 -14.76 18.32 23.79
C ARG A 855 -13.83 18.98 24.79
N GLN A 856 -12.72 19.54 24.31
CA GLN A 856 -11.75 20.18 25.18
C GLN A 856 -12.34 21.39 25.90
N ASP A 857 -13.12 22.18 25.18
CA ASP A 857 -13.76 23.34 25.80
C ASP A 857 -14.74 22.92 26.88
N ASP A 858 -15.46 21.84 26.63
CA ASP A 858 -16.45 21.36 27.59
C ASP A 858 -15.77 20.93 28.88
N SER A 859 -14.62 20.24 28.75
CA SER A 859 -13.88 19.80 29.91
C SER A 859 -13.45 20.97 30.79
N VAL A 860 -12.93 22.01 30.16
CA VAL A 860 -12.46 23.18 30.89
C VAL A 860 -13.59 23.84 31.65
N ARG A 861 -14.74 24.01 31.00
CA ARG A 861 -15.89 24.63 31.66
C ARG A 861 -16.30 23.86 32.90
N ASN A 862 -16.41 22.54 32.77
CA ASN A 862 -16.88 21.72 33.88
C ASN A 862 -15.91 21.72 35.06
N LEU A 863 -14.61 21.71 34.76
CA LEU A 863 -13.63 21.71 35.83
C LEU A 863 -13.70 22.99 36.63
N PHE A 864 -13.69 24.12 35.94
CA PHE A 864 -13.67 25.40 36.64
C PHE A 864 -14.98 25.68 37.35
N ALA A 865 -16.08 25.23 36.78
CA ALA A 865 -17.37 25.40 37.42
C ALA A 865 -17.38 24.71 38.78
N SER A 866 -16.70 23.56 38.86
CA SER A 866 -16.62 22.80 40.10
C SER A 866 -15.64 23.41 41.10
N VAL A 867 -14.52 23.93 40.59
CA VAL A 867 -13.52 24.57 41.44
C VAL A 867 -14.08 25.79 42.15
N LYS A 868 -14.83 26.60 41.42
CA LYS A 868 -15.37 27.83 41.97
C LYS A 868 -16.09 27.62 43.29
N SER A 869 -15.69 28.40 44.30
CA SER A 869 -16.31 28.34 45.62
C SER A 869 -17.60 29.14 45.64
N SER A 870 -18.42 28.95 46.66
CA SER A 870 -19.64 29.74 46.81
C SER A 870 -19.43 30.87 47.80
N GLN A 871 -18.60 30.62 48.80
CA GLN A 871 -18.27 31.59 49.81
C GLN A 871 -16.78 31.50 50.11
N SER A 872 -16.17 32.62 50.47
CA SER A 872 -14.75 32.64 50.78
C SER A 872 -14.37 33.85 51.60
N SER A 873 -13.13 33.89 52.07
CA SER A 873 -12.61 35.09 52.71
C SER A 873 -11.75 35.81 51.68
N PRO A 874 -11.55 37.12 51.84
CA PRO A 874 -10.60 37.91 51.08
C PRO A 874 -9.19 37.53 51.51
N ILE A 875 -8.24 37.64 50.59
CA ILE A 875 -6.85 37.38 50.94
C ILE A 875 -6.06 38.67 50.97
N ILE A 876 -5.52 38.95 52.14
CA ILE A 876 -4.75 40.16 52.34
C ILE A 876 -3.39 39.78 52.94
N PRO A 877 -2.37 40.62 52.85
CA PRO A 877 -1.09 40.44 53.46
C PRO A 877 -1.29 40.15 54.93
N GLY A 878 -0.62 39.10 55.42
CA GLY A 878 -0.79 38.67 56.80
C GLY A 878 -1.53 37.34 56.84
N PHE A 879 -2.24 37.05 55.75
CA PHE A 879 -2.98 35.80 55.64
C PHE A 879 -2.05 34.63 55.92
N GLY A 880 -2.49 33.73 56.80
CA GLY A 880 -1.70 32.58 57.21
C GLY A 880 -1.27 32.71 58.67
N GLY A 881 -1.22 33.94 59.18
CA GLY A 881 -0.83 34.17 60.56
C GLY A 881 0.63 33.76 60.78
N ASP A 882 0.83 32.80 61.68
CA ASP A 882 2.18 32.32 61.98
C ASP A 882 2.68 31.34 60.94
N PHE A 883 1.79 30.97 60.03
CA PHE A 883 2.11 30.03 58.98
C PHE A 883 2.42 30.78 57.70
N ASN A 884 3.65 30.68 57.25
CA ASN A 884 4.16 31.45 56.12
C ASN A 884 3.84 30.76 54.81
N LEU A 885 2.83 31.25 54.13
CA LEU A 885 2.43 30.71 52.85
C LEU A 885 2.40 31.82 51.82
N THR A 886 3.24 32.84 52.02
CA THR A 886 3.27 34.00 51.14
C THR A 886 3.68 33.61 49.72
N LEU A 887 4.38 32.49 49.57
CA LEU A 887 4.76 32.01 48.25
C LEU A 887 3.51 31.60 47.46
N LEU A 888 2.41 31.36 48.17
CA LEU A 888 1.16 30.95 47.56
C LEU A 888 0.33 32.18 47.25
N GLU A 889 0.37 33.15 48.17
CA GLU A 889 -0.36 34.39 48.02
C GLU A 889 -0.08 35.02 46.63
N PRO A 890 -1.11 35.49 45.91
CA PRO A 890 -1.04 36.11 44.59
C PRO A 890 -0.24 37.39 44.64
N VAL A 891 0.49 37.68 43.58
CA VAL A 891 1.29 38.90 43.50
C VAL A 891 0.58 39.96 42.68
N SER A 892 0.21 41.06 43.34
CA SER A 892 -0.51 42.13 42.70
C SER A 892 -0.01 42.38 41.29
N ALA A 900 -1.65 38.43 38.18
CA ALA A 900 -2.28 38.19 39.47
C ALA A 900 -2.11 36.75 39.88
N ARG A 901 -1.03 36.14 39.43
CA ARG A 901 -0.75 34.75 39.74
C ARG A 901 0.03 34.60 41.04
N SER A 902 -0.06 33.42 41.63
CA SER A 902 0.71 33.05 42.81
C SER A 902 2.20 33.11 42.55
N ALA A 903 2.97 33.58 43.52
CA ALA A 903 4.42 33.67 43.32
C ALA A 903 5.03 32.32 42.91
N ILE A 904 4.60 31.24 43.56
CA ILE A 904 5.11 29.92 43.22
C ILE A 904 4.63 29.50 41.83
N GLU A 905 3.45 29.97 41.44
CA GLU A 905 2.94 29.66 40.11
C GLU A 905 3.81 30.29 39.04
N ASP A 906 4.18 31.56 39.22
CA ASP A 906 5.08 32.21 38.28
C ASP A 906 6.36 31.40 38.15
N LEU A 907 6.91 30.98 39.29
CA LEU A 907 8.13 30.20 39.30
C LEU A 907 8.00 28.97 38.41
N LEU A 908 6.92 28.22 38.59
CA LEU A 908 6.70 27.02 37.79
C LEU A 908 6.69 27.35 36.30
N PHE A 909 5.90 28.35 35.92
CA PHE A 909 5.78 28.72 34.52
C PHE A 909 7.10 29.21 33.93
N ASP A 910 7.85 29.98 34.70
CA ASP A 910 9.13 30.51 34.24
C ASP A 910 10.15 29.41 33.96
N LYS A 911 10.13 28.34 34.77
CA LYS A 911 11.12 27.28 34.65
C LYS A 911 10.80 26.28 33.55
N VAL A 912 9.53 26.11 33.22
CA VAL A 912 9.15 25.18 32.15
C VAL A 912 9.47 25.77 30.79
N THR A 913 10.14 24.99 29.95
CA THR A 913 10.47 25.44 28.61
C THR A 913 9.31 25.19 27.67
N ILE A 914 8.84 26.23 27.02
CA ILE A 914 7.70 26.11 26.15
C ILE A 914 7.71 27.17 25.06
N ALA A 915 7.31 26.79 23.86
CA ALA A 915 7.19 27.73 22.76
C ALA A 915 6.11 28.76 23.07
N ASP A 916 6.32 30.00 22.66
CA ASP A 916 5.34 31.05 22.90
C ASP A 916 4.51 31.31 21.62
N PRO A 917 3.27 30.80 21.53
CA PRO A 917 2.42 30.82 20.36
C PRO A 917 2.03 32.24 20.01
N GLY A 918 1.84 32.50 18.73
CA GLY A 918 1.47 33.82 18.26
C GLY A 918 0.18 34.34 18.89
N TYR A 919 -0.95 33.83 18.41
CA TYR A 919 -2.27 34.33 18.79
C TYR A 919 -2.45 35.75 18.28
N MET A 920 -2.76 36.68 19.17
CA MET A 920 -2.94 38.05 18.75
C MET A 920 -1.66 38.60 18.15
N GLN A 921 -1.76 39.15 16.93
CA GLN A 921 -0.61 39.72 16.23
C GLN A 921 0.55 38.73 16.19
N GLY A 922 0.25 37.51 15.75
CA GLY A 922 1.27 36.46 15.67
C GLY A 922 1.77 36.27 14.25
N TYR A 923 0.98 36.69 13.28
CA TYR A 923 1.29 36.52 11.86
C TYR A 923 2.63 37.16 11.51
N ASP A 924 2.80 38.41 11.92
CA ASP A 924 3.97 39.21 11.58
C ASP A 924 5.26 38.55 12.02
N ASP A 925 5.22 37.85 13.14
CA ASP A 925 6.42 37.28 13.73
C ASP A 925 7.16 36.31 12.82
N CYS A 926 6.45 35.73 11.85
CA CYS A 926 7.10 34.78 10.96
C CYS A 926 7.17 35.29 9.52
N MET A 927 6.86 36.58 9.32
CA MET A 927 6.91 37.16 7.99
C MET A 927 7.73 38.45 7.92
N GLN A 928 7.67 39.24 8.99
CA GLN A 928 8.27 40.58 8.99
C GLN A 928 9.32 40.78 10.07
N GLN A 929 9.19 40.05 11.18
CA GLN A 929 10.07 40.30 12.32
C GLN A 929 11.37 39.50 12.27
N GLY A 930 11.57 38.76 11.19
CA GLY A 930 12.78 37.98 11.03
C GLY A 930 12.48 36.58 10.51
N PRO A 931 13.53 35.78 10.25
CA PRO A 931 13.49 34.41 9.77
C PRO A 931 13.00 33.49 10.86
N ALA A 932 12.39 32.38 10.46
CA ALA A 932 11.98 31.36 11.42
C ALA A 932 13.20 30.62 11.95
N SER A 933 13.12 30.18 13.20
CA SER A 933 14.17 29.36 13.78
C SER A 933 14.10 27.93 13.25
N ALA A 934 15.17 27.17 13.46
CA ALA A 934 15.14 25.78 13.04
C ALA A 934 14.00 25.05 13.74
N ARG A 935 13.26 24.24 12.98
CA ARG A 935 12.16 23.45 13.52
C ARG A 935 11.17 24.31 14.31
N ASP A 936 10.86 25.48 13.77
CA ASP A 936 9.90 26.39 14.39
C ASP A 936 8.48 25.97 14.06
N LEU A 937 7.79 25.42 15.04
CA LEU A 937 6.47 24.85 14.83
C LEU A 937 5.37 25.90 14.95
N ILE A 938 5.77 27.15 15.10
CA ILE A 938 4.82 28.23 15.07
C ILE A 938 4.78 28.78 13.67
N CYS A 939 5.95 29.05 13.12
CA CYS A 939 6.04 29.58 11.76
C CYS A 939 5.57 28.57 10.74
N ALA A 940 5.77 27.29 11.03
CA ALA A 940 5.35 26.22 10.13
C ALA A 940 3.85 26.30 9.84
N GLN A 941 3.09 26.85 10.77
CA GLN A 941 1.64 26.89 10.63
C GLN A 941 1.20 27.61 9.37
N TYR A 942 1.91 28.66 9.00
CA TYR A 942 1.46 29.51 7.91
C TYR A 942 1.94 29.00 6.57
N VAL A 943 2.71 27.91 6.59
CA VAL A 943 3.25 27.34 5.37
C VAL A 943 2.76 25.91 5.18
N ALA A 944 2.94 25.08 6.21
CA ALA A 944 2.55 23.68 6.16
C ALA A 944 1.05 23.53 5.96
N GLY A 945 0.27 24.46 6.52
CA GLY A 945 -1.17 24.41 6.38
C GLY A 945 -1.90 23.92 7.63
N TYR A 946 -1.57 24.49 8.79
CA TYR A 946 -2.28 24.14 10.02
C TYR A 946 -2.30 25.32 10.97
N LYS A 947 -3.14 25.26 11.99
CA LYS A 947 -3.27 26.38 12.91
C LYS A 947 -3.54 25.97 14.34
N VAL A 948 -2.79 26.57 15.27
CA VAL A 948 -3.03 26.39 16.69
C VAL A 948 -4.05 27.41 17.21
N LEU A 949 -5.03 26.91 17.95
CA LEU A 949 -6.10 27.74 18.45
C LEU A 949 -5.82 28.21 19.89
N PRO A 950 -6.39 29.36 20.29
CA PRO A 950 -6.34 29.93 21.63
C PRO A 950 -7.15 29.08 22.62
N PRO A 951 -6.81 29.16 23.91
CA PRO A 951 -7.45 28.51 25.03
C PRO A 951 -8.83 29.09 25.28
N LEU A 952 -9.69 28.30 25.93
CA LEU A 952 -11.05 28.74 26.25
C LEU A 952 -11.08 29.96 27.15
N MET A 953 -10.19 30.00 28.13
CA MET A 953 -10.19 31.08 29.12
C MET A 953 -8.86 31.80 29.18
N ASP A 954 -8.89 33.06 29.57
CA ASP A 954 -7.69 33.84 29.81
C ASP A 954 -7.01 33.39 31.10
N VAL A 955 -5.71 33.63 31.19
CA VAL A 955 -4.93 33.28 32.38
C VAL A 955 -5.42 34.02 33.60
N ASN A 956 -6.00 35.20 33.39
CA ASN A 956 -6.51 35.99 34.49
C ASN A 956 -7.69 35.32 35.16
N MET A 957 -8.45 34.52 34.41
CA MET A 957 -9.56 33.80 35.00
C MET A 957 -9.04 32.63 35.78
N GLU A 958 -8.03 31.96 35.23
CA GLU A 958 -7.45 30.83 35.92
C GLU A 958 -6.92 31.28 37.27
N ALA A 959 -6.31 32.46 37.30
CA ALA A 959 -5.82 33.04 38.53
C ALA A 959 -6.97 33.35 39.47
N ALA A 960 -8.05 33.92 38.94
CA ALA A 960 -9.21 34.28 39.74
C ALA A 960 -9.85 33.06 40.39
N TYR A 961 -9.93 31.96 39.64
CA TYR A 961 -10.49 30.73 40.19
C TYR A 961 -9.59 30.17 41.27
N THR A 962 -8.29 30.20 41.02
CA THR A 962 -7.30 29.68 41.96
C THR A 962 -7.32 30.48 43.26
N SER A 963 -7.37 31.80 43.13
CA SER A 963 -7.38 32.67 44.29
C SER A 963 -8.64 32.46 45.11
N SER A 964 -9.78 32.31 44.42
CA SER A 964 -11.04 32.08 45.09
C SER A 964 -10.99 30.79 45.90
N LEU A 965 -10.39 29.76 45.32
CA LEU A 965 -10.24 28.47 45.99
C LEU A 965 -9.40 28.61 47.26
N LEU A 966 -8.25 29.28 47.16
CA LEU A 966 -7.37 29.43 48.31
C LEU A 966 -8.07 30.14 49.46
N GLY A 967 -8.83 31.17 49.14
CA GLY A 967 -9.47 31.99 50.16
C GLY A 967 -10.59 31.27 50.92
N SER A 968 -10.98 30.08 50.47
CA SER A 968 -12.05 29.35 51.14
C SER A 968 -11.53 28.16 51.94
N ILE A 969 -10.22 27.97 51.98
CA ILE A 969 -9.68 26.78 52.62
C ILE A 969 -9.88 26.77 54.13
N ALA A 970 -9.38 27.78 54.82
CA ALA A 970 -9.43 27.79 56.27
C ALA A 970 -10.86 27.77 56.79
N GLY A 971 -11.74 28.47 56.09
CA GLY A 971 -13.12 28.64 56.53
C GLY A 971 -14.10 27.71 55.83
N VAL A 972 -13.60 26.67 55.15
CA VAL A 972 -14.48 25.82 54.37
C VAL A 972 -15.61 25.25 55.23
N GLY A 973 -15.35 25.04 56.52
CA GLY A 973 -16.38 24.58 57.42
C GLY A 973 -16.03 23.26 58.07
N TRP A 974 -16.28 23.19 59.37
CA TRP A 974 -16.04 21.98 60.14
C TRP A 974 -17.11 20.95 59.82
N THR A 975 -18.33 21.44 59.57
CA THR A 975 -19.45 20.61 59.18
C THR A 975 -20.25 21.32 58.09
N ALA A 976 -20.92 20.53 57.24
CA ALA A 976 -21.83 21.09 56.23
C ALA A 976 -21.19 22.26 55.48
N GLY A 977 -19.97 22.06 54.99
CA GLY A 977 -19.20 23.12 54.32
C GLY A 977 -19.72 23.42 52.92
N LEU A 978 -20.94 22.99 52.65
CA LEU A 978 -21.58 23.20 51.39
C LEU A 978 -22.55 24.37 51.48
N SER A 979 -23.09 24.59 52.68
CA SER A 979 -24.11 25.61 52.86
C SER A 979 -23.68 26.69 53.84
N SER A 980 -22.74 26.34 54.72
CA SER A 980 -22.27 27.28 55.73
C SER A 980 -20.81 27.61 55.55
N PHE A 981 -20.43 28.83 55.90
CA PHE A 981 -19.03 29.26 55.82
C PHE A 981 -18.64 30.03 57.07
N ALA A 982 -17.45 29.78 57.59
CA ALA A 982 -17.02 30.48 58.79
C ALA A 982 -15.67 31.14 58.59
N ALA A 983 -15.54 32.35 59.10
CA ALA A 983 -14.32 33.12 58.95
C ALA A 983 -13.26 32.68 59.95
N ILE A 984 -12.72 31.49 59.72
CA ILE A 984 -11.74 30.89 60.61
C ILE A 984 -10.33 31.20 60.12
N PRO A 985 -9.43 31.69 61.01
CA PRO A 985 -8.02 31.93 60.77
C PRO A 985 -7.34 30.66 60.31
N PHE A 986 -6.39 30.80 59.40
CA PHE A 986 -5.63 29.66 58.89
C PHE A 986 -5.05 28.84 60.02
N ALA A 987 -4.44 29.51 60.98
CA ALA A 987 -3.79 28.80 62.07
C ALA A 987 -4.77 27.91 62.81
N GLN A 988 -5.98 28.39 63.05
CA GLN A 988 -6.96 27.60 63.77
C GLN A 988 -7.33 26.38 62.96
N SER A 989 -7.43 26.54 61.66
CA SER A 989 -7.76 25.44 60.78
C SER A 989 -6.74 24.32 60.92
N ILE A 990 -5.46 24.69 60.92
CA ILE A 990 -4.39 23.70 61.05
C ILE A 990 -4.50 22.93 62.35
N PHE A 991 -4.73 23.63 63.46
CA PHE A 991 -4.80 22.95 64.74
C PHE A 991 -5.95 21.95 64.80
N TYR A 992 -7.10 22.32 64.24
CA TYR A 992 -8.21 21.37 64.21
C TYR A 992 -7.83 20.15 63.39
N ARG A 993 -7.20 20.37 62.23
CA ARG A 993 -6.80 19.30 61.34
C ARG A 993 -5.81 18.35 62.01
N LEU A 994 -4.89 18.90 62.80
CA LEU A 994 -3.91 18.10 63.51
C LEU A 994 -4.54 17.31 64.65
N ASN A 995 -5.42 17.94 65.40
CA ASN A 995 -6.08 17.24 66.49
C ASN A 995 -6.79 16.01 65.96
N GLY A 996 -7.51 16.20 64.86
CA GLY A 996 -8.34 15.16 64.26
C GLY A 996 -7.57 13.93 63.78
N VAL A 997 -6.25 13.98 63.76
CA VAL A 997 -5.48 12.81 63.33
C VAL A 997 -4.70 12.16 64.46
N GLY A 998 -5.09 12.42 65.71
CA GLY A 998 -4.52 11.68 66.84
C GLY A 998 -3.50 12.47 67.65
N ILE A 999 -3.65 13.78 67.67
CA ILE A 999 -2.73 14.63 68.44
C ILE A 999 -3.48 15.33 69.56
N THR A 1000 -3.02 15.13 70.78
CA THR A 1000 -3.70 15.65 71.95
C THR A 1000 -3.50 17.16 72.11
N GLN A 1001 -4.33 17.77 72.94
CA GLN A 1001 -4.30 19.22 73.13
C GLN A 1001 -3.01 19.70 73.76
N GLN A 1002 -2.44 18.91 74.66
CA GLN A 1002 -1.24 19.35 75.35
C GLN A 1002 -0.09 19.47 74.38
N VAL A 1003 -0.06 18.59 73.39
CA VAL A 1003 1.00 18.60 72.40
C VAL A 1003 0.88 19.82 71.53
N LEU A 1004 -0.34 20.07 71.06
CA LEU A 1004 -0.57 21.18 70.15
C LEU A 1004 -0.24 22.51 70.81
N SER A 1005 -0.57 22.64 72.10
CA SER A 1005 -0.29 23.86 72.83
C SER A 1005 1.20 24.05 73.06
N GLU A 1006 1.88 23.02 73.57
CA GLU A 1006 3.30 23.13 73.87
C GLU A 1006 4.12 23.42 72.62
N ASN A 1007 3.69 22.85 71.50
CA ASN A 1007 4.39 23.02 70.24
C ASN A 1007 3.73 24.07 69.35
N GLN A 1008 2.99 24.99 69.96
CA GLN A 1008 2.29 26.02 69.20
C GLN A 1008 3.16 26.63 68.10
N LYS A 1009 4.35 27.09 68.46
CA LYS A 1009 5.21 27.75 67.49
C LYS A 1009 6.08 26.75 66.74
N LEU A 1010 6.39 25.64 67.39
CA LEU A 1010 7.22 24.64 66.76
C LEU A 1010 6.52 24.09 65.52
N ILE A 1011 5.21 23.89 65.63
CA ILE A 1011 4.41 23.41 64.53
C ILE A 1011 4.44 24.39 63.38
N ALA A 1012 4.22 25.67 63.67
CA ALA A 1012 4.26 26.68 62.62
C ALA A 1012 5.62 26.71 61.96
N ASN A 1013 6.68 26.56 62.75
CA ASN A 1013 8.03 26.58 62.22
C ASN A 1013 8.29 25.42 61.27
N LYS A 1014 7.88 24.21 61.67
CA LYS A 1014 8.09 23.05 60.83
C LYS A 1014 7.27 23.14 59.55
N PHE A 1015 6.04 23.64 59.66
CA PHE A 1015 5.19 23.85 58.49
C PHE A 1015 5.89 24.80 57.53
N ASN A 1016 6.37 25.92 58.06
CA ASN A 1016 7.00 26.94 57.25
C ASN A 1016 8.20 26.40 56.51
N GLN A 1017 8.98 25.54 57.15
CA GLN A 1017 10.13 24.97 56.49
C GLN A 1017 9.71 24.06 55.35
N ALA A 1018 8.68 23.25 55.60
CA ALA A 1018 8.19 22.31 54.60
C ALA A 1018 7.71 23.03 53.35
N LEU A 1019 7.06 24.17 53.53
CA LEU A 1019 6.55 24.93 52.40
C LEU A 1019 7.65 25.75 51.74
N GLY A 1020 8.55 26.30 52.54
CA GLY A 1020 9.63 27.12 52.01
C GLY A 1020 10.46 26.33 51.02
N ALA A 1021 10.62 25.04 51.29
CA ALA A 1021 11.40 24.15 50.45
C ALA A 1021 10.91 24.10 49.00
N MET A 1022 9.67 24.47 48.77
CA MET A 1022 9.11 24.42 47.42
C MET A 1022 9.93 25.24 46.43
N GLN A 1023 10.42 26.39 46.88
CA GLN A 1023 11.09 27.33 46.00
C GLN A 1023 12.28 26.73 45.27
N THR A 1024 12.97 25.79 45.90
CA THR A 1024 14.18 25.24 45.32
C THR A 1024 14.00 23.77 44.92
N GLY A 1025 12.77 23.29 44.95
CA GLY A 1025 12.51 21.89 44.63
C GLY A 1025 12.30 21.64 43.15
N PHE A 1026 12.20 22.70 42.36
CA PHE A 1026 11.92 22.57 40.94
C PHE A 1026 13.16 22.30 40.13
N THR A 1027 13.65 21.07 40.25
CA THR A 1027 14.86 20.62 39.58
C THR A 1027 14.63 19.30 38.85
N THR A 1028 15.71 18.69 38.40
CA THR A 1028 15.64 17.49 37.55
C THR A 1028 15.22 16.24 38.30
N THR A 1029 15.18 16.31 39.62
CA THR A 1029 14.78 15.19 40.45
C THR A 1029 13.33 15.30 40.88
N ASN A 1030 12.67 16.37 40.45
CA ASN A 1030 11.28 16.61 40.81
C ASN A 1030 10.36 16.03 39.76
N GLU A 1031 9.80 14.86 40.06
CA GLU A 1031 9.01 14.13 39.09
C GLU A 1031 7.78 14.92 38.64
N ALA A 1032 7.15 15.62 39.58
CA ALA A 1032 5.96 16.40 39.24
C ALA A 1032 6.31 17.49 38.24
N PHE A 1033 7.41 18.17 38.50
CA PHE A 1033 7.90 19.20 37.59
C PHE A 1033 8.20 18.59 36.24
N GLN A 1034 8.92 17.48 36.25
CA GLN A 1034 9.28 16.80 35.03
C GLN A 1034 8.05 16.49 34.19
N LYS A 1035 7.01 15.93 34.82
CA LYS A 1035 5.78 15.60 34.10
C LYS A 1035 5.19 16.82 33.41
N VAL A 1036 5.30 18.00 34.04
CA VAL A 1036 4.78 19.19 33.40
C VAL A 1036 5.54 19.45 32.11
N GLN A 1037 6.87 19.35 32.18
CA GLN A 1037 7.70 19.56 31.00
C GLN A 1037 7.39 18.52 29.92
N ASP A 1038 7.17 17.27 30.32
CA ASP A 1038 6.84 16.22 29.36
C ASP A 1038 5.54 16.51 28.64
N ALA A 1039 4.54 16.95 29.40
CA ALA A 1039 3.23 17.24 28.82
C ALA A 1039 3.37 18.25 27.70
N VAL A 1040 4.25 19.21 27.88
CA VAL A 1040 4.49 20.21 26.86
C VAL A 1040 5.15 19.59 25.63
N ASN A 1041 6.22 18.83 25.86
CA ASN A 1041 6.96 18.23 24.76
C ASN A 1041 6.12 17.24 23.97
N ASN A 1042 5.25 16.51 24.66
CA ASN A 1042 4.39 15.52 24.05
C ASN A 1042 3.39 16.14 23.12
N ASN A 1043 3.12 17.42 23.31
CA ASN A 1043 2.18 18.15 22.49
C ASN A 1043 2.88 18.65 21.24
N ALA A 1044 4.07 19.20 21.42
CA ALA A 1044 4.84 19.75 20.32
C ALA A 1044 5.09 18.71 19.24
N GLN A 1045 5.30 17.47 19.66
CA GLN A 1045 5.57 16.40 18.71
C GLN A 1045 4.46 16.21 17.69
N ALA A 1046 3.23 16.51 18.10
CA ALA A 1046 2.08 16.36 17.21
C ALA A 1046 2.19 17.29 16.01
N LEU A 1047 2.74 18.48 16.24
CA LEU A 1047 2.84 19.47 15.18
C LEU A 1047 4.03 19.16 14.31
N SER A 1048 5.08 18.63 14.94
CA SER A 1048 6.28 18.27 14.22
C SER A 1048 5.98 17.24 13.15
N LYS A 1049 5.17 16.25 13.52
CA LYS A 1049 4.81 15.21 12.56
C LYS A 1049 4.34 15.81 11.24
N LEU A 1050 3.38 16.73 11.28
CA LEU A 1050 2.87 17.30 10.05
C LEU A 1050 3.94 18.12 9.33
N ALA A 1051 4.66 18.93 10.07
CA ALA A 1051 5.66 19.83 9.48
C ALA A 1051 6.74 19.05 8.74
N SER A 1052 7.13 17.91 9.29
CA SER A 1052 8.19 17.09 8.73
C SER A 1052 7.71 16.21 7.58
N GLU A 1053 6.65 15.45 7.82
CA GLU A 1053 6.18 14.44 6.87
C GLU A 1053 5.78 15.03 5.54
N LEU A 1054 5.30 16.26 5.55
CA LEU A 1054 4.92 16.96 4.33
C LEU A 1054 5.97 16.87 3.23
N SER A 1055 7.25 16.84 3.62
CA SER A 1055 8.36 16.89 2.66
C SER A 1055 8.83 15.51 2.16
N ASN A 1056 8.22 14.44 2.64
CA ASN A 1056 8.65 13.10 2.24
C ASN A 1056 8.29 12.80 0.79
N THR A 1057 9.16 12.03 0.13
CA THR A 1057 8.89 11.59 -1.24
C THR A 1057 8.43 10.14 -1.21
N PHE A 1058 7.14 9.92 -1.36
CA PHE A 1058 6.59 8.59 -1.15
C PHE A 1058 6.68 7.71 -2.40
N GLY A 1059 7.90 7.48 -2.84
CA GLY A 1059 8.15 6.67 -4.02
C GLY A 1059 8.00 7.46 -5.31
N ALA A 1060 7.61 8.72 -5.17
CA ALA A 1060 7.41 9.60 -6.31
C ALA A 1060 8.74 10.06 -6.85
N ILE A 1061 8.76 10.47 -8.11
CA ILE A 1061 9.96 11.02 -8.72
C ILE A 1061 10.41 12.31 -8.02
N SER A 1062 9.47 12.96 -7.35
CA SER A 1062 9.74 14.17 -6.56
C SER A 1062 8.57 14.48 -5.63
N ALA A 1063 8.87 15.02 -4.45
CA ALA A 1063 7.82 15.39 -3.49
C ALA A 1063 7.19 16.73 -3.81
N SER A 1064 7.70 17.41 -4.83
CA SER A 1064 7.18 18.70 -5.22
C SER A 1064 6.22 18.57 -6.39
N ILE A 1065 4.95 18.88 -6.16
CA ILE A 1065 3.92 18.66 -7.16
C ILE A 1065 4.24 19.41 -8.45
N GLY A 1066 4.72 20.63 -8.32
CA GLY A 1066 5.03 21.45 -9.48
C GLY A 1066 6.06 20.79 -10.41
N ASP A 1067 6.97 20.00 -9.85
CA ASP A 1067 8.02 19.41 -10.66
C ASP A 1067 7.58 18.11 -11.30
N ILE A 1068 6.81 17.32 -10.58
CA ILE A 1068 6.35 16.07 -11.16
C ILE A 1068 5.41 16.35 -12.33
N ILE A 1069 4.79 17.52 -12.32
CA ILE A 1069 3.98 17.93 -13.45
C ILE A 1069 4.82 18.39 -14.64
N GLN A 1070 5.70 19.39 -14.43
CA GLN A 1070 6.39 19.97 -15.58
C GLN A 1070 7.35 19.00 -16.27
N ARG A 1071 7.83 17.99 -15.56
CA ARG A 1071 8.80 17.06 -16.14
C ARG A 1071 8.17 15.93 -16.97
N LEU A 1072 6.86 15.72 -16.82
CA LEU A 1072 6.23 14.53 -17.38
C LEU A 1072 5.00 14.81 -18.21
N ASP A 1073 4.69 13.89 -19.13
CA ASP A 1073 3.44 13.96 -19.89
C ASP A 1073 2.30 13.44 -19.01
N PRO A 1074 1.06 13.90 -19.22
CA PRO A 1074 -0.14 13.56 -18.45
C PRO A 1074 -0.35 12.06 -18.13
N PRO A 1075 -0.08 11.10 -19.07
CA PRO A 1075 -0.21 9.67 -18.85
C PRO A 1075 0.62 9.18 -17.67
N GLU A 1076 1.64 9.95 -17.31
CA GLU A 1076 2.51 9.60 -16.19
C GLU A 1076 2.30 10.55 -15.03
N GLN A 1077 2.03 11.82 -15.32
CA GLN A 1077 1.86 12.79 -14.25
C GLN A 1077 0.88 12.24 -13.24
N ASP A 1078 -0.24 11.72 -13.73
CA ASP A 1078 -1.28 11.22 -12.84
C ASP A 1078 -0.75 10.13 -11.92
N ALA A 1079 0.13 9.28 -12.43
CA ALA A 1079 0.70 8.19 -11.64
C ALA A 1079 1.58 8.72 -10.51
N GLN A 1080 2.34 9.77 -10.82
CA GLN A 1080 3.27 10.33 -9.84
C GLN A 1080 2.52 11.12 -8.79
N ILE A 1081 1.50 11.84 -9.23
CA ILE A 1081 0.70 12.62 -8.32
C ILE A 1081 -0.03 11.68 -7.38
N ASP A 1082 -0.61 10.61 -7.93
CA ASP A 1082 -1.34 9.65 -7.12
C ASP A 1082 -0.49 9.12 -5.98
N ARG A 1083 0.76 8.75 -6.27
CA ARG A 1083 1.63 8.26 -5.21
C ARG A 1083 1.80 9.30 -4.11
N LEU A 1084 2.07 10.53 -4.53
CA LEU A 1084 2.31 11.59 -3.57
C LEU A 1084 1.06 11.88 -2.74
N ILE A 1085 -0.11 11.86 -3.38
CA ILE A 1085 -1.35 12.09 -2.64
C ILE A 1085 -1.58 11.02 -1.60
N ASN A 1086 -1.44 9.75 -1.99
CA ASN A 1086 -1.71 8.68 -1.04
C ASN A 1086 -0.86 8.82 0.22
N GLY A 1087 0.38 9.25 0.04
CA GLY A 1087 1.26 9.51 1.16
C GLY A 1087 0.70 10.60 2.06
N ARG A 1088 0.33 11.73 1.45
CA ARG A 1088 -0.20 12.86 2.20
C ARG A 1088 -1.50 12.49 2.94
N LEU A 1089 -2.35 11.71 2.27
CA LEU A 1089 -3.63 11.33 2.86
C LEU A 1089 -3.41 10.49 4.11
N THR A 1090 -2.46 9.57 4.01
CA THR A 1090 -2.15 8.67 5.11
C THR A 1090 -1.67 9.45 6.32
N THR A 1091 -0.79 10.42 6.10
CA THR A 1091 -0.26 11.21 7.18
C THR A 1091 -1.36 11.94 7.92
N LEU A 1092 -2.26 12.58 7.18
CA LEU A 1092 -3.34 13.31 7.83
C LEU A 1092 -4.24 12.40 8.64
N ASN A 1093 -4.52 11.20 8.13
CA ASN A 1093 -5.36 10.28 8.87
C ASN A 1093 -4.71 9.91 10.19
N ALA A 1094 -3.42 9.62 10.16
CA ALA A 1094 -2.69 9.25 11.36
C ALA A 1094 -2.72 10.38 12.38
N PHE A 1095 -2.54 11.60 11.90
CA PHE A 1095 -2.55 12.78 12.76
C PHE A 1095 -3.85 12.89 13.52
N VAL A 1096 -4.97 12.81 12.80
CA VAL A 1096 -6.27 12.96 13.42
C VAL A 1096 -6.50 11.89 14.47
N ALA A 1097 -6.17 10.65 14.13
CA ALA A 1097 -6.38 9.55 15.05
C ALA A 1097 -5.64 9.78 16.36
N GLN A 1098 -4.40 10.27 16.25
CA GLN A 1098 -3.61 10.52 17.45
C GLN A 1098 -4.22 11.63 18.29
N GLN A 1099 -4.74 12.67 17.65
CA GLN A 1099 -5.36 13.77 18.37
C GLN A 1099 -6.59 13.31 19.13
N LEU A 1100 -7.36 12.41 18.53
CA LEU A 1100 -8.56 11.89 19.18
C LEU A 1100 -8.20 11.14 20.45
N VAL A 1101 -7.14 10.35 20.38
CA VAL A 1101 -6.69 9.61 21.56
C VAL A 1101 -6.23 10.55 22.66
N ARG A 1102 -5.42 11.55 22.29
CA ARG A 1102 -4.93 12.51 23.25
C ARG A 1102 -6.06 13.24 23.96
N SER A 1103 -7.08 13.62 23.20
CA SER A 1103 -8.21 14.32 23.76
C SER A 1103 -8.93 13.49 24.81
N GLU A 1104 -9.21 12.22 24.48
CA GLU A 1104 -9.93 11.38 25.41
C GLU A 1104 -9.13 11.16 26.69
N SER A 1105 -7.82 10.99 26.55
CA SER A 1105 -6.96 10.80 27.71
C SER A 1105 -7.04 12.00 28.64
N ALA A 1106 -6.94 13.20 28.07
CA ALA A 1106 -7.02 14.42 28.86
C ALA A 1106 -8.35 14.52 29.58
N ALA A 1107 -9.43 14.11 28.92
CA ALA A 1107 -10.75 14.19 29.53
C ALA A 1107 -10.83 13.31 30.78
N LEU A 1108 -10.29 12.09 30.70
CA LEU A 1108 -10.30 11.20 31.85
C LEU A 1108 -9.47 11.80 32.98
N SER A 1109 -8.32 12.36 32.61
CA SER A 1109 -7.44 12.98 33.57
C SER A 1109 -8.13 14.17 34.25
N ALA A 1110 -8.85 14.97 33.47
CA ALA A 1110 -9.56 16.12 34.01
C ALA A 1110 -10.55 15.70 35.08
N GLN A 1111 -11.19 14.53 34.89
CA GLN A 1111 -12.12 14.03 35.90
C GLN A 1111 -11.41 13.81 37.21
N LEU A 1112 -10.18 13.31 37.14
CA LEU A 1112 -9.41 13.10 38.35
C LEU A 1112 -9.14 14.41 39.04
N ALA A 1113 -8.76 15.43 38.25
CA ALA A 1113 -8.47 16.74 38.82
C ALA A 1113 -9.68 17.27 39.58
N LYS A 1114 -10.87 17.08 39.01
CA LYS A 1114 -12.09 17.50 39.67
C LYS A 1114 -12.29 16.79 41.00
N ASP A 1115 -12.18 15.46 40.98
CA ASP A 1115 -12.38 14.68 42.18
C ASP A 1115 -11.38 15.09 43.25
N LYS A 1116 -10.13 15.28 42.83
CA LYS A 1116 -9.05 15.58 43.75
C LYS A 1116 -9.26 16.90 44.46
N VAL A 1117 -9.67 17.93 43.74
CA VAL A 1117 -9.89 19.21 44.40
C VAL A 1117 -11.00 19.08 45.45
N ASN A 1118 -12.08 18.45 45.08
CA ASN A 1118 -13.22 18.32 45.96
C ASN A 1118 -12.90 17.51 47.23
N GLU A 1119 -12.00 16.53 47.12
CA GLU A 1119 -11.70 15.68 48.27
C GLU A 1119 -10.46 16.10 49.06
N CYS A 1120 -9.40 16.52 48.38
CA CYS A 1120 -8.12 16.77 49.06
C CYS A 1120 -7.92 18.24 49.40
N VAL A 1121 -8.61 19.15 48.71
CA VAL A 1121 -8.37 20.57 48.90
C VAL A 1121 -9.44 21.20 49.77
N LYS A 1122 -10.69 20.99 49.42
CA LYS A 1122 -11.79 21.59 50.16
C LYS A 1122 -12.23 20.73 51.33
N ALA A 1123 -11.51 19.65 51.59
CA ALA A 1123 -11.81 18.76 52.70
C ALA A 1123 -10.56 18.04 53.19
N GLN A 1124 -10.56 17.64 54.45
CA GLN A 1124 -9.46 16.85 54.97
C GLN A 1124 -9.71 15.38 54.74
N SER A 1125 -9.57 14.96 53.49
CA SER A 1125 -9.81 13.58 53.15
C SER A 1125 -8.95 12.62 53.95
N LYS A 1126 -9.57 11.56 54.44
CA LYS A 1126 -8.87 10.51 55.16
C LYS A 1126 -8.70 9.29 54.28
N ARG A 1127 -8.96 9.49 53.00
CA ARG A 1127 -8.85 8.43 52.01
C ARG A 1127 -7.38 8.18 51.69
N SER A 1128 -6.69 7.54 52.62
CA SER A 1128 -5.26 7.31 52.51
C SER A 1128 -4.89 6.72 51.17
N GLY A 1129 -3.87 7.28 50.54
CA GLY A 1129 -3.36 6.80 49.27
C GLY A 1129 -3.91 7.58 48.08
N PHE A 1130 -4.99 8.33 48.29
CA PHE A 1130 -5.56 9.15 47.21
C PHE A 1130 -4.90 10.51 47.19
N CYS A 1131 -4.85 11.14 48.35
CA CYS A 1131 -4.20 12.42 48.51
C CYS A 1131 -2.71 12.18 48.71
N GLY A 1132 -1.95 13.23 48.94
CA GLY A 1132 -0.49 13.08 49.06
C GLY A 1132 -0.11 12.08 50.14
N GLN A 1133 1.19 11.79 50.25
CA GLN A 1133 1.69 10.76 51.14
C GLN A 1133 1.73 11.23 52.60
N GLY A 1134 1.65 10.28 53.52
CA GLY A 1134 1.69 10.58 54.94
C GLY A 1134 0.29 10.92 55.43
N THR A 1135 0.19 11.52 56.60
CA THR A 1135 -1.11 11.85 57.15
C THR A 1135 -1.56 13.17 56.53
N HIS A 1136 -2.70 13.15 55.89
CA HIS A 1136 -3.13 14.30 55.11
C HIS A 1136 -3.68 15.46 55.93
N ILE A 1137 -3.20 16.66 55.62
CA ILE A 1137 -3.75 17.91 56.09
C ILE A 1137 -3.93 18.84 54.89
N VAL A 1138 -4.10 20.12 55.13
CA VAL A 1138 -4.37 21.09 54.08
C VAL A 1138 -3.51 20.89 52.82
N SER A 1139 -4.14 21.05 51.65
CA SER A 1139 -3.43 20.99 50.37
C SER A 1139 -3.75 22.23 49.55
N PHE A 1140 -2.85 22.58 48.63
CA PHE A 1140 -3.02 23.78 47.84
C PHE A 1140 -2.91 23.49 46.34
N VAL A 1141 -3.56 24.34 45.52
CA VAL A 1141 -3.52 24.15 44.08
C VAL A 1141 -3.16 25.43 43.35
N VAL A 1142 -2.24 25.30 42.39
CA VAL A 1142 -1.88 26.41 41.50
C VAL A 1142 -2.00 25.93 40.05
N ASN A 1143 -1.94 26.85 39.10
CA ASN A 1143 -2.11 26.47 37.71
C ASN A 1143 -0.82 25.93 37.10
N ALA A 1144 -0.98 25.10 36.09
CA ALA A 1144 0.13 24.55 35.33
C ALA A 1144 -0.12 24.79 33.84
N PRO A 1145 0.93 24.78 32.99
CA PRO A 1145 0.87 24.98 31.55
C PRO A 1145 -0.28 24.24 30.86
N ASN A 1146 -0.57 23.00 31.27
CA ASN A 1146 -1.69 22.29 30.66
C ASN A 1146 -2.55 21.58 31.69
N GLY A 1147 -2.81 22.22 32.82
CA GLY A 1147 -3.60 21.59 33.87
C GLY A 1147 -3.36 22.22 35.23
N LEU A 1148 -3.41 21.39 36.27
CA LEU A 1148 -3.26 21.87 37.65
C LEU A 1148 -2.07 21.23 38.35
N TYR A 1149 -1.42 22.02 39.20
CA TYR A 1149 -0.29 21.53 39.98
C TYR A 1149 -0.67 21.52 41.47
N PHE A 1150 -0.55 20.35 42.09
CA PHE A 1150 -1.00 20.19 43.46
C PHE A 1150 0.15 20.09 44.46
N MET A 1151 -0.06 20.72 45.61
CA MET A 1151 0.84 20.56 46.76
C MET A 1151 0.07 19.98 47.94
N HIS A 1152 0.46 18.81 48.39
CA HIS A 1152 -0.21 18.19 49.52
C HIS A 1152 0.64 18.27 50.75
N VAL A 1153 0.20 18.99 51.77
CA VAL A 1153 1.02 19.07 52.96
C VAL A 1153 0.68 17.87 53.83
N GLY A 1154 1.69 17.11 54.18
CA GLY A 1154 1.45 15.91 54.96
C GLY A 1154 2.28 15.87 56.24
N TYR A 1155 1.76 15.15 57.22
CA TYR A 1155 2.41 14.93 58.49
C TYR A 1155 3.13 13.59 58.50
N TYR A 1156 4.38 13.60 58.92
CA TYR A 1156 5.17 12.38 58.92
C TYR A 1156 5.71 12.06 60.32
N PRO A 1157 5.57 10.80 60.78
CA PRO A 1157 6.07 10.28 62.03
C PRO A 1157 7.55 9.95 61.95
N SER A 1158 8.21 9.92 63.11
CA SER A 1158 9.59 9.46 63.19
C SER A 1158 9.96 9.05 64.62
N ASN A 1159 11.07 8.33 64.74
CA ASN A 1159 11.57 7.89 66.04
C ASN A 1159 10.55 7.10 66.84
N HIS A 1160 10.01 6.05 66.22
CA HIS A 1160 9.04 5.21 66.89
C HIS A 1160 9.64 4.50 68.08
N ILE A 1161 8.85 4.38 69.14
CA ILE A 1161 9.24 3.65 70.34
C ILE A 1161 8.21 2.58 70.62
N GLU A 1162 8.54 1.65 71.48
CA GLU A 1162 7.59 0.62 71.83
C GLU A 1162 7.16 0.70 73.28
N VAL A 1163 5.85 0.66 73.49
CA VAL A 1163 5.28 0.68 74.83
C VAL A 1163 4.27 -0.45 74.98
N VAL A 1164 3.89 -0.73 76.23
CA VAL A 1164 2.90 -1.76 76.48
C VAL A 1164 1.51 -1.16 76.63
N SER A 1165 0.57 -1.66 75.83
CA SER A 1165 -0.78 -1.14 75.81
C SER A 1165 -1.81 -2.18 76.23
N ALA A 1166 -2.91 -1.69 76.79
CA ALA A 1166 -4.05 -2.54 77.15
C ALA A 1166 -5.19 -2.33 76.19
N TYR A 1167 -6.03 -3.34 76.05
CA TYR A 1167 -7.23 -3.22 75.24
C TYR A 1167 -8.28 -2.38 75.95
N GLY A 1168 -8.21 -2.37 77.28
CA GLY A 1168 -9.13 -1.62 78.12
C GLY A 1168 -8.91 -1.99 79.57
N LEU A 1169 -9.55 -1.23 80.45
CA LEU A 1169 -9.41 -1.45 81.88
C LEU A 1169 -10.76 -1.64 82.53
N CYS A 1170 -10.82 -2.46 83.57
CA CYS A 1170 -12.04 -2.60 84.35
C CYS A 1170 -11.77 -2.43 85.84
N ASP A 1171 -12.78 -1.97 86.57
CA ASP A 1171 -12.65 -1.86 88.01
C ASP A 1171 -12.69 -3.23 88.66
N ALA A 1172 -11.62 -3.61 89.34
CA ALA A 1172 -11.54 -4.93 89.95
C ALA A 1172 -12.71 -5.15 90.92
N ALA A 1173 -13.16 -4.07 91.58
CA ALA A 1173 -14.24 -4.17 92.56
C ALA A 1173 -15.62 -4.17 91.90
N ASN A 1174 -15.67 -3.89 90.60
CA ASN A 1174 -16.92 -3.78 89.87
C ASN A 1174 -16.77 -4.41 88.48
N PRO A 1175 -17.00 -5.73 88.36
CA PRO A 1175 -16.79 -6.56 87.19
C PRO A 1175 -17.49 -6.04 85.94
N THR A 1176 -18.53 -5.25 86.11
CA THR A 1176 -19.26 -4.71 84.97
C THR A 1176 -19.17 -3.19 84.95
N ASN A 1177 -17.95 -2.70 84.90
CA ASN A 1177 -17.68 -1.28 84.79
C ASN A 1177 -16.34 -1.09 84.10
N CYS A 1178 -16.37 -1.03 82.78
CA CYS A 1178 -15.14 -1.03 82.01
C CYS A 1178 -14.97 0.22 81.15
N ILE A 1179 -13.73 0.59 80.94
CA ILE A 1179 -13.37 1.81 80.23
C ILE A 1179 -12.45 1.53 79.05
N ALA A 1180 -12.70 2.23 77.94
CA ALA A 1180 -11.89 2.10 76.74
C ALA A 1180 -11.48 3.50 76.24
N PRO A 1181 -10.31 3.64 75.61
CA PRO A 1181 -9.76 4.87 75.10
C PRO A 1181 -10.50 5.34 73.87
N VAL A 1182 -10.54 6.65 73.67
CA VAL A 1182 -11.09 7.23 72.46
C VAL A 1182 -10.02 7.92 71.64
N ASN A 1183 -9.82 7.45 70.42
CA ASN A 1183 -8.80 8.00 69.54
C ASN A 1183 -7.42 8.03 70.19
N GLY A 1184 -7.05 6.93 70.83
CA GLY A 1184 -5.76 6.82 71.49
C GLY A 1184 -5.61 5.46 72.17
N TYR A 1185 -4.66 5.36 73.08
CA TYR A 1185 -4.36 4.11 73.76
C TYR A 1185 -4.20 4.28 75.26
N PHE A 1186 -4.43 3.18 75.98
CA PHE A 1186 -4.08 3.10 77.40
C PHE A 1186 -2.74 2.39 77.53
N ILE A 1187 -1.78 3.08 78.14
CA ILE A 1187 -0.41 2.57 78.24
C ILE A 1187 0.10 2.53 79.67
N LYS A 1188 1.14 1.74 79.90
CA LYS A 1188 1.78 1.68 81.20
C LYS A 1188 2.83 2.76 81.35
N THR A 1189 2.76 3.51 82.45
CA THR A 1189 3.71 4.59 82.70
C THR A 1189 4.75 4.18 83.73
N ASN A 1190 6.01 4.40 83.40
CA ASN A 1190 7.10 4.07 84.30
C ASN A 1190 7.31 5.17 85.34
N GLU A 1197 -0.59 4.22 87.44
CA GLU A 1197 -0.02 3.15 86.63
C GLU A 1197 -0.35 3.33 85.16
N TRP A 1198 -1.64 3.45 84.86
CA TRP A 1198 -2.09 3.58 83.48
C TRP A 1198 -2.28 5.04 83.09
N SER A 1199 -1.96 5.35 81.83
CA SER A 1199 -2.13 6.70 81.32
C SER A 1199 -2.63 6.66 79.89
N TYR A 1200 -3.06 7.81 79.40
CA TYR A 1200 -3.59 7.93 78.05
C TYR A 1200 -2.59 8.53 77.08
N THR A 1201 -2.55 8.01 75.87
CA THR A 1201 -1.74 8.61 74.83
C THR A 1201 -2.54 8.67 73.54
N GLY A 1202 -2.22 9.61 72.66
CA GLY A 1202 -2.93 9.73 71.40
C GLY A 1202 -2.47 8.66 70.42
N SER A 1203 -3.07 8.65 69.24
CA SER A 1203 -2.71 7.63 68.25
C SER A 1203 -1.51 8.02 67.40
N SER A 1204 -1.10 9.29 67.47
CA SER A 1204 0.06 9.74 66.72
C SER A 1204 1.25 10.05 67.64
N PHE A 1205 1.39 11.31 68.02
CA PHE A 1205 2.55 11.73 68.83
C PHE A 1205 2.45 11.25 70.27
N TYR A 1206 3.51 10.61 70.75
CA TYR A 1206 3.58 10.10 72.12
C TYR A 1206 3.76 11.20 73.15
N ALA A 1207 2.76 11.38 74.01
CA ALA A 1207 2.77 12.43 75.03
C ALA A 1207 1.80 12.09 76.16
N PRO A 1208 2.15 11.16 77.06
CA PRO A 1208 1.28 10.57 78.06
C PRO A 1208 0.54 11.61 78.89
N GLU A 1209 -0.75 11.38 79.10
CA GLU A 1209 -1.63 12.25 79.88
C GLU A 1209 -2.48 11.39 80.82
N PRO A 1210 -3.03 11.96 81.89
CA PRO A 1210 -4.00 11.35 82.77
C PRO A 1210 -5.22 10.86 81.99
N ILE A 1211 -5.78 9.73 82.43
CA ILE A 1211 -6.99 9.20 81.82
C ILE A 1211 -8.19 9.89 82.46
N THR A 1212 -9.04 10.48 81.65
CA THR A 1212 -10.17 11.23 82.18
C THR A 1212 -11.44 11.07 81.35
N SER A 1213 -12.46 11.84 81.68
CA SER A 1213 -13.78 11.69 81.04
C SER A 1213 -13.82 12.28 79.64
N LEU A 1214 -12.82 13.08 79.30
CA LEU A 1214 -12.76 13.73 78.01
C LEU A 1214 -12.02 12.91 76.96
N ASN A 1215 -11.49 11.76 77.33
CA ASN A 1215 -10.73 10.96 76.38
C ASN A 1215 -11.04 9.48 76.43
N THR A 1216 -12.15 9.11 77.07
CA THR A 1216 -12.55 7.72 77.18
C THR A 1216 -14.03 7.50 76.96
N LYS A 1217 -14.41 6.23 76.83
CA LYS A 1217 -15.81 5.83 76.70
C LYS A 1217 -16.11 4.60 77.55
N TYR A 1218 -17.40 4.34 77.78
CA TYR A 1218 -17.80 3.14 78.50
C TYR A 1218 -18.08 1.99 77.55
N VAL A 1219 -17.66 0.80 77.93
CA VAL A 1219 -17.86 -0.39 77.10
C VAL A 1219 -18.36 -1.58 77.89
N ALA A 1220 -18.90 -2.57 77.20
CA ALA A 1220 -19.22 -3.85 77.79
C ALA A 1220 -17.92 -4.56 78.19
N PRO A 1221 -17.90 -5.31 79.29
CA PRO A 1221 -16.76 -6.06 79.80
C PRO A 1221 -16.34 -7.16 78.83
N GLN A 1222 -15.04 -7.40 78.76
CA GLN A 1222 -14.49 -8.42 77.87
C GLN A 1222 -13.30 -9.13 78.52
N VAL A 1223 -12.76 -10.12 77.83
CA VAL A 1223 -11.66 -10.93 78.35
C VAL A 1223 -10.29 -10.30 78.13
N THR A 1224 -10.27 -9.18 77.41
CA THR A 1224 -9.02 -8.53 77.05
C THR A 1224 -8.71 -7.35 77.97
N TYR A 1225 -9.60 -7.08 78.91
CA TYR A 1225 -9.46 -5.92 79.77
C TYR A 1225 -8.77 -6.30 81.06
N GLN A 1226 -7.98 -5.37 81.61
CA GLN A 1226 -7.25 -5.60 82.85
C GLN A 1226 -8.06 -5.22 84.06
N ASN A 1227 -7.92 -5.96 85.16
CA ASN A 1227 -8.62 -5.63 86.40
C ASN A 1227 -7.72 -4.88 87.35
N ILE A 1228 -8.01 -3.60 87.55
CA ILE A 1228 -7.16 -2.76 88.34
C ILE A 1228 -7.76 -2.48 89.72
N SER A 1229 -6.93 -2.60 90.77
CA SER A 1229 -7.38 -2.35 92.14
C SER A 1229 -7.36 -0.87 92.47
N THR A 1230 -6.46 -0.14 91.82
CA THR A 1230 -6.39 1.31 91.97
C THR A 1230 -6.70 1.90 90.62
N ASN A 1231 -7.35 3.05 90.60
CA ASN A 1231 -7.81 3.57 89.33
C ASN A 1231 -7.89 5.08 89.29
N LEU A 1232 -8.39 5.60 88.18
CA LEU A 1232 -8.49 7.02 87.96
C LEU A 1232 -9.79 7.55 88.57
N PRO A 1233 -9.80 8.82 88.99
CA PRO A 1233 -10.89 9.46 89.74
C PRO A 1233 -12.32 9.46 89.10
N PRO A 1234 -12.55 9.95 87.86
CA PRO A 1234 -13.88 10.06 87.29
C PRO A 1234 -14.56 8.67 86.93
N PRO A 1235 -14.36 8.05 85.73
CA PRO A 1235 -14.96 6.79 85.34
C PRO A 1235 -15.07 5.75 86.44
N LEU A 1236 -13.94 5.34 87.02
CA LEU A 1236 -13.98 4.25 88.00
C LEU A 1236 -13.86 4.82 89.40
N ALA B 3 34.13 4.59 -55.06
CA ALA B 3 35.05 3.62 -55.64
C ALA B 3 36.44 4.21 -55.75
N LEU B 4 37.41 3.39 -56.16
CA LEU B 4 38.79 3.83 -56.30
C LEU B 4 39.01 4.61 -57.58
N THR B 5 39.81 5.66 -57.48
CA THR B 5 40.16 6.47 -58.65
C THR B 5 41.64 6.44 -58.94
N GLN B 6 41.99 6.08 -60.17
CA GLN B 6 43.39 6.01 -60.59
C GLN B 6 43.51 6.58 -62.02
N PRO B 7 44.71 7.06 -62.44
CA PRO B 7 45.01 7.66 -63.74
C PRO B 7 44.67 6.76 -64.91
N ALA B 8 44.22 7.37 -66.01
CA ALA B 8 43.94 6.64 -67.23
C ALA B 8 45.20 5.98 -67.77
N SER B 9 46.31 6.72 -67.72
CA SER B 9 47.58 6.23 -68.24
C SER B 9 48.77 6.93 -67.59
N VAL B 10 49.89 6.22 -67.54
CA VAL B 10 51.16 6.72 -67.02
C VAL B 10 52.29 6.24 -67.92
N SER B 11 53.27 7.09 -68.21
CA SER B 11 54.37 6.65 -69.06
C SER B 11 55.67 7.38 -68.78
N GLY B 12 56.75 6.79 -69.30
CA GLY B 12 58.08 7.38 -69.23
C GLY B 12 59.09 6.54 -69.97
N SER B 13 60.32 7.01 -70.08
CA SER B 13 61.36 6.28 -70.81
C SER B 13 61.93 5.20 -69.91
N PRO B 14 62.46 4.11 -70.47
CA PRO B 14 63.12 3.06 -69.74
C PRO B 14 64.20 3.66 -68.86
N GLY B 15 64.24 3.25 -67.61
CA GLY B 15 65.22 3.76 -66.67
C GLY B 15 64.64 4.85 -65.76
N GLN B 16 63.55 5.47 -66.18
CA GLN B 16 62.94 6.53 -65.40
C GLN B 16 62.04 5.99 -64.29
N SER B 17 61.76 6.84 -63.31
CA SER B 17 60.87 6.48 -62.23
C SER B 17 59.48 7.08 -62.41
N ILE B 18 58.47 6.24 -62.38
CA ILE B 18 57.09 6.70 -62.49
C ILE B 18 56.24 6.16 -61.36
N THR B 19 55.10 6.80 -61.13
CA THR B 19 54.17 6.32 -60.14
C THR B 19 52.75 6.28 -60.68
N ILE B 20 51.96 5.36 -60.16
CA ILE B 20 50.54 5.31 -60.48
C ILE B 20 49.73 5.49 -59.22
N SER B 21 48.99 6.58 -59.15
CA SER B 21 48.21 6.88 -57.95
C SER B 21 46.88 6.13 -57.92
N CYS B 22 46.28 6.07 -56.73
CA CYS B 22 44.96 5.50 -56.53
C CYS B 22 44.35 6.01 -55.23
N THR B 23 43.24 6.72 -55.32
CA THR B 23 42.70 7.37 -54.13
C THR B 23 41.27 7.01 -53.79
N GLY B 24 40.85 7.49 -52.61
CA GLY B 24 39.51 7.29 -52.07
C GLY B 24 39.36 8.15 -50.81
N THR B 25 38.43 7.80 -49.93
CA THR B 25 38.23 8.62 -48.72
C THR B 25 38.96 8.05 -47.51
N SER B 26 38.74 8.65 -46.35
CA SER B 26 39.45 8.27 -45.14
C SER B 26 39.20 6.83 -44.74
N SER B 27 38.01 6.32 -45.05
CA SER B 27 37.66 4.96 -44.72
C SER B 27 38.23 3.95 -45.72
N ASP B 28 38.69 4.45 -46.87
CA ASP B 28 39.14 3.57 -47.94
C ASP B 28 40.65 3.45 -47.97
N VAL B 29 41.31 4.60 -47.90
CA VAL B 29 42.75 4.66 -48.04
C VAL B 29 43.40 5.25 -46.81
N GLY B 30 42.80 6.29 -46.26
CA GLY B 30 43.41 7.04 -45.16
C GLY B 30 43.74 6.17 -43.93
N THR B 31 42.72 5.57 -43.32
CA THR B 31 42.88 4.82 -42.07
C THR B 31 43.65 3.51 -42.19
N TYR B 32 43.33 2.67 -43.16
CA TYR B 32 43.93 1.34 -43.21
C TYR B 32 44.88 1.15 -44.39
N ASP B 33 46.00 0.46 -44.14
CA ASP B 33 46.95 0.12 -45.19
C ASP B 33 46.54 -1.18 -45.87
N LEU B 34 45.48 -1.12 -46.66
CA LEU B 34 44.93 -2.35 -47.24
C LEU B 34 44.73 -2.32 -48.76
N VAL B 35 45.33 -1.35 -49.45
CA VAL B 35 45.16 -1.32 -50.92
C VAL B 35 46.22 -2.17 -51.62
N SER B 36 45.77 -2.96 -52.59
CA SER B 36 46.68 -3.82 -53.35
C SER B 36 46.77 -3.37 -54.80
N TRP B 37 47.84 -3.79 -55.47
CA TRP B 37 48.03 -3.48 -56.89
C TRP B 37 48.23 -4.72 -57.73
N TYR B 38 47.64 -4.71 -58.93
CA TYR B 38 47.78 -5.80 -59.89
C TYR B 38 48.33 -5.32 -61.22
N GLN B 39 49.01 -6.22 -61.92
CA GLN B 39 49.53 -5.95 -63.25
C GLN B 39 49.01 -6.96 -64.26
N GLN B 40 48.52 -6.47 -65.39
CA GLN B 40 48.00 -7.34 -66.43
C GLN B 40 48.58 -7.04 -67.80
N HIS B 41 49.41 -7.94 -68.31
CA HIS B 41 49.93 -7.76 -69.66
C HIS B 41 48.82 -8.11 -70.64
N PRO B 42 48.79 -7.50 -71.82
CA PRO B 42 47.81 -7.76 -72.86
C PRO B 42 47.72 -9.25 -73.15
N GLY B 43 46.49 -9.77 -73.18
CA GLY B 43 46.25 -11.18 -73.46
C GLY B 43 46.50 -12.11 -72.27
N LYS B 44 46.96 -11.54 -71.15
CA LYS B 44 47.30 -12.34 -69.98
C LYS B 44 46.37 -12.08 -68.79
N SER B 45 46.47 -12.97 -67.80
CA SER B 45 45.78 -12.80 -66.54
C SER B 45 46.54 -11.77 -65.69
N PRO B 46 45.87 -11.06 -64.78
CA PRO B 46 46.47 -10.15 -63.83
C PRO B 46 47.32 -10.90 -62.80
N LYS B 47 48.37 -10.24 -62.30
CA LYS B 47 49.18 -10.79 -61.22
C LYS B 47 49.36 -9.76 -60.11
N LEU B 48 49.56 -10.26 -58.88
CA LEU B 48 49.72 -9.38 -57.73
C LEU B 48 51.08 -8.73 -57.68
N MET B 49 51.10 -7.41 -57.57
CA MET B 49 52.36 -6.68 -57.49
C MET B 49 52.66 -6.22 -56.08
N ILE B 50 51.65 -5.63 -55.43
CA ILE B 50 51.80 -5.06 -54.09
C ILE B 50 50.57 -5.33 -53.24
N TYR B 51 50.77 -5.59 -51.96
CA TYR B 51 49.64 -5.74 -51.05
C TYR B 51 49.89 -5.04 -49.71
N ALA B 52 48.80 -4.71 -49.03
CA ALA B 52 48.86 -3.96 -47.78
C ALA B 52 49.57 -2.63 -47.98
N ASP B 53 49.44 -2.06 -49.18
CA ASP B 53 50.07 -0.80 -49.57
C ASP B 53 51.60 -0.77 -49.51
N ILE B 54 52.26 -1.88 -49.14
CA ILE B 54 53.72 -1.83 -49.01
C ILE B 54 54.47 -3.08 -49.51
N LYS B 55 53.90 -4.27 -49.29
CA LYS B 55 54.64 -5.51 -49.49
C LYS B 55 54.58 -6.02 -50.90
N ARG B 56 55.65 -6.68 -51.33
CA ARG B 56 55.65 -7.34 -52.62
C ARG B 56 55.89 -8.84 -52.42
N PRO B 57 55.32 -9.70 -53.27
CA PRO B 57 55.63 -11.10 -53.41
C PRO B 57 57.08 -11.26 -53.84
N SER B 58 57.71 -12.36 -53.44
CA SER B 58 59.10 -12.65 -53.81
C SER B 58 59.27 -12.79 -55.33
N GLY B 59 58.17 -13.00 -56.05
CA GLY B 59 58.19 -13.14 -57.50
C GLY B 59 58.14 -11.80 -58.21
N VAL B 60 58.05 -10.72 -57.43
CA VAL B 60 57.97 -9.38 -57.95
C VAL B 60 59.30 -8.66 -57.80
N SER B 61 59.76 -8.04 -58.89
CA SER B 61 61.04 -7.35 -58.87
C SER B 61 61.02 -6.16 -57.94
N HIS B 62 62.21 -5.75 -57.50
CA HIS B 62 62.39 -4.65 -56.55
C HIS B 62 62.05 -3.30 -57.16
N ARG B 63 61.83 -3.28 -58.47
CA ARG B 63 61.43 -2.07 -59.15
C ARG B 63 60.10 -1.58 -58.62
N PHE B 64 59.28 -2.51 -58.13
CA PHE B 64 57.94 -2.19 -57.69
C PHE B 64 57.83 -2.11 -56.18
N SER B 65 57.28 -1.00 -55.69
CA SER B 65 57.07 -0.83 -54.26
C SER B 65 55.81 -0.03 -53.96
N GLY B 66 55.24 -0.26 -52.78
CA GLY B 66 54.04 0.46 -52.38
C GLY B 66 54.37 1.72 -51.58
N SER B 67 53.49 2.70 -51.67
CA SER B 67 53.62 3.94 -50.92
C SER B 67 52.25 4.58 -50.69
N LYS B 68 52.07 5.22 -49.52
CA LYS B 68 50.80 5.86 -49.22
C LYS B 68 50.98 7.16 -48.46
N SER B 69 50.19 8.16 -48.84
CA SER B 69 50.22 9.47 -48.19
C SER B 69 48.83 10.09 -48.19
N GLY B 70 48.36 10.50 -47.02
CA GLY B 70 47.02 11.06 -46.91
C GLY B 70 45.99 10.01 -47.33
N ASN B 71 45.14 10.39 -48.27
CA ASN B 71 44.10 9.48 -48.75
C ASN B 71 44.45 8.91 -50.13
N THR B 72 45.71 9.03 -50.53
CA THR B 72 46.14 8.54 -51.83
C THR B 72 47.24 7.48 -51.74
N ALA B 73 46.99 6.34 -52.37
CA ALA B 73 47.96 5.26 -52.44
C ALA B 73 48.63 5.31 -53.80
N SER B 74 49.83 4.75 -53.92
CA SER B 74 50.46 4.69 -55.21
C SER B 74 51.38 3.50 -55.37
N LEU B 75 51.60 3.14 -56.64
CA LEU B 75 52.59 2.14 -57.01
C LEU B 75 53.77 2.79 -57.67
N THR B 76 54.95 2.61 -57.08
CA THR B 76 56.15 3.21 -57.63
C THR B 76 56.93 2.20 -58.44
N ILE B 77 57.30 2.59 -59.66
CA ILE B 77 58.11 1.75 -60.52
C ILE B 77 59.46 2.41 -60.79
N SER B 78 60.49 1.94 -60.10
CA SER B 78 61.82 2.54 -60.16
C SER B 78 62.70 1.88 -61.19
N GLY B 79 63.07 2.63 -62.22
CA GLY B 79 63.86 2.08 -63.31
C GLY B 79 62.97 1.28 -64.24
N LEU B 80 61.86 1.89 -64.66
CA LEU B 80 60.87 1.17 -65.44
C LEU B 80 61.47 0.63 -66.71
N GLN B 81 61.00 -0.52 -67.14
CA GLN B 81 61.45 -1.11 -68.38
C GLN B 81 60.34 -1.18 -69.40
N SER B 82 60.71 -1.40 -70.67
CA SER B 82 59.70 -1.60 -71.71
C SER B 82 58.88 -2.86 -71.45
N ALA B 83 59.43 -3.75 -70.65
CA ALA B 83 58.78 -5.01 -70.32
C ALA B 83 57.69 -4.80 -69.26
N ASP B 84 57.59 -3.59 -68.74
CA ASP B 84 56.61 -3.27 -67.72
C ASP B 84 55.35 -2.70 -68.35
N GLU B 85 55.27 -2.71 -69.69
CA GLU B 85 54.07 -2.24 -70.35
C GLU B 85 52.92 -3.19 -70.05
N ALA B 86 51.91 -2.66 -69.36
CA ALA B 86 50.80 -3.48 -68.89
C ALA B 86 49.67 -2.61 -68.36
N ASP B 87 48.52 -3.24 -68.13
CA ASP B 87 47.41 -2.57 -67.47
C ASP B 87 47.52 -2.75 -65.96
N TYR B 88 47.60 -1.65 -65.23
CA TYR B 88 47.74 -1.72 -63.79
C TYR B 88 46.46 -1.35 -63.08
N TYR B 89 46.16 -2.07 -62.01
CA TYR B 89 44.93 -1.82 -61.27
C TYR B 89 45.19 -1.71 -59.79
N CYS B 90 44.45 -0.82 -59.13
CA CYS B 90 44.43 -0.81 -57.68
C CYS B 90 43.16 -1.46 -57.19
N CYS B 91 43.25 -2.16 -56.07
CA CYS B 91 42.11 -2.88 -55.52
C CYS B 91 41.97 -2.72 -54.00
N LEU B 92 40.75 -2.44 -53.59
CA LEU B 92 40.39 -2.23 -52.20
C LEU B 92 39.36 -3.23 -51.74
N TYR B 93 39.61 -3.89 -50.61
CA TYR B 93 38.61 -4.79 -50.08
C TYR B 93 38.65 -4.86 -48.56
N ALA B 94 37.51 -4.58 -47.96
CA ALA B 94 37.33 -4.69 -46.54
C ALA B 94 36.94 -6.12 -46.19
N GLY B 95 36.45 -6.32 -44.99
CA GLY B 95 36.10 -7.65 -44.53
C GLY B 95 34.70 -8.07 -44.98
N SER B 96 34.01 -8.80 -44.12
CA SER B 96 32.71 -9.33 -44.46
C SER B 96 31.68 -8.26 -44.73
N SER B 97 30.76 -8.57 -45.64
CA SER B 97 29.61 -7.74 -45.95
C SER B 97 29.98 -6.41 -46.61
N THR B 98 31.02 -6.44 -47.44
CA THR B 98 31.38 -5.31 -48.30
C THR B 98 31.72 -5.86 -49.67
N SER B 99 31.80 -4.99 -50.66
CA SER B 99 32.16 -5.42 -52.02
C SER B 99 33.64 -5.20 -52.30
N VAL B 100 34.12 -5.87 -53.34
CA VAL B 100 35.49 -5.66 -53.82
C VAL B 100 35.51 -4.53 -54.82
N ILE B 101 36.39 -3.56 -54.61
CA ILE B 101 36.47 -2.41 -55.48
C ILE B 101 37.75 -2.37 -56.28
N PHE B 102 37.61 -2.25 -57.60
CA PHE B 102 38.76 -2.07 -58.47
C PHE B 102 38.71 -0.67 -59.08
N GLY B 103 39.87 -0.10 -59.34
CA GLY B 103 39.92 1.17 -60.05
C GLY B 103 39.67 0.93 -61.54
N GLY B 104 39.53 2.01 -62.32
CA GLY B 104 39.27 1.88 -63.74
C GLY B 104 40.37 1.13 -64.49
N GLY B 105 41.60 1.31 -64.05
CA GLY B 105 42.76 0.68 -64.68
C GLY B 105 43.63 1.71 -65.36
N THR B 106 44.94 1.59 -65.18
CA THR B 106 45.90 2.52 -65.74
C THR B 106 46.72 1.87 -66.83
N LYS B 107 46.80 2.53 -67.97
CA LYS B 107 47.67 2.04 -69.03
C LYS B 107 49.09 2.53 -68.81
N VAL B 108 49.99 1.63 -68.46
CA VAL B 108 51.36 2.01 -68.19
C VAL B 108 52.25 1.60 -69.36
N THR B 109 52.89 2.60 -69.95
CA THR B 109 53.66 2.39 -71.19
C THR B 109 54.88 3.31 -71.29
N VAL C 2 51.96 -22.86 -58.09
CA VAL C 2 50.75 -23.67 -58.11
C VAL C 2 50.04 -23.56 -59.46
N GLN C 3 48.92 -24.26 -59.58
CA GLN C 3 48.13 -24.24 -60.80
C GLN C 3 46.63 -24.20 -60.49
N LEU C 4 45.88 -23.59 -61.40
CA LEU C 4 44.44 -23.54 -61.30
C LEU C 4 43.83 -23.59 -62.69
N LEU C 5 43.23 -24.72 -63.04
CA LEU C 5 42.72 -24.97 -64.38
C LEU C 5 41.29 -24.50 -64.47
N GLU C 6 40.86 -24.06 -65.65
CA GLU C 6 39.50 -23.57 -65.82
C GLU C 6 38.95 -23.84 -67.21
N SER C 7 37.68 -24.21 -67.27
CA SER C 7 37.02 -24.50 -68.54
C SER C 7 35.50 -24.40 -68.43
N GLY C 8 34.82 -24.56 -69.57
CA GLY C 8 33.36 -24.54 -69.61
C GLY C 8 32.77 -23.29 -70.26
N GLY C 9 33.59 -22.51 -70.95
CA GLY C 9 33.10 -21.30 -71.60
C GLY C 9 32.37 -21.63 -72.91
N GLY C 10 32.11 -20.61 -73.72
CA GLY C 10 31.37 -20.81 -74.96
C GLY C 10 30.30 -19.74 -75.17
N LEU C 11 29.59 -19.86 -76.29
CA LEU C 11 28.53 -18.92 -76.66
C LEU C 11 27.14 -19.44 -76.29
N VAL C 12 26.44 -18.69 -75.46
CA VAL C 12 25.09 -19.03 -75.07
C VAL C 12 24.17 -17.83 -75.21
N LYS C 13 23.14 -17.97 -76.03
CA LYS C 13 22.22 -16.88 -76.29
C LYS C 13 21.53 -16.42 -75.00
N PRO C 14 21.22 -15.12 -74.88
CA PRO C 14 20.64 -14.48 -73.72
C PRO C 14 19.35 -15.18 -73.35
N GLY C 15 19.16 -15.37 -72.05
CA GLY C 15 18.01 -16.08 -71.54
C GLY C 15 18.40 -17.50 -71.12
N GLY C 16 19.55 -17.97 -71.62
CA GLY C 16 20.03 -19.31 -71.29
C GLY C 16 20.90 -19.32 -70.04
N SER C 17 21.61 -20.44 -69.83
CA SER C 17 22.45 -20.64 -68.65
C SER C 17 23.80 -21.24 -69.03
N LEU C 18 24.80 -21.04 -68.18
CA LEU C 18 26.12 -21.64 -68.38
C LEU C 18 26.87 -21.85 -67.07
N ARG C 19 27.50 -23.01 -66.92
CA ARG C 19 28.30 -23.28 -65.73
C ARG C 19 29.80 -23.36 -66.04
N LEU C 20 30.57 -22.59 -65.30
CA LEU C 20 32.03 -22.64 -65.39
C LEU C 20 32.58 -23.42 -64.22
N SER C 21 33.73 -24.04 -64.40
CA SER C 21 34.36 -24.74 -63.30
C SER C 21 35.87 -24.66 -63.38
N CYS C 22 36.51 -24.88 -62.25
CA CYS C 22 37.96 -24.86 -62.19
C CYS C 22 38.50 -25.90 -61.21
N GLU C 23 39.79 -26.22 -61.36
CA GLU C 23 40.43 -27.25 -60.54
C GLU C 23 41.79 -26.80 -60.01
N ALA C 24 41.98 -26.94 -58.71
CA ALA C 24 43.20 -26.50 -58.06
C ALA C 24 44.23 -27.61 -57.97
N SER C 25 45.51 -27.23 -58.07
CA SER C 25 46.61 -28.17 -57.91
C SER C 25 47.87 -27.49 -57.33
N GLY C 26 48.50 -28.16 -56.38
CA GLY C 26 49.73 -27.65 -55.75
C GLY C 26 49.44 -26.87 -54.47
N LEU C 27 48.16 -26.58 -54.25
CA LEU C 27 47.72 -25.85 -53.06
C LEU C 27 46.73 -26.70 -52.29
N THR C 28 46.58 -26.44 -51.00
CA THR C 28 45.61 -27.19 -50.22
C THR C 28 44.22 -26.60 -50.40
N PHE C 29 43.45 -27.23 -51.27
CA PHE C 29 42.16 -26.70 -51.69
C PHE C 29 41.21 -26.52 -50.51
N SER C 30 41.13 -27.52 -49.68
CA SER C 30 40.17 -27.56 -48.59
C SER C 30 40.42 -26.49 -47.51
N ASN C 31 41.57 -25.83 -47.56
CA ASN C 31 41.90 -24.84 -46.56
C ASN C 31 42.10 -23.43 -47.11
N VAL C 32 41.58 -23.16 -48.31
CA VAL C 32 41.69 -21.81 -48.87
C VAL C 32 40.35 -21.26 -49.32
N TRP C 33 40.29 -19.95 -49.51
CA TRP C 33 39.13 -19.32 -50.11
C TRP C 33 39.25 -19.31 -51.62
N MET C 34 38.12 -19.41 -52.28
CA MET C 34 38.09 -19.35 -53.72
C MET C 34 37.16 -18.23 -54.17
N SER C 35 37.46 -17.63 -55.31
CA SER C 35 36.65 -16.53 -55.81
C SER C 35 36.65 -16.42 -57.32
N TRP C 36 35.71 -15.63 -57.84
CA TRP C 36 35.61 -15.40 -59.27
C TRP C 36 35.58 -13.91 -59.59
N VAL C 37 36.26 -13.56 -60.66
CA VAL C 37 36.31 -12.20 -61.18
C VAL C 37 36.10 -12.24 -62.69
N ARG C 38 35.47 -11.22 -63.25
CA ARG C 38 35.30 -11.19 -64.70
C ARG C 38 35.80 -9.89 -65.30
N GLN C 39 36.22 -9.95 -66.56
CA GLN C 39 36.67 -8.77 -67.27
C GLN C 39 36.14 -8.72 -68.69
N ALA C 40 35.29 -7.75 -68.95
CA ALA C 40 34.79 -7.57 -70.30
C ALA C 40 35.84 -6.83 -71.11
N PRO C 41 35.95 -7.08 -72.41
CA PRO C 41 36.84 -6.38 -73.31
C PRO C 41 36.64 -4.89 -73.19
N GLY C 42 37.74 -4.15 -73.11
CA GLY C 42 37.70 -2.69 -73.01
C GLY C 42 37.45 -2.18 -71.59
N LYS C 43 37.17 -3.09 -70.65
CA LYS C 43 36.86 -2.68 -69.28
C LYS C 43 37.91 -3.16 -68.28
N GLY C 44 37.80 -2.66 -67.05
CA GLY C 44 38.66 -3.10 -65.96
C GLY C 44 38.08 -4.35 -65.33
N LEU C 45 38.54 -4.68 -64.12
CA LEU C 45 38.10 -5.92 -63.47
C LEU C 45 36.82 -5.70 -62.67
N GLU C 46 35.96 -6.70 -62.66
CA GLU C 46 34.75 -6.66 -61.84
C GLU C 46 34.58 -7.95 -61.05
N TRP C 47 34.42 -7.81 -59.75
CA TRP C 47 34.29 -8.96 -58.85
C TRP C 47 32.93 -9.64 -59.00
N VAL C 48 32.95 -10.97 -59.10
CA VAL C 48 31.72 -11.73 -59.21
C VAL C 48 31.30 -12.26 -57.84
N GLY C 49 32.21 -12.94 -57.16
CA GLY C 49 31.86 -13.48 -55.85
C GLY C 49 32.94 -14.33 -55.21
N ARG C 50 32.69 -14.69 -53.96
CA ARG C 50 33.58 -15.50 -53.14
C ARG C 50 32.84 -16.63 -52.45
N ILE C 51 33.51 -17.75 -52.29
CA ILE C 51 32.98 -18.85 -51.50
C ILE C 51 33.98 -19.28 -50.41
N LYS C 52 33.48 -19.44 -49.19
CA LYS C 52 34.30 -19.77 -48.04
C LYS C 52 34.54 -21.27 -47.86
N ARG C 53 35.30 -21.61 -46.82
CA ARG C 53 35.68 -22.99 -46.56
C ARG C 53 34.48 -23.80 -46.06
N LYS C 54 34.55 -25.11 -46.22
CA LYS C 54 33.48 -25.97 -45.72
C LYS C 54 33.33 -25.83 -44.21
N SER C 55 34.46 -25.65 -43.52
CA SER C 55 34.47 -25.48 -42.07
C SER C 55 33.76 -24.19 -41.66
N GLU C 56 33.56 -23.29 -42.62
CA GLU C 56 32.90 -22.02 -42.38
C GLU C 56 31.45 -22.08 -42.86
N GLY C 57 31.00 -23.27 -43.26
CA GLY C 57 29.65 -23.46 -43.79
C GLY C 57 29.59 -23.19 -45.28
N ALA C 58 30.75 -22.94 -45.90
CA ALA C 58 30.84 -22.65 -47.32
C ALA C 58 29.85 -21.57 -47.73
N THR C 59 29.82 -20.49 -46.96
CA THR C 59 28.93 -19.39 -47.25
C THR C 59 29.49 -18.56 -48.39
N THR C 60 28.68 -17.66 -48.93
CA THR C 60 29.10 -16.89 -50.09
C THR C 60 28.84 -15.39 -49.98
N ASP C 61 29.55 -14.64 -50.81
CA ASP C 61 29.40 -13.19 -50.96
C ASP C 61 29.44 -12.83 -52.45
N TYR C 62 28.50 -11.99 -52.89
CA TYR C 62 28.40 -11.64 -54.30
C TYR C 62 28.52 -10.15 -54.55
N GLY C 63 29.04 -9.81 -55.72
CA GLY C 63 29.01 -8.43 -56.18
C GLY C 63 27.59 -8.06 -56.55
N ALA C 64 27.22 -6.80 -56.36
CA ALA C 64 25.86 -6.37 -56.68
C ALA C 64 25.46 -6.61 -58.16
N PRO C 65 26.37 -6.43 -59.15
CA PRO C 65 26.13 -6.63 -60.57
C PRO C 65 25.77 -8.07 -60.94
N VAL C 66 26.06 -9.01 -60.03
CA VAL C 66 25.81 -10.42 -60.33
C VAL C 66 24.89 -11.10 -59.30
N LYS C 67 24.73 -10.47 -58.15
CA LYS C 67 23.90 -11.06 -57.11
C LYS C 67 22.49 -11.31 -57.63
N GLY C 68 22.01 -12.53 -57.47
CA GLY C 68 20.68 -12.92 -57.92
C GLY C 68 20.68 -13.48 -59.35
N ARG C 69 21.82 -13.36 -60.02
CA ARG C 69 21.98 -13.83 -61.39
C ARG C 69 22.95 -15.02 -61.44
N PHE C 70 23.96 -14.96 -60.56
CA PHE C 70 25.00 -15.99 -60.44
C PHE C 70 24.87 -16.78 -59.13
N THR C 71 25.28 -18.05 -59.17
CA THR C 71 25.33 -18.92 -57.98
C THR C 71 26.69 -19.61 -57.85
N LEU C 72 27.23 -19.63 -56.63
CA LEU C 72 28.49 -20.29 -56.36
C LEU C 72 28.33 -21.63 -55.67
N SER C 73 29.24 -22.55 -55.98
CA SER C 73 29.32 -23.81 -55.26
C SER C 73 30.76 -24.31 -55.22
N ARG C 74 30.95 -25.49 -54.64
CA ARG C 74 32.30 -26.02 -54.43
C ARG C 74 32.25 -27.50 -54.03
N ASP C 75 33.29 -28.23 -54.43
CA ASP C 75 33.41 -29.64 -54.09
C ASP C 75 34.86 -30.03 -53.80
N ASP C 76 35.17 -30.21 -52.51
CA ASP C 76 36.53 -30.43 -52.07
C ASP C 76 37.05 -31.83 -52.38
N SER C 77 36.18 -32.73 -52.81
CA SER C 77 36.60 -34.09 -53.09
C SER C 77 37.30 -34.17 -54.44
N LYS C 78 37.16 -33.12 -55.25
CA LYS C 78 37.76 -33.07 -56.58
C LYS C 78 38.67 -31.87 -56.72
N ASN C 79 38.78 -31.09 -55.65
CA ASN C 79 39.49 -29.82 -55.66
C ASN C 79 38.93 -28.85 -56.69
N THR C 80 37.59 -28.78 -56.79
CA THR C 80 37.00 -27.90 -57.80
C THR C 80 36.02 -26.88 -57.22
N VAL C 81 35.83 -25.81 -57.98
CA VAL C 81 34.88 -24.74 -57.67
C VAL C 81 33.98 -24.51 -58.85
N TYR C 82 32.73 -24.14 -58.60
CA TYR C 82 31.80 -23.93 -59.69
C TYR C 82 31.20 -22.54 -59.65
N LEU C 83 30.96 -21.99 -60.83
CA LEU C 83 30.24 -20.74 -60.98
C LEU C 83 29.11 -20.94 -61.97
N GLN C 84 27.89 -20.96 -61.47
CA GLN C 84 26.75 -21.22 -62.32
C GLN C 84 25.89 -19.99 -62.49
N MET C 85 25.79 -19.51 -63.70
CA MET C 85 24.97 -18.35 -63.96
C MET C 85 23.68 -18.77 -64.61
N ASN C 86 22.58 -18.39 -63.97
CA ASN C 86 21.28 -18.91 -64.31
C ASN C 86 20.53 -18.02 -65.28
N SER C 87 20.83 -16.73 -65.25
CA SER C 87 20.17 -15.82 -66.18
C SER C 87 21.16 -14.98 -66.97
N LEU C 88 21.51 -15.45 -68.17
CA LEU C 88 22.48 -14.75 -69.00
C LEU C 88 21.87 -13.57 -69.75
N LYS C 89 22.58 -12.46 -69.74
CA LYS C 89 22.23 -11.32 -70.57
C LYS C 89 23.42 -10.88 -71.41
N ILE C 90 23.18 -10.03 -72.39
CA ILE C 90 24.25 -9.58 -73.29
C ILE C 90 25.43 -9.00 -72.50
N ASP C 91 25.11 -8.24 -71.46
CA ASP C 91 26.11 -7.53 -70.67
C ASP C 91 27.01 -8.49 -69.86
N ASP C 92 26.68 -9.78 -69.84
CA ASP C 92 27.47 -10.74 -69.09
C ASP C 92 28.62 -11.27 -69.93
N THR C 93 28.74 -10.80 -71.17
CA THR C 93 29.86 -11.19 -72.01
C THR C 93 31.16 -10.70 -71.38
N ALA C 94 32.05 -11.63 -71.08
CA ALA C 94 33.30 -11.30 -70.41
C ALA C 94 34.21 -12.50 -70.32
N VAL C 95 35.46 -12.25 -69.99
CA VAL C 95 36.35 -13.34 -69.63
C VAL C 95 36.24 -13.56 -68.14
N TYR C 96 35.95 -14.78 -67.75
CA TYR C 96 35.80 -15.11 -66.34
C TYR C 96 37.06 -15.77 -65.84
N TYR C 97 37.39 -15.52 -64.59
CA TYR C 97 38.56 -16.14 -64.01
C TYR C 97 38.26 -16.77 -62.67
N CYS C 98 38.71 -18.01 -62.52
CA CYS C 98 38.73 -18.68 -61.24
C CYS C 98 40.02 -18.30 -60.56
N SER C 99 39.94 -17.85 -59.32
CA SER C 99 41.11 -17.36 -58.61
C SER C 99 41.04 -17.67 -57.12
N THR C 100 42.16 -17.54 -56.44
CA THR C 100 42.20 -17.75 -55.01
C THR C 100 42.22 -16.41 -54.28
N LEU C 101 41.89 -16.44 -52.99
CA LEU C 101 41.87 -15.23 -52.16
C LEU C 101 42.44 -15.49 -50.79
N THR C 102 43.31 -14.60 -50.31
CA THR C 102 43.86 -14.74 -48.97
C THR C 102 43.77 -13.43 -48.20
N ARG C 103 44.06 -13.51 -46.90
CA ARG C 103 44.12 -12.31 -46.07
C ARG C 103 45.40 -12.30 -45.26
N GLY C 104 46.11 -11.19 -45.34
CA GLY C 104 47.33 -11.02 -44.60
C GLY C 104 47.00 -10.48 -43.23
N GLY C 105 48.02 -10.31 -42.40
CA GLY C 105 47.80 -9.84 -41.06
C GLY C 105 47.14 -10.92 -40.23
N ASP C 106 46.34 -10.51 -39.26
CA ASP C 106 45.70 -11.43 -38.34
C ASP C 106 44.24 -11.04 -38.12
N VAL C 107 43.68 -11.48 -37.00
CA VAL C 107 42.28 -11.23 -36.67
C VAL C 107 42.06 -9.78 -36.22
N TRP C 108 43.15 -9.10 -35.93
CA TRP C 108 43.11 -7.75 -35.39
C TRP C 108 43.15 -6.72 -36.51
N SER C 109 44.16 -6.86 -37.36
CA SER C 109 44.35 -5.97 -38.51
C SER C 109 44.74 -6.78 -39.73
N SER C 110 43.88 -6.74 -40.75
CA SER C 110 44.05 -7.61 -41.90
C SER C 110 44.15 -6.84 -43.22
N SER C 111 44.58 -7.55 -44.26
CA SER C 111 44.64 -7.02 -45.62
C SER C 111 44.29 -8.11 -46.62
N TYR C 112 43.32 -7.86 -47.47
CA TYR C 112 42.87 -8.87 -48.40
C TYR C 112 43.48 -8.66 -49.77
N TYR C 113 43.81 -9.75 -50.44
CA TYR C 113 44.31 -9.68 -51.81
C TYR C 113 44.19 -11.01 -52.53
N PHE C 114 44.13 -10.93 -53.86
CA PHE C 114 44.13 -12.12 -54.71
C PHE C 114 45.57 -12.42 -55.07
N ASP C 115 46.01 -13.65 -54.85
CA ASP C 115 47.38 -14.02 -55.15
C ASP C 115 47.51 -14.80 -56.48
N TYR C 116 46.82 -15.92 -56.58
CA TYR C 116 46.96 -16.76 -57.76
C TYR C 116 45.71 -16.77 -58.63
N TRP C 117 45.94 -16.87 -59.94
CA TRP C 117 44.87 -16.87 -60.92
C TRP C 117 45.01 -18.05 -61.87
N GLY C 118 43.89 -18.56 -62.36
CA GLY C 118 43.92 -19.58 -63.40
C GLY C 118 44.00 -18.93 -64.77
N GLN C 119 43.69 -19.68 -65.82
CA GLN C 119 43.79 -19.15 -67.18
C GLN C 119 42.53 -18.41 -67.60
N GLY C 120 41.41 -18.78 -67.01
CA GLY C 120 40.14 -18.13 -67.33
C GLY C 120 39.42 -18.79 -68.50
N ALA C 121 38.20 -18.34 -68.74
CA ALA C 121 37.36 -18.84 -69.82
C ALA C 121 36.51 -17.72 -70.39
N LEU C 122 36.23 -17.77 -71.68
CA LEU C 122 35.41 -16.74 -72.31
C LEU C 122 33.98 -17.16 -72.49
N VAL C 123 33.06 -16.33 -72.02
CA VAL C 123 31.65 -16.56 -72.20
C VAL C 123 31.03 -15.41 -72.98
N THR C 124 30.34 -15.76 -74.05
CA THR C 124 29.71 -14.76 -74.90
C THR C 124 28.20 -14.94 -74.88
N VAL C 125 27.48 -13.83 -74.81
CA VAL C 125 26.03 -13.87 -74.79
C VAL C 125 25.44 -12.92 -75.81
N VAL D 2 -17.97 -24.41 -75.69
CA VAL D 2 -17.21 -23.25 -75.24
C VAL D 2 -16.16 -22.85 -76.25
N GLN D 3 -16.11 -21.55 -76.54
CA GLN D 3 -15.13 -21.01 -77.48
C GLN D 3 -14.57 -19.68 -76.99
N LEU D 4 -13.26 -19.53 -77.14
CA LEU D 4 -12.61 -18.27 -76.78
C LEU D 4 -11.99 -17.63 -78.02
N LEU D 5 -12.44 -16.44 -78.35
CA LEU D 5 -11.97 -15.70 -79.51
C LEU D 5 -10.96 -14.66 -79.12
N GLU D 6 -9.76 -14.74 -79.68
CA GLU D 6 -8.69 -13.83 -79.29
C GLU D 6 -8.12 -13.03 -80.46
N SER D 7 -7.91 -11.74 -80.24
CA SER D 7 -7.38 -10.85 -81.27
C SER D 7 -6.68 -9.65 -80.66
N GLY D 8 -6.06 -8.83 -81.53
CA GLY D 8 -5.40 -7.61 -81.07
C GLY D 8 -3.88 -7.71 -81.11
N GLY D 9 -3.35 -8.74 -81.76
CA GLY D 9 -1.91 -8.90 -81.86
C GLY D 9 -1.35 -7.95 -82.91
N GLY D 10 -0.07 -8.07 -83.21
CA GLY D 10 0.58 -7.19 -84.16
C GLY D 10 2.00 -6.84 -83.72
N LEU D 11 2.64 -5.94 -84.45
CA LEU D 11 4.01 -5.57 -84.17
C LEU D 11 4.12 -4.17 -83.60
N VAL D 12 4.75 -4.07 -82.44
CA VAL D 12 5.02 -2.79 -81.79
C VAL D 12 6.47 -2.72 -81.36
N LYS D 13 7.18 -1.72 -81.81
CA LYS D 13 8.57 -1.58 -81.46
C LYS D 13 8.72 -1.45 -79.95
N PRO D 14 9.76 -2.09 -79.34
CA PRO D 14 10.08 -2.03 -77.94
C PRO D 14 10.10 -0.59 -77.48
N GLY D 15 9.50 -0.33 -76.32
CA GLY D 15 9.36 1.01 -75.81
C GLY D 15 7.92 1.49 -75.95
N GLY D 16 7.19 0.89 -76.89
CA GLY D 16 5.78 1.23 -77.12
C GLY D 16 4.87 0.37 -76.26
N SER D 17 3.60 0.26 -76.68
CA SER D 17 2.60 -0.49 -75.92
C SER D 17 1.59 -1.18 -76.83
N LEU D 18 0.97 -2.23 -76.31
CA LEU D 18 -0.03 -3.02 -77.05
C LEU D 18 -1.12 -3.55 -76.13
N ARG D 19 -2.36 -3.61 -76.63
CA ARG D 19 -3.44 -4.21 -75.87
C ARG D 19 -4.08 -5.39 -76.59
N LEU D 20 -4.18 -6.52 -75.89
CA LEU D 20 -4.86 -7.71 -76.39
C LEU D 20 -6.25 -7.81 -75.81
N SER D 21 -7.13 -8.50 -76.52
CA SER D 21 -8.44 -8.76 -75.97
C SER D 21 -9.01 -10.07 -76.48
N CYS D 22 -9.98 -10.60 -75.74
CA CYS D 22 -10.65 -11.80 -76.19
C CYS D 22 -12.10 -11.83 -75.72
N GLU D 23 -12.90 -12.68 -76.37
CA GLU D 23 -14.32 -12.80 -76.08
C GLU D 23 -14.71 -14.25 -75.82
N ALA D 24 -15.49 -14.47 -74.78
CA ALA D 24 -15.90 -15.81 -74.43
C ALA D 24 -17.34 -16.08 -74.85
N SER D 25 -17.59 -17.30 -75.30
CA SER D 25 -18.94 -17.75 -75.64
C SER D 25 -19.13 -19.21 -75.27
N GLY D 26 -20.33 -19.54 -74.79
CA GLY D 26 -20.65 -20.92 -74.40
C GLY D 26 -20.51 -21.12 -72.89
N LEU D 27 -19.92 -20.15 -72.23
CA LEU D 27 -19.75 -20.19 -70.79
C LEU D 27 -20.40 -18.98 -70.14
N THR D 28 -20.60 -19.05 -68.83
CA THR D 28 -21.10 -17.89 -68.10
C THR D 28 -19.92 -17.06 -67.64
N PHE D 29 -19.70 -15.96 -68.33
CA PHE D 29 -18.50 -15.15 -68.12
C PHE D 29 -18.35 -14.72 -66.68
N SER D 30 -19.45 -14.27 -66.10
CA SER D 30 -19.43 -13.75 -64.74
C SER D 30 -19.18 -14.85 -63.71
N ASN D 31 -19.14 -16.10 -64.15
CA ASN D 31 -18.92 -17.21 -63.26
C ASN D 31 -17.63 -17.99 -63.56
N VAL D 32 -16.69 -17.37 -64.27
CA VAL D 32 -15.40 -18.02 -64.50
C VAL D 32 -14.24 -17.08 -64.21
N TRP D 33 -13.06 -17.66 -63.97
CA TRP D 33 -11.84 -16.88 -63.89
C TRP D 33 -11.23 -16.80 -65.26
N MET D 34 -10.51 -15.71 -65.53
CA MET D 34 -9.85 -15.57 -66.81
C MET D 34 -8.35 -15.39 -66.61
N SER D 35 -7.55 -15.93 -67.51
CA SER D 35 -6.10 -15.87 -67.37
C SER D 35 -5.38 -15.83 -68.71
N TRP D 36 -4.15 -15.31 -68.68
CA TRP D 36 -3.32 -15.26 -69.88
C TRP D 36 -1.98 -15.95 -69.67
N VAL D 37 -1.52 -16.62 -70.72
CA VAL D 37 -0.18 -17.19 -70.76
C VAL D 37 0.47 -16.78 -72.06
N ARG D 38 1.78 -16.98 -72.18
CA ARG D 38 2.44 -16.72 -73.44
C ARG D 38 3.50 -17.78 -73.74
N GLN D 39 3.84 -17.90 -75.01
CA GLN D 39 4.88 -18.81 -75.42
C GLN D 39 5.73 -18.25 -76.54
N ALA D 40 7.00 -17.99 -76.25
CA ALA D 40 7.90 -17.51 -77.28
C ALA D 40 8.38 -18.70 -78.10
N PRO D 41 8.68 -18.52 -79.38
CA PRO D 41 9.20 -19.55 -80.25
C PRO D 41 10.41 -20.23 -79.63
N GLY D 42 10.41 -21.56 -79.65
CA GLY D 42 11.52 -22.34 -79.10
C GLY D 42 11.44 -22.53 -77.58
N LYS D 43 10.49 -21.88 -76.93
CA LYS D 43 10.41 -21.95 -75.47
C LYS D 43 9.16 -22.69 -74.99
N GLY D 44 9.13 -22.97 -73.69
CA GLY D 44 7.98 -23.62 -73.07
C GLY D 44 6.94 -22.57 -72.71
N LEU D 45 5.99 -22.95 -71.87
CA LEU D 45 4.89 -22.06 -71.52
C LEU D 45 5.28 -21.14 -70.37
N GLU D 46 4.79 -19.90 -70.40
CA GLU D 46 5.02 -18.96 -69.31
C GLU D 46 3.75 -18.21 -68.92
N TRP D 47 3.48 -18.15 -67.63
CA TRP D 47 2.30 -17.49 -67.11
C TRP D 47 2.42 -15.97 -67.09
N VAL D 48 1.38 -15.28 -67.56
CA VAL D 48 1.37 -13.82 -67.56
C VAL D 48 0.62 -13.25 -66.36
N GLY D 49 -0.62 -13.71 -66.16
CA GLY D 49 -1.44 -13.23 -65.05
C GLY D 49 -2.89 -13.68 -65.15
N ARG D 50 -3.65 -13.49 -64.06
CA ARG D 50 -5.07 -13.87 -64.03
C ARG D 50 -5.93 -12.85 -63.30
N ILE D 51 -7.24 -12.90 -63.59
CA ILE D 51 -8.22 -12.03 -62.93
C ILE D 51 -9.42 -12.83 -62.41
N LYS D 52 -9.90 -12.47 -61.21
CA LYS D 52 -11.02 -13.13 -60.57
C LYS D 52 -12.37 -12.58 -61.05
N ARG D 53 -13.46 -13.16 -60.51
CA ARG D 53 -14.80 -12.76 -60.88
C ARG D 53 -15.18 -11.43 -60.23
N LYS D 54 -16.17 -10.75 -60.80
CA LYS D 54 -16.62 -9.48 -60.26
C LYS D 54 -17.11 -9.63 -58.83
N SER D 55 -17.80 -10.73 -58.55
CA SER D 55 -18.33 -10.99 -57.22
C SER D 55 -17.20 -11.19 -56.19
N GLU D 56 -16.00 -11.43 -56.69
CA GLU D 56 -14.83 -11.64 -55.86
C GLU D 56 -13.96 -10.38 -55.79
N GLY D 57 -14.47 -9.29 -56.35
CA GLY D 57 -13.73 -8.03 -56.38
C GLY D 57 -12.86 -7.89 -57.63
N ALA D 58 -12.90 -8.90 -58.50
CA ALA D 58 -12.14 -8.90 -59.75
C ALA D 58 -10.68 -8.52 -59.49
N THR D 59 -10.06 -9.17 -58.52
CA THR D 59 -8.68 -8.89 -58.19
C THR D 59 -7.77 -9.60 -59.16
N THR D 60 -6.49 -9.24 -59.16
CA THR D 60 -5.54 -9.83 -60.08
C THR D 60 -4.27 -10.33 -59.43
N ASP D 61 -3.61 -11.24 -60.13
CA ASP D 61 -2.31 -11.80 -59.77
C ASP D 61 -1.45 -11.91 -61.01
N TYR D 62 -0.20 -11.49 -60.92
CA TYR D 62 0.66 -11.43 -62.09
C TYR D 62 1.89 -12.28 -61.96
N GLY D 63 2.42 -12.75 -63.09
CA GLY D 63 3.68 -13.43 -63.11
C GLY D 63 4.80 -12.43 -62.89
N ALA D 64 5.92 -12.89 -62.35
CA ALA D 64 7.05 -12.00 -62.10
C ALA D 64 7.59 -11.32 -63.38
N PRO D 65 7.66 -12.00 -64.54
CA PRO D 65 8.21 -11.50 -65.79
C PRO D 65 7.51 -10.24 -66.30
N VAL D 66 6.28 -10.00 -65.83
CA VAL D 66 5.55 -8.83 -66.29
C VAL D 66 4.98 -8.05 -65.12
N LYS D 67 5.69 -8.10 -64.01
CA LYS D 67 5.20 -7.43 -62.82
C LYS D 67 5.42 -5.95 -62.90
N GLY D 68 4.33 -5.20 -62.80
CA GLY D 68 4.39 -3.75 -62.88
C GLY D 68 4.35 -3.25 -64.32
N ARG D 69 4.23 -4.16 -65.28
CA ARG D 69 4.20 -3.75 -66.68
C ARG D 69 2.89 -4.10 -67.34
N PHE D 70 2.38 -5.29 -67.06
CA PHE D 70 1.12 -5.71 -67.68
C PHE D 70 -0.03 -5.57 -66.70
N THR D 71 -1.20 -5.20 -67.21
CA THR D 71 -2.40 -5.10 -66.39
C THR D 71 -3.57 -5.86 -67.00
N LEU D 72 -4.29 -6.61 -66.16
CA LEU D 72 -5.47 -7.35 -66.61
C LEU D 72 -6.75 -6.68 -66.15
N SER D 73 -7.79 -6.81 -66.96
CA SER D 73 -9.12 -6.33 -66.62
C SER D 73 -10.18 -7.14 -67.36
N ARG D 74 -11.42 -7.05 -66.92
CA ARG D 74 -12.50 -7.77 -67.58
C ARG D 74 -13.78 -6.96 -67.60
N ASP D 75 -14.69 -7.30 -68.51
CA ASP D 75 -15.96 -6.60 -68.62
C ASP D 75 -17.12 -7.56 -68.91
N ASP D 76 -17.95 -7.79 -67.89
CA ASP D 76 -19.01 -8.78 -67.94
C ASP D 76 -20.20 -8.34 -68.78
N SER D 77 -20.22 -7.08 -69.20
CA SER D 77 -21.32 -6.60 -70.02
C SER D 77 -21.11 -7.00 -71.48
N LYS D 78 -19.89 -7.48 -71.80
CA LYS D 78 -19.55 -7.88 -73.15
C LYS D 78 -19.03 -9.31 -73.21
N ASN D 79 -18.71 -9.85 -72.04
CA ASN D 79 -18.08 -11.17 -71.91
C ASN D 79 -16.69 -11.16 -72.54
N THR D 80 -15.95 -10.07 -72.27
CA THR D 80 -14.60 -9.94 -72.82
C THR D 80 -13.55 -9.71 -71.74
N VAL D 81 -12.31 -10.00 -72.10
CA VAL D 81 -11.16 -9.81 -71.22
C VAL D 81 -10.10 -9.00 -71.92
N TYR D 82 -9.40 -8.17 -71.16
CA TYR D 82 -8.37 -7.33 -71.72
C TYR D 82 -7.03 -7.54 -71.02
N LEU D 83 -5.97 -7.40 -71.80
CA LEU D 83 -4.61 -7.40 -71.29
C LEU D 83 -3.83 -6.26 -71.91
N GLN D 84 -3.47 -5.25 -71.12
CA GLN D 84 -2.75 -4.13 -71.68
C GLN D 84 -1.30 -4.14 -71.22
N MET D 85 -0.41 -4.02 -72.19
CA MET D 85 1.02 -4.09 -71.97
C MET D 85 1.61 -2.71 -71.96
N ASN D 86 1.74 -2.12 -70.77
CA ASN D 86 2.14 -0.71 -70.63
C ASN D 86 3.45 -0.40 -71.30
N SER D 87 4.45 -1.23 -71.06
CA SER D 87 5.78 -1.02 -71.60
C SER D 87 6.35 -2.31 -72.14
N LEU D 88 6.48 -2.40 -73.45
CA LEU D 88 6.97 -3.60 -74.12
C LEU D 88 8.48 -3.63 -74.21
N LYS D 89 9.03 -4.83 -74.12
CA LYS D 89 10.45 -5.08 -74.36
C LYS D 89 10.60 -6.06 -75.50
N ILE D 90 11.81 -6.17 -76.05
CA ILE D 90 12.04 -7.13 -77.13
C ILE D 90 11.77 -8.57 -76.67
N ASP D 91 12.01 -8.83 -75.38
CA ASP D 91 11.82 -10.14 -74.80
C ASP D 91 10.34 -10.55 -74.72
N ASP D 92 9.43 -9.61 -74.99
CA ASP D 92 8.01 -9.90 -74.90
C ASP D 92 7.48 -10.50 -76.19
N THR D 93 8.35 -10.70 -77.17
CA THR D 93 7.92 -11.35 -78.40
C THR D 93 7.47 -12.77 -78.08
N ALA D 94 6.18 -13.03 -78.26
CA ALA D 94 5.62 -14.32 -77.92
C ALA D 94 4.20 -14.43 -78.42
N VAL D 95 3.70 -15.66 -78.50
CA VAL D 95 2.29 -15.85 -78.75
C VAL D 95 1.55 -15.87 -77.43
N TYR D 96 0.51 -15.06 -77.35
CA TYR D 96 -0.27 -14.97 -76.13
C TYR D 96 -1.54 -15.79 -76.27
N TYR D 97 -2.01 -16.34 -75.17
CA TYR D 97 -3.22 -17.12 -75.20
C TYR D 97 -4.20 -16.68 -74.13
N CYS D 98 -5.42 -16.42 -74.56
CA CYS D 98 -6.55 -16.14 -73.68
C CYS D 98 -7.16 -17.46 -73.25
N SER D 99 -7.24 -17.69 -71.95
CA SER D 99 -7.75 -18.95 -71.43
C SER D 99 -8.56 -18.75 -70.16
N THR D 100 -9.31 -19.78 -69.79
CA THR D 100 -10.04 -19.76 -68.53
C THR D 100 -9.27 -20.51 -67.47
N LEU D 101 -9.66 -20.31 -66.22
CA LEU D 101 -9.03 -20.99 -65.09
C LEU D 101 -10.08 -21.48 -64.11
N THR D 102 -9.98 -22.71 -63.68
CA THR D 102 -10.94 -23.24 -62.72
C THR D 102 -10.28 -23.99 -61.57
N ARG D 103 -11.09 -24.30 -60.56
CA ARG D 103 -10.62 -25.14 -59.46
C ARG D 103 -11.48 -26.39 -59.35
N GLY D 104 -10.84 -27.50 -59.00
CA GLY D 104 -11.53 -28.73 -58.73
C GLY D 104 -11.52 -29.01 -57.24
N GLY D 105 -11.98 -30.19 -56.86
CA GLY D 105 -12.05 -30.54 -55.45
C GLY D 105 -13.02 -29.61 -54.74
N ASP D 106 -12.59 -29.05 -53.64
CA ASP D 106 -13.42 -28.14 -52.87
C ASP D 106 -12.57 -27.07 -52.23
N VAL D 107 -13.10 -26.47 -51.17
CA VAL D 107 -12.40 -25.44 -50.44
C VAL D 107 -11.37 -26.06 -49.48
N TRP D 108 -11.67 -27.25 -48.96
CA TRP D 108 -10.77 -27.93 -48.05
C TRP D 108 -9.47 -28.27 -48.78
N SER D 109 -9.60 -28.95 -49.91
CA SER D 109 -8.45 -29.32 -50.75
C SER D 109 -8.69 -28.95 -52.18
N SER D 110 -8.05 -27.87 -52.63
CA SER D 110 -8.29 -27.36 -53.96
C SER D 110 -7.25 -27.84 -54.96
N SER D 111 -7.65 -27.87 -56.22
CA SER D 111 -6.72 -28.17 -57.33
C SER D 111 -7.02 -27.29 -58.52
N TYR D 112 -6.01 -26.60 -59.02
CA TYR D 112 -6.23 -25.63 -60.07
C TYR D 112 -5.73 -26.12 -61.42
N TYR D 113 -6.44 -25.76 -62.48
CA TYR D 113 -6.04 -26.09 -63.84
C TYR D 113 -6.72 -25.21 -64.88
N PHE D 114 -6.14 -25.17 -66.08
CA PHE D 114 -6.72 -24.44 -67.20
C PHE D 114 -7.48 -25.40 -68.09
N ASP D 115 -8.77 -25.22 -68.21
CA ASP D 115 -9.61 -26.11 -69.01
C ASP D 115 -9.72 -25.66 -70.48
N TYR D 116 -10.19 -24.44 -70.70
CA TYR D 116 -10.40 -23.98 -72.07
C TYR D 116 -9.35 -22.98 -72.54
N TRP D 117 -8.98 -23.10 -73.81
CA TRP D 117 -7.99 -22.23 -74.43
C TRP D 117 -8.52 -21.62 -75.72
N GLY D 118 -8.11 -20.39 -76.02
CA GLY D 118 -8.43 -19.76 -77.28
C GLY D 118 -7.36 -20.07 -78.33
N GLN D 119 -7.52 -19.49 -79.52
CA GLN D 119 -6.58 -19.69 -80.61
C GLN D 119 -5.22 -19.08 -80.33
N GLY D 120 -5.23 -17.91 -79.70
CA GLY D 120 -4.00 -17.18 -79.41
C GLY D 120 -3.73 -16.09 -80.43
N ALA D 121 -2.83 -15.17 -80.07
CA ALA D 121 -2.46 -14.05 -80.93
C ALA D 121 -0.99 -13.70 -80.75
N LEU D 122 -0.34 -13.25 -81.81
CA LEU D 122 1.08 -12.94 -81.73
C LEU D 122 1.37 -11.48 -81.45
N VAL D 123 2.22 -11.25 -80.46
CA VAL D 123 2.72 -9.94 -80.13
C VAL D 123 4.21 -9.90 -80.43
N THR D 124 4.62 -8.97 -81.26
CA THR D 124 6.01 -8.89 -81.68
C THR D 124 6.40 -7.46 -81.96
N ALA E 3 10.24 -24.51 -59.52
CA ALA E 3 10.58 -25.00 -60.85
C ALA E 3 10.29 -26.49 -60.97
N LEU E 4 9.91 -26.90 -62.18
CA LEU E 4 9.64 -28.31 -62.46
C LEU E 4 10.63 -28.87 -63.44
N THR E 5 11.13 -30.07 -63.16
CA THR E 5 12.09 -30.70 -64.07
C THR E 5 11.46 -31.83 -64.86
N GLN E 6 11.59 -31.75 -66.19
CA GLN E 6 11.07 -32.75 -67.10
C GLN E 6 12.21 -33.26 -68.01
N PRO E 7 12.11 -34.48 -68.55
CA PRO E 7 12.94 -35.03 -69.60
C PRO E 7 12.87 -34.16 -70.84
N ALA E 8 13.99 -34.03 -71.54
CA ALA E 8 14.02 -33.28 -72.79
C ALA E 8 13.10 -33.91 -73.82
N SER E 9 13.16 -35.24 -73.90
CA SER E 9 12.37 -35.99 -74.88
C SER E 9 12.14 -37.42 -74.42
N VAL E 10 11.02 -37.97 -74.86
CA VAL E 10 10.65 -39.36 -74.60
C VAL E 10 10.10 -39.97 -75.88
N SER E 11 10.49 -41.21 -76.18
CA SER E 11 9.99 -41.83 -77.39
C SER E 11 9.93 -43.35 -77.30
N GLY E 12 9.20 -43.94 -78.24
CA GLY E 12 9.11 -45.39 -78.35
C GLY E 12 8.27 -45.77 -79.56
N SER E 13 8.19 -47.06 -79.84
CA SER E 13 7.43 -47.53 -80.99
C SER E 13 5.95 -47.54 -80.62
N PRO E 14 5.05 -47.35 -81.60
CA PRO E 14 3.63 -47.46 -81.41
C PRO E 14 3.30 -48.79 -80.75
N GLY E 15 2.49 -48.76 -79.71
CA GLY E 15 2.11 -49.95 -78.98
C GLY E 15 2.88 -50.08 -77.66
N GLN E 16 4.01 -49.38 -77.55
CA GLN E 16 4.83 -49.44 -76.35
C GLN E 16 4.34 -48.46 -75.27
N SER E 17 4.78 -48.70 -74.04
CA SER E 17 4.45 -47.82 -72.93
C SER E 17 5.60 -46.90 -72.58
N ILE E 18 5.34 -45.61 -72.54
CA ILE E 18 6.34 -44.62 -72.16
C ILE E 18 5.83 -43.71 -71.05
N THR E 19 6.76 -43.07 -70.35
CA THR E 19 6.37 -42.12 -69.32
C THR E 19 7.15 -40.83 -69.43
N ILE E 20 6.52 -39.74 -68.99
CA ILE E 20 7.19 -38.46 -68.90
C ILE E 20 7.20 -37.97 -67.45
N SER E 21 8.38 -37.91 -66.87
CA SER E 21 8.52 -37.53 -65.47
C SER E 21 8.40 -36.02 -65.25
N CYS E 22 8.10 -35.64 -64.02
CA CYS E 22 8.07 -34.25 -63.61
C CYS E 22 8.37 -34.14 -62.11
N THR E 23 9.59 -33.72 -61.79
CA THR E 23 10.02 -33.77 -60.40
C THR E 23 10.13 -32.42 -59.73
N GLY E 24 10.10 -32.45 -58.41
CA GLY E 24 10.30 -31.30 -57.55
C GLY E 24 10.54 -31.79 -56.12
N THR E 25 10.23 -30.96 -55.13
CA THR E 25 10.42 -31.37 -53.73
C THR E 25 9.07 -31.59 -53.04
N SER E 26 9.12 -31.77 -51.72
CA SER E 26 7.91 -32.09 -50.95
C SER E 26 6.87 -30.97 -51.02
N SER E 27 7.33 -29.74 -51.18
CA SER E 27 6.45 -28.58 -51.27
C SER E 27 5.86 -28.40 -52.67
N ASP E 28 6.35 -29.18 -53.64
CA ASP E 28 5.92 -29.02 -55.02
C ASP E 28 5.01 -30.16 -55.44
N VAL E 29 5.45 -31.38 -55.13
CA VAL E 29 4.76 -32.58 -55.56
C VAL E 29 4.34 -33.47 -54.40
N GLY E 30 5.25 -33.66 -53.45
CA GLY E 30 5.05 -34.65 -52.40
C GLY E 30 3.73 -34.50 -51.63
N THR E 31 3.55 -33.35 -50.99
CA THR E 31 2.40 -33.14 -50.10
C THR E 31 1.04 -33.09 -50.80
N TYR E 32 0.94 -32.37 -51.91
CA TYR E 32 -0.37 -32.15 -52.53
C TYR E 32 -0.50 -32.73 -53.93
N ASP E 33 -1.64 -33.34 -54.21
CA ASP E 33 -1.93 -33.91 -55.52
C ASP E 33 -2.52 -32.87 -56.46
N LEU E 34 -1.70 -31.93 -56.89
CA LEU E 34 -2.20 -30.80 -57.68
C LEU E 34 -1.48 -30.57 -59.02
N VAL E 35 -0.71 -31.54 -59.49
CA VAL E 35 0.00 -31.36 -60.77
C VAL E 35 -0.88 -31.73 -61.96
N SER E 36 -0.84 -30.89 -62.99
CA SER E 36 -1.60 -31.15 -64.21
C SER E 36 -0.68 -31.32 -65.41
N TRP E 37 -1.18 -32.00 -66.44
CA TRP E 37 -0.43 -32.18 -67.67
C TRP E 37 -1.17 -31.64 -68.87
N TYR E 38 -0.43 -30.99 -69.75
CA TYR E 38 -0.97 -30.44 -70.99
C TYR E 38 -0.29 -31.00 -72.22
N GLN E 39 -1.06 -31.15 -73.29
CA GLN E 39 -0.54 -31.60 -74.57
C GLN E 39 -0.66 -30.54 -75.63
N GLN E 40 0.46 -30.16 -76.21
CA GLN E 40 0.46 -29.14 -77.25
C GLN E 40 0.95 -29.67 -78.58
N HIS E 41 0.10 -29.61 -79.59
CA HIS E 41 0.51 -29.99 -80.92
C HIS E 41 1.20 -28.79 -81.56
N PRO E 42 2.21 -28.98 -82.40
CA PRO E 42 2.91 -27.94 -83.10
C PRO E 42 1.93 -27.03 -83.83
N GLY E 43 2.09 -25.72 -83.63
CA GLY E 43 1.21 -24.73 -84.27
C GLY E 43 -0.15 -24.57 -83.57
N LYS E 44 -0.39 -25.36 -82.53
CA LYS E 44 -1.68 -25.34 -81.85
C LYS E 44 -1.58 -24.91 -80.38
N SER E 45 -2.72 -24.58 -79.79
CA SER E 45 -2.81 -24.31 -78.36
C SER E 45 -2.70 -25.64 -77.60
N PRO E 46 -2.33 -25.62 -76.32
CA PRO E 46 -2.32 -26.76 -75.43
C PRO E 46 -3.72 -27.19 -75.03
N LYS E 47 -3.87 -28.46 -74.69
CA LYS E 47 -5.11 -28.97 -74.10
C LYS E 47 -4.82 -29.73 -72.82
N LEU E 48 -5.80 -29.77 -71.92
CA LEU E 48 -5.62 -30.45 -70.64
C LEU E 48 -5.76 -31.96 -70.77
N MET E 49 -4.73 -32.68 -70.33
CA MET E 49 -4.75 -34.13 -70.38
C MET E 49 -5.10 -34.72 -69.03
N ILE E 50 -4.45 -34.22 -67.99
CA ILE E 50 -4.63 -34.74 -66.63
C ILE E 50 -4.57 -33.62 -65.61
N TYR E 51 -5.38 -33.73 -64.57
CA TYR E 51 -5.31 -32.79 -63.47
C TYR E 51 -5.39 -33.49 -62.12
N ALA E 52 -4.91 -32.80 -61.09
CA ALA E 52 -4.87 -33.32 -59.72
C ALA E 52 -4.06 -34.62 -59.65
N ASP E 53 -3.00 -34.71 -60.47
CA ASP E 53 -2.11 -35.87 -60.52
C ASP E 53 -2.80 -37.21 -60.81
N ILE E 54 -4.09 -37.21 -61.14
CA ILE E 54 -4.80 -38.48 -61.29
C ILE E 54 -5.68 -38.59 -62.52
N LYS E 55 -6.57 -37.63 -62.70
CA LYS E 55 -7.73 -37.81 -63.57
C LYS E 55 -7.75 -36.93 -64.80
N ARG E 56 -8.43 -37.42 -65.83
CA ARG E 56 -8.47 -36.76 -67.13
C ARG E 56 -9.89 -36.24 -67.43
N PRO E 57 -10.02 -35.20 -68.28
CA PRO E 57 -11.23 -34.76 -68.92
C PRO E 57 -11.81 -35.85 -69.81
N SER E 58 -13.13 -35.87 -69.95
CA SER E 58 -13.83 -36.87 -70.76
C SER E 58 -13.41 -36.89 -72.24
N GLY E 59 -12.69 -35.87 -72.68
CA GLY E 59 -12.23 -35.77 -74.06
C GLY E 59 -10.87 -36.45 -74.27
N VAL E 60 -10.36 -37.07 -73.22
CA VAL E 60 -9.05 -37.68 -73.25
C VAL E 60 -9.15 -39.20 -73.16
N SER E 61 -8.45 -39.89 -74.04
CA SER E 61 -8.46 -41.35 -74.08
C SER E 61 -7.75 -41.95 -72.87
N HIS E 62 -8.05 -43.23 -72.61
CA HIS E 62 -7.53 -43.95 -71.46
C HIS E 62 -6.04 -44.29 -71.57
N ARG E 63 -5.44 -43.97 -72.71
CA ARG E 63 -4.01 -44.20 -72.88
C ARG E 63 -3.23 -43.33 -71.90
N PHE E 64 -3.82 -42.21 -71.51
CA PHE E 64 -3.14 -41.24 -70.66
C PHE E 64 -3.60 -41.36 -69.21
N SER E 65 -2.66 -41.57 -68.30
CA SER E 65 -2.99 -41.69 -66.88
C SER E 65 -1.93 -41.05 -66.00
N GLY E 66 -2.33 -40.61 -64.81
CA GLY E 66 -1.43 -39.95 -63.88
C GLY E 66 -0.87 -40.91 -62.84
N SER E 67 0.35 -40.63 -62.39
CA SER E 67 1.00 -41.41 -61.35
C SER E 67 1.96 -40.56 -60.53
N LYS E 68 2.05 -40.85 -59.24
CA LYS E 68 2.95 -40.12 -58.36
C LYS E 68 3.70 -41.06 -57.41
N SER E 69 4.97 -40.76 -57.18
CA SER E 69 5.79 -41.51 -56.23
C SER E 69 6.78 -40.59 -55.56
N GLY E 70 6.69 -40.46 -54.25
CA GLY E 70 7.56 -39.53 -53.54
C GLY E 70 7.31 -38.11 -54.02
N ASN E 71 8.36 -37.48 -54.53
CA ASN E 71 8.25 -36.12 -55.03
C ASN E 71 8.26 -36.10 -56.56
N THR E 72 8.01 -37.26 -57.17
CA THR E 72 7.98 -37.36 -58.62
C THR E 72 6.57 -37.57 -59.17
N ALA E 73 6.17 -36.71 -60.08
CA ALA E 73 4.91 -36.86 -60.79
C ALA E 73 5.22 -37.37 -62.18
N SER E 74 4.29 -38.08 -62.79
CA SER E 74 4.52 -38.52 -64.15
C SER E 74 3.26 -38.69 -64.97
N LEU E 75 3.44 -38.58 -66.28
CA LEU E 75 2.42 -38.87 -67.27
C LEU E 75 2.71 -40.19 -67.96
N THR E 76 1.78 -41.13 -67.84
CA THR E 76 1.96 -42.44 -68.46
C THR E 76 1.13 -42.54 -69.72
N ILE E 77 1.79 -42.96 -70.82
CA ILE E 77 1.10 -43.18 -72.08
C ILE E 77 1.17 -44.66 -72.46
N SER E 78 0.07 -45.38 -72.22
CA SER E 78 0.05 -46.83 -72.41
C SER E 78 -0.45 -47.22 -73.78
N GLY E 79 0.43 -47.82 -74.58
CA GLY E 79 0.09 -48.18 -75.94
C GLY E 79 0.15 -46.95 -76.82
N LEU E 80 1.28 -46.25 -76.77
CA LEU E 80 1.40 -44.97 -77.45
C LEU E 80 1.17 -45.14 -78.93
N GLN E 81 0.60 -44.13 -79.55
CA GLN E 81 0.42 -44.14 -80.98
C GLN E 81 1.29 -43.08 -81.62
N SER E 82 1.55 -43.21 -82.92
CA SER E 82 2.29 -42.19 -83.64
C SER E 82 1.51 -40.87 -83.65
N ALA E 83 0.21 -40.97 -83.44
CA ALA E 83 -0.69 -39.84 -83.44
C ALA E 83 -0.60 -39.06 -82.13
N ASP E 84 0.16 -39.57 -81.18
CA ASP E 84 0.31 -38.90 -79.90
C ASP E 84 1.50 -37.95 -79.90
N GLU E 85 2.19 -37.85 -81.03
CA GLU E 85 3.35 -36.96 -81.10
C GLU E 85 2.95 -35.55 -80.72
N ALA E 86 3.62 -34.99 -79.73
CA ALA E 86 3.29 -33.65 -79.23
C ALA E 86 4.29 -33.19 -78.19
N ASP E 87 4.20 -31.92 -77.81
CA ASP E 87 4.98 -31.39 -76.71
C ASP E 87 4.16 -31.46 -75.43
N TYR E 88 4.62 -32.23 -74.45
CA TYR E 88 3.87 -32.38 -73.21
C TYR E 88 4.46 -31.54 -72.09
N TYR E 89 3.60 -30.85 -71.36
CA TYR E 89 4.04 -29.95 -70.30
C TYR E 89 3.50 -30.32 -68.94
N CYS E 90 4.34 -30.16 -67.94
CA CYS E 90 3.96 -30.36 -66.55
C CYS E 90 3.69 -29.02 -65.89
N CYS E 91 2.51 -28.88 -65.30
CA CYS E 91 2.12 -27.61 -64.69
C CYS E 91 1.72 -27.73 -63.22
N LEU E 92 2.32 -26.87 -62.40
CA LEU E 92 2.07 -26.83 -60.97
C LEU E 92 1.53 -25.47 -60.53
N TYR E 93 0.43 -25.48 -59.80
CA TYR E 93 -0.14 -24.23 -59.31
C TYR E 93 -1.06 -24.43 -58.12
N ALA E 94 -0.80 -23.67 -57.07
CA ALA E 94 -1.64 -23.63 -55.88
C ALA E 94 -2.64 -22.48 -56.01
N GLY E 95 -3.06 -21.93 -54.90
CA GLY E 95 -4.08 -20.88 -54.92
C GLY E 95 -3.43 -19.50 -54.97
N SER E 96 -3.61 -18.71 -53.93
CA SER E 96 -3.11 -17.35 -53.93
C SER E 96 -1.69 -17.27 -53.40
N SER E 97 -1.17 -16.06 -53.35
CA SER E 97 0.18 -15.80 -52.87
C SER E 97 1.21 -16.71 -53.54
N THR E 98 1.05 -16.95 -54.83
CA THR E 98 1.97 -17.79 -55.57
C THR E 98 1.90 -17.49 -57.06
N SER E 99 2.46 -18.38 -57.87
CA SER E 99 2.46 -18.23 -59.32
C SER E 99 2.44 -19.59 -60.01
N VAL E 100 2.10 -19.59 -61.28
CA VAL E 100 2.01 -20.83 -62.05
C VAL E 100 3.39 -21.26 -62.53
N ILE E 101 3.74 -22.51 -62.27
CA ILE E 101 5.02 -23.05 -62.69
C ILE E 101 4.88 -24.08 -63.78
N PHE E 102 5.61 -23.88 -64.86
CA PHE E 102 5.63 -24.85 -65.95
C PHE E 102 7.03 -25.44 -66.10
N GLY E 103 7.10 -26.69 -66.53
CA GLY E 103 8.38 -27.28 -66.88
C GLY E 103 8.77 -26.82 -68.28
N GLY E 104 9.93 -27.25 -68.76
CA GLY E 104 10.40 -26.83 -70.09
C GLY E 104 9.65 -27.53 -71.22
N GLY E 105 8.94 -28.61 -70.89
CA GLY E 105 8.22 -29.40 -71.87
C GLY E 105 9.05 -30.58 -72.38
N THR E 106 8.37 -31.67 -72.68
CA THR E 106 9.02 -32.87 -73.17
C THR E 106 8.59 -33.18 -74.59
N LYS E 107 9.55 -33.43 -75.45
CA LYS E 107 9.23 -33.82 -76.81
C LYS E 107 8.88 -35.30 -76.86
N VAL E 108 7.61 -35.60 -77.14
CA VAL E 108 7.18 -36.99 -77.17
C VAL E 108 6.93 -37.44 -78.60
N THR E 109 7.68 -38.44 -79.03
CA THR E 109 7.65 -38.89 -80.42
C THR E 109 7.89 -40.41 -80.54
N THR F 32 4.81 -40.25 -35.26
CA THR F 32 3.79 -41.29 -35.40
C THR F 32 4.19 -42.58 -34.70
N VAL F 33 3.26 -43.12 -33.91
CA VAL F 33 3.51 -44.37 -33.22
C VAL F 33 2.66 -45.48 -33.77
N ASP F 34 3.33 -46.56 -34.16
CA ASP F 34 2.66 -47.75 -34.68
C ASP F 34 2.05 -48.53 -33.52
N VAL F 35 0.73 -48.69 -33.53
CA VAL F 35 0.03 -49.34 -32.44
C VAL F 35 -0.53 -50.69 -32.86
N GLY F 36 0.09 -51.28 -33.87
CA GLY F 36 -0.26 -52.62 -34.32
C GLY F 36 -1.30 -52.59 -35.43
N PRO F 37 -1.67 -53.78 -35.94
CA PRO F 37 -2.58 -54.01 -37.05
C PRO F 37 -4.04 -53.77 -36.68
N ASP F 38 -4.86 -53.58 -37.69
CA ASP F 38 -6.31 -53.49 -37.55
C ASP F 38 -6.93 -54.83 -37.22
N SER F 39 -8.09 -54.80 -36.59
CA SER F 39 -8.89 -56.00 -36.41
C SER F 39 -9.28 -56.58 -37.76
N VAL F 40 -9.34 -57.91 -37.85
CA VAL F 40 -9.63 -58.57 -39.12
C VAL F 40 -10.96 -59.32 -39.11
N LYS F 41 -11.79 -59.04 -38.12
CA LYS F 41 -13.10 -59.68 -38.04
C LYS F 41 -14.08 -59.02 -39.00
N SER F 42 -14.98 -59.82 -39.56
CA SER F 42 -15.97 -59.34 -40.53
C SER F 42 -17.16 -58.65 -39.88
N ALA F 43 -17.26 -58.72 -38.56
CA ALA F 43 -18.38 -58.12 -37.85
C ALA F 43 -18.01 -57.81 -36.42
N CYS F 44 -18.75 -56.88 -35.83
CA CYS F 44 -18.58 -56.53 -34.44
C CYS F 44 -19.39 -57.46 -33.55
N ILE F 45 -19.06 -57.51 -32.27
CA ILE F 45 -19.81 -58.33 -31.34
C ILE F 45 -21.09 -57.62 -30.94
N GLU F 46 -22.22 -58.29 -31.13
CA GLU F 46 -23.51 -57.71 -30.78
C GLU F 46 -23.56 -57.39 -29.30
N VAL F 47 -24.06 -56.20 -29.00
CA VAL F 47 -24.21 -55.76 -27.62
C VAL F 47 -25.62 -55.21 -27.37
N ASP F 48 -26.28 -55.74 -26.35
CA ASP F 48 -27.62 -55.28 -25.99
C ASP F 48 -27.57 -54.19 -24.94
N ILE F 49 -28.63 -53.40 -24.87
CA ILE F 49 -28.76 -52.37 -23.86
C ILE F 49 -30.08 -52.48 -23.10
N GLN F 50 -30.02 -53.02 -21.90
CA GLN F 50 -31.21 -53.11 -21.06
C GLN F 50 -30.99 -52.29 -19.81
N GLN F 51 -31.31 -51.01 -19.90
CA GLN F 51 -30.96 -50.06 -18.86
C GLN F 51 -31.59 -50.35 -17.51
N THR F 52 -32.77 -50.94 -17.52
CA THR F 52 -33.52 -51.14 -16.27
C THR F 52 -32.79 -52.09 -15.31
N PHE F 53 -31.77 -52.79 -15.81
CA PHE F 53 -31.00 -53.69 -14.98
C PHE F 53 -29.89 -52.97 -14.25
N PHE F 54 -29.62 -51.74 -14.66
CA PHE F 54 -28.54 -50.96 -14.11
C PHE F 54 -29.04 -49.83 -13.21
N ASP F 55 -30.35 -49.71 -13.12
CA ASP F 55 -30.95 -48.60 -12.38
C ASP F 55 -31.01 -48.88 -10.88
N LYS F 56 -29.84 -49.01 -10.27
CA LYS F 56 -29.72 -49.29 -8.86
C LYS F 56 -29.04 -48.12 -8.17
N THR F 57 -29.21 -48.03 -6.85
CA THR F 57 -28.60 -46.93 -6.13
C THR F 57 -27.90 -47.34 -4.86
N TRP F 58 -26.59 -47.10 -4.82
CA TRP F 58 -25.79 -47.30 -3.62
C TRP F 58 -24.98 -46.04 -3.33
N PRO F 59 -25.57 -45.03 -2.67
CA PRO F 59 -25.01 -43.72 -2.45
C PRO F 59 -23.69 -43.81 -1.70
N ARG F 60 -22.69 -43.06 -2.19
CA ARG F 60 -21.39 -42.99 -1.54
C ARG F 60 -20.82 -41.58 -1.67
N PRO F 61 -21.43 -40.59 -1.01
CA PRO F 61 -21.12 -39.18 -1.11
C PRO F 61 -19.77 -38.88 -0.47
N ILE F 62 -19.16 -37.79 -0.89
CA ILE F 62 -17.87 -37.38 -0.35
C ILE F 62 -17.96 -36.94 1.10
N ASP F 63 -17.17 -37.61 1.94
CA ASP F 63 -17.09 -37.30 3.35
C ASP F 63 -15.78 -36.58 3.65
N VAL F 64 -15.85 -35.26 3.70
CA VAL F 64 -14.65 -34.44 3.82
C VAL F 64 -13.92 -34.66 5.14
N SER F 65 -14.65 -35.06 6.18
CA SER F 65 -14.07 -35.27 7.51
C SER F 65 -13.07 -36.41 7.53
N LYS F 66 -13.05 -37.20 6.46
CA LYS F 66 -12.13 -38.32 6.34
C LYS F 66 -11.13 -38.05 5.22
N ALA F 67 -11.11 -36.80 4.75
CA ALA F 67 -10.27 -36.39 3.64
C ALA F 67 -10.52 -37.27 2.42
N ASP F 68 -11.78 -37.60 2.19
CA ASP F 68 -12.15 -38.47 1.10
C ASP F 68 -12.06 -37.75 -0.24
N GLY F 69 -11.11 -38.18 -1.08
CA GLY F 69 -10.93 -37.58 -2.40
C GLY F 69 -10.03 -36.35 -2.40
N ILE F 70 -9.30 -36.12 -1.32
CA ILE F 70 -8.40 -34.98 -1.27
C ILE F 70 -7.08 -35.26 -2.01
N ILE F 71 -6.73 -34.37 -2.93
CA ILE F 71 -5.48 -34.46 -3.67
C ILE F 71 -4.42 -33.69 -2.93
N TYR F 72 -3.27 -34.32 -2.71
CA TYR F 72 -2.22 -33.71 -1.92
C TYR F 72 -1.61 -32.51 -2.68
N PRO F 73 -1.26 -31.42 -1.99
CA PRO F 73 -0.54 -30.27 -2.53
C PRO F 73 0.73 -30.71 -3.26
N GLN F 74 0.95 -30.15 -4.44
CA GLN F 74 2.05 -30.57 -5.29
C GLN F 74 3.40 -29.94 -4.94
N GLY F 75 3.40 -28.69 -4.53
CA GLY F 75 4.66 -27.98 -4.33
C GLY F 75 5.36 -28.27 -2.99
N ARG F 76 4.59 -28.48 -1.92
CA ARG F 76 5.16 -28.50 -0.57
C ARG F 76 4.57 -29.59 0.31
N THR F 77 5.36 -30.10 1.27
CA THR F 77 4.82 -30.96 2.31
C THR F 77 4.81 -30.24 3.63
N TYR F 78 4.12 -30.82 4.61
CA TYR F 78 4.06 -30.25 5.94
C TYR F 78 3.99 -31.37 6.96
N SER F 79 3.98 -31.01 8.23
CA SER F 79 3.83 -32.00 9.30
C SER F 79 3.24 -31.41 10.56
N ASN F 80 2.23 -32.11 11.10
CA ASN F 80 1.61 -31.76 12.36
C ASN F 80 1.09 -30.31 12.41
N ILE F 81 0.45 -29.86 11.34
CA ILE F 81 -0.13 -28.51 11.33
C ILE F 81 -1.52 -28.48 10.72
N THR F 82 -2.26 -27.41 11.00
CA THR F 82 -3.54 -27.17 10.35
C THR F 82 -3.51 -25.87 9.57
N ILE F 83 -3.70 -25.97 8.26
CA ILE F 83 -3.68 -24.79 7.38
C ILE F 83 -4.77 -24.86 6.33
N THR F 84 -5.11 -23.72 5.73
CA THR F 84 -6.03 -23.72 4.60
C THR F 84 -5.28 -23.88 3.29
N TYR F 85 -5.99 -24.32 2.26
CA TYR F 85 -5.40 -24.51 0.94
C TYR F 85 -6.44 -24.43 -0.16
N GLN F 86 -6.09 -23.79 -1.29
CA GLN F 86 -7.01 -23.75 -2.42
C GLN F 86 -6.55 -24.69 -3.52
N GLY F 87 -7.50 -25.44 -4.09
CA GLY F 87 -7.18 -26.35 -5.17
C GLY F 87 -8.42 -27.00 -5.73
N LEU F 88 -8.23 -27.99 -6.59
CA LEU F 88 -9.36 -28.63 -7.22
C LEU F 88 -9.85 -29.82 -6.40
N PHE F 89 -10.99 -29.62 -5.76
CA PHE F 89 -11.55 -30.59 -4.85
C PHE F 89 -13.04 -30.78 -5.17
N PRO F 90 -13.62 -31.93 -4.82
CA PRO F 90 -15.03 -32.23 -4.91
C PRO F 90 -15.78 -31.51 -3.81
N TYR F 91 -17.07 -31.24 -4.04
CA TYR F 91 -17.91 -30.64 -3.00
C TYR F 91 -18.26 -31.63 -1.92
N GLN F 92 -18.26 -31.18 -0.67
CA GLN F 92 -18.72 -32.04 0.41
C GLN F 92 -20.16 -32.43 0.18
N GLY F 93 -20.47 -33.71 0.37
CA GLY F 93 -21.85 -34.18 0.24
C GLY F 93 -22.21 -34.57 -1.18
N ASP F 94 -21.32 -34.31 -2.14
CA ASP F 94 -21.61 -34.66 -3.52
C ASP F 94 -21.77 -36.16 -3.67
N HIS F 95 -22.91 -36.58 -4.21
CA HIS F 95 -23.18 -37.99 -4.42
C HIS F 95 -22.35 -38.56 -5.55
N GLY F 96 -22.03 -37.72 -6.53
CA GLY F 96 -21.26 -38.16 -7.69
C GLY F 96 -22.11 -38.98 -8.63
N ASP F 97 -21.50 -39.40 -9.74
CA ASP F 97 -22.18 -40.20 -10.73
C ASP F 97 -21.71 -41.63 -10.68
N MET F 98 -22.60 -42.54 -10.29
CA MET F 98 -22.24 -43.94 -10.14
C MET F 98 -22.30 -44.66 -11.48
N TYR F 99 -21.26 -45.43 -11.76
CA TYR F 99 -21.20 -46.26 -12.97
C TYR F 99 -20.82 -47.69 -12.62
N VAL F 100 -21.42 -48.65 -13.32
CA VAL F 100 -21.10 -50.05 -13.09
C VAL F 100 -20.90 -50.81 -14.40
N TYR F 101 -20.21 -51.95 -14.31
CA TYR F 101 -20.05 -52.87 -15.43
C TYR F 101 -20.69 -54.20 -15.10
N SER F 102 -21.07 -54.96 -16.13
CA SER F 102 -21.74 -56.23 -15.92
C SER F 102 -21.23 -57.35 -16.81
N ALA F 103 -21.55 -58.57 -16.42
CA ALA F 103 -21.29 -59.74 -17.25
C ALA F 103 -22.19 -59.71 -18.47
N GLY F 104 -21.74 -60.31 -19.55
CA GLY F 104 -22.57 -60.42 -20.75
C GLY F 104 -23.42 -61.66 -20.66
N HIS F 105 -24.20 -61.93 -21.71
CA HIS F 105 -25.04 -63.12 -21.72
C HIS F 105 -24.20 -64.35 -22.00
N ALA F 106 -24.70 -65.51 -21.57
CA ALA F 106 -24.02 -66.77 -21.84
C ALA F 106 -24.99 -67.92 -21.76
N THR F 107 -24.69 -68.98 -22.49
CA THR F 107 -25.42 -70.24 -22.41
C THR F 107 -24.45 -71.36 -22.11
N GLY F 108 -24.38 -71.75 -20.85
CA GLY F 108 -23.37 -72.69 -20.40
C GLY F 108 -21.99 -72.11 -20.62
N THR F 109 -21.13 -72.86 -21.29
CA THR F 109 -19.75 -72.44 -21.51
C THR F 109 -19.55 -71.63 -22.78
N THR F 110 -20.64 -71.31 -23.47
CA THR F 110 -20.56 -70.51 -24.69
C THR F 110 -21.13 -69.11 -24.46
N PRO F 111 -20.29 -68.06 -24.52
CA PRO F 111 -20.64 -66.67 -24.39
C PRO F 111 -21.63 -66.24 -25.47
N GLN F 112 -22.49 -65.29 -25.12
CA GLN F 112 -23.49 -64.73 -26.00
C GLN F 112 -23.30 -63.22 -26.09
N LYS F 113 -24.15 -62.55 -26.84
CA LYS F 113 -24.04 -61.09 -27.02
C LYS F 113 -23.83 -60.37 -25.69
N LEU F 114 -23.24 -59.19 -25.77
CA LEU F 114 -22.84 -58.44 -24.60
C LEU F 114 -24.03 -57.71 -23.98
N PHE F 115 -23.83 -57.21 -22.76
CA PHE F 115 -24.87 -56.54 -22.01
C PHE F 115 -24.31 -55.31 -21.30
N VAL F 116 -24.73 -54.13 -21.74
CA VAL F 116 -24.20 -52.90 -21.16
C VAL F 116 -25.30 -51.87 -20.85
N ALA F 117 -24.94 -50.87 -20.05
CA ALA F 117 -25.80 -49.72 -19.79
C ALA F 117 -25.70 -48.71 -20.91
N ASN F 118 -26.63 -47.75 -20.94
CA ASN F 118 -26.64 -46.73 -21.99
C ASN F 118 -25.58 -45.66 -21.73
N TYR F 119 -24.32 -46.07 -21.68
CA TYR F 119 -23.24 -45.14 -21.41
C TYR F 119 -22.75 -44.47 -22.68
N SER F 120 -22.95 -45.11 -23.82
CA SER F 120 -22.37 -44.65 -25.07
C SER F 120 -22.83 -43.25 -25.48
N GLN F 121 -24.04 -42.88 -25.09
CA GLN F 121 -24.56 -41.55 -25.43
C GLN F 121 -24.46 -40.60 -24.25
N ASP F 122 -23.83 -41.04 -23.17
CA ASP F 122 -23.72 -40.25 -21.96
C ASP F 122 -22.54 -39.30 -22.05
N VAL F 123 -22.66 -38.30 -22.90
CA VAL F 123 -21.57 -37.38 -23.11
C VAL F 123 -21.68 -36.20 -22.17
N LYS F 124 -20.63 -35.98 -21.38
CA LYS F 124 -20.67 -34.94 -20.35
C LYS F 124 -19.47 -34.01 -20.44
N GLN F 125 -19.65 -32.78 -19.98
CA GLN F 125 -18.57 -31.80 -19.94
C GLN F 125 -17.47 -32.21 -18.98
N PHE F 126 -16.24 -32.00 -19.41
CA PHE F 126 -15.04 -32.28 -18.61
C PHE F 126 -14.83 -31.25 -17.52
N ALA F 127 -15.07 -29.98 -17.84
CA ALA F 127 -14.88 -28.89 -16.89
C ALA F 127 -13.45 -28.84 -16.35
N ASN F 128 -13.31 -28.98 -15.03
CA ASN F 128 -12.00 -28.87 -14.39
C ASN F 128 -11.38 -30.24 -14.17
N GLY F 129 -12.01 -31.26 -14.70
CA GLY F 129 -11.54 -32.62 -14.49
C GLY F 129 -12.31 -33.28 -13.38
N PHE F 130 -11.90 -34.48 -13.03
CA PHE F 130 -12.65 -35.29 -12.09
C PHE F 130 -11.81 -36.30 -11.37
N VAL F 131 -12.40 -36.88 -10.33
CA VAL F 131 -11.78 -37.98 -9.60
C VAL F 131 -12.75 -39.13 -9.51
N VAL F 132 -12.22 -40.34 -9.41
CA VAL F 132 -13.07 -41.52 -9.31
C VAL F 132 -12.68 -42.46 -8.18
N ARG F 133 -13.68 -42.91 -7.42
CA ARG F 133 -13.46 -43.89 -6.38
C ARG F 133 -13.49 -45.28 -6.99
N ILE F 134 -12.47 -46.08 -6.73
CA ILE F 134 -12.37 -47.40 -7.31
C ILE F 134 -12.34 -48.49 -6.23
N GLY F 135 -13.19 -49.52 -6.40
CA GLY F 135 -13.24 -50.63 -5.44
C GLY F 135 -14.07 -50.27 -4.21
N ALA F 136 -15.01 -49.37 -4.39
CA ALA F 136 -15.82 -48.84 -3.30
C ALA F 136 -16.51 -49.94 -2.49
N ALA F 137 -16.94 -51.00 -3.15
CA ALA F 137 -17.68 -52.05 -2.48
C ALA F 137 -16.91 -53.35 -2.46
N ALA F 138 -15.59 -53.29 -2.64
CA ALA F 138 -14.82 -54.51 -2.62
C ALA F 138 -14.99 -55.22 -1.28
N ASN F 139 -15.03 -56.55 -1.33
CA ASN F 139 -15.18 -57.42 -0.17
C ASN F 139 -16.63 -57.47 0.34
N SER F 140 -17.52 -56.70 -0.28
CA SER F 140 -18.92 -56.76 0.12
C SER F 140 -19.64 -57.87 -0.60
N THR F 141 -20.80 -58.27 -0.09
CA THR F 141 -21.60 -59.29 -0.76
C THR F 141 -22.71 -58.65 -1.55
N GLY F 142 -22.85 -59.05 -2.81
CA GLY F 142 -23.87 -58.50 -3.67
C GLY F 142 -24.38 -59.54 -4.64
N THR F 143 -24.88 -59.07 -5.78
CA THR F 143 -25.43 -59.95 -6.79
C THR F 143 -24.91 -59.58 -8.17
N VAL F 144 -25.17 -60.45 -9.13
CA VAL F 144 -24.82 -60.23 -10.52
C VAL F 144 -25.89 -59.39 -11.22
N ILE F 145 -25.46 -58.35 -11.95
CA ILE F 145 -26.42 -57.44 -12.59
C ILE F 145 -27.38 -58.14 -13.56
N ILE F 146 -26.87 -59.10 -14.32
CA ILE F 146 -27.72 -59.78 -15.29
C ILE F 146 -28.42 -61.01 -14.70
N SER F 147 -28.39 -61.16 -13.39
CA SER F 147 -29.09 -62.25 -12.76
C SER F 147 -29.68 -61.79 -11.41
N PRO F 148 -30.97 -61.43 -11.39
CA PRO F 148 -31.71 -60.86 -10.28
C PRO F 148 -31.52 -61.62 -8.97
N SER F 149 -31.33 -62.94 -9.04
CA SER F 149 -31.16 -63.70 -7.81
C SER F 149 -29.95 -64.60 -7.84
N THR F 150 -28.81 -64.08 -8.29
CA THR F 150 -27.55 -64.79 -8.16
C THR F 150 -26.59 -63.98 -7.30
N SER F 151 -26.23 -64.53 -6.15
CA SER F 151 -25.34 -63.84 -5.24
C SER F 151 -23.89 -64.02 -5.67
N ALA F 152 -23.05 -63.10 -5.25
CA ALA F 152 -21.62 -63.19 -5.52
C ALA F 152 -20.84 -62.23 -4.62
N THR F 153 -19.55 -62.51 -4.45
CA THR F 153 -18.67 -61.58 -3.75
C THR F 153 -18.25 -60.48 -4.69
N ILE F 154 -18.30 -59.24 -4.21
CA ILE F 154 -17.94 -58.08 -5.01
C ILE F 154 -16.44 -57.88 -5.06
N ARG F 155 -15.93 -57.75 -6.29
CA ARG F 155 -14.51 -57.52 -6.52
C ARG F 155 -14.26 -56.22 -7.30
N LYS F 156 -13.08 -55.64 -7.10
CA LYS F 156 -12.72 -54.39 -7.76
C LYS F 156 -12.55 -54.53 -9.27
N ILE F 157 -12.99 -53.50 -9.99
CA ILE F 157 -12.82 -53.43 -11.44
C ILE F 157 -12.40 -52.01 -11.84
N TYR F 158 -11.48 -51.89 -12.77
CA TYR F 158 -11.00 -50.57 -13.17
C TYR F 158 -11.83 -49.97 -14.30
N PRO F 159 -12.16 -48.67 -14.19
CA PRO F 159 -12.95 -47.89 -15.13
C PRO F 159 -12.17 -47.56 -16.40
N ALA F 160 -12.89 -47.43 -17.52
CA ALA F 160 -12.30 -46.99 -18.77
C ALA F 160 -12.91 -45.66 -19.20
N PHE F 161 -12.11 -44.80 -19.85
CA PHE F 161 -12.58 -43.47 -20.22
C PHE F 161 -12.23 -43.08 -21.64
N MET F 162 -13.05 -42.22 -22.23
CA MET F 162 -12.79 -41.60 -23.52
C MET F 162 -12.97 -40.10 -23.43
N LEU F 163 -11.95 -39.35 -23.84
CA LEU F 163 -11.98 -37.90 -23.70
C LEU F 163 -11.64 -37.18 -25.01
N GLY F 164 -12.25 -36.02 -25.24
CA GLY F 164 -11.91 -35.25 -26.44
C GLY F 164 -12.50 -33.84 -26.45
N SER F 165 -12.34 -33.15 -27.59
CA SER F 165 -12.74 -31.75 -27.71
C SER F 165 -14.03 -31.54 -28.49
N SER F 166 -14.49 -32.55 -29.21
CA SER F 166 -15.67 -32.38 -30.06
C SER F 166 -16.41 -33.69 -30.26
N VAL F 167 -17.73 -33.65 -30.11
CA VAL F 167 -18.55 -34.85 -30.22
C VAL F 167 -19.79 -34.61 -31.09
N GLY F 168 -20.09 -35.57 -31.95
CA GLY F 168 -21.30 -35.53 -32.77
C GLY F 168 -21.98 -36.89 -32.84
N ASN F 169 -22.65 -37.16 -33.96
CA ASN F 169 -23.42 -38.38 -34.13
C ASN F 169 -22.71 -39.41 -34.99
N PHE F 170 -23.18 -40.65 -34.90
CA PHE F 170 -22.73 -41.74 -35.74
C PHE F 170 -23.55 -41.75 -37.03
N SER F 171 -23.23 -42.68 -37.93
CA SER F 171 -23.87 -42.71 -39.25
C SER F 171 -25.39 -42.88 -39.18
N ASP F 172 -25.89 -43.45 -38.08
CA ASP F 172 -27.31 -43.68 -37.93
C ASP F 172 -27.99 -42.63 -37.05
N GLY F 173 -27.28 -41.56 -36.74
CA GLY F 173 -27.86 -40.48 -35.95
C GLY F 173 -27.72 -40.68 -34.43
N LYS F 174 -27.09 -41.77 -34.00
CA LYS F 174 -26.91 -41.99 -32.56
C LYS F 174 -25.78 -41.11 -32.04
N MET F 175 -25.91 -40.68 -30.79
CA MET F 175 -24.96 -39.75 -30.20
C MET F 175 -23.71 -40.45 -29.66
N GLY F 176 -22.59 -39.74 -29.61
CA GLY F 176 -21.43 -40.24 -28.88
C GLY F 176 -20.20 -40.46 -29.74
N ARG F 177 -20.17 -39.90 -30.94
CA ARG F 177 -19.01 -40.04 -31.78
C ARG F 177 -18.01 -38.91 -31.53
N PHE F 178 -16.84 -39.27 -31.06
CA PHE F 178 -15.79 -38.27 -30.79
C PHE F 178 -14.97 -38.07 -32.06
N PHE F 179 -14.73 -36.81 -32.40
CA PHE F 179 -14.08 -36.49 -33.67
C PHE F 179 -12.59 -36.24 -33.55
N ASN F 180 -11.88 -36.40 -34.67
CA ASN F 180 -10.45 -36.16 -34.76
C ASN F 180 -9.70 -37.01 -33.74
N HIS F 181 -8.71 -36.42 -33.06
CA HIS F 181 -7.96 -37.21 -32.07
C HIS F 181 -8.70 -37.31 -30.76
N THR F 182 -8.61 -38.47 -30.14
CA THR F 182 -9.20 -38.67 -28.84
C THR F 182 -8.22 -39.30 -27.87
N LEU F 183 -8.43 -39.05 -26.59
CA LEU F 183 -7.63 -39.66 -25.55
C LEU F 183 -8.37 -40.83 -24.96
N VAL F 184 -7.77 -42.00 -25.05
CA VAL F 184 -8.44 -43.20 -24.60
C VAL F 184 -7.63 -43.92 -23.53
N LEU F 185 -8.29 -44.19 -22.40
CA LEU F 185 -7.66 -44.87 -21.29
C LEU F 185 -8.30 -46.24 -21.06
N LEU F 186 -7.53 -47.31 -21.26
CA LEU F 186 -8.06 -48.67 -21.12
C LEU F 186 -7.21 -49.52 -20.19
N PRO F 187 -7.70 -49.84 -18.99
CA PRO F 187 -7.14 -50.83 -18.11
C PRO F 187 -7.16 -52.14 -18.88
N ASP F 188 -6.06 -52.87 -18.85
CA ASP F 188 -6.01 -54.12 -19.59
C ASP F 188 -5.41 -55.24 -18.74
N GLY F 189 -5.37 -56.44 -19.31
CA GLY F 189 -4.72 -57.58 -18.66
C GLY F 189 -5.46 -58.02 -17.42
N CYS F 190 -6.76 -57.81 -17.41
CA CYS F 190 -7.59 -58.12 -16.25
C CYS F 190 -7.20 -57.29 -15.03
N GLY F 191 -6.64 -56.10 -15.27
CA GLY F 191 -6.28 -55.19 -14.19
C GLY F 191 -4.82 -55.36 -13.76
N THR F 192 -3.93 -55.57 -14.73
CA THR F 192 -2.51 -55.69 -14.43
C THR F 192 -1.70 -54.58 -15.07
N LEU F 193 -2.32 -53.88 -16.02
CA LEU F 193 -1.67 -52.75 -16.68
C LEU F 193 -2.67 -51.70 -17.10
N LEU F 194 -2.24 -50.46 -17.13
CA LEU F 194 -3.03 -49.38 -17.68
C LEU F 194 -2.40 -48.91 -18.97
N ARG F 195 -3.20 -48.80 -20.01
CA ARG F 195 -2.70 -48.29 -21.28
C ARG F 195 -3.39 -46.99 -21.64
N ALA F 196 -2.61 -46.04 -22.12
CA ALA F 196 -3.14 -44.76 -22.54
C ALA F 196 -2.61 -44.40 -23.90
N PHE F 197 -3.48 -43.87 -24.76
CA PHE F 197 -3.05 -43.47 -26.09
C PHE F 197 -3.88 -42.33 -26.65
N TYR F 198 -3.32 -41.70 -27.67
CA TYR F 198 -3.99 -40.58 -28.33
C TYR F 198 -4.01 -40.79 -29.82
N CYS F 199 -5.19 -41.10 -30.35
CA CYS F 199 -5.35 -41.50 -31.75
C CYS F 199 -6.67 -41.04 -32.32
N ILE F 200 -6.81 -41.12 -33.64
CA ILE F 200 -8.07 -40.88 -34.32
C ILE F 200 -8.84 -42.17 -34.41
N LEU F 201 -10.13 -42.12 -34.09
CA LEU F 201 -10.94 -43.33 -34.16
C LEU F 201 -11.69 -43.42 -35.48
N GLU F 202 -11.35 -44.43 -36.26
CA GLU F 202 -11.95 -44.66 -37.56
C GLU F 202 -12.93 -45.83 -37.51
N PRO F 203 -14.24 -45.58 -37.56
CA PRO F 203 -15.29 -46.55 -37.35
C PRO F 203 -15.28 -47.63 -38.42
N ARG F 204 -15.47 -48.88 -38.00
CA ARG F 204 -15.56 -49.99 -38.93
C ARG F 204 -16.97 -50.11 -39.50
N SER F 205 -17.07 -50.70 -40.69
CA SER F 205 -18.35 -50.76 -41.40
C SER F 205 -19.08 -52.11 -41.34
N GLY F 206 -18.58 -53.03 -40.54
CA GLY F 206 -19.20 -54.36 -40.46
C GLY F 206 -20.48 -54.34 -39.63
N ASN F 207 -21.12 -55.49 -39.51
CA ASN F 207 -22.37 -55.57 -38.78
C ASN F 207 -22.17 -55.19 -37.32
N HIS F 208 -23.11 -54.41 -36.79
CA HIS F 208 -23.10 -53.97 -35.40
C HIS F 208 -21.95 -53.01 -35.09
N CYS F 209 -21.29 -52.51 -36.14
CA CYS F 209 -20.20 -51.57 -35.97
C CYS F 209 -20.72 -50.13 -36.14
N PRO F 210 -20.03 -49.13 -35.58
CA PRO F 210 -20.35 -47.70 -35.62
C PRO F 210 -20.72 -47.16 -37.00
N ALA F 211 -20.15 -47.71 -38.07
CA ALA F 211 -20.52 -47.22 -39.39
C ALA F 211 -21.00 -48.37 -40.27
N GLY F 212 -21.73 -49.30 -39.66
CA GLY F 212 -22.27 -50.46 -40.39
C GLY F 212 -23.75 -50.66 -40.11
N ASN F 213 -24.25 -51.85 -40.45
CA ASN F 213 -25.66 -52.16 -40.30
C ASN F 213 -26.00 -52.55 -38.87
N SER F 214 -27.22 -52.22 -38.45
CA SER F 214 -27.74 -52.61 -37.14
C SER F 214 -26.83 -52.19 -35.99
N TYR F 215 -26.34 -50.96 -36.04
CA TYR F 215 -25.50 -50.44 -34.96
C TYR F 215 -26.30 -50.10 -33.74
N THR F 216 -25.75 -50.43 -32.58
CA THR F 216 -26.33 -50.06 -31.30
C THR F 216 -25.33 -49.23 -30.51
N SER F 217 -24.32 -49.90 -29.99
CA SER F 217 -23.25 -49.27 -29.24
C SER F 217 -21.97 -50.05 -29.37
N PHE F 218 -20.90 -49.54 -28.77
CA PHE F 218 -19.64 -50.24 -28.77
C PHE F 218 -19.24 -50.53 -27.34
N ALA F 219 -18.37 -51.51 -27.15
CA ALA F 219 -17.93 -51.86 -25.82
C ALA F 219 -16.64 -52.63 -25.88
N THR F 220 -15.89 -52.60 -24.79
CA THR F 220 -14.75 -53.47 -24.66
C THR F 220 -15.15 -54.68 -23.85
N TYR F 221 -14.35 -55.72 -23.90
CA TYR F 221 -14.65 -56.92 -23.15
C TYR F 221 -13.42 -57.79 -23.01
N HIS F 222 -13.51 -58.77 -22.15
CA HIS F 222 -12.50 -59.80 -22.08
C HIS F 222 -13.14 -61.13 -21.76
N THR F 223 -12.42 -62.21 -22.05
CA THR F 223 -12.91 -63.54 -21.77
C THR F 223 -12.00 -64.20 -20.74
N PRO F 224 -12.31 -64.08 -19.44
CA PRO F 224 -11.43 -64.37 -18.33
C PRO F 224 -11.01 -65.83 -18.33
N ALA F 225 -11.83 -66.67 -18.95
CA ALA F 225 -11.52 -68.09 -19.05
C ALA F 225 -10.11 -68.32 -19.57
N THR F 226 -9.68 -67.50 -20.52
CA THR F 226 -8.36 -67.65 -21.10
C THR F 226 -7.53 -66.38 -20.97
N ASP F 227 -8.19 -65.24 -20.79
CA ASP F 227 -7.50 -63.96 -20.75
C ASP F 227 -6.87 -63.66 -19.39
N CYS F 228 -7.39 -64.26 -18.32
CA CYS F 228 -6.88 -63.94 -17.00
C CYS F 228 -6.06 -65.08 -16.40
N SER F 229 -5.48 -65.92 -17.25
CA SER F 229 -4.67 -67.03 -16.76
C SER F 229 -3.53 -66.52 -15.88
N ASP F 230 -3.39 -67.12 -14.70
CA ASP F 230 -2.39 -66.70 -13.72
C ASP F 230 -1.00 -66.52 -14.33
N GLY F 231 -0.58 -67.49 -15.10
CA GLY F 231 0.75 -67.50 -15.69
C GLY F 231 0.81 -66.88 -17.07
N ASN F 232 -0.29 -66.26 -17.52
CA ASN F 232 -0.36 -65.72 -18.85
C ASN F 232 -1.55 -64.78 -19.02
N TYR F 233 -1.39 -63.53 -18.65
CA TYR F 233 -2.48 -62.58 -18.78
C TYR F 233 -2.48 -61.97 -20.18
N ASN F 234 -3.67 -61.86 -20.75
CA ASN F 234 -3.80 -61.29 -22.08
C ASN F 234 -3.74 -59.79 -22.00
N ARG F 235 -2.53 -59.27 -22.13
CA ARG F 235 -2.29 -57.84 -21.94
C ARG F 235 -2.85 -56.99 -23.07
N ASN F 236 -3.46 -57.64 -24.07
CA ASN F 236 -4.09 -56.92 -25.16
C ASN F 236 -5.57 -57.25 -25.29
N ALA F 237 -6.14 -57.92 -24.29
CA ALA F 237 -7.53 -58.35 -24.39
C ALA F 237 -8.48 -57.19 -24.62
N SER F 238 -8.32 -56.13 -23.83
CA SER F 238 -9.23 -55.01 -23.92
C SER F 238 -8.93 -54.15 -25.15
N LEU F 239 -7.64 -53.99 -25.44
CA LEU F 239 -7.27 -53.19 -26.60
C LEU F 239 -7.78 -53.82 -27.88
N ASN F 240 -7.67 -55.15 -27.99
CA ASN F 240 -8.13 -55.83 -29.18
C ASN F 240 -9.64 -55.68 -29.31
N SER F 241 -10.35 -55.79 -28.20
CA SER F 241 -11.79 -55.64 -28.21
C SER F 241 -12.18 -54.25 -28.70
N PHE F 242 -11.41 -53.25 -28.29
CA PHE F 242 -11.65 -51.88 -28.71
C PHE F 242 -11.49 -51.75 -30.23
N LYS F 243 -10.39 -52.32 -30.75
CA LYS F 243 -10.10 -52.30 -32.17
C LYS F 243 -11.21 -52.91 -33.02
N GLU F 244 -11.92 -53.88 -32.47
CA GLU F 244 -12.99 -54.53 -33.21
C GLU F 244 -14.08 -53.55 -33.62
N TYR F 245 -14.16 -52.39 -32.96
CA TYR F 245 -15.17 -51.39 -33.30
C TYR F 245 -14.56 -50.19 -34.05
N PHE F 246 -13.38 -49.75 -33.61
CA PHE F 246 -12.71 -48.60 -34.25
C PHE F 246 -11.26 -48.90 -34.60
N ASN F 247 -10.82 -48.44 -35.76
CA ASN F 247 -9.43 -48.55 -36.13
C ASN F 247 -8.66 -47.35 -35.55
N LEU F 248 -7.38 -47.55 -35.25
CA LEU F 248 -6.58 -46.45 -34.71
C LEU F 248 -5.71 -45.82 -35.79
N ARG F 249 -5.81 -44.50 -35.93
CA ARG F 249 -5.03 -43.78 -36.94
C ARG F 249 -4.29 -42.57 -36.38
N ASN F 250 -3.13 -42.30 -36.96
CA ASN F 250 -2.34 -41.11 -36.62
C ASN F 250 -2.08 -41.00 -35.13
N CYS F 251 -1.73 -42.12 -34.51
CA CYS F 251 -1.44 -42.14 -33.09
C CYS F 251 -0.21 -41.32 -32.77
N THR F 252 -0.32 -40.49 -31.74
CA THR F 252 0.77 -39.64 -31.32
C THR F 252 1.63 -40.33 -30.28
N PHE F 253 0.99 -41.10 -29.42
CA PHE F 253 1.69 -41.81 -28.37
C PHE F 253 0.90 -42.97 -27.85
N MET F 254 1.59 -43.85 -27.14
CA MET F 254 0.96 -44.91 -26.37
C MET F 254 1.88 -45.30 -25.21
N TYR F 255 1.34 -45.23 -24.00
CA TYR F 255 2.09 -45.54 -22.79
C TYR F 255 1.45 -46.64 -21.99
N THR F 256 2.26 -47.36 -21.23
CA THR F 256 1.72 -48.33 -20.30
C THR F 256 2.29 -48.16 -18.90
N TYR F 257 1.47 -48.47 -17.91
CA TYR F 257 1.86 -48.45 -16.51
C TYR F 257 1.44 -49.77 -15.88
N ASN F 258 2.19 -50.25 -14.90
CA ASN F 258 1.82 -51.52 -14.28
C ASN F 258 0.88 -51.31 -13.09
N ILE F 259 0.05 -52.32 -12.83
CA ILE F 259 -0.89 -52.31 -11.71
C ILE F 259 -0.68 -53.50 -10.79
N THR F 260 -0.58 -53.24 -9.49
CA THR F 260 -0.49 -54.31 -8.50
C THR F 260 -1.88 -54.87 -8.25
N GLU F 261 -2.02 -56.19 -8.30
CA GLU F 261 -3.32 -56.81 -8.14
C GLU F 261 -3.70 -57.05 -6.69
N ASP F 262 -4.75 -56.36 -6.24
CA ASP F 262 -5.27 -56.48 -4.89
C ASP F 262 -6.67 -55.89 -4.82
N GLU F 263 -7.29 -55.90 -3.64
CA GLU F 263 -8.63 -55.37 -3.47
C GLU F 263 -8.65 -54.13 -2.57
N ILE F 264 -7.54 -53.40 -2.53
CA ILE F 264 -7.44 -52.21 -1.71
C ILE F 264 -8.12 -51.04 -2.38
N LEU F 265 -8.99 -50.35 -1.65
CA LEU F 265 -9.70 -49.21 -2.20
C LEU F 265 -8.72 -48.12 -2.59
N GLU F 266 -8.90 -47.55 -3.77
CA GLU F 266 -7.96 -46.55 -4.27
C GLU F 266 -8.65 -45.44 -5.05
N TRP F 267 -7.94 -44.34 -5.24
CA TRP F 267 -8.46 -43.23 -6.03
C TRP F 267 -7.61 -42.90 -7.24
N PHE F 268 -8.29 -42.50 -8.32
CA PHE F 268 -7.65 -42.02 -9.54
C PHE F 268 -8.21 -40.67 -9.95
N GLY F 269 -7.35 -39.78 -10.46
CA GLY F 269 -7.83 -38.47 -10.88
C GLY F 269 -7.20 -37.99 -12.17
N ILE F 270 -7.93 -37.15 -12.90
CA ILE F 270 -7.43 -36.57 -14.15
C ILE F 270 -7.77 -35.09 -14.28
N THR F 271 -6.75 -34.29 -14.59
CA THR F 271 -6.93 -32.85 -14.83
C THR F 271 -6.12 -32.41 -16.05
N GLN F 272 -6.35 -31.21 -16.55
CA GLN F 272 -5.59 -30.71 -17.70
C GLN F 272 -5.19 -29.25 -17.53
N THR F 273 -3.93 -28.96 -17.82
CA THR F 273 -3.39 -27.61 -17.75
C THR F 273 -2.56 -27.31 -18.99
N ALA F 274 -1.85 -26.19 -18.98
CA ALA F 274 -0.97 -25.82 -20.09
C ALA F 274 0.13 -26.86 -20.28
N GLN F 275 0.41 -27.63 -19.22
CA GLN F 275 1.46 -28.63 -19.23
C GLN F 275 1.00 -29.96 -19.80
N GLY F 276 -0.28 -30.05 -20.17
CA GLY F 276 -0.85 -31.29 -20.66
C GLY F 276 -1.78 -31.94 -19.63
N VAL F 277 -1.97 -33.24 -19.76
CA VAL F 277 -2.93 -33.96 -18.92
C VAL F 277 -2.23 -34.67 -17.77
N HIS F 278 -2.68 -34.41 -16.57
CA HIS F 278 -2.05 -34.93 -15.37
C HIS F 278 -2.83 -36.10 -14.82
N LEU F 279 -2.12 -37.20 -14.56
CA LEU F 279 -2.74 -38.39 -14.01
C LEU F 279 -2.35 -38.59 -12.56
N PHE F 280 -3.35 -38.69 -11.69
CA PHE F 280 -3.15 -38.84 -10.26
C PHE F 280 -3.57 -40.20 -9.77
N SER F 281 -2.91 -40.68 -8.73
CA SER F 281 -3.23 -41.94 -8.12
C SER F 281 -2.74 -42.00 -6.69
N SER F 282 -3.54 -42.59 -5.80
CA SER F 282 -3.11 -42.77 -4.41
C SER F 282 -2.18 -43.97 -4.23
N ARG F 283 -2.34 -44.97 -5.10
CA ARG F 283 -1.61 -46.23 -5.01
C ARG F 283 -0.10 -46.13 -4.89
N TYR F 284 0.52 -45.23 -5.61
CA TYR F 284 1.98 -45.23 -5.69
C TYR F 284 2.67 -44.52 -4.53
N VAL F 285 1.88 -43.86 -3.69
CA VAL F 285 2.45 -43.11 -2.57
C VAL F 285 1.76 -43.42 -1.24
N ASP F 286 0.43 -43.41 -1.25
CA ASP F 286 -0.35 -43.50 -0.03
C ASP F 286 -1.43 -44.56 -0.16
N LEU F 287 -1.01 -45.75 -0.58
CA LEU F 287 -1.92 -46.86 -0.84
C LEU F 287 -2.97 -47.06 0.25
N TYR F 288 -2.56 -46.95 1.50
CA TYR F 288 -3.48 -47.22 2.60
C TYR F 288 -4.01 -45.94 3.25
N GLY F 289 -3.67 -44.78 2.69
CA GLY F 289 -4.10 -43.51 3.28
C GLY F 289 -5.11 -42.77 2.40
N GLY F 290 -4.99 -42.94 1.09
CA GLY F 290 -5.93 -42.33 0.16
C GLY F 290 -5.49 -40.98 -0.43
N ASN F 291 -4.42 -40.38 0.10
CA ASN F 291 -3.98 -39.10 -0.47
C ASN F 291 -3.52 -39.32 -1.91
N MET F 292 -4.06 -38.53 -2.83
CA MET F 292 -3.72 -38.72 -4.23
C MET F 292 -2.49 -37.92 -4.63
N PHE F 293 -1.60 -38.55 -5.42
CA PHE F 293 -0.40 -37.89 -5.92
C PHE F 293 -0.26 -38.07 -7.42
N GLN F 294 0.40 -37.13 -8.08
CA GLN F 294 0.62 -37.23 -9.52
C GLN F 294 1.62 -38.32 -9.84
N PHE F 295 1.32 -39.16 -10.84
CA PHE F 295 2.25 -40.23 -11.22
C PHE F 295 2.69 -40.15 -12.68
N ALA F 296 1.94 -39.43 -13.49
CA ALA F 296 2.28 -39.34 -14.92
C ALA F 296 1.67 -38.13 -15.57
N THR F 297 2.29 -37.70 -16.68
CA THR F 297 1.74 -36.62 -17.50
C THR F 297 1.69 -37.05 -18.96
N LEU F 298 0.57 -36.82 -19.63
CA LEU F 298 0.46 -37.14 -21.04
C LEU F 298 0.54 -35.88 -21.89
N PRO F 299 1.21 -35.93 -23.05
CA PRO F 299 1.40 -34.84 -23.98
C PRO F 299 0.17 -34.59 -24.82
N VAL F 300 -0.92 -34.23 -24.14
CA VAL F 300 -2.17 -33.91 -24.80
C VAL F 300 -2.49 -32.44 -24.59
N TYR F 301 -2.25 -31.65 -25.61
CA TYR F 301 -2.36 -30.21 -25.48
C TYR F 301 -3.63 -29.68 -26.12
N ASP F 302 -4.48 -30.60 -26.51
CA ASP F 302 -5.78 -30.26 -27.08
C ASP F 302 -6.82 -30.24 -25.97
N THR F 303 -7.41 -29.08 -25.74
CA THR F 303 -8.35 -28.93 -24.64
C THR F 303 -9.45 -29.97 -24.66
N ILE F 304 -9.61 -30.64 -23.54
CA ILE F 304 -10.67 -31.62 -23.38
C ILE F 304 -11.93 -30.92 -22.95
N LYS F 305 -13.01 -31.13 -23.69
CA LYS F 305 -14.27 -30.48 -23.38
C LYS F 305 -15.30 -31.48 -22.94
N TYR F 306 -15.26 -32.66 -23.52
CA TYR F 306 -16.24 -33.68 -23.22
C TYR F 306 -15.57 -35.00 -22.93
N TYR F 307 -16.25 -35.83 -22.17
CA TYR F 307 -15.77 -37.18 -21.96
C TYR F 307 -16.94 -38.12 -21.78
N SER F 308 -16.65 -39.40 -21.85
CA SER F 308 -17.64 -40.42 -21.63
C SER F 308 -17.03 -41.65 -20.99
N ILE F 309 -17.87 -42.48 -20.40
CA ILE F 309 -17.43 -43.72 -19.79
C ILE F 309 -17.53 -44.83 -20.80
N ILE F 310 -16.45 -45.55 -21.00
CA ILE F 310 -16.47 -46.63 -21.96
C ILE F 310 -17.13 -47.86 -21.33
N PRO F 311 -18.14 -48.46 -21.98
CA PRO F 311 -18.82 -49.67 -21.58
C PRO F 311 -17.84 -50.83 -21.53
N HIS F 312 -18.12 -51.79 -20.67
CA HIS F 312 -17.28 -52.98 -20.60
C HIS F 312 -18.09 -54.16 -20.14
N SER F 313 -17.92 -55.28 -20.83
CA SER F 313 -18.62 -56.50 -20.48
C SER F 313 -17.68 -57.67 -20.32
N ILE F 314 -18.08 -58.61 -19.48
CA ILE F 314 -17.27 -59.80 -19.27
C ILE F 314 -17.91 -61.04 -19.87
N ARG F 315 -17.20 -61.70 -20.78
CA ARG F 315 -17.74 -62.88 -21.46
C ARG F 315 -17.45 -64.13 -20.66
N SER F 316 -18.06 -64.20 -19.49
CA SER F 316 -17.89 -65.29 -18.55
C SER F 316 -18.82 -66.46 -18.84
N ILE F 317 -18.57 -67.58 -18.16
CA ILE F 317 -19.39 -68.78 -18.25
C ILE F 317 -20.69 -68.61 -17.46
N GLN F 318 -21.82 -69.05 -18.03
CA GLN F 318 -23.12 -68.87 -17.39
C GLN F 318 -23.15 -69.38 -15.95
N SER F 319 -22.44 -70.46 -15.68
CA SER F 319 -22.41 -71.07 -14.36
C SER F 319 -21.41 -70.40 -13.41
N ASP F 320 -20.68 -69.39 -13.89
CA ASP F 320 -19.67 -68.73 -13.08
C ASP F 320 -19.59 -67.22 -13.36
N ARG F 321 -20.29 -66.44 -12.55
CA ARG F 321 -20.33 -64.99 -12.70
C ARG F 321 -19.93 -64.31 -11.41
N LYS F 322 -19.40 -63.09 -11.53
CA LYS F 322 -18.97 -62.34 -10.36
C LYS F 322 -19.72 -61.04 -10.23
N ALA F 323 -19.69 -60.47 -9.02
CA ALA F 323 -20.23 -59.14 -8.79
C ALA F 323 -19.07 -58.16 -8.82
N TRP F 324 -19.31 -56.97 -9.30
CA TRP F 324 -18.22 -56.02 -9.42
C TRP F 324 -18.52 -54.72 -8.72
N ALA F 325 -17.51 -54.17 -8.08
CA ALA F 325 -17.65 -52.93 -7.35
C ALA F 325 -18.05 -51.81 -8.28
N ALA F 326 -18.90 -50.92 -7.79
CA ALA F 326 -19.24 -49.73 -8.54
C ALA F 326 -18.13 -48.73 -8.41
N PHE F 327 -18.03 -47.82 -9.37
CA PHE F 327 -17.12 -46.72 -9.23
C PHE F 327 -17.87 -45.41 -9.31
N TYR F 328 -17.32 -44.39 -8.67
CA TYR F 328 -18.05 -43.13 -8.56
C TYR F 328 -17.24 -41.95 -9.04
N VAL F 329 -17.81 -41.18 -9.96
CA VAL F 329 -17.13 -40.03 -10.53
C VAL F 329 -17.61 -38.72 -9.91
N TYR F 330 -16.66 -37.88 -9.48
CA TYR F 330 -16.98 -36.61 -8.84
C TYR F 330 -16.32 -35.44 -9.58
N LYS F 331 -17.02 -34.32 -9.66
CA LYS F 331 -16.50 -33.10 -10.31
C LYS F 331 -15.60 -32.31 -9.39
N LEU F 332 -14.57 -31.68 -9.95
CA LEU F 332 -13.71 -30.82 -9.15
C LEU F 332 -13.99 -29.33 -9.37
N GLN F 333 -13.79 -28.54 -8.32
CA GLN F 333 -13.93 -27.09 -8.35
C GLN F 333 -12.77 -26.43 -7.60
N PRO F 334 -12.43 -25.17 -7.93
CA PRO F 334 -11.41 -24.35 -7.28
C PRO F 334 -11.90 -23.85 -5.92
N LEU F 335 -11.88 -24.75 -4.95
CA LEU F 335 -12.45 -24.52 -3.64
C LEU F 335 -11.39 -24.37 -2.56
N THR F 336 -11.76 -23.78 -1.43
CA THR F 336 -10.87 -23.66 -0.29
C THR F 336 -11.22 -24.69 0.78
N PHE F 337 -10.21 -25.44 1.21
CA PHE F 337 -10.36 -26.44 2.27
C PHE F 337 -9.41 -26.20 3.43
N LEU F 338 -9.83 -26.59 4.61
CA LEU F 338 -8.93 -26.63 5.76
C LEU F 338 -8.33 -28.02 5.82
N LEU F 339 -7.00 -28.12 5.82
CA LEU F 339 -6.36 -29.43 5.78
C LEU F 339 -5.59 -29.76 7.06
N ASP F 340 -5.87 -30.94 7.62
CA ASP F 340 -5.18 -31.45 8.80
C ASP F 340 -4.01 -32.36 8.44
N PHE F 341 -2.79 -31.84 8.57
CA PHE F 341 -1.60 -32.63 8.26
C PHE F 341 -1.11 -33.32 9.52
N SER F 342 -1.13 -34.64 9.48
CA SER F 342 -0.73 -35.42 10.65
C SER F 342 0.77 -35.46 10.79
N VAL F 343 1.24 -36.11 11.84
CA VAL F 343 2.67 -36.24 12.10
C VAL F 343 3.35 -37.12 11.07
N ASP F 344 2.57 -37.85 10.28
CA ASP F 344 3.12 -38.74 9.27
C ASP F 344 3.20 -38.06 7.91
N GLY F 345 2.82 -36.78 7.87
CA GLY F 345 2.89 -36.00 6.63
C GLY F 345 1.67 -36.21 5.73
N TYR F 346 0.71 -37.01 6.18
CA TYR F 346 -0.47 -37.29 5.37
C TYR F 346 -1.69 -36.53 5.88
N ILE F 347 -2.62 -36.24 4.98
CA ILE F 347 -3.85 -35.54 5.33
C ILE F 347 -4.90 -36.53 5.76
N ARG F 348 -5.48 -36.32 6.94
CA ARG F 348 -6.46 -37.26 7.48
C ARG F 348 -7.86 -36.67 7.56
N ARG F 349 -7.93 -35.36 7.75
CA ARG F 349 -9.21 -34.68 7.87
C ARG F 349 -9.19 -33.39 7.08
N ALA F 350 -10.36 -32.95 6.62
CA ALA F 350 -10.46 -31.66 5.96
C ALA F 350 -11.84 -31.05 6.14
N ILE F 351 -11.91 -29.74 5.98
CA ILE F 351 -13.18 -29.01 6.06
C ILE F 351 -13.50 -28.26 4.76
N ASP F 352 -14.69 -28.49 4.23
CA ASP F 352 -15.15 -27.72 3.06
C ASP F 352 -15.68 -26.37 3.51
N CYS F 353 -14.90 -25.33 3.30
CA CYS F 353 -15.15 -24.04 3.91
C CYS F 353 -16.38 -23.34 3.36
N GLY F 354 -16.96 -23.88 2.29
CA GLY F 354 -18.14 -23.27 1.69
C GLY F 354 -19.39 -24.14 1.79
N PHE F 355 -19.30 -25.25 2.51
CA PHE F 355 -20.41 -26.19 2.61
C PHE F 355 -21.59 -25.60 3.37
N ASN F 356 -21.32 -25.13 4.58
CA ASN F 356 -22.36 -24.55 5.42
C ASN F 356 -21.74 -23.51 6.34
N ASP F 357 -22.55 -22.98 7.24
CA ASP F 357 -22.14 -21.90 8.10
C ASP F 357 -21.16 -22.37 9.18
N LEU F 358 -21.50 -23.44 9.86
CA LEU F 358 -20.61 -23.95 10.89
C LEU F 358 -19.25 -24.30 10.30
N SER F 359 -19.24 -24.90 9.13
CA SER F 359 -17.99 -25.29 8.49
C SER F 359 -17.11 -24.08 8.26
N GLN F 360 -17.72 -22.99 7.77
CA GLN F 360 -16.98 -21.76 7.56
C GLN F 360 -16.36 -21.26 8.86
N LEU F 361 -17.06 -21.43 9.98
CA LEU F 361 -16.55 -20.97 11.26
C LEU F 361 -15.23 -21.63 11.61
N HIS F 362 -15.14 -22.95 11.41
CA HIS F 362 -13.89 -23.63 11.70
C HIS F 362 -12.80 -23.15 10.77
N CYS F 363 -13.14 -22.91 9.52
CA CYS F 363 -12.14 -22.41 8.58
C CYS F 363 -11.68 -21.02 8.96
N SER F 364 -12.60 -20.19 9.42
CA SER F 364 -12.29 -18.81 9.81
C SER F 364 -11.19 -18.78 10.88
N TYR F 365 -11.30 -19.67 11.85
CA TYR F 365 -10.29 -19.75 12.91
C TYR F 365 -9.12 -20.66 12.55
N GLU F 366 -9.12 -21.19 11.33
CA GLU F 366 -8.08 -22.11 10.89
C GLU F 366 -7.82 -23.19 11.93
N SER F 367 -8.90 -23.77 12.44
CA SER F 367 -8.79 -24.76 13.50
C SER F 367 -9.98 -25.69 13.55
N PHE F 368 -9.72 -26.92 13.99
CA PHE F 368 -10.78 -27.90 14.17
C PHE F 368 -11.38 -27.80 15.58
N ASP F 369 -10.92 -26.80 16.34
CA ASP F 369 -11.40 -26.58 17.70
C ASP F 369 -11.74 -25.10 17.93
N VAL F 370 -13.04 -24.83 18.02
CA VAL F 370 -13.55 -23.47 18.21
C VAL F 370 -14.41 -23.42 19.47
N GLU F 371 -14.22 -22.38 20.28
CA GLU F 371 -14.97 -22.24 21.52
C GLU F 371 -16.44 -21.96 21.29
N SER F 372 -17.26 -22.24 22.30
CA SER F 372 -18.70 -22.01 22.22
C SER F 372 -19.03 -20.53 22.12
N GLY F 373 -20.16 -20.22 21.48
CA GLY F 373 -20.63 -18.84 21.37
C GLY F 373 -21.46 -18.61 20.12
N VAL F 374 -21.75 -17.34 19.84
CA VAL F 374 -22.52 -16.98 18.65
C VAL F 374 -21.64 -16.22 17.68
N TYR F 375 -21.47 -16.76 16.49
CA TYR F 375 -20.53 -16.18 15.53
C TYR F 375 -21.23 -15.76 14.25
N SER F 376 -20.71 -14.73 13.60
CA SER F 376 -21.24 -14.32 12.29
C SER F 376 -20.63 -15.15 11.17
N VAL F 377 -21.41 -15.35 10.10
CA VAL F 377 -20.95 -16.07 8.91
C VAL F 377 -21.36 -15.37 7.63
N SER F 378 -20.90 -15.87 6.49
CA SER F 378 -21.32 -15.33 5.20
C SER F 378 -22.83 -15.44 5.03
N SER F 379 -23.42 -14.44 4.40
CA SER F 379 -24.85 -14.38 4.19
C SER F 379 -25.32 -15.24 3.03
N PHE F 380 -26.63 -15.47 2.95
CA PHE F 380 -27.24 -16.16 1.83
C PHE F 380 -27.72 -15.18 0.77
N GLU F 381 -27.21 -15.32 -0.44
CA GLU F 381 -27.56 -14.41 -1.52
C GLU F 381 -28.36 -15.10 -2.59
N ALA F 382 -29.23 -14.34 -3.27
CA ALA F 382 -30.01 -14.88 -4.36
C ALA F 382 -29.37 -14.54 -5.69
N LYS F 383 -29.37 -15.51 -6.60
CA LYS F 383 -28.85 -15.28 -7.93
C LYS F 383 -29.98 -14.78 -8.85
N PRO F 384 -29.65 -13.97 -9.88
CA PRO F 384 -30.55 -13.39 -10.84
C PRO F 384 -31.38 -14.39 -11.63
N SER F 385 -32.61 -13.98 -11.92
CA SER F 385 -33.51 -14.68 -12.81
C SER F 385 -33.41 -14.08 -14.20
N GLY F 386 -34.35 -14.39 -15.07
CA GLY F 386 -34.31 -13.90 -16.45
C GLY F 386 -34.08 -12.39 -16.47
N SER F 387 -33.20 -11.95 -17.36
CA SER F 387 -32.83 -10.54 -17.45
C SER F 387 -33.89 -9.70 -18.12
N VAL F 388 -33.77 -8.38 -17.96
CA VAL F 388 -34.64 -7.43 -18.65
C VAL F 388 -33.79 -6.44 -19.43
N VAL F 389 -34.18 -6.19 -20.67
CA VAL F 389 -33.41 -5.31 -21.54
C VAL F 389 -34.28 -4.29 -22.28
N GLU F 390 -33.84 -3.04 -22.29
CA GLU F 390 -34.52 -2.01 -23.06
C GLU F 390 -33.51 -1.22 -23.87
N GLN F 391 -33.88 -0.91 -25.10
CA GLN F 391 -32.99 -0.20 -26.00
C GLN F 391 -33.76 0.53 -27.08
N ALA F 392 -33.16 1.60 -27.60
CA ALA F 392 -33.76 2.37 -28.68
C ALA F 392 -34.25 1.44 -29.78
N PHE F 604 -38.72 -8.67 -29.75
CA PHE F 604 -38.48 -8.62 -28.31
C PHE F 604 -39.24 -9.71 -27.59
N ALA F 605 -38.51 -10.53 -26.85
CA ALA F 605 -39.09 -11.62 -26.08
C ALA F 605 -40.06 -11.09 -25.04
N ASN F 606 -41.14 -11.85 -24.81
CA ASN F 606 -42.14 -11.46 -23.82
C ASN F 606 -41.56 -11.37 -22.43
N ASP F 607 -40.58 -12.22 -22.12
CA ASP F 607 -40.02 -12.32 -20.80
C ASP F 607 -38.73 -11.54 -20.58
N THR F 608 -38.47 -10.52 -21.41
CA THR F 608 -37.29 -9.67 -21.21
C THR F 608 -37.67 -8.22 -20.94
N LYS F 609 -38.89 -8.02 -20.48
CA LYS F 609 -39.40 -6.70 -20.17
C LYS F 609 -39.38 -6.48 -18.66
N ILE F 610 -39.39 -5.23 -18.22
CA ILE F 610 -39.47 -4.97 -16.78
C ILE F 610 -40.81 -5.44 -16.27
N ALA F 611 -41.88 -5.10 -16.99
CA ALA F 611 -43.20 -5.52 -16.60
C ALA F 611 -43.26 -7.03 -16.58
N SER F 612 -44.00 -7.58 -15.61
CA SER F 612 -44.19 -9.02 -15.41
C SER F 612 -42.97 -9.71 -14.79
N GLN F 613 -41.89 -8.97 -14.57
CA GLN F 613 -40.72 -9.49 -13.87
C GLN F 613 -40.60 -8.81 -12.52
N LEU F 614 -41.58 -8.00 -12.19
CA LEU F 614 -41.54 -7.20 -10.98
C LEU F 614 -41.50 -8.08 -9.75
N GLY F 615 -40.68 -7.66 -8.79
CA GLY F 615 -40.54 -8.38 -7.54
C GLY F 615 -39.42 -9.41 -7.56
N ASN F 616 -38.89 -9.70 -8.75
CA ASN F 616 -37.82 -10.68 -8.87
C ASN F 616 -36.46 -10.02 -8.91
N CYS F 617 -35.44 -10.76 -8.48
CA CYS F 617 -34.06 -10.31 -8.65
C CYS F 617 -33.56 -10.68 -10.03
N VAL F 618 -33.27 -9.67 -10.82
CA VAL F 618 -32.86 -9.87 -12.20
C VAL F 618 -31.64 -9.06 -12.57
N GLU F 619 -30.97 -9.46 -13.63
CA GLU F 619 -29.91 -8.67 -14.20
C GLU F 619 -30.51 -7.81 -15.29
N TYR F 620 -30.06 -6.58 -15.43
CA TYR F 620 -30.63 -5.70 -16.44
C TYR F 620 -29.62 -4.98 -17.29
N SER F 621 -30.08 -4.55 -18.46
CA SER F 621 -29.32 -3.69 -19.35
C SER F 621 -30.27 -2.68 -19.99
N LEU F 622 -30.19 -1.44 -19.53
CA LEU F 622 -31.11 -0.42 -19.98
C LEU F 622 -30.37 0.70 -20.68
N TYR F 623 -30.56 0.81 -21.99
CA TYR F 623 -29.86 1.83 -22.77
C TYR F 623 -28.36 1.87 -22.46
N GLY F 624 -27.76 0.70 -22.32
CA GLY F 624 -26.33 0.60 -22.07
C GLY F 624 -25.97 0.57 -20.58
N VAL F 625 -26.95 0.83 -19.73
CA VAL F 625 -26.69 0.84 -18.29
C VAL F 625 -26.89 -0.54 -17.71
N SER F 626 -25.81 -1.16 -17.27
CA SER F 626 -25.88 -2.50 -16.73
C SER F 626 -26.06 -2.47 -15.23
N GLY F 627 -26.60 -3.53 -14.66
CA GLY F 627 -26.69 -3.65 -13.22
C GLY F 627 -27.56 -4.82 -12.79
N ARG F 628 -27.81 -4.90 -11.50
CA ARG F 628 -28.59 -5.98 -10.91
C ARG F 628 -29.52 -5.43 -9.84
N GLY F 629 -30.74 -5.97 -9.76
CA GLY F 629 -31.66 -5.53 -8.71
C GLY F 629 -33.09 -6.02 -8.90
N VAL F 630 -33.98 -5.46 -8.10
CA VAL F 630 -35.40 -5.81 -8.11
C VAL F 630 -36.24 -4.61 -8.50
N PHE F 631 -37.12 -4.78 -9.49
CA PHE F 631 -37.99 -3.70 -9.93
C PHE F 631 -39.36 -3.75 -9.28
N GLN F 632 -39.92 -2.58 -8.99
CA GLN F 632 -41.28 -2.47 -8.46
C GLN F 632 -42.05 -1.32 -9.11
N ASN F 633 -43.35 -1.49 -9.28
CA ASN F 633 -44.22 -0.42 -9.78
C ASN F 633 -44.38 0.68 -8.73
N CYS F 634 -44.14 1.93 -9.12
CA CYS F 634 -44.23 3.03 -8.14
C CYS F 634 -44.46 4.38 -8.80
N THR F 635 -44.60 5.42 -7.97
CA THR F 635 -44.87 6.79 -8.44
C THR F 635 -43.61 7.49 -8.94
N ALA F 636 -43.72 8.11 -10.12
CA ALA F 636 -42.61 8.83 -10.73
C ALA F 636 -42.15 10.02 -9.92
N VAL F 637 -40.83 10.21 -9.89
CA VAL F 637 -40.19 11.34 -9.25
C VAL F 637 -39.11 11.89 -10.19
N GLY F 638 -38.62 13.08 -9.92
CA GLY F 638 -37.52 13.62 -10.72
C GLY F 638 -38.07 14.24 -12.00
N VAL F 639 -37.17 14.55 -12.95
CA VAL F 639 -37.60 15.16 -14.20
C VAL F 639 -37.72 14.11 -15.29
N ARG F 640 -38.86 14.13 -15.98
CA ARG F 640 -39.28 13.11 -16.92
C ARG F 640 -38.31 12.80 -18.07
N GLN F 641 -37.59 13.80 -18.58
CA GLN F 641 -36.75 13.55 -19.75
C GLN F 641 -35.65 12.53 -19.51
N GLN F 642 -35.05 12.56 -18.33
CA GLN F 642 -33.98 11.63 -18.03
C GLN F 642 -34.55 10.27 -17.64
N ARG F 643 -34.09 9.24 -18.33
CA ARG F 643 -34.56 7.89 -18.09
C ARG F 643 -34.20 7.37 -16.72
N PHE F 644 -33.04 7.76 -16.22
CA PHE F 644 -32.53 7.18 -15.00
C PHE F 644 -32.56 8.13 -13.80
N VAL F 645 -33.10 7.62 -12.68
CA VAL F 645 -33.15 8.36 -11.43
C VAL F 645 -32.14 7.78 -10.44
N TYR F 646 -31.25 8.62 -9.96
CA TYR F 646 -30.21 8.18 -9.03
C TYR F 646 -30.39 8.74 -7.64
N ASP F 647 -29.80 8.06 -6.65
CA ASP F 647 -29.81 8.51 -5.26
C ASP F 647 -28.65 9.44 -4.98
N ALA F 648 -28.55 9.93 -3.75
CA ALA F 648 -27.46 10.77 -3.31
C ALA F 648 -26.13 10.02 -3.39
N TYR F 649 -26.19 8.70 -3.27
CA TYR F 649 -25.00 7.85 -3.31
C TYR F 649 -24.61 7.49 -4.73
N GLN F 650 -25.34 8.07 -5.70
CA GLN F 650 -25.10 7.85 -7.12
C GLN F 650 -25.45 6.43 -7.56
N ASN F 651 -26.28 5.77 -6.77
CA ASN F 651 -26.82 4.47 -7.15
C ASN F 651 -28.13 4.65 -7.92
N LEU F 652 -28.43 3.72 -8.82
CA LEU F 652 -29.67 3.81 -9.59
C LEU F 652 -30.84 3.34 -8.74
N VAL F 653 -31.87 4.19 -8.62
CA VAL F 653 -33.02 3.86 -7.77
C VAL F 653 -34.35 3.90 -8.49
N GLY F 654 -34.36 4.33 -9.74
CA GLY F 654 -35.60 4.37 -10.50
C GLY F 654 -35.35 4.54 -11.97
N TYR F 655 -36.34 4.17 -12.78
CA TYR F 655 -36.20 4.23 -14.23
C TYR F 655 -37.53 4.41 -14.95
N TYR F 656 -37.52 5.27 -15.96
CA TYR F 656 -38.68 5.45 -16.83
C TYR F 656 -38.58 4.49 -18.00
N SER F 657 -39.52 3.56 -18.07
CA SER F 657 -39.51 2.51 -19.08
C SER F 657 -40.00 2.98 -20.42
N ASP F 658 -39.63 2.24 -21.46
CA ASP F 658 -40.07 2.50 -22.82
C ASP F 658 -41.59 2.47 -22.94
N ASP F 659 -42.26 1.75 -22.03
CA ASP F 659 -43.71 1.63 -22.10
C ASP F 659 -44.44 2.79 -21.41
N GLY F 660 -43.67 3.77 -20.91
CA GLY F 660 -44.25 4.94 -20.27
C GLY F 660 -44.41 4.80 -18.75
N ASN F 661 -44.18 3.60 -18.22
CA ASN F 661 -44.32 3.36 -16.79
C ASN F 661 -43.04 3.69 -16.05
N TYR F 662 -43.17 4.03 -14.77
CA TYR F 662 -42.02 4.28 -13.94
C TYR F 662 -41.84 3.20 -12.91
N TYR F 663 -40.62 2.71 -12.77
CA TYR F 663 -40.35 1.67 -11.81
C TYR F 663 -39.26 2.08 -10.84
N CYS F 664 -39.38 1.57 -9.62
CA CYS F 664 -38.37 1.74 -8.60
C CYS F 664 -37.43 0.57 -8.67
N LEU F 665 -36.17 0.80 -8.32
CA LEU F 665 -35.17 -0.25 -8.37
C LEU F 665 -34.33 -0.31 -7.12
N ARG F 666 -34.18 -1.50 -6.57
CA ARG F 666 -33.32 -1.67 -5.41
C ARG F 666 -32.38 -2.84 -5.59
N ALA F 667 -31.21 -2.77 -4.95
CA ALA F 667 -30.26 -3.87 -5.00
C ALA F 667 -30.87 -5.11 -4.37
N CYS F 668 -30.52 -6.27 -4.92
CA CYS F 668 -31.00 -7.53 -4.37
C CYS F 668 -30.43 -7.69 -2.96
N VAL F 669 -31.29 -8.10 -2.03
CA VAL F 669 -30.89 -8.20 -0.63
C VAL F 669 -30.53 -9.61 -0.22
N SER F 670 -29.50 -9.71 0.63
CA SER F 670 -29.06 -10.98 1.17
C SER F 670 -29.67 -11.24 2.55
N VAL F 671 -29.53 -12.46 3.04
CA VAL F 671 -29.97 -12.80 4.39
C VAL F 671 -28.79 -13.03 5.33
N PRO F 672 -28.57 -12.13 6.33
CA PRO F 672 -27.57 -12.21 7.35
C PRO F 672 -27.75 -13.47 8.17
N VAL F 673 -26.65 -14.10 8.55
CA VAL F 673 -26.71 -15.32 9.34
C VAL F 673 -25.63 -15.35 10.42
N SER F 674 -25.96 -15.99 11.53
CA SER F 674 -25.00 -16.27 12.59
C SER F 674 -25.18 -17.70 13.09
N VAL F 675 -24.13 -18.25 13.68
CA VAL F 675 -24.14 -19.62 14.13
C VAL F 675 -24.10 -19.73 15.63
N ILE F 676 -25.03 -20.49 16.16
CA ILE F 676 -25.10 -20.78 17.57
C ILE F 676 -24.34 -22.07 17.79
N TYR F 677 -23.17 -22.00 18.40
CA TYR F 677 -22.33 -23.18 18.51
C TYR F 677 -22.05 -23.60 19.94
N ASP F 678 -22.32 -24.86 20.22
CA ASP F 678 -22.07 -25.43 21.54
C ASP F 678 -21.00 -26.50 21.46
N LYS F 679 -19.82 -26.19 22.00
CA LYS F 679 -18.69 -27.09 21.88
C LYS F 679 -18.89 -28.39 22.64
N GLU F 680 -19.28 -28.28 23.90
CA GLU F 680 -19.35 -29.45 24.78
C GLU F 680 -20.31 -30.51 24.29
N THR F 681 -21.44 -30.10 23.72
CA THR F 681 -22.41 -31.06 23.22
C THR F 681 -22.24 -31.28 21.71
N LYS F 682 -21.23 -30.65 21.12
CA LYS F 682 -20.94 -30.79 19.71
C LYS F 682 -22.15 -30.59 18.81
N THR F 683 -22.91 -29.52 19.03
CA THR F 683 -24.06 -29.25 18.18
C THR F 683 -24.18 -27.78 17.83
N HIS F 684 -25.18 -27.43 17.02
CA HIS F 684 -25.33 -26.05 16.60
C HIS F 684 -26.74 -25.75 16.08
N ALA F 685 -27.00 -24.46 15.91
CA ALA F 685 -28.24 -23.98 15.30
C ALA F 685 -27.96 -22.73 14.47
N THR F 686 -28.77 -22.51 13.45
CA THR F 686 -28.55 -21.38 12.54
C THR F 686 -29.56 -20.26 12.77
N LEU F 687 -29.05 -19.07 13.04
CA LEU F 687 -29.92 -17.93 13.28
C LEU F 687 -29.94 -16.99 12.08
N PHE F 688 -31.10 -16.87 11.44
CA PHE F 688 -31.22 -16.13 10.19
C PHE F 688 -31.50 -14.67 10.39
N GLY F 689 -30.56 -13.97 11.00
CA GLY F 689 -30.59 -12.53 11.08
C GLY F 689 -31.88 -12.00 11.68
N SER F 690 -32.55 -11.14 10.91
CA SER F 690 -33.78 -10.49 11.32
C SER F 690 -34.89 -10.74 10.30
N VAL F 691 -34.92 -11.95 9.75
CA VAL F 691 -35.92 -12.33 8.76
C VAL F 691 -37.22 -12.74 9.46
N ALA F 692 -38.36 -12.44 8.83
CA ALA F 692 -39.69 -12.76 9.36
C ALA F 692 -39.91 -14.27 9.52
N CYS F 693 -39.00 -15.04 8.99
CA CYS F 693 -39.02 -16.50 8.97
C CYS F 693 -39.99 -16.99 7.91
N GLU F 694 -40.43 -16.06 7.06
CA GLU F 694 -41.27 -16.34 5.91
C GLU F 694 -40.43 -16.89 4.77
N HIS F 695 -39.23 -16.36 4.63
CA HIS F 695 -38.36 -16.70 3.50
C HIS F 695 -37.38 -17.81 3.86
N ILE F 696 -37.54 -18.37 5.04
CA ILE F 696 -36.65 -19.43 5.47
C ILE F 696 -37.29 -20.79 5.29
N SER F 697 -36.85 -21.48 4.26
CA SER F 697 -37.33 -22.82 3.95
C SER F 697 -36.59 -23.82 4.79
N SER F 698 -36.96 -25.07 4.69
CA SER F 698 -36.16 -26.08 5.33
C SER F 698 -34.94 -26.32 4.46
N THR F 699 -34.09 -27.23 4.89
CA THR F 699 -32.84 -27.50 4.18
C THR F 699 -32.04 -26.21 3.92
N MET F 700 -32.00 -25.33 4.91
CA MET F 700 -31.22 -24.10 4.84
C MET F 700 -29.94 -24.23 5.63
N SER F 701 -29.61 -25.46 6.00
CA SER F 701 -28.41 -25.74 6.77
C SER F 701 -27.17 -25.74 5.88
N GLN F 702 -27.38 -25.62 4.57
CA GLN F 702 -26.28 -25.58 3.61
C GLN F 702 -26.39 -24.33 2.74
N TYR F 703 -25.27 -23.82 2.27
CA TYR F 703 -25.29 -22.62 1.42
C TYR F 703 -25.91 -22.90 0.06
N SER F 704 -25.80 -24.15 -0.39
CA SER F 704 -26.40 -24.60 -1.65
C SER F 704 -25.79 -23.99 -2.89
N ARG F 705 -24.70 -23.25 -2.73
CA ARG F 705 -23.97 -22.73 -3.86
C ARG F 705 -24.91 -22.11 -4.89
N TYR F 718 -36.38 -30.77 13.18
CA TYR F 718 -37.20 -29.59 13.43
C TYR F 718 -37.05 -28.56 12.33
N GLY F 719 -38.16 -27.90 11.99
CA GLY F 719 -38.13 -26.83 11.02
C GLY F 719 -37.78 -25.54 11.74
N PRO F 720 -37.74 -24.42 11.02
CA PRO F 720 -37.44 -23.10 11.52
C PRO F 720 -38.59 -22.56 12.34
N LEU F 721 -38.30 -21.71 13.31
CA LEU F 721 -39.34 -21.01 14.04
C LEU F 721 -39.03 -19.53 14.19
N GLN F 722 -40.07 -18.72 14.24
CA GLN F 722 -39.91 -17.30 14.44
C GLN F 722 -39.82 -16.96 15.92
N THR F 723 -38.85 -16.15 16.28
CA THR F 723 -38.67 -15.73 17.66
C THR F 723 -38.64 -14.20 17.70
N PRO F 724 -38.64 -13.60 18.90
CA PRO F 724 -38.42 -12.17 19.14
C PRO F 724 -37.05 -11.69 18.64
N VAL F 725 -36.16 -12.63 18.32
CA VAL F 725 -34.85 -12.28 17.81
C VAL F 725 -34.88 -12.22 16.29
N GLY F 726 -35.01 -13.36 15.64
CA GLY F 726 -35.13 -13.41 14.18
C GLY F 726 -35.65 -14.85 14.07
N CYS F 727 -35.40 -15.46 12.91
CA CYS F 727 -35.82 -16.83 12.62
C CYS F 727 -34.69 -17.80 12.89
N VAL F 728 -34.95 -18.81 13.70
CA VAL F 728 -33.89 -19.73 14.05
C VAL F 728 -34.22 -21.15 13.69
N LEU F 729 -33.24 -21.83 13.10
CA LEU F 729 -33.36 -23.23 12.73
C LEU F 729 -32.41 -24.10 13.54
N GLY F 730 -32.96 -24.99 14.35
CA GLY F 730 -32.12 -25.87 15.15
C GLY F 730 -32.37 -25.76 16.66
N LEU F 731 -33.28 -24.88 17.07
CA LEU F 731 -33.62 -24.78 18.48
C LEU F 731 -35.03 -25.28 18.73
N VAL F 732 -35.27 -25.82 19.91
CA VAL F 732 -36.59 -26.32 20.26
C VAL F 732 -37.17 -25.56 21.44
N ASN F 733 -38.35 -24.99 21.25
CA ASN F 733 -39.02 -24.25 22.32
C ASN F 733 -39.30 -25.16 23.50
N SER F 734 -38.74 -24.81 24.66
CA SER F 734 -38.86 -25.65 25.85
C SER F 734 -39.73 -25.04 26.95
N SER F 735 -40.20 -23.82 26.73
CA SER F 735 -40.99 -23.10 27.75
C SER F 735 -40.30 -23.05 29.12
N LEU F 736 -38.99 -22.82 29.12
CA LEU F 736 -38.21 -22.73 30.35
C LEU F 736 -37.72 -21.32 30.62
N PHE F 737 -37.25 -21.10 31.85
CA PHE F 737 -36.64 -19.83 32.24
C PHE F 737 -35.30 -20.09 32.94
N VAL F 738 -34.26 -19.39 32.49
CA VAL F 738 -32.92 -19.56 33.05
C VAL F 738 -32.34 -18.24 33.54
N GLU F 739 -31.73 -18.25 34.72
CA GLU F 739 -31.08 -17.05 35.22
C GLU F 739 -29.72 -16.85 34.57
N ASP F 740 -28.90 -17.87 34.63
CA ASP F 740 -27.55 -17.78 34.12
C ASP F 740 -27.35 -18.59 32.85
N CYS F 741 -27.24 -17.90 31.73
CA CYS F 741 -27.03 -18.54 30.44
C CYS F 741 -25.83 -17.92 29.73
N LYS F 742 -24.82 -18.75 29.49
CA LYS F 742 -23.56 -18.30 28.91
C LYS F 742 -23.65 -17.98 27.43
N LEU F 743 -24.69 -18.46 26.78
CA LEU F 743 -24.80 -18.26 25.34
C LEU F 743 -26.18 -17.69 24.98
N PRO F 744 -26.35 -16.36 25.10
CA PRO F 744 -27.57 -15.62 24.83
C PRO F 744 -27.76 -15.42 23.35
N LEU F 745 -29.01 -15.36 22.93
CA LEU F 745 -29.33 -14.98 21.56
C LEU F 745 -29.43 -13.48 21.47
N GLY F 746 -30.07 -12.89 22.47
CA GLY F 746 -30.34 -11.46 22.52
C GLY F 746 -31.66 -11.21 23.25
N GLN F 747 -31.92 -9.95 23.57
CA GLN F 747 -33.12 -9.59 24.29
C GLN F 747 -33.26 -10.44 25.55
N SER F 748 -34.30 -11.24 25.63
CA SER F 748 -34.52 -12.07 26.81
C SER F 748 -34.45 -13.55 26.52
N LEU F 749 -33.71 -13.94 25.47
CA LEU F 749 -33.65 -15.34 25.06
C LEU F 749 -32.22 -15.91 25.07
N CYS F 750 -32.11 -17.19 25.46
CA CYS F 750 -30.85 -17.93 25.42
C CYS F 750 -30.99 -19.32 24.81
N ALA F 751 -29.86 -19.89 24.37
CA ALA F 751 -29.85 -21.26 23.87
C ALA F 751 -29.27 -22.19 24.93
N LEU F 752 -30.01 -23.25 25.24
CA LEU F 752 -29.63 -24.16 26.30
C LEU F 752 -29.17 -25.53 25.76
N PRO F 753 -28.05 -26.04 26.26
CA PRO F 753 -27.44 -27.29 25.85
C PRO F 753 -28.30 -28.47 26.27
N ASP F 754 -28.22 -29.55 25.51
CA ASP F 754 -28.84 -30.79 25.94
C ASP F 754 -27.82 -31.61 26.70
N THR F 755 -27.94 -31.63 28.01
CA THR F 755 -26.96 -32.27 28.87
C THR F 755 -27.35 -33.73 29.14
N PRO F 756 -26.45 -34.69 28.88
CA PRO F 756 -26.61 -36.11 29.16
C PRO F 756 -27.09 -36.32 30.59
N PRO F 768 -26.63 -35.98 22.29
CA PRO F 768 -27.40 -34.79 22.61
C PRO F 768 -28.26 -34.36 21.42
N GLY F 769 -29.47 -33.92 21.71
CA GLY F 769 -30.39 -33.46 20.69
C GLY F 769 -30.28 -31.95 20.47
N GLU F 770 -31.26 -31.39 19.79
CA GLU F 770 -31.28 -29.97 19.47
C GLU F 770 -31.28 -29.12 20.73
N MET F 771 -30.59 -28.00 20.66
CA MET F 771 -30.54 -27.08 21.79
C MET F 771 -31.92 -26.53 22.10
N ARG F 772 -32.17 -26.30 23.37
CA ARG F 772 -33.46 -25.79 23.81
C ARG F 772 -33.49 -24.28 23.79
N LEU F 773 -34.64 -23.72 23.46
CA LEU F 773 -34.83 -22.28 23.51
C LEU F 773 -35.56 -21.91 24.80
N ALA F 774 -34.99 -20.98 25.56
CA ALA F 774 -35.58 -20.58 26.83
C ALA F 774 -35.43 -19.09 27.07
N SER F 775 -36.30 -18.56 27.91
CA SER F 775 -36.25 -17.15 28.26
C SER F 775 -35.31 -16.92 29.42
N ILE F 776 -34.88 -15.68 29.60
CA ILE F 776 -34.06 -15.32 30.74
C ILE F 776 -34.93 -14.96 31.93
N ALA F 777 -34.61 -15.55 33.08
CA ALA F 777 -35.38 -15.35 34.30
C ALA F 777 -35.04 -14.04 34.98
N PHE F 778 -36.00 -13.52 35.74
CA PHE F 778 -35.77 -12.37 36.61
C PHE F 778 -36.38 -12.64 37.98
N ASN F 779 -35.53 -12.75 38.98
CA ASN F 779 -36.01 -12.99 40.34
C ASN F 779 -36.13 -11.71 41.13
N HIS F 780 -37.32 -11.48 41.65
CA HIS F 780 -37.64 -10.29 42.38
C HIS F 780 -37.04 -10.33 43.79
N PRO F 781 -36.72 -9.17 44.38
CA PRO F 781 -36.26 -8.98 45.73
C PRO F 781 -37.38 -9.27 46.71
N ILE F 782 -37.02 -9.51 47.96
CA ILE F 782 -38.03 -9.77 48.97
C ILE F 782 -38.88 -8.54 49.20
N GLN F 783 -40.18 -8.69 49.06
CA GLN F 783 -41.09 -7.58 49.20
C GLN F 783 -41.49 -7.37 50.64
N VAL F 784 -41.16 -6.20 51.17
CA VAL F 784 -41.46 -5.87 52.55
C VAL F 784 -42.48 -4.73 52.58
N ASP F 785 -43.66 -5.00 53.13
CA ASP F 785 -44.71 -4.00 53.17
C ASP F 785 -44.50 -2.96 54.26
N GLN F 786 -45.14 -1.81 54.11
CA GLN F 786 -45.09 -0.76 55.12
C GLN F 786 -46.28 -0.86 56.05
N LEU F 787 -46.11 -0.41 57.29
CA LEU F 787 -47.18 -0.46 58.26
C LEU F 787 -47.94 0.85 58.33
N ASN F 788 -49.26 0.76 58.42
CA ASN F 788 -50.10 1.93 58.61
C ASN F 788 -50.18 2.28 60.09
N SER F 789 -49.05 2.70 60.65
CA SER F 789 -48.95 2.91 62.09
C SER F 789 -47.74 3.77 62.43
N SER F 790 -47.48 3.89 63.73
CA SER F 790 -46.33 4.63 64.24
C SER F 790 -45.09 3.74 64.28
N TYR F 791 -45.23 2.51 63.82
CA TYR F 791 -44.15 1.53 63.83
C TYR F 791 -43.70 1.25 62.41
N PHE F 792 -42.65 0.45 62.27
CA PHE F 792 -42.25 0.01 60.95
C PHE F 792 -41.79 -1.43 60.97
N LYS F 793 -41.85 -2.07 59.81
CA LYS F 793 -41.45 -3.47 59.69
C LYS F 793 -39.98 -3.61 59.36
N LEU F 794 -39.29 -4.41 60.15
CA LEU F 794 -37.86 -4.64 59.95
C LEU F 794 -37.57 -6.06 59.50
N SER F 795 -36.80 -6.20 58.43
CA SER F 795 -36.38 -7.50 57.94
C SER F 795 -34.92 -7.77 58.26
N ILE F 796 -34.68 -8.66 59.22
CA ILE F 796 -33.35 -8.87 59.78
C ILE F 796 -32.96 -10.36 59.72
N PRO F 797 -31.72 -10.72 59.31
CA PRO F 797 -31.20 -12.08 59.19
C PRO F 797 -31.04 -12.75 60.53
N THR F 798 -31.14 -14.08 60.53
CA THR F 798 -30.94 -14.84 61.75
C THR F 798 -29.95 -15.97 61.49
N ASN F 799 -29.06 -15.74 60.55
CA ASN F 799 -28.05 -16.71 60.15
C ASN F 799 -27.08 -16.10 59.15
N PHE F 800 -25.79 -16.28 59.37
CA PHE F 800 -24.82 -15.72 58.44
C PHE F 800 -23.71 -16.68 58.11
N SER F 801 -23.04 -16.41 57.01
CA SER F 801 -21.90 -17.17 56.57
C SER F 801 -20.89 -16.28 55.88
N PHE F 802 -19.73 -16.82 55.57
CA PHE F 802 -18.70 -16.06 54.89
C PHE F 802 -18.45 -16.63 53.52
N GLY F 803 -17.94 -15.79 52.64
CA GLY F 803 -17.56 -16.24 51.31
C GLY F 803 -16.51 -15.31 50.74
N VAL F 804 -15.91 -15.69 49.63
CA VAL F 804 -14.83 -14.91 49.07
C VAL F 804 -15.12 -14.39 47.67
N THR F 805 -15.00 -13.09 47.51
CA THR F 805 -15.13 -12.46 46.21
C THR F 805 -13.76 -12.37 45.59
N GLN F 806 -13.64 -12.81 44.35
CA GLN F 806 -12.34 -12.80 43.69
C GLN F 806 -12.37 -11.89 42.48
N GLU F 807 -11.26 -11.19 42.25
CA GLU F 807 -11.13 -10.33 41.08
C GLU F 807 -9.68 -10.16 40.70
N TYR F 808 -9.44 -9.84 39.43
CA TYR F 808 -8.09 -9.64 38.93
C TYR F 808 -7.91 -8.31 38.26
N ILE F 809 -6.83 -7.62 38.61
CA ILE F 809 -6.50 -6.38 37.95
C ILE F 809 -5.16 -6.51 37.25
N GLN F 810 -5.17 -6.30 35.94
CA GLN F 810 -3.94 -6.34 35.17
C GLN F 810 -3.22 -5.02 35.35
N THR F 811 -1.93 -5.06 35.64
CA THR F 811 -1.21 -3.80 35.86
C THR F 811 -0.10 -3.60 34.83
N THR F 812 0.34 -4.67 34.18
CA THR F 812 1.40 -4.55 33.19
C THR F 812 1.15 -5.35 31.93
N ILE F 813 1.88 -5.00 30.88
CA ILE F 813 1.94 -5.77 29.64
C ILE F 813 3.40 -6.09 29.34
N GLN F 814 3.66 -7.03 28.44
CA GLN F 814 5.06 -7.31 28.11
C GLN F 814 5.63 -6.19 27.29
N LYS F 815 6.91 -5.92 27.46
CA LYS F 815 7.61 -4.90 26.71
C LYS F 815 8.29 -5.46 25.47
N VAL F 816 7.94 -4.93 24.31
CA VAL F 816 8.49 -5.45 23.05
C VAL F 816 9.10 -4.36 22.19
N THR F 817 10.30 -4.60 21.69
CA THR F 817 10.95 -3.67 20.77
C THR F 817 11.14 -4.34 19.41
N VAL F 818 11.25 -3.54 18.35
CA VAL F 818 11.37 -4.08 17.00
C VAL F 818 12.52 -3.48 16.21
N ASP F 819 13.29 -4.34 15.54
CA ASP F 819 14.35 -3.92 14.65
C ASP F 819 13.78 -3.67 13.25
N CYS F 820 13.58 -2.40 12.92
CA CYS F 820 12.84 -2.02 11.72
C CYS F 820 13.54 -2.47 10.44
N LYS F 821 14.86 -2.50 10.46
CA LYS F 821 15.58 -2.88 9.25
C LYS F 821 15.46 -4.35 8.99
N GLN F 822 15.64 -5.15 10.04
CA GLN F 822 15.54 -6.58 9.85
C GLN F 822 14.13 -6.96 9.44
N TYR F 823 13.15 -6.24 9.97
CA TYR F 823 11.76 -6.53 9.67
C TYR F 823 11.40 -6.18 8.23
N VAL F 824 11.80 -4.98 7.78
CA VAL F 824 11.39 -4.50 6.46
C VAL F 824 12.31 -4.94 5.32
N CYS F 825 13.63 -4.77 5.48
CA CYS F 825 14.55 -5.02 4.38
C CYS F 825 15.35 -6.29 4.56
N ASN F 826 15.46 -6.76 5.78
CA ASN F 826 16.17 -8.00 6.03
C ASN F 826 17.59 -8.00 5.46
N GLY F 827 18.28 -6.88 5.61
CA GLY F 827 19.68 -6.78 5.21
C GLY F 827 19.92 -6.48 3.73
N PHE F 828 18.87 -6.34 2.94
CA PHE F 828 19.06 -6.05 1.52
C PHE F 828 19.28 -4.58 1.26
N GLN F 829 20.44 -4.26 0.70
CA GLN F 829 20.86 -2.88 0.48
C GLN F 829 19.93 -2.13 -0.45
N LYS F 830 19.40 -2.82 -1.46
CA LYS F 830 18.51 -2.18 -2.42
C LYS F 830 17.22 -1.75 -1.74
N CYS F 831 16.69 -2.61 -0.89
CA CYS F 831 15.50 -2.27 -0.14
C CYS F 831 15.72 -1.03 0.69
N GLU F 832 16.85 -0.98 1.40
CA GLU F 832 17.11 0.16 2.25
C GLU F 832 17.16 1.44 1.43
N GLN F 833 17.77 1.37 0.25
CA GLN F 833 17.84 2.54 -0.61
C GLN F 833 16.45 3.12 -0.86
N LEU F 834 15.48 2.24 -1.05
CA LEU F 834 14.11 2.68 -1.27
C LEU F 834 13.44 3.08 0.03
N LEU F 835 13.67 2.30 1.08
CA LEU F 835 13.02 2.55 2.36
C LEU F 835 13.35 3.94 2.90
N ARG F 836 14.57 4.39 2.68
CA ARG F 836 15.01 5.69 3.18
C ARG F 836 14.17 6.85 2.64
N GLU F 837 13.43 6.61 1.56
CA GLU F 837 12.58 7.64 0.99
C GLU F 837 11.46 8.04 1.95
N TYR F 838 11.01 7.10 2.78
CA TYR F 838 9.86 7.34 3.65
C TYR F 838 10.24 8.02 4.95
N GLY F 839 10.83 9.20 4.82
CA GLY F 839 11.14 10.05 5.97
C GLY F 839 11.97 9.34 7.03
N GLN F 840 11.44 9.36 8.26
CA GLN F 840 12.09 8.77 9.42
C GLN F 840 11.24 7.67 10.01
N PHE F 841 10.59 6.90 9.15
CA PHE F 841 9.73 5.82 9.57
C PHE F 841 10.30 4.98 10.70
N CYS F 842 11.53 4.50 10.53
CA CYS F 842 12.13 3.62 11.52
C CYS F 842 12.23 4.26 12.90
N SER F 843 12.73 5.49 12.94
CA SER F 843 12.92 6.19 14.19
C SER F 843 11.62 6.33 14.95
N LYS F 844 10.56 6.71 14.25
CA LYS F 844 9.29 6.95 14.91
C LYS F 844 8.82 5.70 15.66
N ILE F 845 9.00 4.53 15.05
CA ILE F 845 8.63 3.29 15.71
C ILE F 845 9.43 3.05 16.97
N ASN F 846 10.74 3.19 16.86
CA ASN F 846 11.59 2.93 18.00
C ASN F 846 11.30 3.86 19.16
N GLN F 847 11.04 5.12 18.85
CA GLN F 847 10.77 6.09 19.89
C GLN F 847 9.43 5.83 20.57
N ALA F 848 8.42 5.49 19.78
CA ALA F 848 7.10 5.21 20.34
C ALA F 848 7.14 4.03 21.28
N LEU F 849 7.83 2.97 20.88
CA LEU F 849 7.91 1.77 21.71
C LEU F 849 8.73 2.03 22.97
N HIS F 850 9.80 2.80 22.83
CA HIS F 850 10.63 3.15 23.97
C HIS F 850 9.81 3.89 25.02
N GLY F 851 9.02 4.86 24.57
CA GLY F 851 8.17 5.63 25.45
C GLY F 851 7.23 4.72 26.23
N ALA F 852 6.56 3.82 25.52
CA ALA F 852 5.63 2.89 26.16
C ALA F 852 6.33 2.03 27.22
N ASN F 853 7.54 1.60 26.92
CA ASN F 853 8.28 0.76 27.85
C ASN F 853 8.60 1.51 29.13
N LEU F 854 8.98 2.77 29.00
CA LEU F 854 9.29 3.59 30.17
C LEU F 854 8.04 3.77 31.04
N ARG F 855 6.90 3.96 30.39
CA ARG F 855 5.65 4.15 31.11
C ARG F 855 5.34 2.94 31.98
N GLN F 856 5.58 1.75 31.45
CA GLN F 856 5.32 0.52 32.19
C GLN F 856 6.19 0.42 33.43
N ASP F 857 7.46 0.81 33.31
CA ASP F 857 8.36 0.75 34.45
C ASP F 857 7.94 1.73 35.54
N ASP F 858 7.51 2.93 35.14
CA ASP F 858 7.06 3.93 36.10
C ASP F 858 5.87 3.42 36.90
N SER F 859 4.95 2.76 36.22
CA SER F 859 3.76 2.21 36.86
C SER F 859 4.13 1.21 37.94
N VAL F 860 5.05 0.31 37.61
CA VAL F 860 5.46 -0.72 38.56
C VAL F 860 6.04 -0.12 39.82
N ARG F 861 6.93 0.86 39.67
CA ARG F 861 7.54 1.45 40.85
C ARG F 861 6.52 2.10 41.75
N ASN F 862 5.58 2.85 41.17
CA ASN F 862 4.60 3.55 41.97
C ASN F 862 3.64 2.60 42.67
N LEU F 863 3.22 1.54 41.98
CA LEU F 863 2.31 0.60 42.58
C LEU F 863 2.90 -0.02 43.82
N PHE F 864 4.12 -0.53 43.69
CA PHE F 864 4.74 -1.21 44.82
C PHE F 864 5.12 -0.25 45.92
N ALA F 865 5.46 0.98 45.56
CA ALA F 865 5.77 1.99 46.57
C ALA F 865 4.58 2.21 47.49
N SER F 866 3.37 2.15 46.92
CA SER F 866 2.14 2.36 47.70
C SER F 866 1.77 1.11 48.50
N VAL F 867 1.98 -0.07 47.92
CA VAL F 867 1.68 -1.33 48.59
C VAL F 867 2.54 -1.51 49.84
N LYS F 868 3.83 -1.20 49.71
CA LYS F 868 4.76 -1.38 50.81
C LYS F 868 4.29 -0.75 52.11
N SER F 869 4.31 -1.54 53.18
CA SER F 869 3.96 -1.06 54.51
C SER F 869 5.13 -0.33 55.16
N SER F 870 4.85 0.43 56.21
CA SER F 870 5.91 1.09 56.97
C SER F 870 6.27 0.28 58.21
N GLN F 871 5.26 -0.36 58.78
CA GLN F 871 5.44 -1.20 59.97
C GLN F 871 4.58 -2.45 59.80
N SER F 872 5.02 -3.54 60.40
CA SER F 872 4.29 -4.79 60.32
C SER F 872 4.73 -5.75 61.41
N SER F 873 4.01 -6.84 61.60
CA SER F 873 4.50 -7.90 62.46
C SER F 873 5.17 -8.95 61.59
N PRO F 874 6.13 -9.71 62.12
CA PRO F 874 6.76 -10.85 61.48
C PRO F 874 5.73 -11.95 61.30
N ILE F 875 5.88 -12.74 60.25
CA ILE F 875 4.96 -13.85 60.03
C ILE F 875 5.64 -15.17 60.31
N ILE F 876 5.12 -15.88 61.29
CA ILE F 876 5.64 -17.18 61.68
C ILE F 876 4.47 -18.15 61.71
N PRO F 877 4.72 -19.46 61.63
CA PRO F 877 3.71 -20.49 61.76
C PRO F 877 2.94 -20.25 63.04
N GLY F 878 1.62 -20.29 62.93
CA GLY F 878 0.75 -19.97 64.06
C GLY F 878 -0.01 -18.69 63.76
N PHE F 879 0.54 -17.90 62.84
CA PHE F 879 -0.09 -16.66 62.38
C PHE F 879 -1.51 -16.96 61.95
N GLY F 880 -2.45 -16.15 62.43
CA GLY F 880 -3.86 -16.36 62.15
C GLY F 880 -4.60 -16.92 63.38
N GLY F 881 -3.85 -17.52 64.30
CA GLY F 881 -4.46 -18.07 65.50
C GLY F 881 -5.41 -19.22 65.16
N ASP F 882 -6.68 -19.05 65.49
CA ASP F 882 -7.69 -20.08 65.23
C ASP F 882 -8.17 -20.04 63.80
N PHE F 883 -7.70 -19.04 63.06
CA PHE F 883 -8.09 -18.86 61.69
C PHE F 883 -7.01 -19.42 60.78
N ASN F 884 -7.37 -20.44 60.03
CA ASN F 884 -6.42 -21.19 59.22
C ASN F 884 -6.22 -20.54 57.85
N LEU F 885 -5.17 -19.75 57.72
CA LEU F 885 -4.90 -19.05 56.48
C LEU F 885 -3.50 -19.41 55.97
N THR F 886 -3.06 -20.61 56.31
CA THR F 886 -1.74 -21.11 55.91
C THR F 886 -1.61 -21.18 54.39
N LEU F 887 -2.73 -21.18 53.68
CA LEU F 887 -2.72 -21.19 52.22
C LEU F 887 -2.28 -19.84 51.66
N LEU F 888 -2.28 -18.83 52.52
CA LEU F 888 -1.84 -17.49 52.18
C LEU F 888 -0.39 -17.32 52.60
N GLU F 889 -0.08 -17.83 53.77
CA GLU F 889 1.26 -17.73 54.34
C GLU F 889 2.31 -18.25 53.33
N PRO F 890 3.41 -17.51 53.11
CA PRO F 890 4.48 -17.85 52.17
C PRO F 890 5.12 -19.16 52.55
N VAL F 891 5.52 -19.92 51.55
CA VAL F 891 6.14 -21.21 51.78
C VAL F 891 7.64 -21.14 51.60
N SER F 892 8.37 -21.33 52.69
CA SER F 892 9.81 -21.26 52.68
C SER F 892 10.40 -21.98 51.47
N ALA F 900 9.52 -18.62 47.79
CA ALA F 900 9.06 -17.84 48.93
C ALA F 900 7.69 -17.25 48.65
N ARG F 901 6.87 -18.00 47.94
CA ARG F 901 5.53 -17.54 47.59
C ARG F 901 4.45 -18.31 48.34
N SER F 902 3.26 -17.72 48.37
CA SER F 902 2.10 -18.31 49.00
C SER F 902 1.69 -19.58 48.26
N ALA F 903 0.99 -20.48 48.95
CA ALA F 903 0.48 -21.66 48.28
C ALA F 903 -0.47 -21.28 47.15
N ILE F 904 -1.33 -20.29 47.41
CA ILE F 904 -2.24 -19.79 46.37
C ILE F 904 -1.48 -19.20 45.19
N GLU F 905 -0.40 -18.47 45.47
CA GLU F 905 0.38 -17.88 44.39
C GLU F 905 0.96 -18.95 43.49
N ASP F 906 1.53 -20.00 44.08
CA ASP F 906 2.05 -21.07 43.26
C ASP F 906 0.94 -21.72 42.47
N LEU F 907 -0.22 -21.88 43.10
CA LEU F 907 -1.35 -22.50 42.44
C LEU F 907 -1.78 -21.69 41.22
N LEU F 908 -1.90 -20.37 41.39
CA LEU F 908 -2.33 -19.51 40.30
C LEU F 908 -1.36 -19.57 39.14
N PHE F 909 -0.07 -19.44 39.44
CA PHE F 909 0.94 -19.42 38.40
C PHE F 909 1.06 -20.76 37.68
N ASP F 910 0.94 -21.86 38.41
CA ASP F 910 1.03 -23.18 37.81
C ASP F 910 -0.18 -23.52 36.95
N LYS F 911 -1.36 -23.05 37.35
CA LYS F 911 -2.59 -23.36 36.63
C LYS F 911 -2.75 -22.55 35.35
N VAL F 912 -2.26 -21.31 35.35
CA VAL F 912 -2.36 -20.47 34.16
C VAL F 912 -1.35 -20.90 33.10
N THR F 913 -1.82 -21.06 31.87
CA THR F 913 -0.93 -21.46 30.78
C THR F 913 -0.25 -20.25 30.18
N ILE F 914 1.07 -20.29 30.14
CA ILE F 914 1.84 -19.18 29.63
C ILE F 914 3.18 -19.67 29.08
N ALA F 915 3.62 -19.05 27.99
CA ALA F 915 4.90 -19.40 27.39
C ALA F 915 6.04 -19.11 28.34
N ASP F 916 7.07 -19.96 28.31
CA ASP F 916 8.24 -19.79 29.15
C ASP F 916 9.28 -18.89 28.44
N PRO F 917 9.43 -17.61 28.87
CA PRO F 917 10.21 -16.58 28.21
C PRO F 917 11.69 -16.89 28.23
N GLY F 918 12.43 -16.33 27.28
CA GLY F 918 13.86 -16.55 27.20
C GLY F 918 14.62 -16.03 28.41
N TYR F 919 14.95 -14.75 28.39
CA TYR F 919 15.76 -14.14 29.45
C TYR F 919 17.11 -14.84 29.52
N MET F 920 17.66 -15.03 30.71
CA MET F 920 19.00 -15.58 30.81
C MET F 920 19.10 -16.94 30.13
N GLN F 921 20.09 -17.08 29.24
CA GLN F 921 20.36 -18.30 28.48
C GLN F 921 19.19 -18.72 27.57
N GLY F 922 18.25 -17.83 27.33
CA GLY F 922 17.15 -18.11 26.42
C GLY F 922 17.63 -18.31 25.00
N TYR F 923 18.57 -17.48 24.59
CA TYR F 923 19.10 -17.46 23.23
C TYR F 923 19.59 -18.84 22.82
N ASP F 924 20.40 -19.42 23.67
CA ASP F 924 21.07 -20.67 23.38
C ASP F 924 20.18 -21.88 23.58
N ASP F 925 18.95 -21.64 23.98
CA ASP F 925 18.00 -22.73 24.12
C ASP F 925 17.36 -22.97 22.76
N CYS F 926 16.75 -21.90 22.21
CA CYS F 926 16.11 -22.00 20.90
C CYS F 926 17.10 -22.32 19.81
N MET F 927 18.32 -21.83 19.93
CA MET F 927 19.34 -22.04 18.92
C MET F 927 19.94 -23.45 18.95
N GLN F 928 19.72 -24.21 20.02
CA GLN F 928 20.43 -25.48 20.17
C GLN F 928 19.56 -26.73 20.34
N GLN F 929 18.50 -26.64 21.14
CA GLN F 929 17.81 -27.87 21.54
C GLN F 929 16.57 -28.18 20.72
N GLY F 930 16.69 -29.16 19.84
CA GLY F 930 15.57 -29.57 19.00
C GLY F 930 15.17 -28.48 18.04
N PRO F 931 14.12 -28.71 17.25
CA PRO F 931 13.41 -27.75 16.43
C PRO F 931 12.51 -26.89 17.30
N ALA F 932 12.21 -25.68 16.85
CA ALA F 932 11.24 -24.86 17.53
C ALA F 932 9.84 -25.44 17.35
N SER F 933 8.99 -25.27 18.35
CA SER F 933 7.61 -25.72 18.26
C SER F 933 6.85 -24.94 17.20
N ALA F 934 5.76 -25.51 16.70
CA ALA F 934 4.95 -24.78 15.75
C ALA F 934 4.47 -23.49 16.38
N ARG F 935 4.57 -22.41 15.62
CA ARG F 935 4.13 -21.09 16.07
C ARG F 935 4.78 -20.70 17.40
N ASP F 936 6.08 -20.97 17.52
CA ASP F 936 6.83 -20.61 18.71
C ASP F 936 7.27 -19.15 18.62
N LEU F 937 6.57 -18.29 19.34
CA LEU F 937 6.75 -16.86 19.22
C LEU F 937 7.94 -16.36 20.02
N ILE F 938 8.60 -17.27 20.73
CA ILE F 938 9.80 -16.92 21.46
C ILE F 938 11.02 -17.21 20.60
N CYS F 939 11.04 -18.37 19.98
CA CYS F 939 12.16 -18.71 19.13
C CYS F 939 12.19 -17.84 17.86
N ALA F 940 11.00 -17.52 17.34
CA ALA F 940 10.89 -16.67 16.15
C ALA F 940 11.53 -15.32 16.39
N GLN F 941 11.53 -14.92 17.63
CA GLN F 941 12.04 -13.64 18.08
C GLN F 941 13.39 -13.30 17.43
N TYR F 942 14.30 -14.28 17.41
CA TYR F 942 15.68 -14.04 17.03
C TYR F 942 15.87 -14.07 15.51
N VAL F 943 14.78 -14.31 14.80
CA VAL F 943 14.76 -14.35 13.35
C VAL F 943 13.90 -13.22 12.80
N ALA F 944 12.70 -13.10 13.33
CA ALA F 944 11.72 -12.11 12.91
C ALA F 944 12.26 -10.69 13.09
N GLY F 945 13.04 -10.45 14.14
CA GLY F 945 13.62 -9.13 14.36
C GLY F 945 12.97 -8.37 15.50
N TYR F 946 12.43 -9.07 16.49
CA TYR F 946 11.85 -8.39 17.64
C TYR F 946 12.44 -8.93 18.92
N LYS F 947 12.30 -8.18 20.00
CA LYS F 947 12.86 -8.60 21.28
C LYS F 947 11.90 -8.34 22.43
N VAL F 948 11.68 -9.38 23.22
CA VAL F 948 10.81 -9.28 24.38
C VAL F 948 11.66 -9.07 25.63
N LEU F 949 11.38 -7.98 26.32
CA LEU F 949 12.20 -7.59 27.46
C LEU F 949 11.67 -8.18 28.76
N PRO F 950 12.54 -8.41 29.76
CA PRO F 950 12.22 -8.83 31.10
C PRO F 950 11.53 -7.70 31.87
N PRO F 951 10.74 -8.06 32.89
CA PRO F 951 10.03 -7.18 33.80
C PRO F 951 11.00 -6.46 34.70
N LEU F 952 10.49 -5.45 35.40
CA LEU F 952 11.32 -4.67 36.31
C LEU F 952 10.99 -4.95 37.76
N MET F 953 11.13 -6.20 38.15
CA MET F 953 11.00 -6.59 39.53
C MET F 953 11.30 -8.08 39.67
N ASP F 954 12.33 -8.43 40.41
CA ASP F 954 12.60 -9.83 40.67
C ASP F 954 11.43 -10.41 41.44
N VAL F 955 10.98 -11.59 41.05
CA VAL F 955 9.83 -12.23 41.70
C VAL F 955 9.97 -12.31 43.21
N ASN F 956 11.21 -12.36 43.70
CA ASN F 956 11.44 -12.45 45.13
C ASN F 956 11.07 -11.16 45.84
N MET F 957 11.13 -10.04 45.13
CA MET F 957 10.73 -8.77 45.72
C MET F 957 9.23 -8.65 45.67
N GLU F 958 8.62 -9.15 44.61
CA GLU F 958 7.18 -9.13 44.53
C GLU F 958 6.61 -9.91 45.71
N ALA F 959 7.26 -11.06 46.00
CA ALA F 959 6.88 -11.87 47.14
C ALA F 959 7.09 -11.12 48.45
N ALA F 960 8.23 -10.42 48.55
CA ALA F 960 8.54 -9.65 49.76
C ALA F 960 7.49 -8.58 50.03
N TYR F 961 7.05 -7.90 48.97
CA TYR F 961 6.04 -6.86 49.13
C TYR F 961 4.73 -7.46 49.62
N THR F 962 4.35 -8.60 49.05
CA THR F 962 3.12 -9.28 49.44
C THR F 962 3.17 -9.71 50.90
N SER F 963 4.30 -10.30 51.31
CA SER F 963 4.48 -10.75 52.67
C SER F 963 4.35 -9.60 53.64
N SER F 964 5.01 -8.48 53.32
CA SER F 964 4.96 -7.30 54.19
C SER F 964 3.52 -6.79 54.34
N LEU F 965 2.79 -6.77 53.22
CA LEU F 965 1.41 -6.31 53.24
C LEU F 965 0.57 -7.16 54.17
N LEU F 966 0.71 -8.48 54.05
CA LEU F 966 -0.05 -9.41 54.89
C LEU F 966 0.27 -9.20 56.37
N GLY F 967 1.55 -9.03 56.67
CA GLY F 967 2.01 -8.88 58.05
C GLY F 967 1.37 -7.70 58.79
N SER F 968 1.01 -6.63 58.08
CA SER F 968 0.43 -5.46 58.73
C SER F 968 -1.09 -5.44 58.79
N ILE F 969 -1.78 -6.43 58.22
CA ILE F 969 -3.24 -6.32 58.09
C ILE F 969 -3.99 -6.35 59.43
N ALA F 970 -3.44 -6.99 60.44
CA ALA F 970 -4.12 -7.07 61.73
C ALA F 970 -4.12 -5.75 62.49
N GLY F 971 -3.05 -4.97 62.35
CA GLY F 971 -2.90 -3.74 63.14
C GLY F 971 -3.19 -2.45 62.37
N VAL F 972 -3.05 -2.49 61.05
CA VAL F 972 -3.13 -1.28 60.24
C VAL F 972 -4.48 -0.56 60.33
N GLY F 973 -5.58 -1.31 60.49
CA GLY F 973 -6.90 -0.68 60.52
C GLY F 973 -7.46 -0.51 61.93
N TRP F 974 -6.63 -0.68 62.96
CA TRP F 974 -7.12 -0.66 64.32
C TRP F 974 -7.55 0.74 64.80
N THR F 975 -6.87 1.78 64.30
CA THR F 975 -7.15 3.16 64.75
C THR F 975 -7.55 4.11 63.64
N ALA F 976 -8.08 5.27 64.06
CA ALA F 976 -8.39 6.35 63.14
C ALA F 976 -7.12 6.88 62.47
N GLY F 977 -6.03 6.94 63.24
CA GLY F 977 -4.76 7.40 62.73
C GLY F 977 -4.03 6.26 62.03
N LEU F 978 -3.07 6.61 61.16
CA LEU F 978 -2.31 5.61 60.42
C LEU F 978 -0.83 5.56 60.84
N SER F 979 -0.33 6.67 61.37
CA SER F 979 1.10 6.82 61.67
C SER F 979 1.64 5.79 62.69
N SER F 980 0.74 5.20 63.47
CA SER F 980 1.13 4.22 64.48
C SER F 980 0.81 2.80 64.04
N PHE F 981 1.25 1.83 64.84
CA PHE F 981 0.98 0.43 64.54
C PHE F 981 0.90 -0.43 65.80
N ALA F 982 -0.15 -1.22 65.91
CA ALA F 982 -0.31 -2.09 67.06
C ALA F 982 -0.21 -3.55 66.64
N ALA F 983 0.58 -4.31 67.39
CA ALA F 983 0.75 -5.74 67.12
C ALA F 983 -0.44 -6.53 67.64
N ILE F 984 -1.55 -6.41 66.95
CA ILE F 984 -2.80 -7.05 67.31
C ILE F 984 -2.89 -8.45 66.68
N PRO F 985 -3.25 -9.48 67.45
CA PRO F 985 -3.52 -10.83 66.99
C PRO F 985 -4.58 -10.82 65.91
N PHE F 986 -4.40 -11.68 64.90
CA PHE F 986 -5.34 -11.76 63.80
C PHE F 986 -6.77 -11.95 64.29
N ALA F 987 -6.95 -12.90 65.20
CA ALA F 987 -8.28 -13.22 65.68
C ALA F 987 -8.96 -12.01 66.30
N GLN F 988 -8.22 -11.22 67.05
CA GLN F 988 -8.81 -10.06 67.70
C GLN F 988 -9.26 -9.06 66.66
N SER F 989 -8.46 -8.89 65.62
CA SER F 989 -8.82 -7.98 64.55
C SER F 989 -10.13 -8.38 63.90
N ILE F 990 -10.28 -9.68 63.63
CA ILE F 990 -11.50 -10.15 63.00
C ILE F 990 -12.71 -9.86 63.85
N PHE F 991 -12.63 -10.14 65.14
CA PHE F 991 -13.77 -9.92 66.00
C PHE F 991 -14.13 -8.45 66.10
N TYR F 992 -13.13 -7.58 66.16
CA TYR F 992 -13.41 -6.15 66.19
C TYR F 992 -14.11 -5.71 64.90
N ARG F 993 -13.61 -6.21 63.77
CA ARG F 993 -14.18 -5.89 62.46
C ARG F 993 -15.64 -6.34 62.34
N LEU F 994 -15.94 -7.53 62.88
CA LEU F 994 -17.31 -8.03 62.87
C LEU F 994 -18.21 -7.20 63.76
N ASN F 995 -17.72 -6.83 64.93
CA ASN F 995 -18.50 -5.99 65.82
C ASN F 995 -18.92 -4.72 65.09
N GLY F 996 -17.95 -4.09 64.43
CA GLY F 996 -18.10 -2.83 63.73
C GLY F 996 -19.17 -2.82 62.64
N VAL F 997 -19.68 -3.99 62.23
CA VAL F 997 -20.70 -3.99 61.19
C VAL F 997 -22.08 -4.38 61.72
N GLY F 998 -22.28 -4.27 63.03
CA GLY F 998 -23.61 -4.45 63.60
C GLY F 998 -23.81 -5.78 64.33
N ILE F 999 -22.73 -6.37 64.81
CA ILE F 999 -22.83 -7.63 65.53
C ILE F 999 -22.49 -7.43 66.99
N THR F 1000 -23.44 -7.74 67.86
CA THR F 1000 -23.29 -7.43 69.27
C THR F 1000 -22.22 -8.28 69.93
N GLN F 1001 -21.73 -7.81 71.07
CA GLN F 1001 -20.64 -8.48 71.77
C GLN F 1001 -21.02 -9.86 72.26
N GLN F 1002 -22.27 -10.01 72.69
CA GLN F 1002 -22.71 -11.29 73.25
C GLN F 1002 -22.65 -12.38 72.20
N VAL F 1003 -22.96 -12.03 70.96
CA VAL F 1003 -22.97 -12.98 69.87
C VAL F 1003 -21.57 -13.40 69.52
N LEU F 1004 -20.66 -12.44 69.43
CA LEU F 1004 -19.29 -12.73 69.08
C LEU F 1004 -18.68 -13.68 70.09
N SER F 1005 -19.03 -13.50 71.36
CA SER F 1005 -18.54 -14.39 72.41
C SER F 1005 -19.15 -15.79 72.25
N GLU F 1006 -20.47 -15.87 72.12
CA GLU F 1006 -21.16 -17.17 72.06
C GLU F 1006 -20.70 -18.00 70.88
N ASN F 1007 -20.45 -17.34 69.75
CA ASN F 1007 -20.10 -18.03 68.53
C ASN F 1007 -18.62 -17.92 68.20
N GLN F 1008 -17.77 -17.58 69.17
CA GLN F 1008 -16.35 -17.42 68.90
C GLN F 1008 -15.80 -18.56 68.04
N LYS F 1009 -16.10 -19.79 68.42
CA LYS F 1009 -15.58 -20.96 67.72
C LYS F 1009 -16.26 -21.13 66.36
N LEU F 1010 -17.57 -20.97 66.34
CA LEU F 1010 -18.35 -21.13 65.12
C LEU F 1010 -17.93 -20.15 64.05
N ILE F 1011 -17.62 -18.92 64.46
CA ILE F 1011 -17.16 -17.90 63.53
C ILE F 1011 -15.86 -18.31 62.88
N ALA F 1012 -14.90 -18.77 63.68
CA ALA F 1012 -13.63 -19.21 63.12
C ALA F 1012 -13.84 -20.36 62.14
N ASN F 1013 -14.75 -21.27 62.47
CA ASN F 1013 -15.02 -22.40 61.58
C ASN F 1013 -15.49 -21.93 60.23
N LYS F 1014 -16.49 -21.04 60.22
CA LYS F 1014 -17.06 -20.55 58.98
C LYS F 1014 -16.03 -19.77 58.16
N PHE F 1015 -15.22 -18.96 58.83
CA PHE F 1015 -14.20 -18.18 58.14
C PHE F 1015 -13.24 -19.12 57.42
N ASN F 1016 -12.78 -20.15 58.13
CA ASN F 1016 -11.84 -21.12 57.58
C ASN F 1016 -12.40 -21.80 56.35
N GLN F 1017 -13.70 -22.09 56.35
CA GLN F 1017 -14.33 -22.72 55.21
C GLN F 1017 -14.31 -21.80 54.00
N ALA F 1018 -14.59 -20.52 54.22
CA ALA F 1018 -14.64 -19.54 53.14
C ALA F 1018 -13.32 -19.45 52.39
N LEU F 1019 -12.21 -19.51 53.10
CA LEU F 1019 -10.90 -19.45 52.45
C LEU F 1019 -10.48 -20.80 51.90
N GLY F 1020 -10.77 -21.88 52.63
CA GLY F 1020 -10.40 -23.21 52.18
C GLY F 1020 -11.02 -23.51 50.83
N ALA F 1021 -12.21 -22.97 50.61
CA ALA F 1021 -12.95 -23.14 49.36
C ALA F 1021 -12.18 -22.66 48.13
N MET F 1022 -11.19 -21.79 48.33
CA MET F 1022 -10.42 -21.26 47.21
C MET F 1022 -9.47 -22.29 46.60
N GLN F 1023 -9.15 -23.32 47.36
CA GLN F 1023 -8.12 -24.28 46.92
C GLN F 1023 -8.49 -24.97 45.62
N THR F 1024 -9.79 -25.14 45.39
CA THR F 1024 -10.28 -25.79 44.18
C THR F 1024 -11.02 -24.77 43.31
N GLY F 1025 -10.80 -23.50 43.59
CA GLY F 1025 -11.50 -22.42 42.89
C GLY F 1025 -10.94 -22.10 41.52
N PHE F 1026 -9.65 -22.34 41.29
CA PHE F 1026 -9.03 -21.93 40.04
C PHE F 1026 -9.34 -22.88 38.91
N THR F 1027 -10.58 -22.82 38.45
CA THR F 1027 -11.08 -23.65 37.38
C THR F 1027 -11.92 -22.85 36.39
N THR F 1028 -12.66 -23.55 35.55
CA THR F 1028 -13.39 -22.92 34.44
C THR F 1028 -14.61 -22.12 34.88
N THR F 1029 -14.97 -22.21 36.15
CA THR F 1029 -16.12 -21.51 36.69
C THR F 1029 -15.70 -20.24 37.44
N ASN F 1030 -14.41 -19.98 37.48
CA ASN F 1030 -13.87 -18.84 38.20
C ASN F 1030 -13.54 -17.71 37.24
N GLU F 1031 -14.41 -16.71 37.18
CA GLU F 1031 -14.27 -15.62 36.22
C GLU F 1031 -12.97 -14.85 36.41
N ALA F 1032 -12.60 -14.60 37.65
CA ALA F 1032 -11.37 -13.84 37.92
C ALA F 1032 -10.17 -14.60 37.38
N PHE F 1033 -10.13 -15.90 37.65
CA PHE F 1033 -9.08 -16.76 37.16
C PHE F 1033 -9.04 -16.73 35.64
N GLN F 1034 -10.21 -16.89 35.03
CA GLN F 1034 -10.32 -16.89 33.59
C GLN F 1034 -9.73 -15.61 33.00
N LYS F 1035 -10.08 -14.47 33.58
CA LYS F 1035 -9.57 -13.19 33.11
C LYS F 1035 -8.05 -13.13 33.14
N VAL F 1036 -7.42 -13.80 34.11
CA VAL F 1036 -5.97 -13.84 34.14
C VAL F 1036 -5.47 -14.53 32.89
N GLN F 1037 -6.08 -15.67 32.55
CA GLN F 1037 -5.67 -16.41 31.37
C GLN F 1037 -5.90 -15.60 30.10
N ASP F 1038 -7.01 -14.86 30.05
CA ASP F 1038 -7.30 -14.03 28.87
C ASP F 1038 -6.23 -12.96 28.70
N ALA F 1039 -5.82 -12.34 29.81
CA ALA F 1039 -4.79 -11.31 29.75
C ALA F 1039 -3.52 -11.88 29.13
N VAL F 1040 -3.20 -13.12 29.47
CA VAL F 1040 -2.02 -13.77 28.93
C VAL F 1040 -2.15 -13.97 27.43
N ASN F 1041 -3.30 -14.47 26.99
CA ASN F 1041 -3.52 -14.73 25.58
C ASN F 1041 -3.48 -13.44 24.77
N ASN F 1042 -4.09 -12.38 25.31
CA ASN F 1042 -4.15 -11.10 24.64
C ASN F 1042 -2.76 -10.51 24.48
N ASN F 1043 -1.91 -10.81 25.44
CA ASN F 1043 -0.54 -10.34 25.42
C ASN F 1043 0.28 -11.12 24.39
N ALA F 1044 0.12 -12.44 24.37
CA ALA F 1044 0.86 -13.28 23.43
C ALA F 1044 0.58 -12.90 21.97
N GLN F 1045 -0.67 -12.55 21.68
CA GLN F 1045 -1.08 -12.21 20.31
C GLN F 1045 -0.30 -11.05 19.74
N ALA F 1046 0.32 -10.25 20.61
CA ALA F 1046 1.10 -9.11 20.17
C ALA F 1046 2.24 -9.54 19.27
N LEU F 1047 2.82 -10.70 19.56
CA LEU F 1047 3.96 -11.16 18.81
C LEU F 1047 3.52 -11.93 17.59
N SER F 1048 2.36 -12.57 17.70
CA SER F 1048 1.82 -13.35 16.61
C SER F 1048 1.64 -12.46 15.40
N LYS F 1049 1.08 -11.27 15.62
CA LYS F 1049 0.85 -10.34 14.54
C LYS F 1049 2.07 -10.18 13.64
N LEU F 1050 3.22 -9.88 14.25
CA LEU F 1050 4.43 -9.64 13.48
C LEU F 1050 4.92 -10.90 12.78
N ALA F 1051 4.91 -12.02 13.52
CA ALA F 1051 5.42 -13.27 12.98
C ALA F 1051 4.68 -13.71 11.73
N SER F 1052 3.36 -13.53 11.73
CA SER F 1052 2.55 -13.93 10.60
C SER F 1052 2.71 -13.02 9.39
N GLU F 1053 2.71 -11.71 9.62
CA GLU F 1053 2.74 -10.75 8.52
C GLU F 1053 3.99 -10.84 7.66
N LEU F 1054 5.11 -11.20 8.25
CA LEU F 1054 6.33 -11.35 7.48
C LEU F 1054 6.22 -12.40 6.38
N SER F 1055 5.24 -13.30 6.50
CA SER F 1055 5.07 -14.37 5.52
C SER F 1055 4.12 -13.98 4.38
N ASN F 1056 3.51 -12.81 4.47
CA ASN F 1056 2.54 -12.40 3.47
C ASN F 1056 3.20 -11.79 2.25
N THR F 1057 2.70 -12.19 1.09
CA THR F 1057 3.17 -11.65 -0.18
C THR F 1057 2.14 -10.66 -0.68
N PHE F 1058 2.39 -9.37 -0.48
CA PHE F 1058 1.36 -8.36 -0.70
C PHE F 1058 1.16 -8.03 -2.17
N GLY F 1059 0.75 -9.01 -2.94
CA GLY F 1059 0.49 -8.85 -4.36
C GLY F 1059 1.75 -8.96 -5.20
N ALA F 1060 2.88 -9.12 -4.53
CA ALA F 1060 4.16 -9.27 -5.18
C ALA F 1060 4.28 -10.67 -5.73
N ILE F 1061 5.22 -10.88 -6.63
CA ILE F 1061 5.43 -12.23 -7.15
C ILE F 1061 6.01 -13.17 -6.09
N SER F 1062 6.63 -12.58 -5.05
CA SER F 1062 7.19 -13.32 -3.93
C SER F 1062 7.44 -12.39 -2.76
N ALA F 1063 7.27 -12.90 -1.54
CA ALA F 1063 7.52 -12.09 -0.34
C ALA F 1063 9.00 -12.01 -0.02
N SER F 1064 9.81 -12.79 -0.73
CA SER F 1064 11.23 -12.81 -0.48
C SER F 1064 11.96 -11.80 -1.35
N ILE F 1065 12.56 -10.81 -0.73
CA ILE F 1065 13.21 -9.74 -1.45
C ILE F 1065 14.32 -10.27 -2.35
N GLY F 1066 15.10 -11.20 -1.83
CA GLY F 1066 16.20 -11.76 -2.62
C GLY F 1066 15.70 -12.41 -3.90
N ASP F 1067 14.54 -13.05 -3.86
CA ASP F 1067 14.03 -13.76 -5.02
C ASP F 1067 13.56 -12.83 -6.11
N ILE F 1068 12.93 -11.72 -5.73
CA ILE F 1068 12.47 -10.79 -6.74
C ILE F 1068 13.66 -10.06 -7.37
N ILE F 1069 14.71 -9.80 -6.59
CA ILE F 1069 15.90 -9.16 -7.12
C ILE F 1069 16.56 -10.02 -8.19
N GLN F 1070 16.64 -11.32 -7.92
CA GLN F 1070 17.32 -12.24 -8.84
C GLN F 1070 16.46 -12.70 -10.02
N ARG F 1071 15.25 -12.16 -10.15
CA ARG F 1071 14.39 -12.56 -11.26
C ARG F 1071 14.07 -11.41 -12.21
N LEU F 1072 13.85 -10.21 -11.67
CA LEU F 1072 13.39 -9.09 -12.48
C LEU F 1072 14.47 -8.04 -12.73
N ASP F 1073 14.41 -7.39 -13.88
CA ASP F 1073 15.32 -6.30 -14.21
C ASP F 1073 15.08 -5.11 -13.27
N PRO F 1074 16.14 -4.34 -12.93
CA PRO F 1074 16.12 -3.17 -12.05
C PRO F 1074 14.95 -2.17 -12.27
N PRO F 1075 14.58 -1.79 -13.53
CA PRO F 1075 13.55 -0.82 -13.84
C PRO F 1075 12.16 -1.28 -13.42
N GLU F 1076 12.03 -2.54 -12.98
CA GLU F 1076 10.74 -3.05 -12.60
C GLU F 1076 10.81 -3.82 -11.27
N GLN F 1077 11.96 -4.44 -10.97
CA GLN F 1077 12.05 -5.17 -9.70
C GLN F 1077 11.78 -4.19 -8.56
N ASP F 1078 12.13 -2.92 -8.77
CA ASP F 1078 11.90 -1.89 -7.76
C ASP F 1078 10.42 -1.76 -7.43
N ALA F 1079 9.56 -1.99 -8.42
CA ALA F 1079 8.12 -1.92 -8.19
C ALA F 1079 7.69 -2.99 -7.21
N GLN F 1080 8.31 -4.17 -7.33
CA GLN F 1080 7.98 -5.29 -6.47
C GLN F 1080 8.51 -5.05 -5.07
N ILE F 1081 9.73 -4.51 -4.98
CA ILE F 1081 10.33 -4.25 -3.68
C ILE F 1081 9.52 -3.20 -2.96
N ASP F 1082 9.20 -2.12 -3.68
CA ASP F 1082 8.41 -1.03 -3.13
C ASP F 1082 7.08 -1.54 -2.58
N ARG F 1083 6.43 -2.41 -3.34
CA ARG F 1083 5.16 -2.96 -2.92
C ARG F 1083 5.29 -3.69 -1.58
N LEU F 1084 6.31 -4.53 -1.44
CA LEU F 1084 6.51 -5.26 -0.20
C LEU F 1084 6.80 -4.31 0.96
N ILE F 1085 7.55 -3.25 0.69
CA ILE F 1085 7.86 -2.29 1.73
C ILE F 1085 6.59 -1.67 2.27
N ASN F 1086 5.71 -1.22 1.39
CA ASN F 1086 4.48 -0.58 1.85
C ASN F 1086 3.69 -1.51 2.76
N GLY F 1087 3.67 -2.80 2.41
CA GLY F 1087 3.00 -3.81 3.21
C GLY F 1087 3.60 -3.91 4.62
N ARG F 1088 4.93 -4.07 4.67
CA ARG F 1088 5.63 -4.21 5.94
C ARG F 1088 5.45 -2.97 6.82
N LEU F 1089 5.51 -1.79 6.19
CA LEU F 1089 5.35 -0.52 6.91
C LEU F 1089 3.99 -0.43 7.57
N THR F 1090 2.96 -0.84 6.83
CA THR F 1090 1.60 -0.81 7.34
C THR F 1090 1.47 -1.66 8.59
N THR F 1091 2.03 -2.87 8.54
CA THR F 1091 1.97 -3.76 9.69
C THR F 1091 2.60 -3.15 10.92
N LEU F 1092 3.79 -2.61 10.76
CA LEU F 1092 4.50 -2.06 11.89
C LEU F 1092 3.77 -0.89 12.51
N ASN F 1093 3.16 -0.04 11.69
CA ASN F 1093 2.40 1.08 12.23
C ASN F 1093 1.24 0.58 13.08
N ALA F 1094 0.52 -0.41 12.58
CA ALA F 1094 -0.59 -0.98 13.31
C ALA F 1094 -0.14 -1.58 14.63
N PHE F 1095 1.00 -2.28 14.59
CA PHE F 1095 1.54 -2.91 15.78
C PHE F 1095 1.79 -1.87 16.87
N VAL F 1096 2.48 -0.80 16.52
CA VAL F 1096 2.81 0.21 17.50
C VAL F 1096 1.56 0.83 18.09
N ALA F 1097 0.60 1.16 17.24
CA ALA F 1097 -0.62 1.79 17.73
C ALA F 1097 -1.32 0.90 18.74
N GLN F 1098 -1.37 -0.41 18.47
CA GLN F 1098 -2.03 -1.33 19.37
C GLN F 1098 -1.30 -1.41 20.71
N GLN F 1099 0.03 -1.37 20.67
CA GLN F 1099 0.80 -1.43 21.89
C GLN F 1099 0.57 -0.20 22.76
N LEU F 1100 0.43 0.95 22.12
CA LEU F 1100 0.18 2.18 22.86
C LEU F 1100 -1.15 2.11 23.58
N VAL F 1101 -2.16 1.55 22.93
CA VAL F 1101 -3.46 1.39 23.55
C VAL F 1101 -3.37 0.46 24.76
N ARG F 1102 -2.71 -0.68 24.59
CA ARG F 1102 -2.58 -1.64 25.66
C ARG F 1102 -1.87 -1.03 26.86
N SER F 1103 -0.82 -0.26 26.61
CA SER F 1103 -0.06 0.35 27.68
C SER F 1103 -0.91 1.31 28.49
N GLU F 1104 -1.66 2.19 27.80
CA GLU F 1104 -2.46 3.18 28.49
C GLU F 1104 -3.53 2.52 29.34
N SER F 1105 -4.14 1.46 28.81
CA SER F 1105 -5.16 0.75 29.55
C SER F 1105 -4.59 0.17 30.82
N ALA F 1106 -3.44 -0.48 30.71
CA ALA F 1106 -2.78 -1.07 31.86
C ALA F 1106 -2.45 -0.01 32.91
N ALA F 1107 -2.03 1.16 32.45
CA ALA F 1107 -1.66 2.23 33.38
C ALA F 1107 -2.85 2.67 34.22
N LEU F 1108 -4.01 2.85 33.60
CA LEU F 1108 -5.20 3.23 34.33
C LEU F 1108 -5.62 2.12 35.28
N SER F 1109 -5.49 0.89 34.81
CA SER F 1109 -5.83 -0.27 35.59
C SER F 1109 -4.96 -0.34 36.84
N ALA F 1110 -3.67 -0.09 36.69
CA ALA F 1110 -2.74 -0.10 37.81
C ALA F 1110 -3.13 0.93 38.86
N GLN F 1111 -3.61 2.10 38.43
CA GLN F 1111 -4.03 3.12 39.39
C GLN F 1111 -5.18 2.61 40.23
N LEU F 1112 -6.10 1.88 39.61
CA LEU F 1112 -7.19 1.28 40.35
C LEU F 1112 -6.67 0.32 41.39
N ALA F 1113 -5.74 -0.54 40.99
CA ALA F 1113 -5.20 -1.52 41.93
C ALA F 1113 -4.58 -0.84 43.14
N LYS F 1114 -3.87 0.26 42.90
CA LYS F 1114 -3.24 0.98 44.00
C LYS F 1114 -4.29 1.44 45.00
N ASP F 1115 -5.35 2.08 44.50
CA ASP F 1115 -6.38 2.58 45.38
C ASP F 1115 -7.11 1.45 46.08
N LYS F 1116 -7.36 0.37 45.35
CA LYS F 1116 -8.09 -0.75 45.89
C LYS F 1116 -7.39 -1.35 47.10
N VAL F 1117 -6.06 -1.48 47.01
CA VAL F 1117 -5.32 -2.02 48.14
C VAL F 1117 -5.45 -1.10 49.34
N ASN F 1118 -5.22 0.18 49.13
CA ASN F 1118 -5.24 1.12 50.22
C ASN F 1118 -6.61 1.20 50.91
N GLU F 1119 -7.67 1.01 50.13
CA GLU F 1119 -9.02 1.11 50.70
C GLU F 1119 -9.56 -0.21 51.25
N CYS F 1120 -9.36 -1.32 50.54
CA CYS F 1120 -9.99 -2.57 50.92
C CYS F 1120 -9.09 -3.46 51.78
N VAL F 1121 -7.77 -3.28 51.70
CA VAL F 1121 -6.84 -4.15 52.42
C VAL F 1121 -6.35 -3.50 53.71
N LYS F 1122 -5.92 -2.25 53.60
CA LYS F 1122 -5.34 -1.54 54.73
C LYS F 1122 -6.40 -0.90 55.62
N ALA F 1123 -7.67 -1.12 55.29
CA ALA F 1123 -8.77 -0.53 56.04
C ALA F 1123 -10.06 -1.30 55.84
N GLN F 1124 -10.98 -1.19 56.78
CA GLN F 1124 -12.29 -1.82 56.61
C GLN F 1124 -13.23 -0.89 55.87
N SER F 1125 -13.03 -0.76 54.58
CA SER F 1125 -13.85 0.12 53.76
C SER F 1125 -15.32 -0.23 53.83
N LYS F 1126 -16.14 0.79 53.99
CA LYS F 1126 -17.59 0.63 54.01
C LYS F 1126 -18.18 1.10 52.69
N ARG F 1127 -17.32 1.31 51.72
CA ARG F 1127 -17.72 1.76 50.39
C ARG F 1127 -18.35 0.61 49.63
N SER F 1128 -19.56 0.24 50.02
CA SER F 1128 -20.24 -0.91 49.46
C SER F 1128 -20.25 -0.89 47.96
N GLY F 1129 -19.91 -2.03 47.37
CA GLY F 1129 -19.91 -2.19 45.92
C GLY F 1129 -18.53 -2.00 45.30
N PHE F 1130 -17.61 -1.37 46.04
CA PHE F 1130 -16.25 -1.18 45.55
C PHE F 1130 -15.39 -2.37 45.89
N CYS F 1131 -15.43 -2.75 47.14
CA CYS F 1131 -14.72 -3.93 47.63
C CYS F 1131 -15.59 -5.14 47.32
N GLY F 1132 -15.20 -6.30 47.82
CA GLY F 1132 -15.92 -7.52 47.49
C GLY F 1132 -17.41 -7.40 47.84
N GLN F 1133 -18.20 -8.40 47.41
CA GLN F 1133 -19.65 -8.35 47.59
C GLN F 1133 -20.05 -8.68 49.02
N GLY F 1134 -21.20 -8.17 49.45
CA GLY F 1134 -21.68 -8.39 50.81
C GLY F 1134 -21.05 -7.37 51.74
N THR F 1135 -21.08 -7.63 53.04
CA THR F 1135 -20.50 -6.68 53.98
C THR F 1135 -19.01 -6.95 54.10
N HIS F 1136 -18.20 -5.92 53.92
CA HIS F 1136 -16.77 -6.09 53.84
C HIS F 1136 -16.06 -6.30 55.17
N ILE F 1137 -15.21 -7.33 55.20
CA ILE F 1137 -14.29 -7.58 56.29
C ILE F 1137 -12.91 -7.83 55.68
N VAL F 1138 -12.00 -8.41 56.44
CA VAL F 1138 -10.61 -8.59 55.98
C VAL F 1138 -10.51 -9.09 54.53
N SER F 1139 -9.50 -8.58 53.82
CA SER F 1139 -9.22 -8.99 52.45
C SER F 1139 -7.72 -9.15 52.24
N PHE F 1140 -7.35 -9.91 51.22
CA PHE F 1140 -5.94 -10.20 50.97
C PHE F 1140 -5.57 -10.01 49.50
N VAL F 1141 -4.28 -9.82 49.24
CA VAL F 1141 -3.79 -9.66 47.88
C VAL F 1141 -2.58 -10.53 47.60
N VAL F 1142 -2.58 -11.19 46.45
CA VAL F 1142 -1.44 -12.00 46.02
C VAL F 1142 -1.00 -11.63 44.61
N ASN F 1143 0.20 -12.05 44.22
CA ASN F 1143 0.71 -11.73 42.89
C ASN F 1143 0.06 -12.56 41.79
N ALA F 1144 -0.06 -11.94 40.61
CA ALA F 1144 -0.60 -12.60 39.42
C ALA F 1144 0.39 -12.42 38.26
N PRO F 1145 0.33 -13.29 37.23
CA PRO F 1145 1.18 -13.27 36.05
C PRO F 1145 1.40 -11.88 35.46
N ASN F 1146 0.37 -11.04 35.43
CA ASN F 1146 0.55 -9.69 34.91
C ASN F 1146 -0.17 -8.65 35.76
N GLY F 1147 -0.09 -8.78 37.08
CA GLY F 1147 -0.79 -7.85 37.96
C GLY F 1147 -1.05 -8.43 39.33
N LEU F 1148 -2.18 -8.05 39.92
CA LEU F 1148 -2.52 -8.48 41.26
C LEU F 1148 -3.85 -9.21 41.30
N TYR F 1149 -3.92 -10.26 42.10
CA TYR F 1149 -5.13 -11.03 42.26
C TYR F 1149 -5.71 -10.75 43.64
N PHE F 1150 -6.94 -10.29 43.68
CA PHE F 1150 -7.56 -9.90 44.93
C PHE F 1150 -8.55 -10.94 45.41
N MET F 1151 -8.62 -11.09 46.72
CA MET F 1151 -9.61 -11.94 47.33
C MET F 1151 -10.17 -11.26 48.57
N HIS F 1152 -11.49 -11.10 48.60
CA HIS F 1152 -12.10 -10.36 49.70
C HIS F 1152 -12.98 -11.28 50.49
N VAL F 1153 -12.89 -11.25 51.81
CA VAL F 1153 -13.80 -12.06 52.58
C VAL F 1153 -15.00 -11.20 52.94
N GLY F 1154 -16.18 -11.67 52.59
CA GLY F 1154 -17.39 -10.93 52.84
C GLY F 1154 -18.31 -11.65 53.79
N TYR F 1155 -19.16 -10.87 54.44
CA TYR F 1155 -20.18 -11.38 55.34
C TYR F 1155 -21.53 -11.39 54.63
N TYR F 1156 -22.18 -12.54 54.63
CA TYR F 1156 -23.44 -12.68 53.91
C TYR F 1156 -24.59 -13.10 54.85
N PRO F 1157 -25.70 -12.32 54.87
CA PRO F 1157 -26.90 -12.55 55.65
C PRO F 1157 -27.78 -13.61 55.02
N SER F 1158 -28.63 -14.23 55.83
CA SER F 1158 -29.59 -15.21 55.34
C SER F 1158 -30.76 -15.42 56.31
N ASN F 1159 -31.80 -16.11 55.84
CA ASN F 1159 -32.94 -16.47 56.67
C ASN F 1159 -33.55 -15.29 57.40
N HIS F 1160 -33.88 -14.25 56.66
CA HIS F 1160 -34.46 -13.05 57.24
C HIS F 1160 -35.82 -13.32 57.86
N ILE F 1161 -36.09 -12.64 58.97
CA ILE F 1161 -37.39 -12.70 59.64
C ILE F 1161 -37.95 -11.31 59.78
N GLU F 1162 -39.23 -11.22 60.11
CA GLU F 1162 -39.86 -9.92 60.24
C GLU F 1162 -40.27 -9.62 61.67
N VAL F 1163 -39.86 -8.44 62.15
CA VAL F 1163 -40.21 -7.99 63.48
C VAL F 1163 -40.76 -6.56 63.43
N VAL F 1164 -41.41 -6.14 64.52
CA VAL F 1164 -41.92 -4.77 64.61
C VAL F 1164 -40.97 -3.88 65.38
N SER F 1165 -40.58 -2.76 64.75
CA SER F 1165 -39.61 -1.86 65.34
C SER F 1165 -40.18 -0.49 65.64
N ALA F 1166 -39.60 0.17 66.63
CA ALA F 1166 -39.97 1.54 66.99
C ALA F 1166 -38.95 2.52 66.45
N TYR F 1167 -39.37 3.75 66.25
CA TYR F 1167 -38.45 4.81 65.85
C TYR F 1167 -37.65 5.30 67.04
N GLY F 1168 -38.21 5.09 68.22
CA GLY F 1168 -37.61 5.50 69.48
C GLY F 1168 -38.60 5.30 70.60
N LEU F 1169 -38.12 5.36 71.84
CA LEU F 1169 -38.96 5.13 73.01
C LEU F 1169 -38.87 6.31 73.97
N CYS F 1170 -39.99 6.64 74.59
CA CYS F 1170 -40.04 7.72 75.57
C CYS F 1170 -40.63 7.26 76.89
N ASP F 1171 -40.32 7.98 77.96
CA ASP F 1171 -40.96 7.75 79.25
C ASP F 1171 -42.34 8.37 79.25
N ALA F 1172 -43.38 7.55 79.42
CA ALA F 1172 -44.74 8.07 79.37
C ALA F 1172 -44.95 9.15 80.42
N ALA F 1173 -44.24 9.06 81.55
CA ALA F 1173 -44.39 10.01 82.64
C ALA F 1173 -43.58 11.29 82.39
N ASN F 1174 -42.73 11.27 81.37
CA ASN F 1174 -41.84 12.38 81.08
C ASN F 1174 -41.73 12.60 79.58
N PRO F 1175 -42.64 13.39 78.98
CA PRO F 1175 -42.81 13.64 77.56
C PRO F 1175 -41.53 14.09 76.88
N THR F 1176 -40.63 14.72 77.63
CA THR F 1176 -39.39 15.22 77.06
C THR F 1176 -38.21 14.47 77.63
N ASN F 1177 -38.21 13.16 77.43
CA ASN F 1177 -37.12 12.30 77.86
C ASN F 1177 -37.17 11.02 77.03
N CYS F 1178 -36.50 11.05 75.89
CA CYS F 1178 -36.62 9.97 74.93
C CYS F 1178 -35.27 9.42 74.52
N ILE F 1179 -35.27 8.18 74.05
CA ILE F 1179 -34.05 7.52 73.61
C ILE F 1179 -34.16 6.93 72.22
N ALA F 1180 -33.01 6.66 71.63
CA ALA F 1180 -32.90 6.01 70.35
C ALA F 1180 -31.84 4.93 70.44
N PRO F 1181 -31.92 3.87 69.62
CA PRO F 1181 -30.97 2.78 69.57
C PRO F 1181 -29.68 3.22 68.92
N VAL F 1182 -28.59 2.60 69.32
CA VAL F 1182 -27.30 2.87 68.69
C VAL F 1182 -26.82 1.68 67.87
N ASN F 1183 -26.70 1.88 66.56
CA ASN F 1183 -26.27 0.84 65.63
C ASN F 1183 -27.14 -0.41 65.71
N GLY F 1184 -28.44 -0.20 65.87
CA GLY F 1184 -29.39 -1.29 65.99
C GLY F 1184 -30.81 -0.78 66.07
N TYR F 1185 -31.71 -1.63 66.53
CA TYR F 1185 -33.13 -1.33 66.56
C TYR F 1185 -33.78 -1.65 67.89
N PHE F 1186 -34.88 -0.98 68.19
CA PHE F 1186 -35.74 -1.34 69.31
C PHE F 1186 -36.89 -2.17 68.77
N ILE F 1187 -37.04 -3.38 69.29
CA ILE F 1187 -38.07 -4.27 68.80
C ILE F 1187 -38.96 -4.79 69.90
N LYS F 1188 -40.14 -5.27 69.54
CA LYS F 1188 -41.03 -5.90 70.50
C LYS F 1188 -40.59 -7.32 70.78
N THR F 1189 -40.70 -7.75 72.03
CA THR F 1189 -40.37 -9.11 72.42
C THR F 1189 -41.62 -9.96 72.58
N ASN F 1190 -41.64 -11.10 71.93
CA ASN F 1190 -42.76 -12.02 72.03
C ASN F 1190 -42.51 -13.08 73.09
N GLU F 1197 -40.96 -5.62 77.68
CA GLU F 1197 -41.71 -5.53 76.44
C GLU F 1197 -40.80 -5.24 75.27
N TRP F 1198 -39.93 -4.26 75.43
CA TRP F 1198 -39.03 -3.85 74.38
C TRP F 1198 -37.61 -4.35 74.63
N SER F 1199 -36.92 -4.67 73.54
CA SER F 1199 -35.54 -5.14 73.63
C SER F 1199 -34.69 -4.54 72.51
N TYR F 1200 -33.37 -4.69 72.64
CA TYR F 1200 -32.44 -4.18 71.66
C TYR F 1200 -31.88 -5.26 70.77
N THR F 1201 -31.82 -5.00 69.48
CA THR F 1201 -31.21 -5.92 68.55
C THR F 1201 -30.21 -5.20 67.66
N GLY F 1202 -29.05 -5.83 67.43
CA GLY F 1202 -28.02 -5.24 66.58
C GLY F 1202 -28.53 -5.07 65.16
N SER F 1203 -27.96 -4.10 64.44
CA SER F 1203 -28.39 -3.82 63.06
C SER F 1203 -28.15 -4.96 62.07
N SER F 1204 -27.30 -5.93 62.42
CA SER F 1204 -27.04 -7.03 61.51
C SER F 1204 -27.71 -8.32 61.97
N PHE F 1205 -27.01 -9.10 62.79
CA PHE F 1205 -27.50 -10.40 63.24
C PHE F 1205 -28.51 -10.29 64.37
N TYR F 1206 -29.66 -10.96 64.20
CA TYR F 1206 -30.73 -10.95 65.18
C TYR F 1206 -30.38 -11.77 66.44
N ALA F 1207 -30.24 -11.06 67.56
CA ALA F 1207 -29.88 -11.70 68.82
C ALA F 1207 -30.26 -10.79 70.00
N PRO F 1208 -31.56 -10.66 70.32
CA PRO F 1208 -32.14 -9.67 71.21
C PRO F 1208 -31.45 -9.62 72.58
N GLU F 1209 -31.22 -8.40 73.06
CA GLU F 1209 -30.57 -8.12 74.33
C GLU F 1209 -31.39 -7.07 75.10
N PRO F 1210 -31.24 -6.97 76.42
CA PRO F 1210 -31.77 -5.90 77.24
C PRO F 1210 -31.30 -4.55 76.73
N ILE F 1211 -32.18 -3.55 76.83
CA ILE F 1211 -31.84 -2.20 76.43
C ILE F 1211 -31.11 -1.52 77.58
N THR F 1212 -29.92 -1.01 77.32
CA THR F 1212 -29.12 -0.40 78.37
C THR F 1212 -28.37 0.83 77.91
N SER F 1213 -27.56 1.40 78.80
CA SER F 1213 -26.88 2.66 78.51
C SER F 1213 -25.78 2.50 77.47
N LEU F 1214 -25.39 1.27 77.21
CA LEU F 1214 -24.35 0.97 76.25
C LEU F 1214 -24.88 0.78 74.84
N ASN F 1215 -26.20 0.84 74.67
CA ASN F 1215 -26.78 0.64 73.34
C ASN F 1215 -27.88 1.66 73.03
N THR F 1216 -27.93 2.75 73.80
CA THR F 1216 -28.90 3.82 73.55
C THR F 1216 -28.25 5.19 73.58
N LYS F 1217 -28.96 6.17 73.03
CA LYS F 1217 -28.57 7.57 73.10
C LYS F 1217 -29.78 8.43 73.37
N TYR F 1218 -29.59 9.56 74.04
CA TYR F 1218 -30.72 10.45 74.33
C TYR F 1218 -31.01 11.37 73.16
N VAL F 1219 -32.28 11.50 72.85
CA VAL F 1219 -32.73 12.31 71.72
C VAL F 1219 -33.89 13.21 72.07
N ALA F 1220 -34.12 14.21 71.22
CA ALA F 1220 -35.31 15.04 71.34
C ALA F 1220 -36.53 14.19 71.04
N PRO F 1221 -37.67 14.44 71.71
CA PRO F 1221 -38.94 13.74 71.54
C PRO F 1221 -39.49 13.94 70.14
N GLN F 1222 -40.12 12.90 69.62
CA GLN F 1222 -40.73 12.95 68.30
C GLN F 1222 -42.09 12.28 68.30
N VAL F 1223 -42.94 12.69 67.38
CA VAL F 1223 -44.28 12.13 67.25
C VAL F 1223 -44.27 10.63 66.92
N THR F 1224 -43.15 10.12 66.42
CA THR F 1224 -43.05 8.72 66.03
C THR F 1224 -42.54 7.83 67.16
N TYR F 1225 -42.25 8.40 68.32
CA TYR F 1225 -41.72 7.62 69.42
C TYR F 1225 -42.85 7.06 70.26
N GLN F 1226 -42.60 5.92 70.91
CA GLN F 1226 -43.60 5.27 71.74
C GLN F 1226 -43.52 5.74 73.17
N ASN F 1227 -44.65 5.75 73.87
CA ASN F 1227 -44.69 6.15 75.27
C ASN F 1227 -44.95 4.96 76.18
N ILE F 1228 -43.96 4.62 76.99
CA ILE F 1228 -44.06 3.43 77.83
C ILE F 1228 -44.25 3.78 79.30
N SER F 1229 -45.33 3.26 79.89
CA SER F 1229 -45.61 3.45 81.32
C SER F 1229 -44.71 2.57 82.18
N THR F 1230 -44.62 1.29 81.83
CA THR F 1230 -43.74 0.35 82.52
C THR F 1230 -42.43 0.29 81.78
N ASN F 1231 -41.63 1.33 81.94
CA ASN F 1231 -40.48 1.54 81.09
C ASN F 1231 -39.26 0.75 81.51
N LEU F 1232 -38.18 0.91 80.76
CA LEU F 1232 -36.95 0.24 81.04
C LEU F 1232 -36.12 1.07 82.03
N PRO F 1233 -35.31 0.43 82.88
CA PRO F 1233 -34.60 1.07 83.98
C PRO F 1233 -33.47 2.11 83.66
N PRO F 1234 -32.27 1.74 83.13
CA PRO F 1234 -31.14 2.66 82.98
C PRO F 1234 -31.41 3.91 82.07
N PRO F 1235 -31.71 3.78 80.77
CA PRO F 1235 -32.14 4.85 79.88
C PRO F 1235 -33.21 5.74 80.50
N LEU F 1236 -34.32 5.14 80.90
CA LEU F 1236 -35.41 5.90 81.48
C LEU F 1236 -35.57 5.54 82.96
N THR G 32 -22.44 19.40 -49.60
CA THR G 32 -22.86 20.79 -49.70
C THR G 32 -24.34 20.97 -49.47
N VAL G 33 -24.69 21.85 -48.55
CA VAL G 33 -26.08 22.14 -48.27
C VAL G 33 -26.55 23.41 -48.96
N ASP G 34 -27.63 23.28 -49.70
CA ASP G 34 -28.23 24.39 -50.41
C ASP G 34 -29.07 25.24 -49.46
N VAL G 35 -28.64 26.49 -49.26
CA VAL G 35 -29.31 27.38 -48.32
C VAL G 35 -29.99 28.53 -49.04
N GLY G 36 -30.32 28.32 -50.31
CA GLY G 36 -31.04 29.30 -51.09
C GLY G 36 -30.09 30.20 -51.86
N PRO G 37 -30.65 31.14 -52.65
CA PRO G 37 -29.98 32.07 -53.54
C PRO G 37 -29.29 33.21 -52.80
N ASP G 38 -28.35 33.85 -53.49
CA ASP G 38 -27.68 35.06 -53.00
C ASP G 38 -28.62 36.25 -53.04
N SER G 39 -28.34 37.23 -52.18
CA SER G 39 -29.01 38.53 -52.27
C SER G 39 -28.65 39.19 -53.60
N VAL G 40 -29.59 39.94 -54.16
CA VAL G 40 -29.39 40.56 -55.47
C VAL G 40 -29.37 42.09 -55.43
N LYS G 41 -29.24 42.66 -54.24
CA LYS G 41 -29.22 44.10 -54.11
C LYS G 41 -27.81 44.68 -54.34
N SER G 42 -27.76 45.87 -54.94
CA SER G 42 -26.51 46.55 -55.25
C SER G 42 -25.93 47.30 -54.06
N ALA G 43 -26.67 47.35 -52.97
CA ALA G 43 -26.24 48.06 -51.79
C ALA G 43 -26.87 47.49 -50.55
N CYS G 44 -26.18 47.67 -49.45
CA CYS G 44 -26.66 47.26 -48.13
C CYS G 44 -27.47 48.36 -47.49
N ILE G 45 -28.25 48.02 -46.48
CA ILE G 45 -28.97 49.02 -45.74
C ILE G 45 -28.07 49.67 -44.70
N GLU G 46 -27.88 50.98 -44.84
CA GLU G 46 -27.00 51.73 -43.95
C GLU G 46 -27.48 51.66 -42.51
N VAL G 47 -26.53 51.47 -41.61
CA VAL G 47 -26.80 51.42 -40.19
C VAL G 47 -25.89 52.38 -39.43
N ASP G 48 -26.46 53.22 -38.59
CA ASP G 48 -25.66 54.14 -37.80
C ASP G 48 -25.41 53.60 -36.41
N ILE G 49 -24.36 54.10 -35.77
CA ILE G 49 -24.06 53.74 -34.39
C ILE G 49 -23.75 54.97 -33.55
N GLN G 50 -24.71 55.39 -32.75
CA GLN G 50 -24.47 56.44 -31.77
C GLN G 50 -24.53 55.80 -30.40
N GLN G 51 -23.39 55.33 -29.95
CA GLN G 51 -23.30 54.45 -28.80
C GLN G 51 -23.93 55.02 -27.54
N THR G 52 -23.87 56.33 -27.39
CA THR G 52 -24.37 56.98 -26.18
C THR G 52 -25.81 56.61 -25.86
N PHE G 53 -26.61 56.33 -26.88
CA PHE G 53 -28.03 56.03 -26.67
C PHE G 53 -28.23 54.65 -26.06
N PHE G 54 -27.19 53.82 -26.13
CA PHE G 54 -27.27 52.46 -25.66
C PHE G 54 -26.56 52.29 -24.31
N ASP G 55 -25.98 53.36 -23.79
CA ASP G 55 -25.18 53.25 -22.59
C ASP G 55 -25.99 53.52 -21.33
N LYS G 56 -26.23 52.47 -20.57
CA LYS G 56 -27.02 52.55 -19.35
C LYS G 56 -26.70 51.40 -18.43
N THR G 57 -27.15 51.47 -17.19
CA THR G 57 -26.84 50.43 -16.23
C THR G 57 -28.09 49.84 -15.61
N TRP G 58 -28.45 48.64 -16.07
CA TRP G 58 -29.55 47.86 -15.51
C TRP G 58 -29.04 46.54 -14.91
N PRO G 59 -28.44 46.54 -13.72
CA PRO G 59 -27.82 45.39 -13.09
C PRO G 59 -28.83 44.27 -12.92
N ARG G 60 -28.47 43.09 -13.39
CA ARG G 60 -29.31 41.91 -13.24
C ARG G 60 -28.45 40.68 -13.04
N PRO G 61 -27.78 40.56 -11.87
CA PRO G 61 -26.82 39.54 -11.54
C PRO G 61 -27.50 38.22 -11.28
N ILE G 62 -26.74 37.13 -11.40
CA ILE G 62 -27.25 35.81 -11.08
C ILE G 62 -27.30 35.51 -9.59
N ASP G 63 -28.49 35.13 -9.13
CA ASP G 63 -28.71 34.79 -7.73
C ASP G 63 -28.73 33.27 -7.52
N VAL G 64 -27.62 32.74 -7.05
CA VAL G 64 -27.46 31.29 -6.92
C VAL G 64 -28.48 30.66 -5.97
N SER G 65 -29.03 31.45 -5.04
CA SER G 65 -29.92 30.91 -4.03
C SER G 65 -31.27 30.52 -4.61
N LYS G 66 -31.50 30.92 -5.87
CA LYS G 66 -32.74 30.61 -6.55
C LYS G 66 -32.48 29.68 -7.73
N ALA G 67 -31.27 29.10 -7.74
CA ALA G 67 -30.82 28.24 -8.83
C ALA G 67 -30.91 28.99 -10.16
N ASP G 68 -30.58 30.27 -10.10
CA ASP G 68 -30.66 31.15 -11.23
C ASP G 68 -29.54 30.87 -12.23
N GLY G 69 -29.91 30.40 -13.41
CA GLY G 69 -28.93 30.12 -14.45
C GLY G 69 -28.24 28.76 -14.28
N ILE G 70 -28.78 27.91 -13.42
CA ILE G 70 -28.19 26.59 -13.21
C ILE G 70 -28.57 25.63 -14.34
N ILE G 71 -27.55 24.97 -14.90
CA ILE G 71 -27.76 23.99 -15.95
C ILE G 71 -27.94 22.63 -15.33
N TYR G 72 -28.99 21.93 -15.73
CA TYR G 72 -29.31 20.64 -15.14
C TYR G 72 -28.25 19.63 -15.58
N PRO G 73 -27.85 18.67 -14.72
CA PRO G 73 -26.93 17.61 -15.05
C PRO G 73 -27.44 16.84 -16.26
N GLN G 74 -26.56 16.59 -17.21
CA GLN G 74 -26.92 15.93 -18.45
C GLN G 74 -27.12 14.42 -18.29
N GLY G 75 -26.27 13.81 -17.47
CA GLY G 75 -26.22 12.36 -17.34
C GLY G 75 -27.49 11.73 -16.77
N ARG G 76 -28.06 12.36 -15.74
CA ARG G 76 -29.17 11.74 -15.02
C ARG G 76 -29.91 12.70 -14.13
N THR G 77 -31.05 12.27 -13.61
CA THR G 77 -31.80 13.07 -12.65
C THR G 77 -31.76 12.52 -11.26
N TYR G 78 -32.38 13.25 -10.35
CA TYR G 78 -32.43 12.91 -8.93
C TYR G 78 -33.77 13.36 -8.37
N SER G 79 -34.01 13.08 -7.09
CA SER G 79 -35.26 13.51 -6.46
C SER G 79 -35.16 13.71 -4.96
N ASN G 80 -35.51 14.91 -4.52
CA ASN G 80 -35.59 15.25 -3.10
C ASN G 80 -34.28 14.99 -2.35
N ILE G 81 -33.15 15.43 -2.92
CA ILE G 81 -31.84 15.29 -2.25
C ILE G 81 -31.02 16.56 -2.35
N THR G 82 -30.01 16.68 -1.50
CA THR G 82 -29.01 17.74 -1.61
C THR G 82 -27.61 17.14 -1.79
N ILE G 83 -26.99 17.45 -2.92
CA ILE G 83 -25.65 16.94 -3.21
C ILE G 83 -24.78 18.02 -3.82
N THR G 84 -23.48 17.78 -3.84
CA THR G 84 -22.59 18.67 -4.59
C THR G 84 -22.42 18.14 -6.00
N TYR G 85 -22.07 19.03 -6.92
CA TYR G 85 -21.87 18.63 -8.30
C TYR G 85 -20.91 19.59 -9.02
N GLN G 86 -20.08 19.05 -9.91
CA GLN G 86 -19.20 19.91 -10.70
C GLN G 86 -19.68 20.00 -12.12
N GLY G 87 -19.64 21.20 -12.66
CA GLY G 87 -20.07 21.43 -14.03
C GLY G 87 -19.85 22.87 -14.42
N LEU G 88 -20.32 23.24 -15.61
CA LEU G 88 -20.13 24.60 -16.08
C LEU G 88 -21.21 25.53 -15.57
N PHE G 89 -20.85 26.35 -14.59
CA PHE G 89 -21.77 27.25 -13.92
C PHE G 89 -21.21 28.67 -13.92
N PRO G 90 -22.07 29.68 -13.86
CA PRO G 90 -21.73 31.09 -13.69
C PRO G 90 -21.27 31.39 -12.27
N TYR G 91 -20.50 32.47 -12.10
CA TYR G 91 -20.13 32.93 -10.75
C TYR G 91 -21.30 33.54 -10.02
N GLN G 92 -21.42 33.24 -8.72
CA GLN G 92 -22.40 33.92 -7.89
C GLN G 92 -22.19 35.42 -7.93
N GLY G 93 -23.27 36.15 -8.18
CA GLY G 93 -23.22 37.61 -8.17
C GLY G 93 -22.76 38.23 -9.49
N ASP G 94 -22.43 37.39 -10.48
CA ASP G 94 -21.96 37.90 -11.76
C ASP G 94 -23.01 38.76 -12.43
N HIS G 95 -22.64 39.99 -12.78
CA HIS G 95 -23.57 40.92 -13.42
C HIS G 95 -23.78 40.58 -14.88
N GLY G 96 -22.78 39.99 -15.52
CA GLY G 96 -22.86 39.67 -16.93
C GLY G 96 -22.79 40.92 -17.79
N ASP G 97 -22.79 40.71 -19.11
CA ASP G 97 -22.78 41.81 -20.06
C ASP G 97 -24.19 42.04 -20.60
N MET G 98 -24.66 43.28 -20.52
CA MET G 98 -26.02 43.58 -21.00
C MET G 98 -26.00 44.08 -22.44
N TYR G 99 -26.91 43.55 -23.25
CA TYR G 99 -27.05 43.93 -24.65
C TYR G 99 -28.49 44.25 -24.99
N VAL G 100 -28.71 45.19 -25.90
CA VAL G 100 -30.07 45.50 -26.31
C VAL G 100 -30.24 45.63 -27.82
N TYR G 101 -31.45 45.34 -28.27
CA TYR G 101 -31.88 45.58 -29.64
C TYR G 101 -32.99 46.61 -29.60
N SER G 102 -33.19 47.34 -30.68
CA SER G 102 -34.23 48.36 -30.69
C SER G 102 -34.68 48.75 -32.09
N ALA G 103 -35.76 49.51 -32.13
CA ALA G 103 -36.21 50.12 -33.36
C ALA G 103 -35.18 51.12 -33.84
N GLY G 104 -35.07 51.25 -35.15
CA GLY G 104 -34.14 52.19 -35.77
C GLY G 104 -34.81 53.52 -36.01
N HIS G 105 -34.23 54.33 -36.90
CA HIS G 105 -34.78 55.63 -37.17
C HIS G 105 -35.95 55.49 -38.13
N ALA G 106 -36.87 56.45 -38.09
CA ALA G 106 -38.02 56.41 -38.99
C ALA G 106 -38.65 57.79 -39.12
N THR G 107 -39.32 58.01 -40.25
CA THR G 107 -40.10 59.22 -40.48
C THR G 107 -41.51 58.83 -40.89
N GLY G 108 -42.44 58.86 -39.94
CA GLY G 108 -43.78 58.38 -40.18
C GLY G 108 -43.76 56.90 -40.52
N THR G 109 -44.35 56.54 -41.64
CA THR G 109 -44.44 55.14 -42.05
C THR G 109 -43.28 54.70 -42.91
N THR G 110 -42.30 55.58 -43.11
CA THR G 110 -41.12 55.24 -43.89
C THR G 110 -39.87 55.15 -42.99
N PRO G 111 -39.33 53.94 -42.76
CA PRO G 111 -38.16 53.66 -41.97
C PRO G 111 -36.94 54.36 -42.54
N GLN G 112 -36.03 54.73 -41.64
CA GLN G 112 -34.77 55.38 -41.96
C GLN G 112 -33.62 54.51 -41.50
N LYS G 113 -32.40 55.00 -41.70
CA LYS G 113 -31.18 54.27 -41.34
C LYS G 113 -31.37 53.42 -40.09
N LEU G 114 -30.79 52.21 -40.12
CA LEU G 114 -30.86 51.29 -39.00
C LEU G 114 -30.03 51.87 -37.87
N PHE G 115 -30.19 51.35 -36.65
CA PHE G 115 -29.48 51.91 -35.52
C PHE G 115 -29.13 50.84 -34.50
N VAL G 116 -27.84 50.61 -34.32
CA VAL G 116 -27.37 49.59 -33.40
C VAL G 116 -26.23 50.08 -32.54
N ALA G 117 -25.87 49.30 -31.53
CA ALA G 117 -24.70 49.56 -30.72
C ALA G 117 -23.46 48.99 -31.39
N ASN G 118 -22.29 49.34 -30.89
CA ASN G 118 -21.04 48.86 -31.45
C ASN G 118 -20.75 47.41 -31.07
N TYR G 119 -21.65 46.52 -31.46
CA TYR G 119 -21.50 45.11 -31.11
C TYR G 119 -20.65 44.36 -32.12
N SER G 120 -20.60 44.87 -33.36
CA SER G 120 -19.91 44.16 -34.43
C SER G 120 -18.42 43.91 -34.15
N GLN G 121 -17.79 44.80 -33.40
CA GLN G 121 -16.37 44.63 -33.08
C GLN G 121 -16.18 44.02 -31.70
N ASP G 122 -17.27 43.71 -31.01
CA ASP G 122 -17.18 43.24 -29.65
C ASP G 122 -16.96 41.73 -29.63
N VAL G 123 -15.75 41.33 -30.01
CA VAL G 123 -15.41 39.92 -30.16
C VAL G 123 -14.70 39.41 -28.91
N LYS G 124 -15.24 38.36 -28.32
CA LYS G 124 -14.69 37.82 -27.08
C LYS G 124 -14.36 36.35 -27.19
N GLN G 125 -13.50 35.87 -26.32
CA GLN G 125 -13.17 34.46 -26.27
C GLN G 125 -14.38 33.62 -25.86
N PHE G 126 -14.58 32.53 -26.56
CA PHE G 126 -15.65 31.59 -26.26
C PHE G 126 -15.38 30.83 -24.98
N ALA G 127 -14.13 30.40 -24.80
CA ALA G 127 -13.72 29.64 -23.63
C ALA G 127 -14.57 28.38 -23.48
N ASN G 128 -15.25 28.26 -22.34
CA ASN G 128 -16.04 27.08 -22.04
C ASN G 128 -17.51 27.26 -22.41
N GLY G 129 -17.80 28.36 -23.09
CA GLY G 129 -19.16 28.65 -23.48
C GLY G 129 -19.81 29.64 -22.53
N PHE G 130 -21.07 29.93 -22.79
CA PHE G 130 -21.79 30.95 -22.06
C PHE G 130 -23.29 30.74 -22.05
N VAL G 131 -23.96 31.47 -21.17
CA VAL G 131 -25.41 31.44 -21.11
C VAL G 131 -25.96 32.85 -21.20
N VAL G 132 -27.18 32.96 -21.68
CA VAL G 132 -27.82 34.26 -21.78
C VAL G 132 -29.24 34.28 -21.22
N ARG G 133 -29.53 35.33 -20.46
CA ARG G 133 -30.86 35.57 -19.93
C ARG G 133 -31.69 36.32 -20.95
N ILE G 134 -32.86 35.78 -21.28
CA ILE G 134 -33.71 36.36 -22.31
C ILE G 134 -35.06 36.82 -21.73
N GLY G 135 -35.45 38.05 -22.06
CA GLY G 135 -36.73 38.59 -21.57
C GLY G 135 -36.61 39.08 -20.13
N ALA G 136 -35.43 39.54 -19.77
CA ALA G 136 -35.14 39.95 -18.41
C ALA G 136 -36.12 40.98 -17.87
N ALA G 137 -36.59 41.88 -18.73
CA ALA G 137 -37.46 42.95 -18.28
C ALA G 137 -38.84 42.86 -18.91
N ALA G 138 -39.22 41.68 -19.40
CA ALA G 138 -40.52 41.56 -20.04
C ALA G 138 -41.62 41.94 -19.06
N ASN G 139 -42.66 42.58 -19.59
CA ASN G 139 -43.83 43.05 -18.84
C ASN G 139 -43.58 44.37 -18.12
N SER G 140 -42.33 44.78 -18.00
CA SER G 140 -42.04 46.05 -17.34
C SER G 140 -42.17 47.18 -18.33
N THR G 141 -42.14 48.41 -17.84
CA THR G 141 -42.21 49.57 -18.73
C THR G 141 -40.81 50.10 -18.99
N GLY G 142 -40.49 50.29 -20.27
CA GLY G 142 -39.19 50.80 -20.66
C GLY G 142 -39.32 51.95 -21.62
N THR G 143 -38.23 52.29 -22.29
CA THR G 143 -38.23 53.39 -23.22
C THR G 143 -37.57 53.02 -24.54
N VAL G 144 -37.75 53.86 -25.54
CA VAL G 144 -37.13 53.71 -26.84
C VAL G 144 -35.72 54.28 -26.83
N ILE G 145 -34.77 53.52 -27.37
CA ILE G 145 -33.36 53.92 -27.36
C ILE G 145 -33.11 55.30 -27.96
N ILE G 146 -33.78 55.61 -29.07
CA ILE G 146 -33.54 56.88 -29.74
C ILE G 146 -34.63 57.93 -29.46
N SER G 147 -35.35 57.77 -28.36
CA SER G 147 -36.31 58.79 -27.98
C SER G 147 -36.31 58.99 -26.46
N PRO G 148 -35.70 60.09 -25.97
CA PRO G 148 -35.47 60.42 -24.57
C PRO G 148 -36.71 60.26 -23.69
N SER G 149 -37.89 60.51 -24.24
CA SER G 149 -39.10 60.38 -23.42
C SER G 149 -40.23 59.64 -24.13
N THR G 150 -39.91 58.52 -24.78
CA THR G 150 -40.97 57.67 -25.31
C THR G 150 -41.00 56.34 -24.57
N SER G 151 -42.09 56.12 -23.86
CA SER G 151 -42.22 54.90 -23.06
C SER G 151 -43.03 53.85 -23.79
N ALA G 152 -42.81 52.60 -23.43
CA ALA G 152 -43.57 51.49 -23.98
C ALA G 152 -43.43 50.24 -23.12
N THR G 153 -44.40 49.33 -23.21
CA THR G 153 -44.28 48.03 -22.56
C THR G 153 -43.12 47.26 -23.16
N ILE G 154 -42.30 46.66 -22.30
CA ILE G 154 -41.16 45.89 -22.75
C ILE G 154 -41.54 44.49 -23.22
N ARG G 155 -41.11 44.16 -24.43
CA ARG G 155 -41.37 42.85 -25.02
C ARG G 155 -40.08 42.03 -25.14
N LYS G 156 -40.21 40.71 -25.05
CA LYS G 156 -39.08 39.80 -25.21
C LYS G 156 -38.58 39.73 -26.66
N ILE G 157 -37.26 39.72 -26.81
CA ILE G 157 -36.62 39.55 -28.11
C ILE G 157 -35.44 38.61 -27.99
N TYR G 158 -35.23 37.77 -28.98
CA TYR G 158 -34.17 36.78 -28.91
C TYR G 158 -32.84 37.29 -29.48
N PRO G 159 -31.72 37.02 -28.79
CA PRO G 159 -30.37 37.40 -29.14
C PRO G 159 -29.85 36.61 -30.32
N ALA G 160 -28.99 37.23 -31.12
CA ALA G 160 -28.33 36.56 -32.23
C ALA G 160 -26.82 36.52 -32.01
N PHE G 161 -26.18 35.44 -32.45
CA PHE G 161 -24.75 35.26 -32.22
C PHE G 161 -23.99 34.78 -33.45
N MET G 162 -22.70 35.11 -33.49
CA MET G 162 -21.80 34.60 -34.52
C MET G 162 -20.55 34.01 -33.86
N LEU G 163 -20.25 32.75 -34.17
CA LEU G 163 -19.15 32.05 -33.53
C LEU G 163 -18.17 31.41 -34.52
N GLY G 164 -16.87 31.40 -34.20
CA GLY G 164 -15.90 30.74 -35.07
C GLY G 164 -14.53 30.56 -34.43
N SER G 165 -13.58 30.03 -35.21
CA SER G 165 -12.23 29.73 -34.70
C SER G 165 -11.24 30.87 -34.85
N SER G 166 -11.51 31.81 -35.73
CA SER G 166 -10.58 32.90 -35.98
C SER G 166 -11.28 34.14 -36.50
N VAL G 167 -10.94 35.30 -35.92
CA VAL G 167 -11.55 36.56 -36.31
C VAL G 167 -10.48 37.63 -36.53
N GLY G 168 -10.56 38.31 -37.66
CA GLY G 168 -9.61 39.38 -38.00
C GLY G 168 -10.33 40.67 -38.37
N ASN G 169 -9.72 41.41 -39.30
CA ASN G 169 -10.23 42.72 -39.72
C ASN G 169 -10.77 42.68 -41.14
N PHE G 170 -11.55 43.69 -41.48
CA PHE G 170 -12.06 43.91 -42.82
C PHE G 170 -11.06 44.73 -43.62
N SER G 171 -11.35 44.95 -44.91
CA SER G 171 -10.42 45.64 -45.79
C SER G 171 -10.12 47.07 -45.36
N ASP G 172 -10.99 47.66 -44.55
CA ASP G 172 -10.80 49.03 -44.08
C ASP G 172 -10.23 49.09 -42.67
N GLY G 173 -9.79 47.95 -42.14
CA GLY G 173 -9.17 47.90 -40.82
C GLY G 173 -10.15 47.71 -39.66
N LYS G 174 -11.45 47.60 -39.95
CA LYS G 174 -12.43 47.39 -38.89
C LYS G 174 -12.42 45.95 -38.42
N MET G 175 -12.67 45.72 -37.15
CA MET G 175 -12.61 44.37 -36.59
C MET G 175 -13.93 43.61 -36.73
N GLY G 176 -13.87 42.29 -36.58
CA GLY G 176 -15.09 41.47 -36.51
C GLY G 176 -15.28 40.57 -37.73
N ARG G 177 -14.21 40.35 -38.49
CA ARG G 177 -14.31 39.49 -39.66
C ARG G 177 -14.01 38.04 -39.33
N PHE G 178 -15.02 37.19 -39.42
CA PHE G 178 -14.83 35.77 -39.12
C PHE G 178 -14.31 35.07 -40.35
N PHE G 179 -13.35 34.17 -40.17
CA PHE G 179 -12.74 33.48 -41.30
C PHE G 179 -13.32 32.11 -41.56
N ASN G 180 -13.34 31.73 -42.83
CA ASN G 180 -13.78 30.41 -43.27
C ASN G 180 -15.18 30.10 -42.77
N HIS G 181 -15.41 28.88 -42.29
CA HIS G 181 -16.75 28.53 -41.84
C HIS G 181 -17.07 29.13 -40.49
N THR G 182 -18.25 29.73 -40.40
CA THR G 182 -18.70 30.40 -39.19
C THR G 182 -20.07 29.86 -38.78
N LEU G 183 -20.27 29.71 -37.47
CA LEU G 183 -21.55 29.27 -36.94
C LEU G 183 -22.41 30.48 -36.64
N VAL G 184 -23.57 30.55 -37.27
CA VAL G 184 -24.42 31.70 -37.13
C VAL G 184 -25.80 31.33 -36.60
N LEU G 185 -26.21 31.99 -35.52
CA LEU G 185 -27.50 31.74 -34.91
C LEU G 185 -28.41 32.96 -35.06
N LEU G 186 -29.50 32.82 -35.83
CA LEU G 186 -30.40 33.93 -36.09
C LEU G 186 -31.86 33.60 -35.79
N PRO G 187 -32.44 34.13 -34.72
CA PRO G 187 -33.86 34.11 -34.45
C PRO G 187 -34.53 34.82 -35.61
N ASP G 188 -35.58 34.24 -36.15
CA ASP G 188 -36.25 34.84 -37.29
C ASP G 188 -37.76 34.90 -37.08
N GLY G 189 -38.46 35.48 -38.05
CA GLY G 189 -39.93 35.48 -38.05
C GLY G 189 -40.49 36.25 -36.87
N CYS G 190 -39.78 37.28 -36.43
CA CYS G 190 -40.19 38.06 -35.27
C CYS G 190 -40.26 37.21 -34.01
N GLY G 191 -39.46 36.14 -33.96
CA GLY G 191 -39.41 35.28 -32.78
C GLY G 191 -40.38 34.11 -32.88
N THR G 192 -40.49 33.52 -34.07
CA THR G 192 -41.37 32.36 -34.26
C THR G 192 -40.57 31.12 -34.67
N LEU G 193 -39.28 31.32 -34.88
CA LEU G 193 -38.38 30.24 -35.26
C LEU G 193 -36.92 30.64 -35.03
N LEU G 194 -36.10 29.66 -34.73
CA LEU G 194 -34.66 29.87 -34.67
C LEU G 194 -33.99 29.14 -35.81
N ARG G 195 -33.09 29.81 -36.50
CA ARG G 195 -32.33 29.17 -37.55
C ARG G 195 -30.85 29.17 -37.22
N ALA G 196 -30.21 28.05 -37.46
CA ALA G 196 -28.78 27.93 -37.23
C ALA G 196 -28.10 27.29 -38.41
N PHE G 197 -26.95 27.81 -38.78
CA PHE G 197 -26.22 27.25 -39.91
C PHE G 197 -24.73 27.41 -39.79
N TYR G 198 -24.01 26.62 -40.57
CA TYR G 198 -22.56 26.67 -40.60
C TYR G 198 -22.10 26.75 -42.03
N CYS G 199 -21.58 27.93 -42.40
CA CYS G 199 -21.21 28.25 -43.77
C CYS G 199 -20.04 29.21 -43.83
N ILE G 200 -19.47 29.38 -45.01
CA ILE G 200 -18.48 30.43 -45.23
C ILE G 200 -19.21 31.72 -45.50
N LEU G 201 -18.81 32.78 -44.79
CA LEU G 201 -19.47 34.06 -44.96
C LEU G 201 -18.70 34.95 -45.93
N GLU G 202 -19.32 35.22 -47.08
CA GLU G 202 -18.70 36.00 -48.13
C GLU G 202 -19.27 37.42 -48.17
N PRO G 203 -18.50 38.43 -47.74
CA PRO G 203 -18.92 39.79 -47.61
C PRO G 203 -19.25 40.37 -48.98
N ARG G 204 -20.36 41.08 -49.08
CA ARG G 204 -20.77 41.68 -50.33
C ARG G 204 -20.06 43.00 -50.58
N SER G 205 -19.95 43.36 -51.86
CA SER G 205 -19.21 44.55 -52.27
C SER G 205 -20.06 45.79 -52.53
N GLY G 206 -21.35 45.71 -52.23
CA GLY G 206 -22.25 46.83 -52.48
C GLY G 206 -22.00 47.96 -51.48
N ASN G 207 -22.72 49.06 -51.65
CA ASN G 207 -22.52 50.21 -50.77
C ASN G 207 -22.89 49.87 -49.34
N HIS G 208 -22.08 50.32 -48.39
CA HIS G 208 -22.31 50.10 -46.96
C HIS G 208 -22.15 48.63 -46.58
N CYS G 209 -21.60 47.82 -47.47
CA CYS G 209 -21.41 46.41 -47.19
C CYS G 209 -20.01 46.14 -46.64
N PRO G 210 -19.82 45.04 -45.89
CA PRO G 210 -18.59 44.56 -45.29
C PRO G 210 -17.37 44.59 -46.23
N ALA G 211 -17.56 44.37 -47.54
CA ALA G 211 -16.43 44.45 -48.44
C ALA G 211 -16.74 45.39 -49.60
N GLY G 212 -17.41 46.49 -49.30
CA GLY G 212 -17.77 47.47 -50.31
C GLY G 212 -17.35 48.87 -49.91
N ASN G 213 -17.89 49.87 -50.60
CA ASN G 213 -17.55 51.25 -50.33
C ASN G 213 -18.41 51.83 -49.23
N SER G 214 -17.88 52.83 -48.54
CA SER G 214 -18.60 53.51 -47.45
C SER G 214 -19.09 52.54 -46.39
N TYR G 215 -18.25 51.56 -46.04
CA TYR G 215 -18.61 50.60 -45.01
C TYR G 215 -18.44 51.17 -43.62
N THR G 216 -19.47 50.99 -42.82
CA THR G 216 -19.47 51.40 -41.42
C THR G 216 -19.62 50.16 -40.56
N SER G 217 -20.83 49.66 -40.50
CA SER G 217 -21.12 48.42 -39.82
C SER G 217 -22.23 47.68 -40.53
N PHE G 218 -22.78 46.69 -39.87
CA PHE G 218 -23.85 45.89 -40.44
C PHE G 218 -24.79 45.40 -39.36
N ALA G 219 -25.99 45.06 -39.74
CA ALA G 219 -26.96 44.54 -38.79
C ALA G 219 -28.06 43.79 -39.51
N THR G 220 -28.67 42.85 -38.82
CA THR G 220 -29.87 42.24 -39.34
C THR G 220 -31.05 43.11 -38.96
N TYR G 221 -32.18 42.88 -39.58
CA TYR G 221 -33.34 43.69 -39.28
C TYR G 221 -34.61 43.04 -39.76
N HIS G 222 -35.73 43.56 -39.31
CA HIS G 222 -37.02 43.17 -39.87
C HIS G 222 -37.96 44.36 -39.88
N THR G 223 -39.01 44.29 -40.70
CA THR G 223 -39.99 45.36 -40.81
C THR G 223 -41.34 44.85 -40.33
N PRO G 224 -41.67 45.02 -39.04
CA PRO G 224 -42.74 44.37 -38.34
C PRO G 224 -44.09 44.68 -38.96
N ALA G 225 -44.16 45.83 -39.63
CA ALA G 225 -45.39 46.25 -40.29
C ALA G 225 -45.95 45.14 -41.17
N THR G 226 -45.06 44.42 -41.84
CA THR G 226 -45.49 43.35 -42.72
C THR G 226 -44.87 42.00 -42.34
N ASP G 227 -43.74 42.04 -41.64
CA ASP G 227 -43.01 40.83 -41.30
C ASP G 227 -43.58 40.10 -40.10
N CYS G 228 -44.28 40.80 -39.22
CA CYS G 228 -44.78 40.18 -38.01
C CYS G 228 -46.28 39.92 -38.08
N SER G 229 -46.83 39.91 -39.29
CA SER G 229 -48.26 39.68 -39.47
C SER G 229 -48.67 38.36 -38.84
N ASP G 230 -49.69 38.40 -38.01
CA ASP G 230 -50.17 37.21 -37.29
C ASP G 230 -50.40 36.01 -38.20
N GLY G 231 -51.02 36.25 -39.34
CA GLY G 231 -51.36 35.19 -40.28
C GLY G 231 -50.30 34.95 -41.34
N ASN G 232 -49.15 35.61 -41.22
CA ASN G 232 -48.11 35.52 -42.23
C ASN G 232 -46.79 36.11 -41.75
N TYR G 233 -46.05 35.35 -40.95
CA TYR G 233 -44.77 35.84 -40.46
C TYR G 233 -43.69 35.65 -41.50
N ASN G 234 -42.84 36.64 -41.64
CA ASN G 234 -41.76 36.54 -42.60
C ASN G 234 -40.63 35.72 -42.01
N ARG G 235 -40.70 34.43 -42.24
CA ARG G 235 -39.79 33.47 -41.62
C ARG G 235 -38.39 33.55 -42.21
N ASN G 236 -38.19 34.44 -43.19
CA ASN G 236 -36.87 34.64 -43.79
C ASN G 236 -36.41 36.09 -43.68
N ALA G 237 -37.10 36.90 -42.87
CA ALA G 237 -36.77 38.32 -42.79
C ALA G 237 -35.34 38.55 -42.32
N SER G 238 -34.94 37.83 -41.27
CA SER G 238 -33.61 38.02 -40.70
C SER G 238 -32.57 37.35 -41.57
N LEU G 239 -32.89 36.18 -42.12
CA LEU G 239 -31.97 35.48 -42.99
C LEU G 239 -31.65 36.31 -44.22
N ASN G 240 -32.69 36.89 -44.81
CA ASN G 240 -32.49 37.70 -45.99
C ASN G 240 -31.66 38.91 -45.65
N SER G 241 -31.97 39.55 -44.52
CA SER G 241 -31.22 40.72 -44.09
C SER G 241 -29.76 40.36 -43.91
N PHE G 242 -29.51 39.19 -43.34
CA PHE G 242 -28.15 38.71 -43.14
C PHE G 242 -27.44 38.58 -44.49
N LYS G 243 -28.11 37.91 -45.44
CA LYS G 243 -27.56 37.68 -46.79
C LYS G 243 -27.22 38.98 -47.50
N GLU G 244 -27.96 40.04 -47.20
CA GLU G 244 -27.70 41.33 -47.82
C GLU G 244 -26.32 41.86 -47.48
N TYR G 245 -25.69 41.31 -46.43
CA TYR G 245 -24.34 41.74 -46.05
C TYR G 245 -23.32 40.62 -46.35
N PHE G 246 -23.69 39.36 -46.06
CA PHE G 246 -22.80 38.21 -46.26
C PHE G 246 -23.49 37.04 -46.98
N ASN G 247 -22.91 36.61 -48.09
CA ASN G 247 -23.44 35.47 -48.83
C ASN G 247 -22.96 34.18 -48.15
N LEU G 248 -23.68 33.08 -48.37
CA LEU G 248 -23.30 31.81 -47.74
C LEU G 248 -22.74 30.81 -48.74
N ARG G 249 -21.59 30.23 -48.42
CA ARG G 249 -20.96 29.23 -49.29
C ARG G 249 -20.50 27.98 -48.56
N ASN G 250 -20.43 26.87 -49.31
CA ASN G 250 -19.91 25.62 -48.80
C ASN G 250 -20.54 25.25 -47.46
N CYS G 251 -21.85 25.44 -47.38
CA CYS G 251 -22.57 25.17 -46.16
C CYS G 251 -22.52 23.72 -45.77
N THR G 252 -22.30 23.48 -44.49
CA THR G 252 -22.27 22.14 -43.95
C THR G 252 -23.66 21.75 -43.50
N PHE G 253 -24.37 22.71 -42.92
CA PHE G 253 -25.72 22.44 -42.46
C PHE G 253 -26.55 23.68 -42.26
N MET G 254 -27.85 23.47 -42.15
CA MET G 254 -28.80 24.48 -41.71
C MET G 254 -30.00 23.80 -41.07
N TYR G 255 -30.31 24.20 -39.84
CA TYR G 255 -31.44 23.64 -39.10
C TYR G 255 -32.36 24.72 -38.59
N THR G 256 -33.63 24.38 -38.42
CA THR G 256 -34.55 25.32 -37.81
C THR G 256 -35.32 24.69 -36.67
N TYR G 257 -35.72 25.53 -35.72
CA TYR G 257 -36.52 25.13 -34.59
C TYR G 257 -37.67 26.10 -34.45
N ASN G 258 -38.83 25.62 -34.01
CA ASN G 258 -39.96 26.53 -33.87
C ASN G 258 -39.98 27.18 -32.49
N ILE G 259 -40.53 28.39 -32.42
CA ILE G 259 -40.65 29.12 -31.17
C ILE G 259 -42.09 29.52 -30.89
N THR G 260 -42.56 29.19 -29.69
CA THR G 260 -43.87 29.65 -29.25
C THR G 260 -43.75 31.07 -28.70
N GLU G 261 -44.64 31.94 -29.12
CA GLU G 261 -44.59 33.33 -28.66
C GLU G 261 -45.19 33.50 -27.27
N ASP G 262 -44.42 34.15 -26.39
CA ASP G 262 -44.85 34.44 -25.03
C ASP G 262 -43.92 35.48 -24.42
N GLU G 263 -44.19 35.87 -23.18
CA GLU G 263 -43.34 36.83 -22.48
C GLU G 263 -42.70 36.22 -21.22
N ILE G 264 -42.52 34.91 -21.24
CA ILE G 264 -41.95 34.18 -20.12
C ILE G 264 -40.42 34.27 -20.12
N LEU G 265 -39.82 34.61 -18.98
CA LEU G 265 -38.37 34.71 -18.92
C LEU G 265 -37.75 33.33 -19.15
N GLU G 266 -36.71 33.28 -19.99
CA GLU G 266 -36.08 32.00 -20.31
C GLU G 266 -34.58 32.12 -20.46
N TRP G 267 -33.90 30.99 -20.35
CA TRP G 267 -32.46 30.94 -20.55
C TRP G 267 -32.06 30.13 -21.78
N PHE G 268 -30.98 30.57 -22.43
CA PHE G 268 -30.37 29.84 -23.53
C PHE G 268 -28.87 29.70 -23.30
N GLY G 269 -28.31 28.55 -23.67
CA GLY G 269 -26.88 28.35 -23.48
C GLY G 269 -26.22 27.63 -24.63
N ILE G 270 -24.93 27.90 -24.82
CA ILE G 270 -24.15 27.22 -25.85
C ILE G 270 -22.76 26.81 -25.34
N THR G 271 -22.42 25.54 -25.55
CA THR G 271 -21.10 25.01 -25.19
C THR G 271 -20.59 24.13 -26.31
N GLN G 272 -19.31 23.75 -26.25
CA GLN G 272 -18.76 22.87 -27.27
C GLN G 272 -17.84 21.82 -26.67
N THR G 273 -17.99 20.58 -27.16
CA THR G 273 -17.17 19.46 -26.75
C THR G 273 -16.68 18.72 -27.98
N ALA G 274 -15.99 17.60 -27.77
CA ALA G 274 -15.53 16.77 -28.87
C ALA G 274 -16.69 16.27 -29.71
N GLN G 275 -17.88 16.19 -29.10
CA GLN G 275 -19.06 15.67 -29.75
C GLN G 275 -19.82 16.73 -30.55
N GLY G 276 -19.32 17.96 -30.57
CA GLY G 276 -19.97 19.04 -31.30
C GLY G 276 -20.50 20.15 -30.38
N VAL G 277 -21.38 20.98 -30.92
CA VAL G 277 -21.90 22.13 -30.21
C VAL G 277 -23.26 21.83 -29.62
N HIS G 278 -23.39 22.08 -28.33
CA HIS G 278 -24.60 21.72 -27.60
C HIS G 278 -25.42 22.96 -27.32
N LEU G 279 -26.70 22.90 -27.68
CA LEU G 279 -27.61 24.02 -27.45
C LEU G 279 -28.54 23.71 -26.30
N PHE G 280 -28.57 24.62 -25.33
CA PHE G 280 -29.38 24.45 -24.12
C PHE G 280 -30.48 25.49 -24.06
N SER G 281 -31.59 25.12 -23.42
CA SER G 281 -32.70 26.03 -23.22
C SER G 281 -33.56 25.61 -22.03
N SER G 282 -34.04 26.60 -21.30
CA SER G 282 -34.96 26.36 -20.19
C SER G 282 -36.41 26.28 -20.67
N ARG G 283 -36.62 26.59 -21.94
CA ARG G 283 -37.97 26.63 -22.50
C ARG G 283 -38.75 25.31 -22.47
N TYR G 284 -38.09 24.23 -22.81
CA TYR G 284 -38.79 22.98 -23.07
C TYR G 284 -39.27 22.28 -21.80
N VAL G 285 -38.41 22.28 -20.79
CA VAL G 285 -38.75 21.67 -19.51
C VAL G 285 -38.39 22.64 -18.39
N ASP G 286 -39.31 22.78 -17.44
CA ASP G 286 -39.16 23.75 -16.36
C ASP G 286 -39.23 25.17 -16.92
N LEU G 287 -40.16 25.36 -17.87
CA LEU G 287 -40.41 26.65 -18.49
C LEU G 287 -40.66 27.75 -17.46
N TYR G 288 -41.36 27.42 -16.39
CA TYR G 288 -41.71 28.41 -15.40
C TYR G 288 -40.77 28.35 -14.20
N GLY G 289 -39.67 27.62 -14.37
CA GLY G 289 -38.66 27.44 -13.35
C GLY G 289 -37.36 28.11 -13.80
N GLY G 290 -36.68 27.47 -14.75
CA GLY G 290 -35.42 28.01 -15.26
C GLY G 290 -34.32 26.97 -15.45
N ASN G 291 -34.52 25.73 -15.00
CA ASN G 291 -33.47 24.73 -15.20
C ASN G 291 -33.19 24.58 -16.69
N MET G 292 -31.93 24.67 -17.08
CA MET G 292 -31.58 24.56 -18.49
C MET G 292 -31.35 23.12 -18.90
N PHE G 293 -31.88 22.75 -20.06
CA PHE G 293 -31.70 21.41 -20.60
C PHE G 293 -31.17 21.45 -22.01
N GLN G 294 -30.44 20.42 -22.41
CA GLN G 294 -29.96 20.35 -23.80
C GLN G 294 -31.12 19.99 -24.71
N PHE G 295 -31.29 20.73 -25.80
CA PHE G 295 -32.40 20.45 -26.71
C PHE G 295 -31.94 20.11 -28.11
N ALA G 296 -30.70 20.48 -28.46
CA ALA G 296 -30.20 20.22 -29.79
C ALA G 296 -28.69 20.16 -29.82
N THR G 297 -28.15 19.44 -30.81
CA THR G 297 -26.70 19.38 -31.02
C THR G 297 -26.38 19.68 -32.48
N LEU G 298 -25.39 20.54 -32.70
CA LEU G 298 -24.98 20.85 -34.05
C LEU G 298 -23.63 20.18 -34.35
N PRO G 299 -23.45 19.63 -35.56
CA PRO G 299 -22.27 18.95 -36.02
C PRO G 299 -21.15 19.92 -36.40
N VAL G 300 -20.70 20.70 -35.42
CA VAL G 300 -19.59 21.61 -35.59
C VAL G 300 -18.42 21.11 -34.78
N TYR G 301 -17.45 20.52 -35.45
CA TYR G 301 -16.35 19.87 -34.74
C TYR G 301 -15.09 20.71 -34.82
N ASP G 302 -15.23 21.91 -35.36
CA ASP G 302 -14.14 22.85 -35.44
C ASP G 302 -14.18 23.77 -34.23
N THR G 303 -13.14 23.74 -33.43
CA THR G 303 -13.13 24.46 -32.16
C THR G 303 -13.49 25.93 -32.30
N ILE G 304 -14.48 26.35 -31.53
CA ILE G 304 -14.88 27.74 -31.47
C ILE G 304 -13.99 28.46 -30.49
N LYS G 305 -13.39 29.56 -30.92
CA LYS G 305 -12.49 30.28 -30.06
C LYS G 305 -13.00 31.67 -29.76
N TYR G 306 -13.72 32.25 -30.71
CA TYR G 306 -14.23 33.60 -30.57
C TYR G 306 -15.69 33.70 -30.94
N TYR G 307 -16.38 34.66 -30.34
CA TYR G 307 -17.77 34.91 -30.71
C TYR G 307 -18.12 36.38 -30.54
N SER G 308 -19.24 36.77 -31.14
CA SER G 308 -19.73 38.12 -30.98
C SER G 308 -21.25 38.15 -31.02
N ILE G 309 -21.81 39.22 -30.47
CA ILE G 309 -23.24 39.47 -30.54
C ILE G 309 -23.58 40.17 -31.83
N ILE G 310 -24.55 39.64 -32.56
CA ILE G 310 -24.95 40.22 -33.83
C ILE G 310 -25.89 41.42 -33.59
N PRO G 311 -25.59 42.58 -34.18
CA PRO G 311 -26.41 43.78 -34.16
C PRO G 311 -27.77 43.52 -34.81
N HIS G 312 -28.80 44.24 -34.35
CA HIS G 312 -30.14 44.12 -34.93
C HIS G 312 -30.95 45.39 -34.72
N SER G 313 -31.69 45.79 -35.75
CA SER G 313 -32.60 46.93 -35.66
C SER G 313 -33.98 46.60 -36.21
N ILE G 314 -34.99 47.27 -35.68
CA ILE G 314 -36.35 47.06 -36.16
C ILE G 314 -36.85 48.26 -36.96
N ARG G 315 -37.26 48.02 -38.20
CA ARG G 315 -37.73 49.09 -39.08
C ARG G 315 -39.21 49.35 -38.85
N SER G 316 -39.52 49.79 -37.64
CA SER G 316 -40.89 50.05 -37.23
C SER G 316 -41.37 51.41 -37.70
N ILE G 317 -42.68 51.63 -37.56
CA ILE G 317 -43.30 52.91 -37.87
C ILE G 317 -43.00 53.92 -36.76
N GLN G 318 -42.63 55.14 -37.14
CA GLN G 318 -42.25 56.15 -36.15
C GLN G 318 -43.32 56.35 -35.09
N SER G 319 -44.58 56.30 -35.50
CA SER G 319 -45.71 56.52 -34.61
C SER G 319 -46.09 55.27 -33.81
N ASP G 320 -45.38 54.17 -34.02
CA ASP G 320 -45.69 52.91 -33.33
C ASP G 320 -44.40 52.15 -33.00
N ARG G 321 -43.89 52.37 -31.79
CA ARG G 321 -42.63 51.77 -31.36
C ARG G 321 -42.81 50.95 -30.10
N LYS G 322 -41.94 49.97 -29.91
CA LYS G 322 -41.99 49.12 -28.73
C LYS G 322 -40.68 49.15 -27.97
N ALA G 323 -40.75 48.89 -26.67
CA ALA G 323 -39.56 48.72 -25.86
C ALA G 323 -39.18 47.24 -25.86
N TRP G 324 -37.90 46.94 -25.79
CA TRP G 324 -37.48 45.55 -25.81
C TRP G 324 -36.59 45.22 -24.64
N ALA G 325 -36.77 44.02 -24.09
CA ALA G 325 -36.01 43.58 -22.93
C ALA G 325 -34.54 43.46 -23.25
N ALA G 326 -33.70 43.79 -22.29
CA ALA G 326 -32.27 43.57 -22.44
C ALA G 326 -31.97 42.10 -22.21
N PHE G 327 -30.92 41.61 -22.85
CA PHE G 327 -30.46 40.26 -22.56
C PHE G 327 -29.09 40.32 -21.93
N TYR G 328 -28.78 39.32 -21.12
CA TYR G 328 -27.54 39.36 -20.35
C TYR G 328 -26.72 38.10 -20.55
N VAL G 329 -25.45 38.29 -20.87
CA VAL G 329 -24.57 37.15 -21.13
C VAL G 329 -23.60 36.91 -19.98
N TYR G 330 -23.55 35.66 -19.52
CA TYR G 330 -22.70 35.28 -18.40
C TYR G 330 -21.75 34.15 -18.81
N LYS G 331 -20.53 34.15 -18.28
CA LYS G 331 -19.53 33.14 -18.62
C LYS G 331 -19.62 31.92 -17.70
N LEU G 332 -19.28 30.75 -18.23
CA LEU G 332 -19.29 29.54 -17.41
C LEU G 332 -17.89 29.06 -17.01
N GLN G 333 -17.81 28.47 -15.81
CA GLN G 333 -16.58 27.86 -15.30
C GLN G 333 -16.86 26.49 -14.67
N PRO G 334 -15.87 25.58 -14.66
CA PRO G 334 -15.94 24.23 -14.09
C PRO G 334 -15.86 24.26 -12.56
N LEU G 335 -16.91 24.78 -11.96
CA LEU G 335 -16.99 25.01 -10.53
C LEU G 335 -17.82 23.96 -9.81
N THR G 336 -17.68 23.92 -8.49
CA THR G 336 -18.50 23.03 -7.68
C THR G 336 -19.62 23.80 -6.99
N PHE G 337 -20.84 23.28 -7.13
CA PHE G 337 -22.02 23.85 -6.50
C PHE G 337 -22.74 22.83 -5.64
N LEU G 338 -23.40 23.32 -4.60
CA LEU G 338 -24.31 22.49 -3.82
C LEU G 338 -25.69 22.64 -4.45
N LEU G 339 -26.29 21.54 -4.89
CA LEU G 339 -27.56 21.61 -5.59
C LEU G 339 -28.73 20.99 -4.81
N ASP G 340 -29.80 21.77 -4.64
CA ASP G 340 -31.01 21.32 -3.96
C ASP G 340 -32.05 20.79 -4.95
N PHE G 341 -32.20 19.48 -5.03
CA PHE G 341 -33.14 18.85 -5.96
C PHE G 341 -34.48 18.60 -5.28
N SER G 342 -35.54 19.18 -5.82
CA SER G 342 -36.88 19.00 -5.26
C SER G 342 -37.41 17.65 -5.67
N VAL G 343 -38.57 17.26 -5.14
CA VAL G 343 -39.15 15.97 -5.47
C VAL G 343 -39.50 15.86 -6.96
N ASP G 344 -39.79 16.99 -7.59
CA ASP G 344 -40.11 17.02 -9.01
C ASP G 344 -38.84 17.07 -9.87
N GLY G 345 -37.68 16.99 -9.23
CA GLY G 345 -36.41 16.92 -9.93
C GLY G 345 -35.83 18.26 -10.29
N TYR G 346 -36.53 19.34 -10.00
CA TYR G 346 -35.99 20.63 -10.40
C TYR G 346 -35.10 21.22 -9.32
N ILE G 347 -34.04 21.88 -9.76
CA ILE G 347 -33.11 22.50 -8.84
C ILE G 347 -33.66 23.86 -8.45
N ARG G 348 -33.85 24.07 -7.16
CA ARG G 348 -34.50 25.29 -6.70
C ARG G 348 -33.54 26.22 -5.99
N ARG G 349 -32.53 25.65 -5.37
CA ARG G 349 -31.54 26.43 -4.65
C ARG G 349 -30.16 25.88 -4.95
N ALA G 350 -29.15 26.73 -4.90
CA ALA G 350 -27.79 26.26 -5.02
C ALA G 350 -26.81 27.15 -4.27
N ILE G 351 -25.67 26.57 -3.90
CA ILE G 351 -24.59 27.32 -3.25
C ILE G 351 -23.32 27.31 -4.07
N ASP G 352 -22.76 28.48 -4.33
CA ASP G 352 -21.48 28.57 -5.02
C ASP G 352 -20.37 28.35 -3.99
N CYS G 353 -19.76 27.17 -4.03
CA CYS G 353 -18.88 26.74 -2.94
C CYS G 353 -17.57 27.49 -2.91
N GLY G 354 -17.33 28.34 -3.90
CA GLY G 354 -16.09 29.11 -3.94
C GLY G 354 -16.31 30.60 -3.71
N PHE G 355 -17.53 30.97 -3.35
CA PHE G 355 -17.88 32.37 -3.20
C PHE G 355 -17.26 33.01 -1.95
N ASN G 356 -17.56 32.47 -0.77
CA ASN G 356 -17.05 33.04 0.48
C ASN G 356 -16.92 31.97 1.55
N ASP G 357 -16.63 32.39 2.78
CA ASP G 357 -16.35 31.46 3.87
C ASP G 357 -17.61 30.74 4.32
N LEU G 358 -18.67 31.49 4.58
CA LEU G 358 -19.90 30.87 5.03
C LEU G 358 -20.43 29.92 3.97
N SER G 359 -20.30 30.30 2.71
CA SER G 359 -20.78 29.46 1.63
C SER G 359 -20.05 28.13 1.64
N GLN G 360 -18.73 28.17 1.81
CA GLN G 360 -17.95 26.96 1.90
C GLN G 360 -18.41 26.10 3.07
N LEU G 361 -18.75 26.73 4.19
CA LEU G 361 -19.19 25.98 5.36
C LEU G 361 -20.39 25.11 5.02
N HIS G 362 -21.36 25.68 4.30
CA HIS G 362 -22.53 24.91 3.91
C HIS G 362 -22.15 23.77 2.99
N CYS G 363 -21.27 24.05 2.03
CA CYS G 363 -20.82 23.00 1.12
C CYS G 363 -20.06 21.91 1.85
N SER G 364 -19.28 22.30 2.84
CA SER G 364 -18.46 21.37 3.61
C SER G 364 -19.32 20.30 4.27
N TYR G 365 -20.51 20.69 4.71
CA TYR G 365 -21.45 19.76 5.34
C TYR G 365 -22.52 19.28 4.36
N GLU G 366 -22.36 19.62 3.09
CA GLU G 366 -23.31 19.25 2.05
C GLU G 366 -24.75 19.51 2.46
N SER G 367 -25.00 20.70 3.00
CA SER G 367 -26.32 21.03 3.48
C SER G 367 -26.58 22.52 3.46
N PHE G 368 -27.86 22.89 3.34
CA PHE G 368 -28.26 24.29 3.41
C PHE G 368 -28.59 24.70 4.85
N ASP G 369 -28.35 23.78 5.79
CA ASP G 369 -28.65 24.03 7.19
C ASP G 369 -27.55 23.47 8.11
N VAL G 370 -26.75 24.36 8.68
CA VAL G 370 -25.63 23.97 9.54
C VAL G 370 -25.80 24.58 10.92
N GLU G 371 -25.09 24.03 11.90
CA GLU G 371 -25.22 24.46 13.29
C GLU G 371 -24.37 25.67 13.62
N SER G 372 -24.76 26.40 14.66
CA SER G 372 -24.02 27.56 15.13
C SER G 372 -22.68 27.19 15.71
N GLY G 373 -21.75 28.12 15.69
CA GLY G 373 -20.44 27.92 16.27
C GLY G 373 -19.37 28.60 15.43
N VAL G 374 -18.12 28.33 15.75
CA VAL G 374 -17.02 28.93 15.03
C VAL G 374 -16.25 27.84 14.28
N TYR G 375 -16.24 27.94 12.96
CA TYR G 375 -15.67 26.87 12.13
C TYR G 375 -14.47 27.31 11.31
N SER G 376 -13.53 26.39 11.13
CA SER G 376 -12.39 26.65 10.26
C SER G 376 -12.82 26.62 8.80
N VAL G 377 -12.21 27.49 7.99
CA VAL G 377 -12.47 27.50 6.55
C VAL G 377 -11.16 27.53 5.77
N SER G 378 -11.22 27.35 4.46
CA SER G 378 -10.00 27.41 3.65
C SER G 378 -9.29 28.73 3.86
N SER G 379 -7.97 28.65 4.02
CA SER G 379 -7.17 29.85 4.22
C SER G 379 -7.02 30.64 2.92
N PHE G 380 -6.59 31.89 3.04
CA PHE G 380 -6.31 32.70 1.86
C PHE G 380 -4.93 32.43 1.32
N GLU G 381 -4.86 32.10 0.04
CA GLU G 381 -3.59 31.85 -0.61
C GLU G 381 -2.92 33.16 -0.98
N ALA G 382 -1.60 33.18 -0.95
CA ALA G 382 -0.86 34.31 -1.43
C ALA G 382 -0.80 34.28 -2.94
N LYS G 383 -0.83 35.44 -3.58
CA LYS G 383 -0.70 35.50 -5.02
C LYS G 383 0.59 36.22 -5.39
N PRO G 384 1.42 35.63 -6.25
CA PRO G 384 2.72 36.11 -6.65
C PRO G 384 2.65 37.29 -7.58
N SER G 385 3.70 38.10 -7.54
CA SER G 385 3.96 39.16 -8.49
C SER G 385 4.96 38.69 -9.53
N GLY G 386 5.52 39.64 -10.29
CA GLY G 386 6.45 39.29 -11.36
C GLY G 386 7.52 38.33 -10.87
N SER G 387 7.85 37.35 -11.71
CA SER G 387 8.79 36.30 -11.34
C SER G 387 10.23 36.76 -11.37
N VAL G 388 11.09 35.97 -10.75
CA VAL G 388 12.52 36.20 -10.73
C VAL G 388 13.29 35.02 -11.32
N VAL G 389 14.11 35.29 -12.32
CA VAL G 389 14.87 34.23 -12.96
C VAL G 389 16.34 34.59 -13.08
N GLU G 390 17.21 33.65 -12.77
CA GLU G 390 18.64 33.90 -12.89
C GLU G 390 19.36 32.66 -13.43
N GLN G 391 20.13 32.86 -14.49
CA GLN G 391 20.87 31.78 -15.11
C GLN G 391 22.27 32.25 -15.51
N ALA G 392 23.18 31.30 -15.65
CA ALA G 392 24.55 31.62 -16.03
C ALA G 392 24.65 32.13 -17.46
N GLU G 393 25.54 33.08 -17.66
CA GLU G 393 25.91 33.52 -18.99
C GLU G 393 27.01 32.61 -19.49
N GLY G 394 27.17 32.49 -20.79
CA GLY G 394 28.21 31.62 -21.30
C GLY G 394 28.03 31.36 -22.78
N VAL G 395 28.36 30.14 -23.18
CA VAL G 395 28.32 29.75 -24.57
C VAL G 395 27.44 28.54 -24.77
N GLU G 396 27.19 28.21 -26.02
CA GLU G 396 26.39 27.05 -26.38
C GLU G 396 27.19 25.78 -26.24
N CYS G 397 26.48 24.68 -26.07
CA CYS G 397 27.09 23.37 -26.00
C CYS G 397 27.73 23.01 -27.33
N ASP G 398 29.00 22.64 -27.29
CA ASP G 398 29.72 22.36 -28.52
C ASP G 398 29.54 20.93 -28.98
N PHE G 399 28.78 20.75 -30.06
CA PHE G 399 28.52 19.43 -30.62
C PHE G 399 29.35 19.23 -31.87
N SER G 400 30.37 20.06 -32.05
CA SER G 400 31.22 19.96 -33.21
C SER G 400 31.88 18.60 -33.35
N PRO G 401 32.38 17.95 -32.26
CA PRO G 401 33.01 16.64 -32.29
C PRO G 401 32.12 15.63 -33.03
N LEU G 402 30.81 15.73 -32.83
CA LEU G 402 29.87 14.85 -33.50
C LEU G 402 29.93 15.04 -35.00
N LEU G 403 29.99 16.29 -35.43
CA LEU G 403 29.92 16.63 -36.84
C LEU G 403 31.28 16.77 -37.51
N SER G 404 32.36 16.36 -36.84
CA SER G 404 33.68 16.56 -37.43
C SER G 404 34.52 15.30 -37.51
N GLY G 405 33.91 14.17 -37.88
CA GLY G 405 34.68 12.94 -38.00
C GLY G 405 33.82 11.73 -38.32
N THR G 406 34.42 10.55 -38.17
CA THR G 406 33.73 9.29 -38.45
C THR G 406 33.01 8.81 -37.19
N PRO G 407 31.71 8.50 -37.26
CA PRO G 407 30.90 7.92 -36.22
C PRO G 407 31.57 6.65 -35.66
N PRO G 408 31.66 6.52 -34.34
CA PRO G 408 32.18 5.37 -33.60
C PRO G 408 31.30 4.14 -33.77
N GLN G 409 31.89 2.98 -33.49
CA GLN G 409 31.11 1.76 -33.40
C GLN G 409 30.34 1.76 -32.09
N VAL G 410 29.32 0.93 -32.00
CA VAL G 410 28.45 0.94 -30.83
C VAL G 410 29.24 0.73 -29.55
N TYR G 411 30.18 -0.19 -29.59
CA TYR G 411 30.95 -0.56 -28.41
C TYR G 411 32.12 0.39 -28.13
N ASN G 412 32.26 1.42 -28.95
CA ASN G 412 33.30 2.42 -28.78
C ASN G 412 32.69 3.82 -28.77
N PHE G 413 31.46 3.91 -28.27
CA PHE G 413 30.74 5.18 -28.30
C PHE G 413 31.51 6.30 -27.65
N LYS G 414 31.25 7.52 -28.07
CA LYS G 414 31.88 8.69 -27.49
C LYS G 414 30.93 9.42 -26.58
N ARG G 415 31.46 9.95 -25.49
CA ARG G 415 30.62 10.62 -24.51
C ARG G 415 30.97 12.09 -24.35
N LEU G 416 29.99 12.95 -24.60
CA LEU G 416 30.18 14.39 -24.39
C LEU G 416 29.40 14.83 -23.16
N VAL G 417 30.11 15.32 -22.15
CA VAL G 417 29.47 15.74 -20.92
C VAL G 417 29.41 17.24 -20.84
N PHE G 418 28.21 17.77 -20.74
CA PHE G 418 28.03 19.21 -20.74
C PHE G 418 27.63 19.75 -19.37
N THR G 419 28.32 20.81 -18.97
CA THR G 419 27.99 21.54 -17.75
C THR G 419 28.08 23.02 -18.06
N ASN G 420 27.44 23.87 -17.24
CA ASN G 420 27.54 25.32 -17.45
C ASN G 420 27.30 25.69 -18.90
N CYS G 421 26.07 25.50 -19.37
CA CYS G 421 25.79 25.62 -20.80
C CYS G 421 24.38 26.11 -21.12
N ASN G 422 24.30 26.99 -22.11
CA ASN G 422 23.01 27.41 -22.66
C ASN G 422 22.74 26.64 -23.95
N TYR G 423 21.91 25.61 -23.87
CA TYR G 423 21.80 24.68 -25.00
C TYR G 423 20.56 24.92 -25.87
N ASN G 424 20.48 24.13 -26.94
CA ASN G 424 19.36 24.16 -27.87
C ASN G 424 19.20 22.82 -28.56
N LEU G 425 18.39 21.95 -27.97
CA LEU G 425 18.20 20.60 -28.49
C LEU G 425 17.57 20.63 -29.87
N THR G 426 16.69 21.60 -30.10
CA THR G 426 16.01 21.69 -31.38
C THR G 426 16.99 21.75 -32.52
N LYS G 427 18.01 22.61 -32.42
CA LYS G 427 18.99 22.72 -33.48
C LYS G 427 19.70 21.40 -33.72
N LEU G 428 20.08 20.73 -32.63
CA LEU G 428 20.79 19.47 -32.78
C LEU G 428 19.93 18.43 -33.47
N LEU G 429 18.67 18.32 -33.07
CA LEU G 429 17.76 17.37 -33.69
C LEU G 429 17.49 17.74 -35.14
N SER G 430 17.33 19.03 -35.42
CA SER G 430 17.01 19.52 -36.75
C SER G 430 18.05 19.08 -37.78
N LEU G 431 19.30 19.05 -37.38
CA LEU G 431 20.40 18.66 -38.26
C LEU G 431 20.30 17.23 -38.77
N PHE G 432 19.51 16.40 -38.10
CA PHE G 432 19.38 15.00 -38.50
C PHE G 432 17.94 14.67 -38.83
N SER G 433 17.74 13.75 -39.76
CA SER G 433 16.39 13.34 -40.12
C SER G 433 15.90 12.29 -39.15
N VAL G 434 15.50 12.75 -37.97
CA VAL G 434 15.16 11.87 -36.86
C VAL G 434 14.08 10.89 -37.26
N ASN G 435 14.31 9.62 -36.99
CA ASN G 435 13.39 8.57 -37.35
C ASN G 435 12.55 8.14 -36.15
N ASP G 436 13.18 8.11 -34.98
CA ASP G 436 12.50 7.63 -33.79
C ASP G 436 13.06 8.29 -32.52
N PHE G 437 12.16 8.83 -31.70
CA PHE G 437 12.58 9.52 -30.48
C PHE G 437 11.67 9.18 -29.31
N THR G 438 12.25 8.52 -28.30
CA THR G 438 11.50 8.13 -27.12
C THR G 438 12.24 8.50 -25.85
N CYS G 439 11.54 8.51 -24.73
CA CYS G 439 12.15 8.83 -23.45
C CYS G 439 11.58 8.00 -22.31
N SER G 440 12.27 8.03 -21.18
CA SER G 440 11.86 7.31 -19.98
C SER G 440 12.11 8.15 -18.72
N GLN G 441 11.07 8.27 -17.89
CA GLN G 441 11.09 9.06 -16.65
C GLN G 441 11.23 10.56 -16.93
N ILE G 442 10.99 10.94 -18.19
CA ILE G 442 10.94 12.31 -18.61
C ILE G 442 10.24 12.40 -19.96
N SER G 443 9.43 13.42 -20.15
CA SER G 443 8.79 13.59 -21.45
C SER G 443 9.82 14.03 -22.50
N PRO G 444 9.58 13.73 -23.80
CA PRO G 444 10.37 14.17 -24.94
C PRO G 444 10.30 15.67 -25.10
N ALA G 445 9.28 16.27 -24.52
CA ALA G 445 9.15 17.72 -24.52
C ALA G 445 10.07 18.31 -23.45
N ALA G 446 9.92 17.83 -22.22
CA ALA G 446 10.64 18.36 -21.08
C ALA G 446 12.14 18.27 -21.24
N ILE G 447 12.61 17.19 -21.86
CA ILE G 447 14.03 16.98 -22.06
C ILE G 447 14.65 18.11 -22.89
N ALA G 448 13.82 18.82 -23.65
CA ALA G 448 14.30 19.87 -24.52
C ALA G 448 14.31 21.26 -23.86
N SER G 449 13.79 21.38 -22.62
CA SER G 449 13.66 22.72 -22.05
C SER G 449 13.92 22.84 -20.53
N ASN G 450 14.40 21.79 -19.88
CA ASN G 450 14.66 21.90 -18.44
C ASN G 450 16.09 22.29 -18.13
N CYS G 451 16.39 22.47 -16.85
CA CYS G 451 17.74 22.71 -16.38
C CYS G 451 18.30 21.48 -15.69
N TYR G 452 19.59 21.25 -15.85
CA TYR G 452 20.23 20.06 -15.29
C TYR G 452 21.55 20.39 -14.61
N SER G 453 22.00 19.51 -13.72
CA SER G 453 23.34 19.64 -13.14
C SER G 453 24.36 19.22 -14.18
N SER G 454 23.95 18.29 -15.02
CA SER G 454 24.78 17.84 -16.13
C SER G 454 23.93 17.17 -17.19
N LEU G 455 24.44 17.17 -18.41
CA LEU G 455 23.81 16.43 -19.50
C LEU G 455 24.86 15.60 -20.21
N ILE G 456 24.58 14.31 -20.38
CA ILE G 456 25.52 13.41 -21.01
C ILE G 456 25.01 12.88 -22.33
N LEU G 457 25.75 13.15 -23.40
CA LEU G 457 25.39 12.68 -24.73
C LEU G 457 26.31 11.57 -25.22
N ASP G 458 25.75 10.38 -25.41
CA ASP G 458 26.50 9.21 -25.87
C ASP G 458 26.17 8.90 -27.32
N TYR G 459 27.11 9.11 -28.24
CA TYR G 459 26.78 8.92 -29.64
C TYR G 459 27.60 7.82 -30.30
N PHE G 460 26.97 7.16 -31.27
CA PHE G 460 27.59 6.09 -32.03
C PHE G 460 26.81 5.77 -33.29
N SER G 461 27.48 5.18 -34.27
CA SER G 461 26.78 4.72 -35.46
C SER G 461 25.87 3.56 -35.11
N TYR G 462 24.76 3.43 -35.82
CA TYR G 462 23.87 2.31 -35.55
C TYR G 462 22.88 2.09 -36.68
N PRO G 463 22.79 0.87 -37.24
CA PRO G 463 21.90 0.51 -38.31
C PRO G 463 20.46 0.50 -37.83
N LEU G 464 19.58 1.13 -38.55
CA LEU G 464 18.17 1.26 -38.18
C LEU G 464 17.55 -0.13 -38.05
N SER G 465 18.07 -1.09 -38.82
CA SER G 465 17.52 -2.44 -38.88
C SER G 465 17.57 -3.16 -37.53
N MET G 466 18.41 -2.70 -36.62
CA MET G 466 18.52 -3.33 -35.30
C MET G 466 17.90 -2.48 -34.20
N LYS G 467 17.04 -1.53 -34.57
CA LYS G 467 16.38 -0.66 -33.61
C LYS G 467 15.88 -1.40 -32.36
N SER G 468 15.29 -2.57 -32.56
CA SER G 468 14.65 -3.30 -31.46
C SER G 468 15.59 -3.68 -30.33
N ASP G 469 16.88 -3.69 -30.57
CA ASP G 469 17.82 -4.11 -29.53
C ASP G 469 18.36 -2.98 -28.67
N LEU G 470 17.88 -1.76 -28.88
CA LEU G 470 18.32 -0.61 -28.08
C LEU G 470 17.46 -0.40 -26.83
N SER G 471 16.52 -1.29 -26.59
CA SER G 471 15.62 -1.16 -25.46
C SER G 471 16.15 -1.86 -24.22
N VAL G 472 15.28 -2.00 -23.22
CA VAL G 472 15.67 -2.66 -21.98
C VAL G 472 15.61 -4.16 -22.16
N SER G 473 14.45 -4.64 -22.60
CA SER G 473 14.28 -6.04 -22.94
C SER G 473 14.69 -6.28 -24.38
N SER G 474 15.73 -7.08 -24.57
CA SER G 474 16.24 -7.31 -25.91
C SER G 474 16.95 -8.63 -26.01
N ALA G 475 17.30 -9.00 -27.24
CA ALA G 475 17.96 -10.26 -27.53
C ALA G 475 19.29 -10.39 -26.81
N GLY G 476 19.93 -9.26 -26.55
CA GLY G 476 21.22 -9.25 -25.89
C GLY G 476 22.42 -8.70 -26.69
N PRO G 477 22.51 -8.84 -28.04
CA PRO G 477 23.71 -8.58 -28.80
C PRO G 477 24.13 -7.15 -28.63
N ILE G 478 23.19 -6.27 -28.28
CA ILE G 478 23.54 -4.89 -28.04
C ILE G 478 23.44 -4.58 -26.55
N SER G 479 22.26 -4.79 -25.97
CA SER G 479 22.00 -4.41 -24.59
C SER G 479 22.91 -5.11 -23.56
N GLN G 480 23.43 -6.29 -23.88
CA GLN G 480 24.28 -6.99 -22.94
C GLN G 480 25.77 -6.77 -23.18
N PHE G 481 26.17 -6.53 -24.43
CA PHE G 481 27.59 -6.53 -24.73
C PHE G 481 28.13 -5.26 -25.40
N ASN G 482 27.27 -4.42 -25.96
CA ASN G 482 27.80 -3.27 -26.69
C ASN G 482 27.39 -1.95 -26.06
N TYR G 483 26.12 -1.84 -25.68
CA TYR G 483 25.62 -0.59 -25.11
C TYR G 483 24.30 -0.76 -24.38
N LYS G 484 24.24 -0.28 -23.16
CA LYS G 484 23.03 -0.31 -22.36
C LYS G 484 22.67 1.11 -21.90
N GLN G 485 21.38 1.40 -21.79
CA GLN G 485 20.95 2.72 -21.33
C GLN G 485 20.59 2.69 -19.84
N SER G 486 21.05 3.69 -19.08
CA SER G 486 20.77 3.79 -17.65
C SER G 486 19.29 3.96 -17.34
N PHE G 487 18.89 3.40 -16.20
CA PHE G 487 17.53 3.47 -15.71
C PHE G 487 17.44 4.22 -14.38
N SER G 488 18.58 4.67 -13.87
CA SER G 488 18.63 5.33 -12.56
C SER G 488 18.41 6.82 -12.69
N ASN G 489 18.31 7.28 -13.92
CA ASN G 489 18.13 8.68 -14.24
C ASN G 489 17.19 8.77 -15.41
N PRO G 490 16.52 9.91 -15.62
CA PRO G 490 15.76 10.21 -16.80
C PRO G 490 16.65 10.21 -18.02
N THR G 491 16.22 9.49 -19.05
CA THR G 491 16.99 9.35 -20.29
C THR G 491 16.12 9.41 -21.52
N CYS G 492 16.76 9.71 -22.64
CA CYS G 492 16.11 9.64 -23.94
C CYS G 492 16.98 8.92 -24.97
N LEU G 493 16.34 8.40 -26.01
CA LEU G 493 17.04 7.72 -27.10
C LEU G 493 16.60 8.23 -28.46
N ILE G 494 17.57 8.62 -29.27
CA ILE G 494 17.31 9.12 -30.61
C ILE G 494 17.90 8.21 -31.68
N LEU G 495 17.08 7.86 -32.65
CA LEU G 495 17.56 7.17 -33.83
C LEU G 495 17.31 8.06 -35.03
N ALA G 496 18.36 8.42 -35.73
CA ALA G 496 18.22 9.37 -36.83
C ALA G 496 19.10 9.00 -37.98
N THR G 497 18.76 9.47 -39.17
CA THR G 497 19.60 9.23 -40.32
C THR G 497 20.39 10.47 -40.68
N VAL G 498 21.49 10.28 -41.39
CA VAL G 498 22.31 11.40 -41.83
C VAL G 498 21.94 11.79 -43.26
N PRO G 499 21.52 13.04 -43.48
CA PRO G 499 21.02 13.59 -44.73
C PRO G 499 22.13 13.84 -45.72
N HIS G 500 21.77 14.17 -46.94
CA HIS G 500 22.74 14.49 -47.98
C HIS G 500 22.75 15.97 -48.27
N ASN G 501 23.03 16.73 -47.22
CA ASN G 501 23.23 18.17 -47.29
C ASN G 501 24.21 18.58 -46.22
N LEU G 502 24.57 17.60 -45.40
CA LEU G 502 25.53 17.75 -44.33
C LEU G 502 26.64 16.76 -44.58
N THR G 503 27.80 17.25 -44.99
CA THR G 503 28.87 16.37 -45.45
C THR G 503 30.10 16.40 -44.57
N THR G 504 29.96 16.91 -43.35
CA THR G 504 31.08 16.96 -42.42
C THR G 504 31.14 15.67 -41.61
N ILE G 505 30.06 14.90 -41.66
CA ILE G 505 30.01 13.59 -41.03
C ILE G 505 30.45 12.57 -42.04
N THR G 506 31.53 11.87 -41.75
CA THR G 506 32.05 10.91 -42.70
C THR G 506 31.37 9.56 -42.51
N LYS G 507 31.51 8.69 -43.49
CA LYS G 507 30.84 7.41 -43.45
C LYS G 507 31.84 6.27 -43.18
N PRO G 508 31.56 5.37 -42.23
CA PRO G 508 32.34 4.19 -41.89
C PRO G 508 32.15 3.13 -42.96
N LEU G 509 33.11 2.22 -43.07
CA LEU G 509 33.00 1.10 -44.00
C LEU G 509 31.77 0.26 -43.73
N LYS G 510 31.47 0.06 -42.45
CA LYS G 510 30.37 -0.79 -42.04
C LYS G 510 30.07 -0.64 -40.56
N TYR G 511 28.94 -1.17 -40.14
CA TYR G 511 28.61 -1.23 -38.74
C TYR G 511 29.10 -2.58 -38.21
N SER G 512 29.51 -2.62 -36.96
CA SER G 512 29.90 -3.88 -36.34
C SER G 512 29.51 -3.92 -34.88
N TYR G 513 29.48 -5.12 -34.33
CA TYR G 513 29.15 -5.28 -32.93
C TYR G 513 29.73 -6.57 -32.37
N ILE G 514 29.68 -6.69 -31.06
CA ILE G 514 30.15 -7.87 -30.37
C ILE G 514 29.00 -8.84 -30.14
N ASN G 515 29.17 -10.11 -30.54
CA ASN G 515 28.13 -11.10 -30.29
C ASN G 515 28.07 -11.40 -28.82
N LYS G 516 29.24 -11.62 -28.23
CA LYS G 516 29.33 -11.80 -26.80
C LYS G 516 30.75 -11.75 -26.29
N CYS G 517 30.87 -11.46 -25.01
CA CYS G 517 32.12 -11.60 -24.29
C CYS G 517 31.91 -12.41 -23.02
N SER G 518 32.92 -13.17 -22.65
CA SER G 518 32.85 -13.99 -21.45
C SER G 518 34.22 -14.24 -20.88
N ARG G 519 34.27 -14.57 -19.61
CA ARG G 519 35.52 -14.88 -18.96
C ARG G 519 35.67 -16.38 -18.79
N LEU G 520 36.79 -16.89 -19.28
CA LEU G 520 37.10 -18.30 -19.16
C LEU G 520 37.89 -18.46 -17.86
N LEU G 521 37.30 -19.16 -16.90
CA LEU G 521 37.89 -19.25 -15.57
C LEU G 521 39.10 -20.16 -15.56
N SER G 522 39.84 -20.12 -14.45
CA SER G 522 41.03 -20.96 -14.26
C SER G 522 40.73 -22.44 -14.45
N ASP G 523 39.46 -22.80 -14.31
CA ASP G 523 38.99 -24.17 -14.48
C ASP G 523 39.29 -24.68 -15.90
N ASP G 524 39.44 -23.75 -16.85
CA ASP G 524 39.73 -24.04 -18.26
C ASP G 524 38.62 -24.81 -18.95
N ARG G 525 37.48 -24.93 -18.29
CA ARG G 525 36.32 -25.60 -18.86
C ARG G 525 35.04 -24.78 -18.67
N THR G 526 35.06 -23.85 -17.71
CA THR G 526 33.85 -23.11 -17.35
C THR G 526 33.99 -21.62 -17.66
N GLU G 527 33.11 -21.11 -18.51
CA GLU G 527 33.09 -19.69 -18.81
C GLU G 527 31.96 -18.98 -18.05
N VAL G 528 32.13 -17.69 -17.83
CA VAL G 528 31.09 -16.87 -17.24
C VAL G 528 30.85 -15.62 -18.11
N PRO G 529 29.61 -15.37 -18.57
CA PRO G 529 29.21 -14.22 -19.36
C PRO G 529 29.64 -12.93 -18.68
N GLN G 530 30.04 -11.95 -19.49
CA GLN G 530 30.49 -10.67 -18.96
C GLN G 530 29.67 -9.53 -19.54
N LEU G 531 28.57 -9.23 -18.85
CA LEU G 531 27.61 -8.23 -19.31
C LEU G 531 28.08 -6.83 -18.98
N VAL G 532 27.67 -5.86 -19.79
CA VAL G 532 28.06 -4.47 -19.58
C VAL G 532 27.09 -3.73 -18.66
N ASN G 533 27.64 -2.86 -17.82
CA ASN G 533 26.85 -2.02 -16.94
C ASN G 533 26.34 -0.79 -17.68
N ALA G 534 25.26 -0.22 -17.21
CA ALA G 534 24.57 0.85 -17.93
C ALA G 534 25.42 2.08 -18.27
N ASN G 535 26.32 2.46 -17.38
CA ASN G 535 27.11 3.65 -17.66
C ASN G 535 28.56 3.31 -18.01
N GLN G 536 28.82 2.07 -18.37
CA GLN G 536 30.18 1.64 -18.61
C GLN G 536 30.42 1.10 -20.02
N TYR G 537 31.69 1.07 -20.40
CA TYR G 537 32.09 0.45 -21.65
C TYR G 537 32.17 -1.06 -21.48
N SER G 538 32.00 -1.77 -22.58
CA SER G 538 32.07 -3.22 -22.57
C SER G 538 33.36 -3.70 -21.86
N PRO G 539 33.26 -4.74 -21.03
CA PRO G 539 34.33 -5.32 -20.24
C PRO G 539 35.46 -5.86 -21.09
N CYS G 540 35.19 -6.04 -22.38
CA CYS G 540 36.17 -6.55 -23.32
C CYS G 540 36.40 -5.57 -24.46
N VAL G 541 36.24 -4.28 -24.18
CA VAL G 541 36.47 -3.24 -25.17
C VAL G 541 37.95 -3.13 -25.56
N SER G 542 38.82 -3.54 -24.64
CA SER G 542 40.26 -3.51 -24.89
C SER G 542 40.72 -4.68 -25.77
N ILE G 543 39.81 -5.62 -26.01
CA ILE G 543 40.13 -6.80 -26.81
C ILE G 543 39.62 -6.66 -28.24
N VAL G 544 38.39 -6.22 -28.37
CA VAL G 544 37.79 -6.12 -29.68
C VAL G 544 38.37 -4.89 -30.41
N PRO G 545 38.90 -5.07 -31.64
CA PRO G 545 39.56 -4.07 -32.45
C PRO G 545 38.59 -3.01 -32.94
N SER G 546 39.14 -1.91 -33.44
CA SER G 546 38.36 -0.80 -34.00
C SER G 546 37.17 -1.28 -34.83
N THR G 547 37.38 -2.31 -35.65
CA THR G 547 36.31 -2.85 -36.46
C THR G 547 36.47 -4.35 -36.57
N VAL G 548 35.35 -5.07 -36.61
CA VAL G 548 35.38 -6.51 -36.80
C VAL G 548 35.50 -6.80 -38.29
N TRP G 549 36.48 -7.61 -38.66
CA TRP G 549 36.69 -7.86 -40.06
C TRP G 549 35.68 -8.86 -40.61
N GLU G 550 35.52 -9.99 -39.94
CA GLU G 550 34.57 -10.99 -40.40
C GLU G 550 33.80 -11.63 -39.27
N ASP G 551 32.60 -12.11 -39.57
CA ASP G 551 31.82 -12.85 -38.59
C ASP G 551 32.61 -14.03 -38.09
N GLY G 552 32.61 -14.23 -36.79
CA GLY G 552 33.28 -15.37 -36.21
C GLY G 552 34.68 -15.02 -35.73
N ASP G 553 35.18 -13.84 -36.09
CA ASP G 553 36.49 -13.44 -35.61
C ASP G 553 36.53 -13.60 -34.11
N TYR G 554 37.48 -14.40 -33.63
CA TYR G 554 37.56 -14.73 -32.23
C TYR G 554 38.79 -14.13 -31.59
N TYR G 555 38.60 -13.50 -30.44
CA TYR G 555 39.67 -12.84 -29.76
C TYR G 555 39.86 -13.42 -28.37
N ARG G 556 41.10 -13.41 -27.87
CA ARG G 556 41.36 -13.88 -26.51
C ARG G 556 42.55 -13.17 -25.89
N LYS G 557 42.41 -12.77 -24.63
CA LYS G 557 43.48 -12.10 -23.90
C LYS G 557 43.74 -12.77 -22.55
N GLN G 558 45.00 -12.99 -22.22
CA GLN G 558 45.38 -13.60 -20.95
C GLN G 558 45.24 -12.63 -19.79
N LEU G 559 44.66 -13.10 -18.69
CA LEU G 559 44.46 -12.26 -17.53
C LEU G 559 45.50 -12.52 -16.45
N SER G 560 45.91 -11.45 -15.76
CA SER G 560 46.87 -11.53 -14.66
C SER G 560 46.17 -11.97 -13.36
N PRO G 561 46.94 -12.42 -12.34
CA PRO G 561 46.51 -12.72 -10.98
C PRO G 561 45.70 -11.58 -10.36
N LEU G 562 46.02 -10.34 -10.69
CA LEU G 562 45.28 -9.21 -10.18
C LEU G 562 43.81 -9.31 -10.55
N GLU G 563 43.55 -9.79 -11.77
CA GLU G 563 42.21 -10.01 -12.25
C GLU G 563 41.68 -11.31 -11.67
N GLY G 564 42.58 -12.27 -11.53
CA GLY G 564 42.23 -13.59 -10.99
C GLY G 564 42.60 -14.71 -11.95
N GLY G 565 43.32 -14.37 -13.02
CA GLY G 565 43.76 -15.35 -14.00
C GLY G 565 42.64 -15.75 -14.94
N GLY G 566 42.92 -16.75 -15.78
CA GLY G 566 41.97 -17.16 -16.80
C GLY G 566 42.12 -16.30 -18.05
N TRP G 567 41.11 -16.34 -18.90
CA TRP G 567 41.14 -15.63 -20.18
C TRP G 567 39.88 -14.82 -20.39
N LEU G 568 40.02 -13.66 -21.01
CA LEU G 568 38.83 -12.92 -21.42
C LEU G 568 38.72 -13.02 -22.93
N VAL G 569 37.57 -13.53 -23.39
CA VAL G 569 37.43 -13.80 -24.81
C VAL G 569 36.24 -13.07 -25.40
N ALA G 570 36.25 -12.93 -26.73
CA ALA G 570 35.18 -12.22 -27.43
C ALA G 570 34.95 -12.78 -28.83
N SER G 571 33.70 -12.67 -29.28
CA SER G 571 33.32 -13.07 -30.64
C SER G 571 32.56 -11.94 -31.34
N GLY G 572 33.10 -11.51 -32.50
CA GLY G 572 32.52 -10.38 -33.22
C GLY G 572 31.51 -10.76 -34.32
N SER G 573 30.77 -9.75 -34.79
CA SER G 573 29.81 -9.88 -35.90
C SER G 573 29.68 -8.58 -36.67
N THR G 574 29.36 -8.68 -37.96
CA THR G 574 29.24 -7.51 -38.81
C THR G 574 27.90 -7.44 -39.53
N VAL G 575 27.56 -6.26 -40.03
CA VAL G 575 26.37 -6.09 -40.87
C VAL G 575 26.68 -5.16 -42.05
N ALA G 576 26.11 -5.47 -43.20
CA ALA G 576 26.34 -4.68 -44.41
C ALA G 576 25.97 -3.23 -44.19
N MET G 577 26.74 -2.34 -44.82
CA MET G 577 26.49 -0.92 -44.71
C MET G 577 25.39 -0.49 -45.66
N THR G 578 24.56 0.42 -45.22
CA THR G 578 23.47 0.96 -46.02
C THR G 578 23.95 2.08 -46.95
N GLU G 579 23.08 2.51 -47.86
CA GLU G 579 23.42 3.56 -48.82
C GLU G 579 23.84 4.85 -48.11
N GLN G 580 23.14 5.18 -47.03
CA GLN G 580 23.47 6.33 -46.22
C GLN G 580 23.35 5.93 -44.77
N LEU G 581 24.28 6.38 -43.96
CA LEU G 581 24.39 5.87 -42.60
C LEU G 581 23.31 6.36 -41.67
N GLN G 582 23.12 5.61 -40.59
CA GLN G 582 22.23 5.99 -39.51
C GLN G 582 23.02 6.09 -38.23
N MET G 583 22.52 6.87 -37.29
CA MET G 583 23.27 7.10 -36.07
C MET G 583 22.36 7.17 -34.84
N GLY G 584 22.86 6.66 -33.72
CA GLY G 584 22.09 6.66 -32.49
C GLY G 584 22.65 7.63 -31.46
N PHE G 585 21.77 8.18 -30.63
CA PHE G 585 22.20 9.09 -29.59
C PHE G 585 21.49 8.80 -28.28
N GLY G 586 22.25 8.54 -27.23
CA GLY G 586 21.67 8.37 -25.90
C GLY G 586 21.83 9.67 -25.11
N ILE G 587 20.79 10.06 -24.39
CA ILE G 587 20.87 11.24 -23.56
C ILE G 587 20.51 10.92 -22.13
N THR G 588 21.41 11.24 -21.21
CA THR G 588 21.16 11.05 -19.79
C THR G 588 21.35 12.36 -19.05
N VAL G 589 20.43 12.69 -18.15
CA VAL G 589 20.60 13.91 -17.39
C VAL G 589 20.50 13.67 -15.90
N GLN G 590 21.09 14.58 -15.13
CA GLN G 590 20.98 14.54 -13.68
C GLN G 590 20.64 15.90 -13.11
N TYR G 591 20.00 15.90 -11.94
CA TYR G 591 19.65 17.13 -11.26
C TYR G 591 20.24 17.16 -9.85
N GLY G 592 20.62 18.34 -9.38
CA GLY G 592 20.94 18.54 -7.97
C GLY G 592 22.32 18.08 -7.53
N THR G 593 23.13 17.57 -8.46
CA THR G 593 24.46 17.08 -8.10
C THR G 593 25.43 18.25 -8.02
N ASP G 594 24.96 19.37 -8.53
CA ASP G 594 25.70 20.62 -8.61
C ASP G 594 24.71 21.71 -8.97
N THR G 595 25.18 22.93 -9.12
CA THR G 595 24.30 23.98 -9.60
C THR G 595 23.72 23.55 -10.95
N ASN G 596 22.39 23.64 -11.10
CA ASN G 596 21.78 23.20 -12.34
C ASN G 596 21.96 24.24 -13.43
N SER G 597 23.20 24.37 -13.89
CA SER G 597 23.60 25.41 -14.83
C SER G 597 23.53 24.98 -16.30
N VAL G 598 22.98 23.79 -16.57
CA VAL G 598 22.76 23.37 -17.95
C VAL G 598 21.31 23.63 -18.31
N CYS G 599 21.07 24.74 -19.00
CA CYS G 599 19.72 25.23 -19.26
C CYS G 599 19.56 25.59 -20.72
N PRO G 600 18.33 25.71 -21.22
CA PRO G 600 18.02 26.25 -22.51
C PRO G 600 18.36 27.71 -22.51
N LYS G 601 18.77 28.23 -23.64
CA LYS G 601 19.00 29.66 -23.76
C LYS G 601 17.71 30.44 -23.56
N LEU G 602 17.68 31.33 -22.56
CA LEU G 602 16.50 32.15 -22.30
C LEU G 602 16.83 33.63 -22.46
N GLU G 603 15.81 34.42 -22.76
CA GLU G 603 15.95 35.87 -22.80
C GLU G 603 15.86 36.43 -21.40
N PHE G 604 16.37 37.65 -21.21
CA PHE G 604 16.38 38.27 -19.89
C PHE G 604 15.56 39.56 -19.85
N ALA G 605 15.48 40.14 -18.67
CA ALA G 605 14.78 41.40 -18.46
C ALA G 605 15.34 42.08 -17.22
N ASN G 606 15.08 43.37 -17.07
CA ASN G 606 15.55 44.13 -15.92
C ASN G 606 14.53 44.16 -14.79
N ASP G 607 13.44 43.41 -14.94
CA ASP G 607 12.41 43.36 -13.93
C ASP G 607 12.21 41.95 -13.39
N THR G 608 13.21 41.09 -13.60
CA THR G 608 13.13 39.70 -13.15
C THR G 608 14.29 39.36 -12.23
N LYS G 609 14.79 40.35 -11.51
CA LYS G 609 15.90 40.16 -10.57
C LYS G 609 15.36 40.06 -9.15
N ILE G 610 16.17 39.55 -8.22
CA ILE G 610 15.76 39.56 -6.81
C ILE G 610 15.71 41.00 -6.34
N ALA G 611 16.74 41.75 -6.67
CA ALA G 611 16.82 43.14 -6.28
C ALA G 611 15.58 43.89 -6.77
N SER G 612 15.07 44.77 -5.92
CA SER G 612 13.89 45.59 -6.19
C SER G 612 12.58 44.79 -6.15
N GLN G 613 12.67 43.49 -5.88
CA GLN G 613 11.48 42.67 -5.70
C GLN G 613 11.35 42.26 -4.24
N LEU G 614 12.26 42.75 -3.42
CA LEU G 614 12.31 42.35 -2.03
C LEU G 614 11.03 42.74 -1.31
N GLY G 615 10.56 41.84 -0.47
CA GLY G 615 9.36 42.05 0.31
C GLY G 615 8.10 41.56 -0.40
N ASN G 616 8.20 41.24 -1.68
CA ASN G 616 7.04 40.78 -2.43
C ASN G 616 7.02 39.26 -2.55
N CYS G 617 5.81 38.71 -2.63
CA CYS G 617 5.65 37.31 -2.95
C CYS G 617 5.81 37.10 -4.44
N VAL G 618 6.79 36.32 -4.84
CA VAL G 618 7.07 36.09 -6.26
C VAL G 618 7.32 34.63 -6.55
N GLU G 619 7.23 34.27 -7.82
CA GLU G 619 7.71 32.97 -8.27
C GLU G 619 9.15 33.14 -8.69
N TYR G 620 9.94 32.08 -8.58
CA TYR G 620 11.33 32.19 -8.96
C TYR G 620 11.90 30.94 -9.62
N SER G 621 12.97 31.13 -10.37
CA SER G 621 13.78 30.06 -10.93
C SER G 621 15.23 30.46 -10.95
N LEU G 622 16.01 29.91 -10.03
CA LEU G 622 17.40 30.29 -9.87
C LEU G 622 18.32 29.14 -10.20
N TYR G 623 19.01 29.24 -11.32
CA TYR G 623 19.89 28.18 -11.77
C TYR G 623 19.24 26.82 -11.67
N GLY G 624 18.01 26.72 -12.16
CA GLY G 624 17.28 25.46 -12.22
C GLY G 624 16.46 25.15 -10.96
N VAL G 625 16.61 25.95 -9.92
CA VAL G 625 15.88 25.72 -8.69
C VAL G 625 14.69 26.67 -8.60
N SER G 626 13.49 26.11 -8.60
CA SER G 626 12.29 26.95 -8.67
C SER G 626 11.34 26.72 -7.52
N GLY G 627 10.45 27.69 -7.34
CA GLY G 627 9.43 27.63 -6.29
C GLY G 627 8.79 28.99 -6.10
N ARG G 628 8.10 29.17 -4.98
CA ARG G 628 7.44 30.45 -4.69
C ARG G 628 7.79 30.88 -3.28
N GLY G 629 8.04 32.18 -3.12
CA GLY G 629 8.35 32.72 -1.80
C GLY G 629 8.69 34.21 -1.86
N VAL G 630 9.09 34.74 -0.71
CA VAL G 630 9.44 36.14 -0.61
C VAL G 630 10.86 36.32 -0.11
N PHE G 631 11.63 37.15 -0.80
CA PHE G 631 13.02 37.39 -0.46
C PHE G 631 13.17 38.62 0.42
N GLN G 632 14.15 38.56 1.31
CA GLN G 632 14.56 39.74 2.08
C GLN G 632 16.07 39.78 2.21
N ASN G 633 16.63 40.96 2.34
CA ASN G 633 18.06 41.08 2.56
C ASN G 633 18.44 40.63 3.97
N CYS G 634 19.54 39.91 4.08
CA CYS G 634 20.01 39.45 5.38
C CYS G 634 21.50 39.11 5.35
N THR G 635 22.06 38.74 6.50
CA THR G 635 23.47 38.43 6.59
C THR G 635 23.77 37.00 6.16
N ALA G 636 24.87 36.81 5.41
CA ALA G 636 25.30 35.49 4.97
C ALA G 636 25.66 34.63 6.16
N VAL G 637 25.35 33.34 6.07
CA VAL G 637 25.64 32.44 7.17
C VAL G 637 26.60 31.29 6.80
N GLY G 638 26.35 30.60 5.68
CA GLY G 638 27.10 29.40 5.35
C GLY G 638 28.26 29.67 4.42
N VAL G 639 28.68 28.64 3.69
CA VAL G 639 29.80 28.75 2.76
C VAL G 639 29.33 29.41 1.48
N ARG G 640 30.17 30.26 0.89
CA ARG G 640 29.80 30.97 -0.33
C ARG G 640 30.08 30.16 -1.60
N GLN G 641 31.02 29.22 -1.52
CA GLN G 641 31.47 28.45 -2.68
C GLN G 641 30.36 27.65 -3.37
N GLN G 642 29.29 27.40 -2.64
CA GLN G 642 28.10 26.75 -3.18
C GLN G 642 26.93 27.56 -2.68
N ARG G 643 26.05 27.92 -3.59
CA ARG G 643 25.18 29.08 -3.37
C ARG G 643 23.72 28.81 -3.05
N PHE G 644 23.42 27.60 -2.60
CA PHE G 644 22.08 27.29 -2.11
C PHE G 644 22.15 26.74 -0.70
N VAL G 645 21.47 27.43 0.23
CA VAL G 645 21.48 27.07 1.63
C VAL G 645 20.15 26.44 2.01
N TYR G 646 20.18 25.22 2.50
CA TYR G 646 18.96 24.49 2.81
C TYR G 646 18.74 24.31 4.30
N ASP G 647 17.49 24.09 4.68
CA ASP G 647 17.12 23.80 6.05
C ASP G 647 17.31 22.33 6.39
N ALA G 648 17.02 21.98 7.65
CA ALA G 648 17.02 20.59 8.10
C ALA G 648 15.98 19.80 7.34
N TYR G 649 14.88 20.46 6.97
CA TYR G 649 13.79 19.82 6.24
C TYR G 649 14.06 19.78 4.74
N GLN G 650 15.25 20.23 4.34
CA GLN G 650 15.67 20.27 2.94
C GLN G 650 14.91 21.27 2.11
N ASN G 651 14.34 22.27 2.76
CA ASN G 651 13.72 23.38 2.07
C ASN G 651 14.78 24.43 1.76
N LEU G 652 14.59 25.20 0.71
CA LEU G 652 15.56 26.25 0.40
C LEU G 652 15.36 27.44 1.32
N VAL G 653 16.42 27.86 1.98
CA VAL G 653 16.37 28.95 2.94
C VAL G 653 17.14 30.17 2.46
N GLY G 654 18.36 29.96 2.00
CA GLY G 654 19.21 31.08 1.63
C GLY G 654 19.73 30.95 0.22
N TYR G 655 20.07 32.09 -0.36
CA TYR G 655 20.61 32.12 -1.71
C TYR G 655 21.63 33.22 -1.89
N TYR G 656 22.75 32.88 -2.53
CA TYR G 656 23.77 33.87 -2.83
C TYR G 656 23.65 34.35 -4.27
N SER G 657 23.54 35.66 -4.45
CA SER G 657 23.44 36.24 -5.79
C SER G 657 24.81 36.56 -6.35
N ASP G 658 24.88 36.71 -7.67
CA ASP G 658 26.14 37.04 -8.34
C ASP G 658 26.66 38.43 -7.96
N ASP G 659 25.79 39.27 -7.43
CA ASP G 659 26.19 40.62 -7.06
C ASP G 659 26.79 40.68 -5.66
N GLY G 660 26.92 39.51 -5.02
CA GLY G 660 27.52 39.44 -3.69
C GLY G 660 26.50 39.52 -2.57
N ASN G 661 25.25 39.81 -2.91
CA ASN G 661 24.22 39.89 -1.90
C ASN G 661 23.70 38.53 -1.51
N TYR G 662 23.36 38.39 -0.24
CA TYR G 662 22.76 37.17 0.27
C TYR G 662 21.35 37.44 0.71
N TYR G 663 20.44 36.58 0.28
CA TYR G 663 19.05 36.79 0.63
C TYR G 663 18.47 35.63 1.41
N CYS G 664 17.55 35.95 2.29
CA CYS G 664 16.79 34.97 3.03
C CYS G 664 15.45 34.78 2.37
N LEU G 665 15.08 33.53 2.14
CA LEU G 665 13.85 33.21 1.46
C LEU G 665 12.91 32.39 2.31
N ARG G 666 11.66 32.81 2.35
CA ARG G 666 10.64 32.04 3.04
C ARG G 666 9.45 31.82 2.13
N ALA G 667 8.74 30.74 2.33
CA ALA G 667 7.53 30.48 1.57
C ALA G 667 6.53 31.56 1.84
N CYS G 668 5.75 31.94 0.83
CA CYS G 668 4.72 32.94 1.04
C CYS G 668 3.73 32.40 2.05
N VAL G 669 3.48 33.18 3.09
CA VAL G 669 2.61 32.74 4.16
C VAL G 669 1.15 32.99 3.87
N SER G 670 0.33 31.99 4.16
CA SER G 670 -1.11 32.09 3.98
C SER G 670 -1.76 32.73 5.19
N VAL G 671 -3.04 33.12 5.05
CA VAL G 671 -3.79 33.66 6.18
C VAL G 671 -4.94 32.75 6.61
N PRO G 672 -4.81 32.08 7.76
CA PRO G 672 -5.81 31.22 8.40
C PRO G 672 -7.06 32.02 8.70
N VAL G 673 -8.22 31.39 8.50
CA VAL G 673 -9.49 32.06 8.77
C VAL G 673 -10.50 31.09 9.39
N SER G 674 -11.38 31.64 10.23
CA SER G 674 -12.51 30.89 10.76
C SER G 674 -13.77 31.74 10.68
N VAL G 675 -14.91 31.09 10.55
CA VAL G 675 -16.16 31.81 10.41
C VAL G 675 -17.04 31.63 11.62
N ILE G 676 -17.56 32.74 12.09
CA ILE G 676 -18.45 32.78 13.24
C ILE G 676 -19.87 32.74 12.75
N TYR G 677 -20.57 31.63 12.98
CA TYR G 677 -21.90 31.48 12.40
C TYR G 677 -23.01 31.43 13.44
N ASP G 678 -24.03 32.25 13.22
CA ASP G 678 -25.23 32.34 14.06
C ASP G 678 -26.44 31.78 13.33
N LYS G 679 -26.86 30.58 13.72
CA LYS G 679 -27.96 29.91 13.04
C LYS G 679 -29.29 30.63 13.21
N GLU G 680 -29.62 30.97 14.45
CA GLU G 680 -30.95 31.50 14.76
C GLU G 680 -31.28 32.78 13.99
N THR G 681 -30.29 33.66 13.81
CA THR G 681 -30.55 34.90 13.10
C THR G 681 -29.94 34.91 11.71
N LYS G 682 -29.46 33.76 11.26
CA LYS G 682 -28.88 33.59 9.92
C LYS G 682 -27.81 34.64 9.59
N THR G 683 -26.85 34.83 10.48
CA THR G 683 -25.79 35.81 10.22
C THR G 683 -24.42 35.29 10.58
N HIS G 684 -23.39 36.11 10.37
CA HIS G 684 -22.03 35.67 10.64
C HIS G 684 -21.01 36.81 10.74
N ALA G 685 -19.80 36.45 11.16
CA ALA G 685 -18.65 37.37 11.21
C ALA G 685 -17.37 36.58 10.94
N THR G 686 -16.30 37.28 10.54
CA THR G 686 -15.06 36.57 10.16
C THR G 686 -13.86 36.87 11.06
N LEU G 687 -13.23 35.81 11.55
CA LEU G 687 -12.02 35.93 12.38
C LEU G 687 -10.77 35.51 11.60
N PHE G 688 -9.89 36.47 11.32
CA PHE G 688 -8.76 36.24 10.44
C PHE G 688 -7.51 35.74 11.15
N GLY G 689 -7.61 34.56 11.74
CA GLY G 689 -6.45 33.88 12.28
C GLY G 689 -5.70 34.72 13.30
N SER G 690 -4.42 34.94 13.03
CA SER G 690 -3.51 35.69 13.91
C SER G 690 -3.03 36.99 13.29
N VAL G 691 -3.74 37.49 12.28
CA VAL G 691 -3.34 38.72 11.61
C VAL G 691 -3.84 39.93 12.39
N ALA G 692 -2.94 40.90 12.61
CA ALA G 692 -3.28 42.10 13.38
C ALA G 692 -3.93 43.20 12.52
N CYS G 693 -4.94 42.83 11.77
CA CYS G 693 -5.70 43.72 10.89
C CYS G 693 -4.80 44.54 9.96
N GLU G 694 -3.54 44.15 9.82
CA GLU G 694 -2.61 44.87 8.95
C GLU G 694 -2.85 44.52 7.51
N HIS G 695 -3.14 43.25 7.26
CA HIS G 695 -3.29 42.74 5.92
C HIS G 695 -4.73 42.40 5.63
N ILE G 696 -5.62 42.91 6.46
CA ILE G 696 -7.03 42.65 6.30
C ILE G 696 -7.74 43.86 5.75
N SER G 697 -8.12 43.79 4.49
CA SER G 697 -8.82 44.88 3.85
C SER G 697 -10.29 44.81 4.21
N SER G 698 -11.02 45.87 3.92
CA SER G 698 -12.45 45.86 4.13
C SER G 698 -13.12 45.00 3.09
N THR G 699 -14.33 44.54 3.39
CA THR G 699 -15.11 43.76 2.43
C THR G 699 -14.28 42.64 1.80
N MET G 700 -13.55 41.90 2.63
CA MET G 700 -12.70 40.81 2.15
C MET G 700 -13.29 39.46 2.55
N SER G 701 -14.58 39.46 2.90
CA SER G 701 -15.24 38.22 3.30
C SER G 701 -15.27 37.20 2.17
N GLN G 702 -15.37 37.68 0.93
CA GLN G 702 -15.37 36.80 -0.23
C GLN G 702 -13.95 36.36 -0.53
N TYR G 703 -13.82 35.20 -1.16
CA TYR G 703 -12.49 34.67 -1.46
C TYR G 703 -11.80 35.35 -2.62
N SER G 704 -12.57 36.01 -3.49
CA SER G 704 -12.02 36.69 -4.66
C SER G 704 -11.21 35.72 -5.52
N ARG G 705 -11.73 34.50 -5.64
CA ARG G 705 -11.11 33.44 -6.42
C ARG G 705 -9.61 33.68 -6.62
N TYR G 718 -19.59 46.44 8.63
CA TYR G 718 -18.45 47.02 9.34
C TYR G 718 -17.14 46.35 8.92
N GLY G 719 -16.04 47.08 9.08
CA GLY G 719 -14.73 46.57 8.75
C GLY G 719 -14.13 45.80 9.93
N PRO G 720 -12.81 45.57 9.89
CA PRO G 720 -12.02 44.83 10.87
C PRO G 720 -11.76 45.63 12.13
N LEU G 721 -11.65 44.93 13.25
CA LEU G 721 -11.18 45.55 14.49
C LEU G 721 -10.24 44.59 15.23
N GLN G 722 -9.32 45.16 15.99
CA GLN G 722 -8.35 44.36 16.75
C GLN G 722 -8.93 43.86 18.06
N THR G 723 -8.70 42.58 18.36
CA THR G 723 -9.06 42.02 19.66
C THR G 723 -7.88 41.15 20.15
N PRO G 724 -7.83 40.77 21.44
CA PRO G 724 -6.84 39.87 22.02
C PRO G 724 -6.99 38.41 21.59
N VAL G 725 -7.17 38.18 20.30
CA VAL G 725 -7.29 36.83 19.73
C VAL G 725 -6.82 36.83 18.29
N GLY G 726 -7.40 37.72 17.49
CA GLY G 726 -7.06 37.88 16.08
C GLY G 726 -8.01 38.90 15.47
N CYS G 727 -7.65 39.46 14.33
CA CYS G 727 -8.47 40.48 13.72
C CYS G 727 -9.83 39.95 13.32
N VAL G 728 -10.89 40.62 13.76
CA VAL G 728 -12.22 40.14 13.44
C VAL G 728 -13.01 41.21 12.68
N LEU G 729 -13.70 40.77 11.64
CA LEU G 729 -14.45 41.68 10.79
C LEU G 729 -15.95 41.46 10.88
N GLY G 730 -16.67 42.57 11.02
CA GLY G 730 -18.14 42.55 11.03
C GLY G 730 -18.74 42.69 12.44
N LEU G 731 -17.95 42.47 13.48
CA LEU G 731 -18.45 42.61 14.84
C LEU G 731 -18.34 44.05 15.31
N VAL G 732 -19.20 44.43 16.24
CA VAL G 732 -19.09 45.73 16.86
C VAL G 732 -18.77 45.61 18.35
N ASN G 733 -17.92 46.49 18.86
CA ASN G 733 -17.52 46.47 20.26
C ASN G 733 -18.59 47.09 21.15
N SER G 734 -19.30 46.28 21.92
CA SER G 734 -20.41 46.76 22.72
C SER G 734 -20.03 46.99 24.18
N SER G 735 -18.79 46.70 24.54
CA SER G 735 -18.31 46.83 25.92
C SER G 735 -19.23 46.13 26.94
N LEU G 736 -19.68 44.93 26.60
CA LEU G 736 -20.56 44.16 27.48
C LEU G 736 -19.85 42.97 28.08
N PHE G 737 -20.38 42.48 29.20
CA PHE G 737 -19.95 41.22 29.78
C PHE G 737 -21.06 40.20 29.74
N VAL G 738 -20.72 39.00 29.33
CA VAL G 738 -21.68 37.91 29.20
C VAL G 738 -21.27 36.71 30.03
N GLU G 739 -22.22 36.15 30.76
CA GLU G 739 -21.93 34.97 31.58
C GLU G 739 -21.37 33.85 30.74
N ASP G 740 -22.15 33.42 29.75
CA ASP G 740 -21.77 32.37 28.83
C ASP G 740 -22.38 32.62 27.46
N CYS G 741 -21.77 32.05 26.43
CA CYS G 741 -22.33 32.12 25.09
C CYS G 741 -21.95 30.87 24.31
N LYS G 742 -22.54 30.71 23.13
CA LYS G 742 -22.27 29.55 22.30
C LYS G 742 -21.21 29.85 21.24
N LEU G 743 -20.61 31.03 21.34
CA LEU G 743 -19.59 31.46 20.41
C LEU G 743 -18.28 31.83 21.13
N PRO G 744 -17.51 30.84 21.60
CA PRO G 744 -16.34 30.95 22.43
C PRO G 744 -15.12 31.40 21.64
N LEU G 745 -15.11 32.66 21.25
CA LEU G 745 -14.02 33.21 20.45
C LEU G 745 -12.65 32.81 20.99
N GLY G 746 -12.49 32.85 22.31
CA GLY G 746 -11.23 32.46 22.93
C GLY G 746 -10.75 33.48 23.94
N GLN G 747 -9.83 33.07 24.80
CA GLN G 747 -9.32 33.93 25.85
C GLN G 747 -10.47 34.47 26.68
N SER G 748 -10.60 35.79 26.75
CA SER G 748 -11.64 36.40 27.55
C SER G 748 -12.82 36.85 26.70
N LEU G 749 -12.84 36.47 25.43
CA LEU G 749 -13.90 36.92 24.53
C LEU G 749 -14.99 35.88 24.36
N CYS G 750 -16.22 36.35 24.18
CA CYS G 750 -17.38 35.49 24.01
C CYS G 750 -18.43 36.29 23.23
N ALA G 751 -18.66 35.90 21.96
CA ALA G 751 -19.46 36.71 21.03
C ALA G 751 -20.96 36.60 21.30
N LEU G 752 -21.69 37.64 20.90
CA LEU G 752 -23.13 37.65 21.06
C LEU G 752 -23.86 37.80 19.73
N PRO G 753 -25.03 37.16 19.59
CA PRO G 753 -25.99 37.34 18.53
C PRO G 753 -26.81 38.59 18.79
N ASP G 754 -27.44 39.13 17.75
CA ASP G 754 -28.42 40.19 17.95
C ASP G 754 -29.80 39.59 18.15
N THR G 755 -30.32 39.67 19.36
CA THR G 755 -31.60 39.05 19.68
C THR G 755 -32.74 40.05 19.52
N PRO G 756 -33.74 39.75 18.67
CA PRO G 756 -34.93 40.55 18.43
C PRO G 756 -35.59 40.97 19.74
N PRO G 768 -32.48 41.37 11.74
CA PRO G 768 -31.46 41.37 12.78
C PRO G 768 -30.30 42.29 12.40
N GLY G 769 -29.67 42.85 13.42
CA GLY G 769 -28.52 43.73 13.22
C GLY G 769 -27.23 42.93 13.18
N GLU G 770 -26.12 43.62 13.32
CA GLU G 770 -24.81 42.99 13.26
C GLU G 770 -24.51 42.28 14.57
N MET G 771 -23.61 41.30 14.50
CA MET G 771 -23.20 40.57 15.69
C MET G 771 -22.32 41.44 16.58
N ARG G 772 -22.28 41.10 17.86
CA ARG G 772 -21.56 41.93 18.82
C ARG G 772 -20.38 41.22 19.45
N LEU G 773 -19.38 42.00 19.80
CA LEU G 773 -18.23 41.50 20.53
C LEU G 773 -18.40 41.81 22.01
N ALA G 774 -18.18 40.81 22.85
CA ALA G 774 -18.32 40.96 24.29
C ALA G 774 -17.30 40.11 25.01
N SER G 775 -17.10 40.40 26.30
CA SER G 775 -16.15 39.68 27.12
C SER G 775 -16.87 38.74 28.08
N ILE G 776 -16.21 37.66 28.46
CA ILE G 776 -16.79 36.71 29.39
C ILE G 776 -16.77 37.26 30.82
N ALA G 777 -17.89 37.12 31.52
CA ALA G 777 -18.02 37.60 32.89
C ALA G 777 -17.37 36.65 33.89
N PHE G 778 -16.96 37.20 35.04
CA PHE G 778 -16.47 36.38 36.15
C PHE G 778 -17.20 36.74 37.43
N ASN G 779 -17.75 35.74 38.10
CA ASN G 779 -18.50 35.94 39.32
C ASN G 779 -17.69 35.63 40.55
N HIS G 780 -17.63 36.58 41.46
CA HIS G 780 -16.94 36.38 42.73
C HIS G 780 -17.88 35.75 43.75
N PRO G 781 -17.35 34.94 44.67
CA PRO G 781 -18.04 34.30 45.78
C PRO G 781 -18.38 35.31 46.86
N ILE G 782 -19.28 34.94 47.76
CA ILE G 782 -19.60 35.82 48.88
C ILE G 782 -18.40 35.95 49.79
N GLN G 783 -17.91 37.18 49.96
CA GLN G 783 -16.73 37.39 50.78
C GLN G 783 -17.07 37.68 52.22
N VAL G 784 -16.45 36.94 53.13
CA VAL G 784 -16.63 37.13 54.56
C VAL G 784 -15.29 37.36 55.24
N ASP G 785 -15.14 38.52 55.88
CA ASP G 785 -13.90 38.89 56.56
C ASP G 785 -13.77 38.24 57.94
N GLN G 786 -12.54 38.20 58.45
CA GLN G 786 -12.28 37.66 59.78
C GLN G 786 -12.35 38.76 60.83
N LEU G 787 -12.70 38.37 62.06
CA LEU G 787 -12.78 39.32 63.16
C LEU G 787 -11.46 39.45 63.88
N ASN G 788 -11.15 40.67 64.30
CA ASN G 788 -9.95 40.95 65.09
C ASN G 788 -10.22 40.68 66.57
N SER G 789 -10.53 39.42 66.87
CA SER G 789 -10.92 39.05 68.23
C SER G 789 -10.84 37.54 68.46
N SER G 790 -11.54 37.08 69.50
CA SER G 790 -11.61 35.67 69.86
C SER G 790 -12.91 35.04 69.35
N TYR G 791 -13.53 35.69 68.38
CA TYR G 791 -14.77 35.21 67.76
C TYR G 791 -14.55 35.07 66.28
N PHE G 792 -15.57 34.58 65.58
CA PHE G 792 -15.52 34.53 64.12
C PHE G 792 -16.88 34.79 63.51
N LYS G 793 -16.88 35.25 62.26
CA LYS G 793 -18.14 35.45 61.55
C LYS G 793 -18.66 34.13 61.01
N LEU G 794 -19.96 33.96 61.11
CA LEU G 794 -20.61 32.80 60.54
C LEU G 794 -21.63 33.22 59.50
N SER G 795 -21.49 32.65 58.30
CA SER G 795 -22.43 32.90 57.23
C SER G 795 -23.41 31.74 57.14
N ILE G 796 -24.67 32.02 57.46
CA ILE G 796 -25.67 30.97 57.54
C ILE G 796 -26.95 31.40 56.78
N PRO G 797 -27.55 30.52 55.96
CA PRO G 797 -28.77 30.76 55.20
C PRO G 797 -29.98 30.91 56.10
N THR G 798 -30.98 31.65 55.62
CA THR G 798 -32.23 31.81 56.36
C THR G 798 -33.38 31.50 55.43
N ASN G 799 -33.12 30.57 54.53
CA ASN G 799 -34.07 30.13 53.52
C ASN G 799 -33.51 28.90 52.82
N PHE G 800 -34.33 28.23 52.03
CA PHE G 800 -33.80 27.12 51.26
C PHE G 800 -34.68 26.76 50.09
N SER G 801 -34.14 25.91 49.24
CA SER G 801 -34.89 25.39 48.11
C SER G 801 -34.36 24.03 47.70
N PHE G 802 -35.14 23.33 46.89
CA PHE G 802 -34.70 22.08 46.30
C PHE G 802 -34.47 22.28 44.83
N GLY G 803 -33.53 21.54 44.29
CA GLY G 803 -33.28 21.55 42.86
C GLY G 803 -32.80 20.19 42.42
N VAL G 804 -32.87 19.92 41.13
CA VAL G 804 -32.47 18.61 40.67
C VAL G 804 -31.33 18.68 39.65
N THR G 805 -30.26 17.98 39.97
CA THR G 805 -29.12 17.86 39.07
C THR G 805 -29.34 16.64 38.21
N GLN G 806 -29.02 16.73 36.94
CA GLN G 806 -29.23 15.60 36.06
C GLN G 806 -28.04 15.34 35.18
N GLU G 807 -27.83 14.07 34.86
CA GLU G 807 -26.71 13.66 34.04
C GLU G 807 -26.98 12.36 33.33
N TYR G 808 -26.28 12.13 32.23
CA TYR G 808 -26.41 10.89 31.49
C TYR G 808 -25.10 10.16 31.37
N ILE G 809 -25.11 8.88 31.70
CA ILE G 809 -23.93 8.06 31.55
C ILE G 809 -24.15 6.98 30.52
N GLN G 810 -23.35 7.01 29.47
CA GLN G 810 -23.44 5.99 28.44
C GLN G 810 -22.74 4.74 28.91
N THR G 811 -23.40 3.60 28.81
CA THR G 811 -22.77 2.37 29.28
C THR G 811 -22.60 1.36 28.15
N THR G 812 -23.32 1.55 27.05
CA THR G 812 -23.21 0.62 25.93
C THR G 812 -23.09 1.31 24.59
N ILE G 813 -22.61 0.56 23.61
CA ILE G 813 -22.62 0.99 22.22
C ILE G 813 -23.30 -0.09 21.38
N GLN G 814 -23.63 0.23 20.14
CA GLN G 814 -24.26 -0.74 19.27
C GLN G 814 -23.28 -1.80 18.81
N LYS G 815 -23.71 -3.05 18.85
CA LYS G 815 -22.88 -4.16 18.40
C LYS G 815 -23.06 -4.38 16.90
N VAL G 816 -21.96 -4.28 16.15
CA VAL G 816 -22.00 -4.38 14.71
C VAL G 816 -21.01 -5.40 14.16
N THR G 817 -21.48 -6.27 13.27
CA THR G 817 -20.60 -7.25 12.63
C THR G 817 -20.57 -7.01 11.12
N VAL G 818 -19.49 -7.45 10.47
CA VAL G 818 -19.34 -7.24 9.03
C VAL G 818 -18.81 -8.48 8.32
N ASP G 819 -19.52 -8.96 7.31
CA ASP G 819 -19.00 -10.06 6.50
C ASP G 819 -18.11 -9.47 5.41
N CYS G 820 -16.93 -9.02 5.83
CA CYS G 820 -16.01 -8.24 5.02
C CYS G 820 -15.64 -8.93 3.72
N LYS G 821 -15.65 -10.25 3.70
CA LYS G 821 -15.30 -10.93 2.47
C LYS G 821 -16.12 -10.37 1.31
N GLN G 822 -17.40 -10.10 1.57
CA GLN G 822 -18.28 -9.57 0.54
C GLN G 822 -18.11 -8.06 0.43
N TYR G 823 -17.97 -7.38 1.56
CA TYR G 823 -17.80 -5.93 1.54
C TYR G 823 -16.69 -5.56 0.57
N VAL G 824 -15.58 -6.27 0.64
CA VAL G 824 -14.40 -5.98 -0.18
C VAL G 824 -14.52 -6.49 -1.61
N CYS G 825 -14.92 -7.75 -1.78
CA CYS G 825 -14.86 -8.40 -3.09
C CYS G 825 -16.20 -8.32 -3.83
N ASN G 826 -17.28 -8.14 -3.10
CA ASN G 826 -18.62 -8.04 -3.69
C ASN G 826 -19.04 -9.30 -4.46
N GLY G 827 -18.48 -10.44 -4.08
CA GLY G 827 -18.90 -11.73 -4.61
C GLY G 827 -18.26 -12.11 -5.95
N PHE G 828 -17.36 -11.28 -6.47
CA PHE G 828 -16.73 -11.61 -7.74
C PHE G 828 -15.53 -12.52 -7.56
N GLN G 829 -15.62 -13.74 -8.06
CA GLN G 829 -14.54 -14.73 -7.89
C GLN G 829 -13.21 -14.22 -8.46
N LYS G 830 -13.29 -13.21 -9.30
CA LYS G 830 -12.11 -12.59 -9.88
C LYS G 830 -11.27 -11.89 -8.80
N CYS G 831 -11.94 -11.27 -7.82
CA CYS G 831 -11.20 -10.55 -6.80
C CYS G 831 -10.94 -11.39 -5.57
N GLU G 832 -11.66 -12.49 -5.42
CA GLU G 832 -11.40 -13.38 -4.29
C GLU G 832 -9.96 -13.88 -4.38
N GLN G 833 -9.51 -14.13 -5.61
CA GLN G 833 -8.16 -14.58 -5.86
C GLN G 833 -7.13 -13.59 -5.36
N LEU G 834 -7.43 -12.30 -5.52
CA LEU G 834 -6.51 -11.24 -5.15
C LEU G 834 -6.58 -10.94 -3.66
N LEU G 835 -7.77 -11.03 -3.08
CA LEU G 835 -7.93 -10.74 -1.67
C LEU G 835 -7.08 -11.66 -0.81
N ARG G 836 -6.97 -12.92 -1.21
CA ARG G 836 -6.19 -13.90 -0.46
C ARG G 836 -4.71 -13.53 -0.35
N GLU G 837 -4.24 -12.64 -1.20
CA GLU G 837 -2.84 -12.27 -1.22
C GLU G 837 -2.48 -11.38 -0.03
N TYR G 838 -3.48 -10.98 0.74
CA TYR G 838 -3.25 -10.15 1.91
C TYR G 838 -3.32 -10.97 3.19
N GLY G 839 -3.34 -12.29 3.05
CA GLY G 839 -3.41 -13.18 4.21
C GLY G 839 -4.83 -13.26 4.75
N GLN G 840 -4.96 -13.70 6.00
CA GLN G 840 -6.27 -13.92 6.59
C GLN G 840 -6.86 -12.60 7.10
N PHE G 841 -7.08 -11.68 6.18
CA PHE G 841 -7.54 -10.34 6.50
C PHE G 841 -8.85 -10.34 7.26
N CYS G 842 -9.83 -11.05 6.75
CA CYS G 842 -11.15 -11.07 7.37
C CYS G 842 -11.21 -11.90 8.64
N SER G 843 -10.32 -12.86 8.79
CA SER G 843 -10.32 -13.63 10.02
C SER G 843 -10.01 -12.70 11.18
N LYS G 844 -9.04 -11.83 10.96
CA LYS G 844 -8.61 -10.87 11.97
C LYS G 844 -9.71 -9.88 12.32
N ILE G 845 -10.41 -9.37 11.31
CA ILE G 845 -11.50 -8.43 11.57
C ILE G 845 -12.61 -9.07 12.35
N ASN G 846 -13.05 -10.24 11.93
CA ASN G 846 -14.16 -10.86 12.59
C ASN G 846 -13.86 -11.13 14.05
N GLN G 847 -12.63 -11.55 14.33
CA GLN G 847 -12.24 -11.82 15.70
C GLN G 847 -12.21 -10.54 16.53
N ALA G 848 -11.69 -9.46 15.94
CA ALA G 848 -11.60 -8.20 16.65
C ALA G 848 -12.97 -7.68 17.04
N LEU G 849 -13.92 -7.74 16.12
CA LEU G 849 -15.26 -7.25 16.40
C LEU G 849 -15.98 -8.19 17.35
N HIS G 850 -15.76 -9.49 17.21
CA HIS G 850 -16.36 -10.46 18.10
C HIS G 850 -15.95 -10.17 19.54
N GLY G 851 -14.67 -9.93 19.74
CA GLY G 851 -14.14 -9.60 21.06
C GLY G 851 -14.87 -8.40 21.65
N ALA G 852 -14.97 -7.32 20.87
CA ALA G 852 -15.63 -6.10 21.34
C ALA G 852 -17.07 -6.36 21.72
N ASN G 853 -17.76 -7.21 20.96
CA ASN G 853 -19.15 -7.50 21.24
C ASN G 853 -19.29 -8.24 22.57
N LEU G 854 -18.39 -9.17 22.83
CA LEU G 854 -18.42 -9.92 24.09
C LEU G 854 -18.18 -8.98 25.27
N ARG G 855 -17.27 -8.03 25.10
CA ARG G 855 -16.95 -7.08 26.14
C ARG G 855 -18.18 -6.30 26.56
N GLN G 856 -18.96 -5.86 25.57
CA GLN G 856 -20.15 -5.09 25.83
C GLN G 856 -21.18 -5.88 26.64
N ASP G 857 -21.35 -7.16 26.29
CA ASP G 857 -22.30 -7.99 27.02
C ASP G 857 -21.88 -8.17 28.47
N ASP G 858 -20.58 -8.35 28.69
CA ASP G 858 -20.09 -8.57 30.04
C ASP G 858 -20.30 -7.33 30.90
N SER G 859 -20.05 -6.16 30.31
CA SER G 859 -20.23 -4.92 31.04
C SER G 859 -21.66 -4.74 31.52
N VAL G 860 -22.61 -5.02 30.64
CA VAL G 860 -24.02 -4.88 31.00
C VAL G 860 -24.42 -5.81 32.13
N ARG G 861 -24.00 -7.06 32.05
CA ARG G 861 -24.34 -8.01 33.10
C ARG G 861 -23.87 -7.53 34.46
N ASN G 862 -22.64 -7.05 34.53
CA ASN G 862 -22.07 -6.63 35.80
C ASN G 862 -22.76 -5.40 36.36
N LEU G 863 -23.09 -4.45 35.49
CA LEU G 863 -23.75 -3.24 35.95
C LEU G 863 -25.08 -3.55 36.61
N PHE G 864 -25.90 -4.35 35.94
CA PHE G 864 -27.21 -4.66 36.47
C PHE G 864 -27.14 -5.55 37.69
N ALA G 865 -26.15 -6.44 37.74
CA ALA G 865 -25.97 -7.29 38.89
C ALA G 865 -25.75 -6.45 40.14
N SER G 866 -25.06 -5.32 39.99
CA SER G 866 -24.79 -4.41 41.09
C SER G 866 -26.03 -3.59 41.47
N VAL G 867 -26.77 -3.14 40.46
CA VAL G 867 -27.98 -2.36 40.69
C VAL G 867 -29.02 -3.17 41.44
N LYS G 868 -29.16 -4.43 41.06
CA LYS G 868 -30.15 -5.33 41.64
C LYS G 868 -30.10 -5.35 43.17
N SER G 869 -31.25 -5.10 43.79
CA SER G 869 -31.37 -5.11 45.24
C SER G 869 -31.79 -6.49 45.75
N SER G 870 -31.57 -6.74 47.04
CA SER G 870 -32.00 -7.99 47.65
C SER G 870 -33.35 -7.87 48.34
N GLN G 871 -33.67 -6.66 48.80
CA GLN G 871 -34.91 -6.39 49.51
C GLN G 871 -35.47 -5.05 49.05
N SER G 872 -36.79 -4.94 49.01
CA SER G 872 -37.41 -3.69 48.59
C SER G 872 -38.85 -3.57 49.08
N SER G 873 -39.39 -2.36 49.03
CA SER G 873 -40.81 -2.17 49.31
C SER G 873 -41.56 -2.19 47.98
N PRO G 874 -42.78 -2.71 47.94
CA PRO G 874 -43.65 -2.70 46.79
C PRO G 874 -44.04 -1.27 46.47
N ILE G 875 -44.20 -0.98 45.18
CA ILE G 875 -44.62 0.35 44.78
C ILE G 875 -46.08 0.36 44.40
N ILE G 876 -46.86 1.12 45.13
CA ILE G 876 -48.28 1.23 44.92
C ILE G 876 -48.63 2.70 44.82
N PRO G 877 -49.78 3.06 44.23
CA PRO G 877 -50.28 4.40 44.17
C PRO G 877 -50.28 4.99 45.57
N GLY G 878 -49.74 6.18 45.71
CA GLY G 878 -49.62 6.82 47.01
C GLY G 878 -48.16 6.84 47.47
N PHE G 879 -47.34 5.98 46.86
CA PHE G 879 -45.93 5.89 47.18
C PHE G 879 -45.29 7.29 47.13
N GLY G 880 -44.64 7.67 48.23
CA GLY G 880 -44.03 8.99 48.36
C GLY G 880 -44.82 9.89 49.33
N GLY G 881 -46.11 9.58 49.52
CA GLY G 881 -46.95 10.35 50.42
C GLY G 881 -47.06 11.80 49.97
N ASP G 882 -46.76 12.72 50.89
CA ASP G 882 -46.82 14.15 50.61
C ASP G 882 -45.86 14.55 49.49
N PHE G 883 -44.87 13.70 49.25
CA PHE G 883 -43.86 13.94 48.25
C PHE G 883 -44.29 13.28 46.96
N ASN G 884 -44.66 14.10 45.99
CA ASN G 884 -45.23 13.61 44.74
C ASN G 884 -44.16 13.25 43.73
N LEU G 885 -43.90 11.96 43.59
CA LEU G 885 -42.88 11.47 42.70
C LEU G 885 -43.46 10.44 41.73
N THR G 886 -44.76 10.57 41.46
CA THR G 886 -45.48 9.63 40.60
C THR G 886 -44.92 9.58 39.19
N LEU G 887 -44.16 10.60 38.79
CA LEU G 887 -43.58 10.57 37.45
C LEU G 887 -42.40 9.60 37.38
N LEU G 888 -41.93 9.13 38.56
CA LEU G 888 -40.90 8.10 38.63
C LEU G 888 -41.57 6.73 38.67
N GLU G 889 -42.73 6.71 39.30
CA GLU G 889 -43.52 5.50 39.48
C GLU G 889 -43.84 4.85 38.12
N PRO G 890 -43.67 3.52 37.99
CA PRO G 890 -43.93 2.75 36.78
C PRO G 890 -45.39 2.86 36.40
N VAL G 891 -45.64 3.02 35.11
CA VAL G 891 -47.01 3.15 34.62
C VAL G 891 -47.58 1.80 34.19
N SER G 892 -48.68 1.41 34.82
CA SER G 892 -49.33 0.14 34.50
C SER G 892 -49.69 0.05 33.02
N ALA G 900 -43.73 -1.32 31.33
CA ALA G 900 -43.45 -1.17 32.75
C ALA G 900 -42.53 0.01 32.99
N ARG G 901 -42.50 0.92 32.03
CA ARG G 901 -41.68 2.12 32.11
C ARG G 901 -42.34 3.19 32.98
N SER G 902 -41.53 4.11 33.50
CA SER G 902 -42.06 5.27 34.22
C SER G 902 -42.50 6.32 33.24
N ALA G 903 -43.24 7.31 33.72
CA ALA G 903 -43.64 8.41 32.85
C ALA G 903 -42.41 9.14 32.34
N ILE G 904 -41.54 9.56 33.27
CA ILE G 904 -40.36 10.32 32.88
C ILE G 904 -39.47 9.53 31.94
N GLU G 905 -39.44 8.22 32.12
CA GLU G 905 -38.66 7.36 31.24
C GLU G 905 -39.15 7.48 29.81
N ASP G 906 -40.46 7.35 29.61
CA ASP G 906 -41.03 7.50 28.27
C ASP G 906 -40.83 8.90 27.72
N LEU G 907 -40.92 9.90 28.58
CA LEU G 907 -40.70 11.28 28.12
C LEU G 907 -39.34 11.42 27.47
N LEU G 908 -38.34 10.70 27.99
CA LEU G 908 -37.00 10.73 27.41
C LEU G 908 -36.95 9.92 26.11
N PHE G 909 -37.41 8.67 26.17
CA PHE G 909 -37.30 7.77 25.03
C PHE G 909 -38.04 8.26 23.81
N ASP G 910 -39.22 8.83 24.01
CA ASP G 910 -40.05 9.27 22.89
C ASP G 910 -39.77 10.71 22.48
N LYS G 911 -38.76 11.34 23.07
CA LYS G 911 -38.42 12.70 22.73
C LYS G 911 -37.15 12.75 21.90
N VAL G 912 -36.17 11.91 22.23
CA VAL G 912 -34.93 11.88 21.48
C VAL G 912 -35.12 11.10 20.19
N THR G 913 -34.91 11.75 19.07
CA THR G 913 -35.09 11.11 17.77
C THR G 913 -34.09 9.98 17.60
N ILE G 914 -34.58 8.81 17.20
CA ILE G 914 -33.74 7.66 17.02
C ILE G 914 -34.32 6.73 15.96
N ALA G 915 -33.44 6.11 15.18
CA ALA G 915 -33.84 5.11 14.19
C ALA G 915 -34.35 3.87 14.90
N ASP G 916 -35.22 3.11 14.24
CA ASP G 916 -35.75 1.90 14.84
C ASP G 916 -35.42 0.66 14.00
N PRO G 917 -34.32 -0.06 14.31
CA PRO G 917 -33.87 -1.28 13.67
C PRO G 917 -34.94 -2.35 13.81
N GLY G 918 -35.06 -3.18 12.80
CA GLY G 918 -36.04 -4.25 12.82
C GLY G 918 -36.02 -5.22 13.99
N TYR G 919 -34.87 -5.87 14.19
CA TYR G 919 -34.68 -7.01 15.12
C TYR G 919 -35.46 -7.90 14.13
N MET G 920 -36.69 -8.21 14.49
CA MET G 920 -37.63 -8.93 13.65
C MET G 920 -38.21 -8.43 12.35
N GLN G 921 -38.37 -9.32 11.40
CA GLN G 921 -38.86 -8.99 10.06
C GLN G 921 -38.26 -7.68 9.53
N GLY G 922 -36.96 -7.47 9.75
CA GLY G 922 -36.29 -6.28 9.24
C GLY G 922 -36.03 -6.44 7.76
N TYR G 923 -35.64 -7.66 7.41
CA TYR G 923 -35.37 -8.05 6.05
C TYR G 923 -36.61 -7.77 5.20
N ASP G 924 -37.75 -8.14 5.74
CA ASP G 924 -39.02 -8.04 5.05
C ASP G 924 -39.55 -6.62 5.00
N ASP G 925 -39.41 -5.85 6.08
CA ASP G 925 -39.90 -4.48 6.09
C ASP G 925 -39.23 -3.65 4.99
N CYS G 926 -37.97 -3.95 4.70
CA CYS G 926 -37.23 -3.20 3.69
C CYS G 926 -37.63 -3.60 2.27
N MET G 927 -38.41 -4.67 2.11
CA MET G 927 -38.83 -5.11 0.79
C MET G 927 -40.30 -4.81 0.52
N GLN G 928 -41.12 -5.00 1.55
CA GLN G 928 -42.58 -4.96 1.39
C GLN G 928 -43.20 -3.62 1.75
N GLN G 929 -42.37 -2.63 2.03
CA GLN G 929 -42.87 -1.31 2.42
C GLN G 929 -42.45 -0.24 1.44
N GLY G 930 -42.24 -0.63 0.19
CA GLY G 930 -41.79 0.31 -0.82
C GLY G 930 -40.29 0.53 -0.65
N PRO G 931 -39.72 1.52 -1.35
CA PRO G 931 -38.31 1.85 -1.35
C PRO G 931 -37.89 2.37 0.00
N ALA G 932 -36.63 2.10 0.37
CA ALA G 932 -36.09 2.61 1.63
C ALA G 932 -35.94 4.12 1.56
N SER G 933 -36.06 4.77 2.72
CA SER G 933 -35.85 6.20 2.80
C SER G 933 -34.42 6.57 2.45
N ALA G 934 -34.20 7.81 2.05
CA ALA G 934 -32.85 8.25 1.75
C ALA G 934 -31.95 8.05 2.96
N ARG G 935 -30.75 7.55 2.71
CA ARG G 935 -29.75 7.34 3.76
C ARG G 935 -30.29 6.45 4.90
N ASP G 936 -31.02 5.40 4.53
CA ASP G 936 -31.55 4.46 5.50
C ASP G 936 -30.50 3.43 5.88
N LEU G 937 -29.92 3.60 7.07
CA LEU G 937 -28.80 2.78 7.50
C LEU G 937 -29.26 1.45 8.09
N ILE G 938 -30.57 1.23 8.09
CA ILE G 938 -31.12 -0.04 8.51
C ILE G 938 -31.21 -0.94 7.31
N CYS G 939 -31.85 -0.45 6.26
CA CYS G 939 -32.01 -1.25 5.05
C CYS G 939 -30.69 -1.45 4.33
N ALA G 940 -29.75 -0.53 4.54
CA ALA G 940 -28.42 -0.63 3.95
C ALA G 940 -27.73 -1.91 4.38
N GLN G 941 -28.10 -2.45 5.52
CA GLN G 941 -27.43 -3.61 6.07
C GLN G 941 -27.50 -4.80 5.13
N TYR G 942 -28.62 -4.96 4.44
CA TYR G 942 -28.87 -6.14 3.64
C TYR G 942 -28.28 -6.00 2.25
N VAL G 943 -27.69 -4.84 1.98
CA VAL G 943 -27.08 -4.56 0.69
C VAL G 943 -25.59 -4.31 0.84
N ALA G 944 -25.25 -3.37 1.72
CA ALA G 944 -23.88 -2.97 1.95
C ALA G 944 -23.02 -4.11 2.47
N GLY G 945 -23.60 -4.99 3.31
CA GLY G 945 -22.82 -6.09 3.85
C GLY G 945 -22.41 -5.86 5.31
N TYR G 946 -23.37 -5.53 6.16
CA TYR G 946 -23.10 -5.41 7.60
C TYR G 946 -24.38 -5.69 8.38
N LYS G 947 -24.25 -5.94 9.68
CA LYS G 947 -25.43 -6.28 10.48
C LYS G 947 -25.40 -5.73 11.90
N VAL G 948 -26.50 -5.10 12.29
CA VAL G 948 -26.69 -4.63 13.65
C VAL G 948 -27.33 -5.69 14.53
N LEU G 949 -26.75 -5.92 15.71
CA LEU G 949 -27.26 -6.94 16.62
C LEU G 949 -28.15 -6.32 17.70
N PRO G 950 -29.09 -7.11 18.26
CA PRO G 950 -29.95 -6.77 19.37
C PRO G 950 -29.15 -6.63 20.66
N PRO G 951 -29.68 -5.86 21.63
CA PRO G 951 -29.14 -5.62 22.94
C PRO G 951 -29.15 -6.88 23.78
N LEU G 952 -28.29 -6.92 24.80
CA LEU G 952 -28.21 -8.09 25.68
C LEU G 952 -29.51 -8.38 26.41
N MET G 953 -30.16 -7.33 26.91
CA MET G 953 -31.37 -7.51 27.71
C MET G 953 -32.59 -6.89 27.07
N ASP G 954 -33.74 -7.47 27.35
CA ASP G 954 -35.02 -6.91 26.93
C ASP G 954 -35.37 -5.67 27.76
N VAL G 955 -36.23 -4.83 27.22
CA VAL G 955 -36.65 -3.62 27.91
C VAL G 955 -37.41 -3.94 29.18
N ASN G 956 -38.11 -5.08 29.19
CA ASN G 956 -38.87 -5.47 30.35
C ASN G 956 -37.96 -5.77 31.54
N MET G 957 -36.77 -6.28 31.26
CA MET G 957 -35.82 -6.57 32.32
C MET G 957 -35.23 -5.27 32.84
N GLU G 958 -34.90 -4.37 31.92
CA GLU G 958 -34.34 -3.10 32.33
C GLU G 958 -35.31 -2.36 33.23
N ALA G 959 -36.59 -2.40 32.86
CA ALA G 959 -37.62 -1.77 33.65
C ALA G 959 -37.72 -2.42 35.03
N ALA G 960 -37.66 -3.74 35.06
CA ALA G 960 -37.76 -4.47 36.32
C ALA G 960 -36.62 -4.11 37.26
N TYR G 961 -35.40 -3.99 36.73
CA TYR G 961 -34.26 -3.61 37.55
C TYR G 961 -34.45 -2.21 38.10
N THR G 962 -34.93 -1.30 37.26
CA THR G 962 -35.16 0.07 37.66
C THR G 962 -36.23 0.15 38.74
N SER G 963 -37.32 -0.58 38.55
CA SER G 963 -38.41 -0.58 39.50
C SER G 963 -37.95 -1.06 40.86
N SER G 964 -37.16 -2.14 40.88
CA SER G 964 -36.64 -2.67 42.12
C SER G 964 -35.77 -1.65 42.82
N LEU G 965 -34.92 -0.96 42.04
CA LEU G 965 -34.03 0.04 42.61
C LEU G 965 -34.82 1.14 43.30
N LEU G 966 -35.88 1.62 42.63
CA LEU G 966 -36.73 2.66 43.21
C LEU G 966 -37.40 2.20 44.49
N GLY G 967 -37.99 1.01 44.46
CA GLY G 967 -38.72 0.47 45.59
C GLY G 967 -37.85 0.30 46.84
N SER G 968 -36.56 0.02 46.65
CA SER G 968 -35.68 -0.21 47.79
C SER G 968 -35.11 1.07 48.42
N ILE G 969 -35.31 2.23 47.80
CA ILE G 969 -34.64 3.43 48.30
C ILE G 969 -35.01 3.83 49.72
N ALA G 970 -36.28 3.96 50.01
CA ALA G 970 -36.69 4.51 51.30
C ALA G 970 -36.11 3.72 52.46
N GLY G 971 -36.05 2.40 52.30
CA GLY G 971 -35.59 1.51 53.36
C GLY G 971 -34.19 0.97 53.11
N VAL G 972 -33.46 1.54 52.15
CA VAL G 972 -32.18 0.99 51.72
C VAL G 972 -31.17 0.88 52.85
N GLY G 973 -31.28 1.78 53.82
CA GLY G 973 -30.42 1.75 54.99
C GLY G 973 -30.76 2.90 55.90
N TRP G 974 -30.82 2.60 57.19
CA TRP G 974 -31.18 3.60 58.20
C TRP G 974 -30.10 3.74 59.26
N THR G 975 -29.49 2.60 59.64
CA THR G 975 -28.47 2.57 60.68
C THR G 975 -27.10 2.40 60.05
N ALA G 976 -27.06 2.60 58.74
CA ALA G 976 -25.86 2.44 57.93
C ALA G 976 -25.34 1.00 57.90
N GLY G 977 -26.25 0.04 57.93
CA GLY G 977 -25.88 -1.36 57.78
C GLY G 977 -26.24 -1.83 56.39
N LEU G 978 -25.90 -3.07 56.06
CA LEU G 978 -26.20 -3.59 54.73
C LEU G 978 -27.07 -4.84 54.75
N SER G 979 -27.19 -5.48 55.92
CA SER G 979 -27.82 -6.78 56.01
C SER G 979 -29.33 -6.75 56.26
N SER G 980 -29.87 -5.58 56.57
CA SER G 980 -31.27 -5.49 56.95
C SER G 980 -31.99 -4.36 56.24
N PHE G 981 -33.27 -4.59 55.96
CA PHE G 981 -34.12 -3.61 55.28
C PHE G 981 -35.22 -3.09 56.21
N ALA G 982 -35.42 -1.78 56.21
CA ALA G 982 -36.44 -1.20 57.07
C ALA G 982 -37.54 -0.54 56.27
N ALA G 983 -38.78 -0.94 56.53
CA ALA G 983 -39.92 -0.40 55.80
C ALA G 983 -40.26 1.01 56.26
N ILE G 984 -39.39 1.94 55.94
CA ILE G 984 -39.55 3.34 56.31
C ILE G 984 -40.28 4.08 55.18
N PRO G 985 -41.35 4.83 55.49
CA PRO G 985 -42.07 5.69 54.58
C PRO G 985 -41.12 6.66 53.91
N PHE G 986 -41.31 6.88 52.62
CA PHE G 986 -40.44 7.79 51.89
C PHE G 986 -40.31 9.12 52.59
N ALA G 987 -41.44 9.71 52.94
CA ALA G 987 -41.43 11.03 53.56
C ALA G 987 -40.61 11.04 54.83
N GLN G 988 -40.70 9.97 55.61
CA GLN G 988 -39.97 9.88 56.86
C GLN G 988 -38.47 9.83 56.57
N SER G 989 -38.12 9.11 55.52
CA SER G 989 -36.73 8.97 55.12
C SER G 989 -36.14 10.33 54.76
N ILE G 990 -36.90 11.15 54.04
CA ILE G 990 -36.43 12.47 53.64
C ILE G 990 -36.13 13.33 54.85
N PHE G 991 -37.02 13.32 55.84
CA PHE G 991 -36.81 14.14 57.01
C PHE G 991 -35.54 13.72 57.75
N TYR G 992 -35.29 12.42 57.83
CA TYR G 992 -34.04 11.96 58.45
C TYR G 992 -32.83 12.46 57.68
N ARG G 993 -32.89 12.40 56.35
CA ARG G 993 -31.79 12.87 55.52
C ARG G 993 -31.50 14.36 55.73
N LEU G 994 -32.56 15.15 55.87
CA LEU G 994 -32.39 16.58 56.11
C LEU G 994 -31.78 16.84 57.48
N ASN G 995 -32.24 16.12 58.49
CA ASN G 995 -31.69 16.24 59.82
C ASN G 995 -30.19 15.95 59.77
N GLY G 996 -29.84 14.91 59.04
CA GLY G 996 -28.47 14.43 58.93
C GLY G 996 -27.50 15.41 58.29
N VAL G 997 -28.00 16.50 57.71
CA VAL G 997 -27.12 17.47 57.10
C VAL G 997 -27.16 18.83 57.77
N GLY G 998 -27.65 18.88 59.00
CA GLY G 998 -27.55 20.10 59.77
C GLY G 998 -28.84 20.91 59.90
N ILE G 999 -29.99 20.32 59.58
CA ILE G 999 -31.25 21.01 59.76
C ILE G 999 -31.93 20.50 61.02
N THR G 1000 -32.15 21.40 61.97
CA THR G 1000 -32.61 20.97 63.29
C THR G 1000 -34.02 20.40 63.24
N GLN G 1001 -34.35 19.61 64.27
CA GLN G 1001 -35.63 18.90 64.33
C GLN G 1001 -36.83 19.83 64.40
N GLN G 1002 -36.68 20.95 65.09
CA GLN G 1002 -37.81 21.85 65.27
C GLN G 1002 -38.21 22.46 63.94
N VAL G 1003 -37.23 22.72 63.10
CA VAL G 1003 -37.48 23.30 61.79
C VAL G 1003 -38.18 22.30 60.91
N LEU G 1004 -37.70 21.07 60.91
CA LEU G 1004 -38.27 20.03 60.06
C LEU G 1004 -39.73 19.80 60.41
N SER G 1005 -40.04 19.84 61.69
CA SER G 1005 -41.42 19.64 62.14
C SER G 1005 -42.32 20.79 61.70
N GLU G 1006 -41.93 22.02 62.03
CA GLU G 1006 -42.77 23.18 61.71
C GLU G 1006 -42.99 23.34 60.22
N ASN G 1007 -41.98 23.04 59.42
CA ASN G 1007 -42.04 23.24 57.98
C ASN G 1007 -42.26 21.94 57.20
N GLN G 1008 -42.75 20.89 57.87
CA GLN G 1008 -42.87 19.61 57.17
C GLN G 1008 -43.68 19.70 55.87
N LYS G 1009 -44.68 20.59 55.83
CA LYS G 1009 -45.49 20.72 54.63
C LYS G 1009 -44.78 21.60 53.60
N LEU G 1010 -44.11 22.62 54.09
CA LEU G 1010 -43.35 23.51 53.22
C LEU G 1010 -42.26 22.74 52.50
N ILE G 1011 -41.63 21.82 53.22
CA ILE G 1011 -40.57 20.99 52.66
C ILE G 1011 -41.09 20.11 51.54
N ALA G 1012 -42.21 19.42 51.78
CA ALA G 1012 -42.78 18.58 50.75
C ALA G 1012 -43.14 19.40 49.52
N ASN G 1013 -43.67 20.60 49.73
CA ASN G 1013 -44.07 21.46 48.62
C ASN G 1013 -42.88 21.87 47.77
N LYS G 1014 -41.79 22.27 48.42
CA LYS G 1014 -40.59 22.68 47.70
C LYS G 1014 -40.01 21.51 46.91
N PHE G 1015 -40.01 20.34 47.54
CA PHE G 1015 -39.53 19.12 46.89
C PHE G 1015 -40.33 18.86 45.62
N ASN G 1016 -41.66 18.91 45.74
CA ASN G 1016 -42.55 18.64 44.63
C ASN G 1016 -42.33 19.62 43.49
N GLN G 1017 -42.08 20.88 43.84
CA GLN G 1017 -41.86 21.89 42.83
C GLN G 1017 -40.63 21.56 42.00
N ALA G 1018 -39.57 21.11 42.67
CA ALA G 1018 -38.33 20.78 41.99
C ALA G 1018 -38.53 19.65 40.96
N LEU G 1019 -39.27 18.61 41.35
CA LEU G 1019 -39.52 17.52 40.41
C LEU G 1019 -40.41 17.99 39.27
N GLY G 1020 -41.41 18.81 39.58
CA GLY G 1020 -42.30 19.30 38.55
C GLY G 1020 -41.54 20.04 37.47
N ALA G 1021 -40.55 20.82 37.87
CA ALA G 1021 -39.73 21.57 36.94
C ALA G 1021 -39.00 20.65 35.97
N MET G 1022 -38.54 19.49 36.46
CA MET G 1022 -37.85 18.53 35.61
C MET G 1022 -38.76 17.90 34.57
N GLN G 1023 -40.01 17.67 34.93
CA GLN G 1023 -40.93 16.95 34.05
C GLN G 1023 -41.00 17.53 32.64
N THR G 1024 -40.89 18.85 32.52
CA THR G 1024 -40.98 19.48 31.22
C THR G 1024 -39.66 20.12 30.80
N GLY G 1025 -38.56 19.64 31.39
CA GLY G 1025 -37.24 20.22 31.15
C GLY G 1025 -36.48 19.57 29.97
N PHE G 1026 -37.11 18.66 29.26
CA PHE G 1026 -36.41 17.99 28.16
C PHE G 1026 -36.38 18.83 26.90
N THR G 1027 -35.58 19.88 26.96
CA THR G 1027 -35.42 20.82 25.87
C THR G 1027 -33.96 20.87 25.45
N THR G 1028 -33.65 21.71 24.48
CA THR G 1028 -32.27 21.84 24.00
C THR G 1028 -31.38 22.55 25.01
N THR G 1029 -31.98 23.08 26.07
CA THR G 1029 -31.24 23.78 27.11
C THR G 1029 -30.81 22.82 28.21
N ASN G 1030 -31.26 21.57 28.11
CA ASN G 1030 -30.94 20.54 29.08
C ASN G 1030 -29.76 19.72 28.60
N GLU G 1031 -28.58 20.00 29.15
CA GLU G 1031 -27.39 19.35 28.64
C GLU G 1031 -27.44 17.84 28.83
N ALA G 1032 -27.93 17.38 29.97
CA ALA G 1032 -27.98 15.94 30.21
C ALA G 1032 -28.82 15.26 29.16
N PHE G 1033 -29.95 15.88 28.82
CA PHE G 1033 -30.80 15.40 27.77
C PHE G 1033 -30.06 15.37 26.44
N GLN G 1034 -29.41 16.48 26.12
CA GLN G 1034 -28.68 16.60 24.87
C GLN G 1034 -27.63 15.50 24.73
N LYS G 1035 -26.94 15.17 25.82
CA LYS G 1035 -25.91 14.15 25.77
C LYS G 1035 -26.48 12.81 25.32
N VAL G 1036 -27.76 12.54 25.62
CA VAL G 1036 -28.37 11.31 25.18
C VAL G 1036 -28.45 11.32 23.67
N GLN G 1037 -28.90 12.45 23.12
CA GLN G 1037 -29.00 12.62 21.68
C GLN G 1037 -27.65 12.48 21.01
N ASP G 1038 -26.60 13.04 21.62
CA ASP G 1038 -25.26 12.93 21.05
C ASP G 1038 -24.84 11.48 20.94
N ALA G 1039 -25.05 10.71 22.00
CA ALA G 1039 -24.65 9.31 21.99
C ALA G 1039 -25.31 8.57 20.84
N VAL G 1040 -26.57 8.88 20.58
CA VAL G 1040 -27.30 8.24 19.50
C VAL G 1040 -26.70 8.60 18.14
N ASN G 1041 -26.43 9.89 17.92
CA ASN G 1041 -25.87 10.32 16.65
C ASN G 1041 -24.46 9.79 16.43
N ASN G 1042 -23.64 9.82 17.48
CA ASN G 1042 -22.25 9.39 17.39
C ASN G 1042 -22.19 7.91 17.06
N ASN G 1043 -23.16 7.16 17.56
CA ASN G 1043 -23.26 5.75 17.29
C ASN G 1043 -23.68 5.50 15.85
N ALA G 1044 -24.71 6.19 15.40
CA ALA G 1044 -25.26 5.99 14.06
C ALA G 1044 -24.21 6.23 12.98
N GLN G 1045 -23.34 7.21 13.20
CA GLN G 1045 -22.30 7.54 12.23
C GLN G 1045 -21.38 6.35 11.93
N ALA G 1046 -21.34 5.39 12.84
CA ALA G 1046 -20.52 4.20 12.65
C ALA G 1046 -20.97 3.41 11.44
N LEU G 1047 -22.28 3.41 11.18
CA LEU G 1047 -22.82 2.64 10.09
C LEU G 1047 -22.74 3.44 8.82
N SER G 1048 -22.85 4.76 8.97
CA SER G 1048 -22.77 5.66 7.83
C SER G 1048 -21.44 5.49 7.14
N LYS G 1049 -20.37 5.43 7.93
CA LYS G 1049 -19.03 5.27 7.38
C LYS G 1049 -18.98 4.13 6.38
N LEU G 1050 -19.43 2.94 6.77
CA LEU G 1050 -19.36 1.79 5.87
C LEU G 1050 -20.26 1.95 4.67
N ALA G 1051 -21.50 2.38 4.90
CA ALA G 1051 -22.47 2.50 3.82
C ALA G 1051 -22.00 3.47 2.75
N SER G 1052 -21.37 4.55 3.19
CA SER G 1052 -20.89 5.58 2.28
C SER G 1052 -19.64 5.18 1.54
N GLU G 1053 -18.62 4.73 2.27
CA GLU G 1053 -17.32 4.44 1.68
C GLU G 1053 -17.37 3.35 0.64
N LEU G 1054 -18.28 2.41 0.80
CA LEU G 1054 -18.41 1.32 -0.14
C LEU G 1054 -18.59 1.82 -1.58
N SER G 1055 -19.17 3.00 -1.75
CA SER G 1055 -19.46 3.53 -3.08
C SER G 1055 -18.35 4.39 -3.68
N ASN G 1056 -17.26 4.58 -2.94
CA ASN G 1056 -16.17 5.42 -3.42
C ASN G 1056 -15.29 4.72 -4.44
N THR G 1057 -14.82 5.48 -5.43
CA THR G 1057 -13.90 4.97 -6.43
C THR G 1057 -12.49 5.42 -6.09
N PHE G 1058 -11.65 4.50 -5.63
CA PHE G 1058 -10.33 4.88 -5.10
C PHE G 1058 -9.30 5.07 -6.20
N GLY G 1059 -9.59 5.96 -7.13
CA GLY G 1059 -8.71 6.26 -8.25
C GLY G 1059 -8.91 5.28 -9.41
N ALA G 1060 -9.76 4.30 -9.17
CA ALA G 1060 -10.04 3.26 -10.16
C ALA G 1060 -10.94 3.81 -11.27
N ILE G 1061 -10.97 3.09 -12.38
CA ILE G 1061 -11.85 3.45 -13.50
C ILE G 1061 -13.33 3.44 -13.08
N SER G 1062 -13.65 2.64 -12.07
CA SER G 1062 -15.02 2.53 -11.56
C SER G 1062 -15.03 1.87 -10.19
N ALA G 1063 -15.96 2.28 -9.33
CA ALA G 1063 -16.14 1.63 -8.03
C ALA G 1063 -16.72 0.23 -8.18
N SER G 1064 -17.31 -0.05 -9.34
CA SER G 1064 -17.97 -1.33 -9.58
C SER G 1064 -17.03 -2.37 -10.16
N ILE G 1065 -16.83 -3.45 -9.42
CA ILE G 1065 -15.95 -4.51 -9.87
C ILE G 1065 -16.49 -5.12 -11.16
N GLY G 1066 -17.80 -5.34 -11.20
CA GLY G 1066 -18.44 -5.91 -12.38
C GLY G 1066 -18.21 -5.04 -13.61
N ASP G 1067 -18.19 -3.71 -13.40
CA ASP G 1067 -18.00 -2.79 -14.49
C ASP G 1067 -16.57 -2.87 -15.02
N ILE G 1068 -15.61 -2.97 -14.11
CA ILE G 1068 -14.23 -3.09 -14.52
C ILE G 1068 -14.04 -4.32 -15.39
N ILE G 1069 -14.60 -5.43 -14.95
CA ILE G 1069 -14.44 -6.69 -15.65
C ILE G 1069 -15.02 -6.65 -17.06
N GLN G 1070 -16.24 -6.12 -17.21
CA GLN G 1070 -16.86 -6.08 -18.53
C GLN G 1070 -16.24 -5.03 -19.46
N ARG G 1071 -15.58 -4.01 -18.89
CA ARG G 1071 -15.02 -2.94 -19.71
C ARG G 1071 -13.57 -3.17 -20.16
N LEU G 1072 -12.73 -3.68 -19.26
CA LEU G 1072 -11.31 -3.77 -19.57
C LEU G 1072 -10.84 -5.20 -19.78
N ASP G 1073 -9.81 -5.35 -20.61
CA ASP G 1073 -9.16 -6.64 -20.79
C ASP G 1073 -8.43 -7.05 -19.49
N PRO G 1074 -8.32 -8.36 -19.20
CA PRO G 1074 -7.69 -8.95 -18.01
C PRO G 1074 -6.30 -8.39 -17.60
N PRO G 1075 -5.37 -8.07 -18.55
CA PRO G 1075 -4.06 -7.50 -18.27
C PRO G 1075 -4.14 -6.19 -17.48
N GLU G 1076 -5.31 -5.55 -17.53
CA GLU G 1076 -5.52 -4.29 -16.81
C GLU G 1076 -6.49 -4.49 -15.65
N GLN G 1077 -7.48 -5.36 -15.84
CA GLN G 1077 -8.48 -5.56 -14.80
C GLN G 1077 -7.83 -5.73 -13.45
N ASP G 1078 -6.79 -6.57 -13.41
CA ASP G 1078 -6.12 -6.86 -12.16
C ASP G 1078 -5.68 -5.58 -11.44
N ALA G 1079 -5.19 -4.61 -12.20
CA ALA G 1079 -4.68 -3.37 -11.62
C ALA G 1079 -5.80 -2.55 -11.02
N GLN G 1080 -6.93 -2.50 -11.72
CA GLN G 1080 -8.05 -1.69 -11.28
C GLN G 1080 -8.74 -2.32 -10.08
N ILE G 1081 -8.83 -3.65 -10.11
CA ILE G 1081 -9.44 -4.37 -9.01
C ILE G 1081 -8.59 -4.28 -7.77
N ASP G 1082 -7.29 -4.48 -7.93
CA ASP G 1082 -6.38 -4.38 -6.79
C ASP G 1082 -6.52 -3.02 -6.12
N ARG G 1083 -6.58 -1.97 -6.93
CA ARG G 1083 -6.73 -0.63 -6.41
C ARG G 1083 -7.97 -0.51 -5.52
N LEU G 1084 -9.12 -1.01 -6.00
CA LEU G 1084 -10.32 -0.95 -5.18
C LEU G 1084 -10.17 -1.74 -3.89
N ILE G 1085 -9.52 -2.89 -3.98
CA ILE G 1085 -9.34 -3.72 -2.80
C ILE G 1085 -8.56 -2.96 -1.75
N ASN G 1086 -7.44 -2.37 -2.14
CA ASN G 1086 -6.59 -1.68 -1.19
C ASN G 1086 -7.40 -0.62 -0.44
N GLY G 1087 -8.28 0.07 -1.16
CA GLY G 1087 -9.17 1.07 -0.58
C GLY G 1087 -10.14 0.46 0.43
N ARG G 1088 -10.82 -0.60 0.00
CA ARG G 1088 -11.81 -1.26 0.85
C ARG G 1088 -11.17 -1.82 2.12
N LEU G 1089 -9.97 -2.39 1.99
CA LEU G 1089 -9.30 -2.98 3.14
C LEU G 1089 -8.96 -1.90 4.16
N THR G 1090 -8.50 -0.75 3.67
CA THR G 1090 -8.16 0.36 4.53
C THR G 1090 -9.36 0.83 5.32
N THR G 1091 -10.49 0.97 4.64
CA THR G 1091 -11.72 1.42 5.28
C THR G 1091 -12.12 0.50 6.42
N LEU G 1092 -12.10 -0.81 6.17
CA LEU G 1092 -12.50 -1.74 7.20
C LEU G 1092 -11.59 -1.70 8.41
N ASN G 1093 -10.29 -1.56 8.19
CA ASN G 1093 -9.37 -1.48 9.32
C ASN G 1093 -9.68 -0.26 10.18
N ALA G 1094 -9.93 0.87 9.53
CA ALA G 1094 -10.25 2.09 10.26
C ALA G 1094 -11.51 1.92 11.08
N PHE G 1095 -12.51 1.27 10.50
CA PHE G 1095 -13.77 1.01 11.19
C PHE G 1095 -13.55 0.23 12.45
N VAL G 1096 -12.81 -0.87 12.35
CA VAL G 1096 -12.59 -1.74 13.50
C VAL G 1096 -11.89 -0.99 14.61
N ALA G 1097 -10.86 -0.22 14.25
CA ALA G 1097 -10.11 0.50 15.26
C ALA G 1097 -11.01 1.46 16.03
N GLN G 1098 -11.91 2.15 15.33
CA GLN G 1098 -12.80 3.08 16.00
C GLN G 1098 -13.78 2.37 16.90
N GLN G 1099 -14.26 1.20 16.49
CA GLN G 1099 -15.18 0.45 17.32
C GLN G 1099 -14.51 0.00 18.61
N LEU G 1100 -13.24 -0.39 18.52
CA LEU G 1100 -12.51 -0.83 19.70
C LEU G 1100 -12.37 0.32 20.69
N VAL G 1101 -12.10 1.52 20.18
CA VAL G 1101 -12.00 2.69 21.05
C VAL G 1101 -13.33 2.98 21.74
N ARG G 1102 -14.41 2.97 20.97
CA ARG G 1102 -15.72 3.23 21.52
C ARG G 1102 -16.09 2.22 22.59
N SER G 1103 -15.76 0.95 22.36
CA SER G 1103 -16.07 -0.09 23.31
C SER G 1103 -15.35 0.13 24.62
N GLU G 1104 -14.06 0.42 24.56
CA GLU G 1104 -13.28 0.61 25.77
C GLU G 1104 -13.80 1.82 26.56
N SER G 1105 -14.15 2.88 25.85
CA SER G 1105 -14.67 4.06 26.51
C SER G 1105 -15.93 3.73 27.29
N ALA G 1106 -16.85 3.01 26.63
CA ALA G 1106 -18.09 2.62 27.27
C ALA G 1106 -17.84 1.78 28.50
N ALA G 1107 -16.85 0.90 28.45
CA ALA G 1107 -16.56 0.04 29.57
C ALA G 1107 -16.15 0.84 30.80
N LEU G 1108 -15.31 1.85 30.61
CA LEU G 1108 -14.89 2.70 31.72
C LEU G 1108 -16.07 3.48 32.27
N SER G 1109 -16.89 3.97 31.36
CA SER G 1109 -18.07 4.74 31.73
C SER G 1109 -19.03 3.89 32.56
N ALA G 1110 -19.22 2.63 32.15
CA ALA G 1110 -20.08 1.71 32.87
C ALA G 1110 -19.60 1.53 34.31
N GLN G 1111 -18.29 1.50 34.51
CA GLN G 1111 -17.75 1.37 35.86
C GLN G 1111 -18.16 2.57 36.71
N LEU G 1112 -18.15 3.75 36.11
CA LEU G 1112 -18.57 4.94 36.82
C LEU G 1112 -20.02 4.82 37.23
N ALA G 1113 -20.85 4.36 36.31
CA ALA G 1113 -22.27 4.21 36.61
C ALA G 1113 -22.47 3.28 37.78
N LYS G 1114 -21.72 2.19 37.82
CA LYS G 1114 -21.79 1.25 38.92
C LYS G 1114 -21.49 1.93 40.25
N ASP G 1115 -20.38 2.64 40.30
CA ASP G 1115 -19.98 3.31 41.54
C ASP G 1115 -21.00 4.35 41.94
N LYS G 1116 -21.50 5.09 40.96
CA LYS G 1116 -22.43 6.18 41.23
C LYS G 1116 -23.72 5.68 41.86
N VAL G 1117 -24.28 4.60 41.34
CA VAL G 1117 -25.51 4.10 41.91
C VAL G 1117 -25.30 3.69 43.36
N ASN G 1118 -24.24 2.94 43.60
CA ASN G 1118 -23.96 2.41 44.92
C ASN G 1118 -23.76 3.52 45.96
N GLU G 1119 -23.19 4.65 45.55
CA GLU G 1119 -22.91 5.71 46.50
C GLU G 1119 -23.99 6.81 46.57
N CYS G 1120 -24.59 7.18 45.42
CA CYS G 1120 -25.50 8.32 45.39
C CYS G 1120 -26.97 7.90 45.49
N VAL G 1121 -27.28 6.65 45.14
CA VAL G 1121 -28.67 6.21 45.11
C VAL G 1121 -29.00 5.37 46.32
N LYS G 1122 -28.14 4.40 46.60
CA LYS G 1122 -28.37 3.46 47.69
C LYS G 1122 -27.89 4.02 49.03
N ALA G 1123 -27.39 5.24 49.03
CA ALA G 1123 -26.86 5.86 50.24
C ALA G 1123 -26.87 7.37 50.14
N GLN G 1124 -26.88 8.03 51.30
CA GLN G 1124 -26.75 9.48 51.31
C GLN G 1124 -25.29 9.88 51.32
N SER G 1125 -24.64 9.74 50.19
CA SER G 1125 -23.23 10.07 50.08
C SER G 1125 -22.92 11.49 50.50
N LYS G 1126 -21.86 11.65 51.30
CA LYS G 1126 -21.41 12.96 51.73
C LYS G 1126 -20.18 13.36 50.93
N ARG G 1127 -19.89 12.57 49.90
CA ARG G 1127 -18.74 12.80 49.05
C ARG G 1127 -19.03 13.94 48.08
N SER G 1128 -19.02 15.15 48.62
CA SER G 1128 -19.36 16.31 47.83
C SER G 1128 -18.55 16.38 46.56
N GLY G 1129 -19.21 16.70 45.47
CA GLY G 1129 -18.57 16.84 44.17
C GLY G 1129 -18.72 15.60 43.30
N PHE G 1130 -19.06 14.47 43.90
CA PHE G 1130 -19.27 13.24 43.16
C PHE G 1130 -20.71 13.10 42.73
N CYS G 1131 -21.62 13.26 43.68
CA CYS G 1131 -23.04 13.20 43.42
C CYS G 1131 -23.52 14.56 42.93
N GLY G 1132 -24.83 14.71 42.74
CA GLY G 1132 -25.36 15.96 42.22
C GLY G 1132 -24.94 17.18 43.05
N GLN G 1133 -25.32 18.37 42.60
CA GLN G 1133 -24.87 19.61 43.22
C GLN G 1133 -25.64 19.95 44.48
N GLY G 1134 -25.02 20.77 45.33
CA GLY G 1134 -25.63 21.18 46.58
C GLY G 1134 -25.46 20.07 47.61
N THR G 1135 -26.24 20.12 48.68
CA THR G 1135 -26.14 19.11 49.71
C THR G 1135 -26.96 17.90 49.28
N HIS G 1136 -26.32 16.73 49.24
CA HIS G 1136 -26.96 15.56 48.65
C HIS G 1136 -28.16 15.03 49.42
N ILE G 1137 -29.24 14.81 48.68
CA ILE G 1137 -30.45 14.18 49.13
C ILE G 1137 -30.81 13.09 48.10
N VAL G 1138 -31.73 12.21 48.45
CA VAL G 1138 -32.05 11.04 47.61
C VAL G 1138 -31.95 11.31 46.12
N SER G 1139 -31.39 10.35 45.40
CA SER G 1139 -31.30 10.41 43.94
C SER G 1139 -32.02 9.23 43.33
N PHE G 1140 -32.36 9.36 42.05
CA PHE G 1140 -33.09 8.33 41.35
C PHE G 1140 -32.45 8.01 40.01
N VAL G 1141 -32.72 6.81 39.50
CA VAL G 1141 -32.18 6.40 38.20
C VAL G 1141 -33.24 5.79 37.31
N VAL G 1142 -33.26 6.20 36.05
CA VAL G 1142 -34.14 5.61 35.06
C VAL G 1142 -33.36 5.17 33.82
N ASN G 1143 -33.97 4.34 32.99
CA ASN G 1143 -33.32 3.84 31.78
C ASN G 1143 -33.16 4.91 30.72
N ALA G 1144 -32.06 4.82 29.97
CA ALA G 1144 -31.80 5.70 28.84
C ALA G 1144 -31.45 4.84 27.62
N PRO G 1145 -31.61 5.36 26.39
CA PRO G 1145 -31.35 4.67 25.12
C PRO G 1145 -30.05 3.86 25.10
N ASN G 1146 -28.97 4.39 25.67
CA ASN G 1146 -27.73 3.63 25.70
C ASN G 1146 -27.03 3.71 27.05
N GLY G 1147 -27.80 3.59 28.13
CA GLY G 1147 -27.21 3.71 29.45
C GLY G 1147 -28.23 4.10 30.49
N LEU G 1148 -27.79 4.88 31.48
CA LEU G 1148 -28.63 5.27 32.59
C LEU G 1148 -28.74 6.79 32.70
N TYR G 1149 -29.93 7.26 33.04
CA TYR G 1149 -30.15 8.68 33.24
C TYR G 1149 -30.35 8.95 34.73
N PHE G 1150 -29.53 9.82 35.28
CA PHE G 1150 -29.57 10.08 36.71
C PHE G 1150 -30.22 11.40 37.02
N MET G 1151 -30.91 11.46 38.14
CA MET G 1151 -31.46 12.71 38.65
C MET G 1151 -31.28 12.78 40.17
N HIS G 1152 -30.65 13.85 40.63
CA HIS G 1152 -30.28 13.98 42.04
C HIS G 1152 -31.04 15.09 42.71
N VAL G 1153 -31.66 14.81 43.84
CA VAL G 1153 -32.28 15.88 44.59
C VAL G 1153 -31.25 16.52 45.50
N GLY G 1154 -31.10 17.83 45.40
CA GLY G 1154 -30.13 18.51 46.24
C GLY G 1154 -30.74 19.66 47.02
N TYR G 1155 -30.16 19.93 48.18
CA TYR G 1155 -30.57 21.04 49.03
C TYR G 1155 -29.70 22.24 48.80
N TYR G 1156 -30.33 23.38 48.57
CA TYR G 1156 -29.59 24.59 48.33
C TYR G 1156 -29.92 25.64 49.39
N PRO G 1157 -28.92 26.41 49.85
CA PRO G 1157 -29.03 27.53 50.75
C PRO G 1157 -29.53 28.76 50.03
N SER G 1158 -30.03 29.72 50.79
CA SER G 1158 -30.43 30.99 50.23
C SER G 1158 -30.47 32.10 51.27
N ASN G 1159 -30.13 33.32 50.84
CA ASN G 1159 -30.19 34.51 51.70
C ASN G 1159 -29.33 34.38 52.94
N HIS G 1160 -28.03 34.25 52.75
CA HIS G 1160 -27.12 34.14 53.87
C HIS G 1160 -27.05 35.42 54.68
N ILE G 1161 -26.92 35.28 55.99
CA ILE G 1161 -26.74 36.41 56.88
C ILE G 1161 -25.49 36.21 57.69
N GLU G 1162 -25.00 37.27 58.33
CA GLU G 1162 -23.82 37.16 59.15
C GLU G 1162 -24.12 37.34 60.63
N VAL G 1163 -23.63 36.41 61.43
CA VAL G 1163 -23.76 36.47 62.88
C VAL G 1163 -22.39 36.24 63.52
N VAL G 1164 -22.26 36.56 64.81
CA VAL G 1164 -21.00 36.32 65.50
C VAL G 1164 -21.07 35.05 66.33
N SER G 1165 -20.13 34.15 66.10
CA SER G 1165 -20.12 32.86 66.77
C SER G 1165 -18.86 32.67 67.62
N ALA G 1166 -19.02 31.87 68.66
CA ALA G 1166 -17.92 31.56 69.57
C ALA G 1166 -17.33 30.19 69.24
N TYR G 1167 -16.06 30.01 69.55
CA TYR G 1167 -15.41 28.72 69.40
C TYR G 1167 -15.90 27.74 70.44
N GLY G 1168 -16.35 28.26 71.59
CA GLY G 1168 -16.87 27.43 72.67
C GLY G 1168 -17.13 28.27 73.91
N LEU G 1169 -17.77 27.65 74.90
CA LEU G 1169 -18.13 28.34 76.14
C LEU G 1169 -17.61 27.59 77.36
N CYS G 1170 -17.13 28.34 78.34
CA CYS G 1170 -16.67 27.77 79.61
C CYS G 1170 -17.39 28.40 80.79
N ASP G 1171 -17.50 27.65 81.87
CA ASP G 1171 -18.03 28.20 83.11
C ASP G 1171 -16.99 29.11 83.75
N ALA G 1172 -17.31 30.38 83.88
CA ALA G 1172 -16.36 31.33 84.42
C ALA G 1172 -15.89 30.91 85.82
N ALA G 1173 -16.76 30.28 86.59
CA ALA G 1173 -16.43 29.89 87.95
C ALA G 1173 -15.66 28.57 87.99
N ASN G 1174 -15.57 27.89 86.85
CA ASN G 1174 -14.94 26.59 86.78
C ASN G 1174 -14.13 26.47 85.48
N PRO G 1175 -12.85 26.88 85.50
CA PRO G 1175 -11.93 26.98 84.38
C PRO G 1175 -11.79 25.67 83.61
N THR G 1176 -12.11 24.55 84.26
CA THR G 1176 -12.00 23.26 83.63
C THR G 1176 -13.36 22.61 83.50
N ASN G 1177 -14.26 23.30 82.82
CA ASN G 1177 -15.59 22.81 82.53
C ASN G 1177 -16.14 23.54 81.33
N CYS G 1178 -15.81 23.03 80.14
CA CYS G 1178 -16.12 23.72 78.91
C CYS G 1178 -16.90 22.85 77.96
N ILE G 1179 -17.68 23.49 77.09
CA ILE G 1179 -18.46 22.78 76.10
C ILE G 1179 -18.26 23.34 74.70
N ALA G 1180 -18.63 22.54 73.71
CA ALA G 1180 -18.57 22.93 72.32
C ALA G 1180 -19.81 22.42 71.59
N PRO G 1181 -20.30 23.14 70.57
CA PRO G 1181 -21.48 22.83 69.81
C PRO G 1181 -21.33 21.54 69.03
N VAL G 1182 -22.43 20.81 68.88
CA VAL G 1182 -22.43 19.60 68.08
C VAL G 1182 -23.23 19.76 66.81
N ASN G 1183 -22.54 19.67 65.66
CA ASN G 1183 -23.18 19.79 64.36
C ASN G 1183 -23.98 21.09 64.26
N GLY G 1184 -23.38 22.18 64.71
CA GLY G 1184 -24.02 23.48 64.68
C GLY G 1184 -23.10 24.52 65.30
N TYR G 1185 -23.66 25.67 65.64
CA TYR G 1185 -22.87 26.77 66.16
C TYR G 1185 -23.47 27.44 67.38
N PHE G 1186 -22.61 28.06 68.19
CA PHE G 1186 -23.05 28.92 69.29
C PHE G 1186 -22.93 30.35 68.86
N ILE G 1187 -24.05 31.07 68.85
CA ILE G 1187 -24.04 32.45 68.41
C ILE G 1187 -24.62 33.38 69.45
N LYS G 1188 -24.29 34.65 69.32
CA LYS G 1188 -24.85 35.66 70.21
C LYS G 1188 -26.26 36.00 69.77
N THR G 1189 -27.20 35.96 70.71
CA THR G 1189 -28.58 36.25 70.40
C THR G 1189 -28.94 37.69 70.74
N ASN G 1190 -29.46 38.41 69.76
CA ASN G 1190 -29.84 39.79 69.95
C ASN G 1190 -31.36 39.92 70.12
N GLU G 1197 -27.98 34.66 76.66
CA GLU G 1197 -26.98 35.36 75.88
C GLU G 1197 -26.60 34.58 74.64
N TRP G 1198 -26.08 33.38 74.86
CA TRP G 1198 -25.66 32.51 73.77
C TRP G 1198 -26.76 31.52 73.42
N SER G 1199 -26.88 31.21 72.13
CA SER G 1199 -27.89 30.26 71.68
C SER G 1199 -27.33 29.35 70.59
N TYR G 1200 -28.06 28.29 70.29
CA TYR G 1200 -27.62 27.31 69.31
C TYR G 1200 -28.38 27.42 68.00
N THR G 1201 -27.66 27.32 66.90
CA THR G 1201 -28.28 27.21 65.60
C THR G 1201 -27.77 25.97 64.92
N GLY G 1202 -28.51 25.50 63.93
CA GLY G 1202 -28.07 24.38 63.16
C GLY G 1202 -26.95 24.82 62.26
N SER G 1203 -26.62 24.00 61.28
CA SER G 1203 -25.52 24.34 60.41
C SER G 1203 -26.04 24.75 59.05
N SER G 1204 -27.06 24.05 58.56
CA SER G 1204 -27.58 24.29 57.23
C SER G 1204 -28.77 25.26 57.21
N PHE G 1205 -29.18 25.74 58.39
CA PHE G 1205 -30.33 26.63 58.47
C PHE G 1205 -30.37 27.42 59.78
N TYR G 1206 -30.51 28.74 59.67
CA TYR G 1206 -30.59 29.62 60.85
C TYR G 1206 -31.92 29.50 61.56
N ALA G 1207 -31.89 28.99 62.79
CA ALA G 1207 -33.09 28.76 63.57
C ALA G 1207 -32.77 28.63 65.06
N PRO G 1208 -32.44 29.72 65.75
CA PRO G 1208 -31.92 29.76 67.11
C PRO G 1208 -32.77 28.96 68.09
N GLU G 1209 -32.09 28.15 68.90
CA GLU G 1209 -32.67 27.32 69.94
C GLU G 1209 -31.83 27.45 71.21
N PRO G 1210 -32.39 27.15 72.39
CA PRO G 1210 -31.67 27.03 73.64
C PRO G 1210 -30.54 26.02 73.51
N ILE G 1211 -29.42 26.29 74.17
CA ILE G 1211 -28.31 25.35 74.16
C ILE G 1211 -28.57 24.32 75.25
N THR G 1212 -28.57 23.06 74.88
CA THR G 1212 -28.89 22.00 75.81
C THR G 1212 -27.99 20.81 75.66
N SER G 1213 -28.24 19.77 76.45
CA SER G 1213 -27.38 18.60 76.49
C SER G 1213 -27.39 17.80 75.20
N LEU G 1214 -28.41 18.03 74.38
CA LEU G 1214 -28.57 17.32 73.12
C LEU G 1214 -27.88 18.00 71.95
N ASN G 1215 -27.29 19.17 72.18
CA ASN G 1215 -26.64 19.90 71.09
C ASN G 1215 -25.28 20.46 71.47
N THR G 1216 -24.66 19.87 72.50
CA THR G 1216 -23.32 20.28 72.91
C THR G 1216 -22.57 19.11 73.53
N LYS G 1217 -21.25 19.15 73.47
CA LYS G 1217 -20.40 18.13 74.06
C LYS G 1217 -19.36 18.73 74.99
N TYR G 1218 -18.88 17.92 75.94
CA TYR G 1218 -17.83 18.39 76.85
C TYR G 1218 -16.47 18.30 76.20
N VAL G 1219 -15.69 19.37 76.37
CA VAL G 1219 -14.36 19.45 75.76
C VAL G 1219 -13.32 19.98 76.73
N ALA G 1220 -12.05 19.80 76.38
CA ALA G 1220 -10.96 20.43 77.10
C ALA G 1220 -11.03 21.95 76.87
N PRO G 1221 -10.65 22.76 77.88
CA PRO G 1221 -10.62 24.22 77.84
C PRO G 1221 -9.65 24.73 76.80
N GLN G 1222 -10.01 25.83 76.14
CA GLN G 1222 -9.16 26.44 75.13
C GLN G 1222 -9.12 27.95 75.27
N VAL G 1223 -8.07 28.55 74.73
CA VAL G 1223 -7.89 30.00 74.80
C VAL G 1223 -8.93 30.77 73.98
N THR G 1224 -9.65 30.07 73.12
CA THR G 1224 -10.64 30.70 72.26
C THR G 1224 -12.04 30.63 72.84
N TYR G 1225 -12.18 30.00 74.00
CA TYR G 1225 -13.50 29.85 74.59
C TYR G 1225 -13.84 31.04 75.48
N GLN G 1226 -15.12 31.38 75.52
CA GLN G 1226 -15.59 32.52 76.30
C GLN G 1226 -15.98 32.08 77.72
N ASN G 1227 -15.75 32.95 78.68
CA ASN G 1227 -16.10 32.67 80.08
C ASN G 1227 -17.39 33.36 80.48
N ILE G 1228 -18.40 32.57 80.79
CA ILE G 1228 -19.71 33.12 81.09
C ILE G 1228 -20.16 32.76 82.51
N SER G 1229 -20.95 33.66 83.13
CA SER G 1229 -21.45 33.44 84.48
C SER G 1229 -22.94 33.11 84.49
N THR G 1230 -23.71 33.83 83.66
CA THR G 1230 -25.14 33.55 83.55
C THR G 1230 -25.30 32.44 82.54
N ASN G 1231 -24.81 31.26 82.91
CA ASN G 1231 -24.66 30.15 82.01
C ASN G 1231 -25.95 29.52 81.58
N LEU G 1232 -25.92 28.95 80.39
CA LEU G 1232 -26.93 28.06 79.93
C LEU G 1232 -27.17 27.01 81.01
N PRO G 1233 -28.43 26.84 81.48
CA PRO G 1233 -28.81 26.09 82.66
C PRO G 1233 -28.48 24.58 82.75
N PRO G 1234 -28.31 23.80 81.65
CA PRO G 1234 -27.94 22.40 81.76
C PRO G 1234 -26.43 22.06 82.10
N PRO G 1235 -25.44 22.24 81.18
CA PRO G 1235 -24.20 21.51 81.14
C PRO G 1235 -23.16 22.00 82.14
N LEU G 1236 -23.35 23.18 82.70
CA LEU G 1236 -22.34 23.77 83.57
C LEU G 1236 -22.81 23.78 85.01
#